data_3LTE
#
_entry.id   3LTE
#
_cell.length_a   86.707
_cell.length_b   149.725
_cell.length_c   281.071
_cell.angle_alpha   90.00
_cell.angle_beta   91.50
_cell.angle_gamma   90.00
#
_symmetry.space_group_name_H-M   'C 1 2 1'
#
loop_
_entity.id
_entity.type
_entity.pdbx_description
1 polymer 'Response regulator'
2 non-polymer 'PHOSPHATE ION'
3 non-polymer GLYCEROL
4 water water
#
_entity_poly.entity_id   1
_entity_poly.type   'polypeptide(L)'
_entity_poly.pdbx_seq_one_letter_code
;MSLKQSKRILVVDDDQAMAAAIERVLKRDHWQVEIAHNGFDAGIKLSTFEPAIMTLDLSMPKLDGLDVIRSLRQNKVANQ
PKILVVSGLDKAKLQQAVTEGADDYLEKPFDNDALLDRIHDLVNEGHHHHHH
;
_entity_poly.pdbx_strand_id   A,B,C,D,E,F,G,H,I,J,K,L,M,N,O,P,Q,R,S,T,U,V,W,X
#
# COMPACT_ATOMS: atom_id res chain seq x y z
N LYS A 7 13.30 -6.36 -74.05
CA LYS A 7 12.13 -5.58 -73.55
C LYS A 7 11.39 -6.29 -72.40
N ARG A 8 12.12 -7.12 -71.66
CA ARG A 8 11.57 -7.85 -70.51
C ARG A 8 11.90 -7.17 -69.20
N ILE A 9 10.87 -6.96 -68.37
CA ILE A 9 11.04 -6.28 -67.08
C ILE A 9 10.45 -7.08 -65.92
N LEU A 10 11.27 -7.32 -64.89
CA LEU A 10 10.81 -8.00 -63.68
C LEU A 10 10.62 -6.99 -62.55
N VAL A 11 9.40 -6.93 -62.03
CA VAL A 11 9.07 -6.00 -60.94
C VAL A 11 9.05 -6.76 -59.63
N VAL A 12 9.94 -6.39 -58.70
CA VAL A 12 10.00 -7.05 -57.39
C VAL A 12 9.51 -6.10 -56.30
N ASP A 13 8.34 -6.42 -55.75
CA ASP A 13 7.71 -5.65 -54.68
C ASP A 13 6.72 -6.56 -53.96
N ASP A 14 6.72 -6.54 -52.63
CA ASP A 14 5.73 -7.28 -51.85
C ASP A 14 4.35 -6.60 -51.89
N ASP A 15 4.35 -5.27 -52.00
CA ASP A 15 3.12 -4.47 -52.15
C ASP A 15 2.49 -4.77 -53.50
N GLN A 16 1.46 -5.64 -53.49
CA GLN A 16 0.77 -6.11 -54.70
C GLN A 16 0.09 -5.00 -55.48
N ALA A 17 -0.55 -4.07 -54.76
CA ALA A 17 -1.23 -2.93 -55.38
C ALA A 17 -0.24 -1.99 -56.10
N MET A 18 0.91 -1.74 -55.47
CA MET A 18 1.98 -0.96 -56.09
C MET A 18 2.59 -1.69 -57.28
N ALA A 19 2.88 -2.99 -57.11
CA ALA A 19 3.43 -3.81 -58.19
C ALA A 19 2.50 -3.89 -59.40
N ALA A 20 1.19 -3.95 -59.15
CA ALA A 20 0.18 -3.90 -60.19
C ALA A 20 0.15 -2.53 -60.88
N ALA A 21 0.28 -1.46 -60.09
CA ALA A 21 0.28 -0.08 -60.60
C ALA A 21 1.51 0.21 -61.47
N ILE A 22 2.67 -0.29 -61.04
CA ILE A 22 3.90 -0.24 -61.83
C ILE A 22 3.71 -0.99 -63.16
N GLU A 23 3.16 -2.20 -63.09
CA GLU A 23 2.93 -3.05 -64.26
C GLU A 23 2.10 -2.35 -65.36
N ARG A 24 1.03 -1.67 -64.93
CA ARG A 24 0.16 -0.89 -65.83
C ARG A 24 0.89 0.16 -66.67
N VAL A 25 1.79 0.91 -66.03
CA VAL A 25 2.56 1.97 -66.68
C VAL A 25 3.57 1.39 -67.67
N LEU A 26 4.18 0.26 -67.28
CA LEU A 26 5.12 -0.44 -68.14
C LEU A 26 4.42 -1.11 -69.34
N LYS A 27 3.20 -1.61 -69.14
CA LYS A 27 2.41 -2.22 -70.22
C LYS A 27 1.94 -1.20 -71.28
N ARG A 28 1.79 0.06 -70.87
CA ARG A 28 1.50 1.17 -71.79
C ARG A 28 2.72 1.47 -72.64
N ASP A 29 3.90 1.40 -72.02
CA ASP A 29 5.16 1.67 -72.70
C ASP A 29 5.73 0.42 -73.39
N HIS A 30 4.85 -0.56 -73.58
CA HIS A 30 5.10 -1.78 -74.37
C HIS A 30 6.21 -2.68 -73.81
N TRP A 31 6.13 -2.93 -72.50
CA TRP A 31 7.05 -3.83 -71.83
C TRP A 31 6.33 -5.10 -71.42
N GLN A 32 7.02 -6.23 -71.46
CA GLN A 32 6.48 -7.48 -70.92
C GLN A 32 6.89 -7.63 -69.45
N VAL A 33 5.89 -7.71 -68.59
CA VAL A 33 6.09 -7.61 -67.14
C VAL A 33 5.83 -8.93 -66.43
N GLU A 34 6.74 -9.31 -65.54
CA GLU A 34 6.44 -10.29 -64.51
C GLU A 34 6.68 -9.70 -63.13
N ILE A 35 5.90 -10.17 -62.16
CA ILE A 35 5.91 -9.65 -60.80
C ILE A 35 6.29 -10.76 -59.82
N ALA A 36 7.18 -10.43 -58.88
CA ALA A 36 7.52 -11.31 -57.78
C ALA A 36 7.30 -10.55 -56.49
N HIS A 37 6.56 -11.15 -55.55
CA HIS A 37 6.33 -10.53 -54.23
C HIS A 37 7.35 -10.99 -53.19
N ASN A 38 8.22 -11.91 -53.59
CA ASN A 38 9.22 -12.46 -52.68
C ASN A 38 10.56 -12.76 -53.36
N GLY A 39 11.59 -12.98 -52.54
CA GLY A 39 12.95 -13.23 -53.01
C GLY A 39 13.09 -14.48 -53.85
N PHE A 40 12.48 -15.57 -53.39
CA PHE A 40 12.56 -16.84 -54.11
C PHE A 40 12.00 -16.71 -55.52
N ASP A 41 10.82 -16.11 -55.63
CA ASP A 41 10.15 -15.90 -56.91
C ASP A 41 10.98 -15.00 -57.83
N ALA A 42 11.57 -13.95 -57.25
CA ALA A 42 12.51 -13.07 -57.93
C ALA A 42 13.74 -13.83 -58.41
N GLY A 43 14.28 -14.69 -57.54
CA GLY A 43 15.38 -15.58 -57.88
C GLY A 43 15.09 -16.49 -59.05
N ILE A 44 13.90 -17.08 -59.06
CA ILE A 44 13.52 -18.00 -60.13
C ILE A 44 13.30 -17.29 -61.46
N LYS A 45 12.49 -16.23 -61.41
CA LYS A 45 12.13 -15.44 -62.60
C LYS A 45 13.32 -14.77 -63.29
N LEU A 46 14.43 -14.63 -62.58
CA LEU A 46 15.65 -14.06 -63.12
C LEU A 46 16.25 -14.91 -64.25
N SER A 47 16.03 -16.22 -64.17
CA SER A 47 16.45 -17.13 -65.23
C SER A 47 15.31 -17.96 -65.83
N THR A 48 14.11 -17.87 -65.26
CA THR A 48 12.94 -18.51 -65.88
C THR A 48 12.26 -17.54 -66.89
N PHE A 49 12.23 -16.26 -66.54
CA PHE A 49 11.70 -15.24 -67.44
C PHE A 49 12.83 -14.55 -68.18
N GLU A 50 13.95 -14.34 -67.49
CA GLU A 50 15.19 -13.93 -68.14
C GLU A 50 15.12 -12.48 -68.60
N PRO A 51 15.05 -11.57 -67.65
CA PRO A 51 14.70 -10.17 -67.94
C PRO A 51 15.93 -9.32 -68.21
N ALA A 52 15.72 -8.09 -68.66
CA ALA A 52 16.82 -7.17 -68.94
C ALA A 52 16.99 -6.16 -67.81
N ILE A 53 15.88 -5.72 -67.24
CA ILE A 53 15.89 -4.86 -66.06
C ILE A 53 15.05 -5.47 -64.94
N MET A 54 15.55 -5.38 -63.70
CA MET A 54 14.79 -5.73 -62.52
C MET A 54 14.56 -4.48 -61.67
N THR A 55 13.30 -4.12 -61.42
CA THR A 55 13.02 -3.09 -60.40
C THR A 55 12.97 -3.79 -59.04
N LEU A 56 13.67 -3.24 -58.07
CA LEU A 56 13.80 -3.86 -56.78
C LEU A 56 13.43 -2.88 -55.66
N ASP A 57 12.32 -3.15 -54.99
CA ASP A 57 11.85 -2.27 -53.93
C ASP A 57 12.64 -2.51 -52.65
N LEU A 58 13.05 -1.43 -51.99
CA LEU A 58 13.92 -1.52 -50.83
C LEU A 58 13.18 -1.39 -49.50
N SER A 59 11.86 -1.35 -49.55
CA SER A 59 11.03 -1.29 -48.34
C SER A 59 10.23 -2.58 -48.16
N MET A 60 10.83 -3.71 -48.53
CA MET A 60 10.21 -5.02 -48.38
C MET A 60 10.66 -5.57 -47.03
N PRO A 61 9.72 -5.75 -46.07
CA PRO A 61 10.14 -6.24 -44.75
C PRO A 61 10.82 -7.60 -44.80
N LYS A 62 10.46 -8.41 -45.79
CA LYS A 62 10.95 -9.79 -45.87
C LYS A 62 11.97 -10.01 -46.99
N LEU A 63 12.38 -8.91 -47.63
CA LEU A 63 13.47 -8.93 -48.60
C LEU A 63 14.43 -7.75 -48.40
N ASP A 64 15.71 -8.09 -48.23
CA ASP A 64 16.77 -7.10 -48.11
C ASP A 64 17.39 -6.93 -49.49
N GLY A 65 17.21 -5.75 -50.07
CA GLY A 65 17.72 -5.41 -51.40
C GLY A 65 19.22 -5.55 -51.55
N LEU A 66 19.97 -5.17 -50.50
CA LEU A 66 21.43 -5.26 -50.47
C LEU A 66 21.92 -6.66 -50.73
N ASP A 67 21.32 -7.61 -50.01
CA ASP A 67 21.67 -9.03 -50.14
C ASP A 67 21.27 -9.66 -51.48
N VAL A 68 20.21 -9.13 -52.12
CA VAL A 68 19.89 -9.51 -53.50
C VAL A 68 21.02 -9.10 -54.44
N ILE A 69 21.46 -7.84 -54.32
CA ILE A 69 22.56 -7.30 -55.12
C ILE A 69 23.85 -8.09 -54.84
N ARG A 70 24.14 -8.31 -53.56
CA ARG A 70 25.28 -9.12 -53.11
C ARG A 70 25.31 -10.52 -53.72
N SER A 71 24.19 -11.24 -53.63
CA SER A 71 24.08 -12.61 -54.14
C SER A 71 24.18 -12.71 -55.65
N LEU A 72 23.77 -11.64 -56.34
CA LEU A 72 23.76 -11.59 -57.78
C LEU A 72 25.18 -11.57 -58.35
N ARG A 73 26.01 -10.68 -57.80
CA ARG A 73 27.34 -10.45 -58.31
C ARG A 73 28.40 -11.36 -57.64
N GLN A 74 27.99 -12.10 -56.61
CA GLN A 74 28.87 -13.05 -55.94
C GLN A 74 28.42 -14.52 -56.08
N ASN A 75 27.62 -14.80 -57.11
CA ASN A 75 27.29 -16.18 -57.50
C ASN A 75 27.59 -16.45 -58.97
N LYS A 76 28.21 -15.46 -59.62
CA LYS A 76 28.63 -15.51 -61.03
C LYS A 76 27.47 -15.83 -61.99
N VAL A 77 26.33 -15.19 -61.73
CA VAL A 77 25.08 -15.44 -62.46
C VAL A 77 25.14 -14.81 -63.86
N ALA A 78 24.76 -15.61 -64.86
CA ALA A 78 24.60 -15.13 -66.23
C ALA A 78 23.25 -14.42 -66.37
N ASN A 79 23.11 -13.61 -67.42
CA ASN A 79 21.93 -12.76 -67.67
C ASN A 79 21.65 -11.77 -66.54
N GLN A 80 22.72 -11.20 -65.96
CA GLN A 80 22.60 -10.25 -64.85
C GLN A 80 22.02 -8.92 -65.29
N PRO A 81 20.77 -8.64 -64.88
CA PRO A 81 20.06 -7.48 -65.41
C PRO A 81 20.55 -6.17 -64.81
N LYS A 82 20.08 -5.06 -65.36
CA LYS A 82 20.29 -3.76 -64.74
C LYS A 82 19.34 -3.65 -63.54
N ILE A 83 19.87 -3.18 -62.41
CA ILE A 83 19.09 -3.10 -61.17
C ILE A 83 18.66 -1.66 -60.91
N LEU A 84 17.35 -1.45 -61.06
CA LEU A 84 16.72 -0.19 -60.70
C LEU A 84 16.10 -0.30 -59.30
N VAL A 85 16.73 0.36 -58.35
CA VAL A 85 16.36 0.24 -56.95
C VAL A 85 15.29 1.28 -56.62
N VAL A 86 14.24 0.87 -55.91
CA VAL A 86 13.16 1.78 -55.52
C VAL A 86 13.25 2.15 -54.03
N SER A 87 13.68 3.37 -53.76
CA SER A 87 13.91 3.84 -52.38
C SER A 87 12.61 4.26 -51.72
N GLY A 88 12.66 4.42 -50.40
CA GLY A 88 11.53 4.94 -49.63
C GLY A 88 11.92 5.50 -48.29
N LEU A 89 11.53 4.77 -47.24
CA LEU A 89 11.72 5.14 -45.83
C LEU A 89 13.17 5.43 -45.40
N ASP A 90 14.11 4.66 -45.96
CA ASP A 90 15.51 4.69 -45.56
C ASP A 90 16.37 5.38 -46.62
N LYS A 91 17.55 5.84 -46.22
CA LYS A 91 18.49 6.48 -47.13
C LYS A 91 19.92 5.94 -47.00
N ALA A 92 20.22 5.35 -45.84
CA ALA A 92 21.49 4.63 -45.62
C ALA A 92 21.46 3.33 -46.43
N LYS A 93 20.29 2.68 -46.41
CA LYS A 93 20.00 1.53 -47.27
C LYS A 93 20.17 1.86 -48.75
N LEU A 94 19.59 2.98 -49.19
CA LEU A 94 19.65 3.42 -50.58
C LEU A 94 21.07 3.73 -51.06
N GLN A 95 21.83 4.48 -50.26
CA GLN A 95 23.17 4.91 -50.66
C GLN A 95 24.15 3.73 -50.74
N GLN A 96 23.99 2.75 -49.85
CA GLN A 96 24.86 1.59 -49.88
C GLN A 96 24.37 0.49 -50.83
N ALA A 97 23.14 0.64 -51.34
CA ALA A 97 22.65 -0.26 -52.39
C ALA A 97 23.28 0.10 -53.74
N VAL A 98 23.41 1.40 -53.99
CA VAL A 98 24.10 1.91 -55.19
C VAL A 98 25.60 1.61 -55.10
N THR A 99 26.16 1.75 -53.89
CA THR A 99 27.55 1.39 -53.59
C THR A 99 27.81 -0.12 -53.78
N GLU A 100 26.84 -0.94 -53.37
CA GLU A 100 26.93 -2.40 -53.50
C GLU A 100 26.83 -2.85 -54.96
N GLY A 101 26.10 -2.08 -55.77
CA GLY A 101 26.01 -2.37 -57.20
C GLY A 101 24.68 -2.15 -57.88
N ALA A 102 23.78 -1.40 -57.25
CA ALA A 102 22.57 -0.93 -57.94
C ALA A 102 22.99 0.12 -58.97
N ASP A 103 22.40 0.04 -60.16
CA ASP A 103 22.81 0.86 -61.29
C ASP A 103 22.26 2.29 -61.24
N ASP A 104 20.97 2.39 -60.93
CA ASP A 104 20.31 3.67 -60.72
C ASP A 104 19.19 3.45 -59.71
N TYR A 105 18.54 4.54 -59.31
CA TYR A 105 17.49 4.46 -58.33
C TYR A 105 16.28 5.32 -58.68
N LEU A 106 15.19 5.07 -57.97
CA LEU A 106 14.06 5.99 -57.93
C LEU A 106 13.79 6.29 -56.46
N GLU A 107 13.51 7.55 -56.15
CA GLU A 107 13.16 7.94 -54.78
C GLU A 107 11.67 8.22 -54.64
N LYS A 108 11.15 7.97 -53.45
CA LYS A 108 9.76 8.23 -53.10
C LYS A 108 9.61 9.73 -52.82
N PRO A 109 8.72 10.43 -53.54
CA PRO A 109 7.84 9.93 -54.60
C PRO A 109 8.39 10.09 -56.03
N PHE A 110 8.02 9.18 -56.91
CA PHE A 110 8.42 9.28 -58.31
C PHE A 110 7.23 9.25 -59.27
N ASP A 111 7.33 10.07 -60.30
CA ASP A 111 6.34 10.20 -61.38
C ASP A 111 6.41 8.98 -62.30
N ASN A 112 5.34 8.75 -63.07
CA ASN A 112 5.34 7.76 -64.14
C ASN A 112 6.35 8.05 -65.25
N ASP A 113 6.56 9.34 -65.56
CA ASP A 113 7.58 9.74 -66.52
C ASP A 113 8.99 9.55 -65.98
N ALA A 114 9.18 9.84 -64.69
CA ALA A 114 10.46 9.63 -64.00
C ALA A 114 10.87 8.17 -63.93
N LEU A 115 9.86 7.28 -63.93
CA LEU A 115 10.04 5.84 -63.99
C LEU A 115 10.55 5.41 -65.35
N LEU A 116 9.88 5.89 -66.41
CA LEU A 116 10.21 5.49 -67.78
C LEU A 116 11.52 6.08 -68.29
N ASP A 117 11.83 7.31 -67.87
CA ASP A 117 13.12 7.95 -68.17
C ASP A 117 14.28 7.27 -67.47
N ARG A 118 14.04 6.75 -66.26
CA ARG A 118 15.03 5.98 -65.52
C ARG A 118 15.30 4.65 -66.21
N ILE A 119 14.22 4.01 -66.67
CA ILE A 119 14.28 2.75 -67.40
C ILE A 119 15.01 2.90 -68.74
N HIS A 120 14.68 3.94 -69.49
CA HIS A 120 15.31 4.19 -70.79
C HIS A 120 16.77 4.63 -70.69
N ASP A 121 17.12 5.33 -69.61
CA ASP A 121 18.53 5.70 -69.35
C ASP A 121 19.37 4.49 -68.96
N LEU A 122 18.70 3.45 -68.48
CA LEU A 122 19.37 2.26 -67.97
C LEU A 122 19.83 1.31 -69.09
N VAL A 123 19.05 1.21 -70.15
CA VAL A 123 19.39 0.33 -71.28
C VAL A 123 20.12 1.05 -72.44
N ASN A 124 19.73 2.28 -72.72
CA ASN A 124 20.32 3.04 -73.82
C ASN A 124 21.59 3.79 -73.39
N GLN B 5 20.92 -37.97 -62.94
CA GLN B 5 20.97 -37.97 -61.44
C GLN B 5 22.32 -37.53 -60.91
N SER B 6 22.32 -36.85 -59.77
CA SER B 6 23.53 -36.29 -59.19
C SER B 6 23.50 -36.36 -57.66
N LYS B 7 24.61 -35.96 -57.04
CA LYS B 7 24.76 -35.97 -55.58
C LYS B 7 24.70 -34.56 -55.00
N ARG B 8 23.98 -33.67 -55.68
CA ARG B 8 23.91 -32.27 -55.30
C ARG B 8 22.68 -31.95 -54.43
N ILE B 9 22.93 -31.37 -53.26
CA ILE B 9 21.86 -30.97 -52.37
C ILE B 9 21.97 -29.49 -51.96
N LEU B 10 20.89 -28.75 -52.15
CA LEU B 10 20.81 -27.38 -51.69
C LEU B 10 20.08 -27.33 -50.34
N VAL B 11 20.75 -26.86 -49.30
CA VAL B 11 20.13 -26.73 -47.98
C VAL B 11 19.62 -25.30 -47.77
N VAL B 12 18.30 -25.14 -47.62
CA VAL B 12 17.71 -23.82 -47.44
C VAL B 12 17.21 -23.62 -46.02
N ASP B 13 17.88 -22.74 -45.29
CA ASP B 13 17.58 -22.47 -43.89
C ASP B 13 18.29 -21.18 -43.48
N ASP B 14 17.55 -20.31 -42.79
CA ASP B 14 18.09 -19.06 -42.28
C ASP B 14 18.96 -19.29 -41.04
N ASP B 15 18.67 -20.37 -40.29
CA ASP B 15 19.45 -20.75 -39.12
C ASP B 15 20.79 -21.30 -39.61
N GLN B 16 21.83 -20.48 -39.49
CA GLN B 16 23.16 -20.81 -40.05
C GLN B 16 23.73 -22.10 -39.45
N ALA B 17 23.58 -22.25 -38.13
CA ALA B 17 24.08 -23.43 -37.41
C ALA B 17 23.33 -24.73 -37.80
N MET B 18 22.01 -24.64 -37.92
CA MET B 18 21.20 -25.79 -38.37
C MET B 18 21.58 -26.16 -39.80
N ALA B 19 21.75 -25.17 -40.68
CA ALA B 19 22.21 -25.42 -42.04
C ALA B 19 23.62 -25.99 -42.14
N ALA B 20 24.48 -25.63 -41.19
CA ALA B 20 25.85 -26.16 -41.15
C ALA B 20 25.91 -27.58 -40.64
N ALA B 21 24.99 -27.92 -39.72
CA ALA B 21 24.88 -29.27 -39.14
C ALA B 21 24.28 -30.25 -40.13
N ILE B 22 23.28 -29.79 -40.90
CA ILE B 22 22.72 -30.56 -42.01
C ILE B 22 23.79 -30.83 -43.07
N GLU B 23 24.51 -29.77 -43.45
CA GLU B 23 25.60 -29.85 -44.43
C GLU B 23 26.72 -30.81 -44.01
N ARG B 24 27.07 -30.80 -42.73
CA ARG B 24 28.09 -31.71 -42.21
C ARG B 24 27.70 -33.19 -42.36
N VAL B 25 26.43 -33.50 -42.08
CA VAL B 25 25.93 -34.87 -42.18
C VAL B 25 25.89 -35.33 -43.66
N LEU B 26 25.46 -34.44 -44.54
CA LEU B 26 25.37 -34.76 -45.96
C LEU B 26 26.75 -34.91 -46.61
N LYS B 27 27.67 -34.05 -46.24
CA LYS B 27 29.03 -34.13 -46.73
C LYS B 27 29.66 -35.44 -46.29
N ARG B 28 29.52 -35.79 -45.03
CA ARG B 28 30.05 -37.05 -44.51
C ARG B 28 29.44 -38.27 -45.22
N ASP B 29 28.20 -38.13 -45.69
CA ASP B 29 27.55 -39.15 -46.49
C ASP B 29 27.81 -39.00 -48.00
N HIS B 30 28.82 -38.20 -48.35
CA HIS B 30 29.33 -38.06 -49.72
C HIS B 30 28.40 -37.34 -50.71
N TRP B 31 27.68 -36.34 -50.20
CA TRP B 31 26.88 -35.44 -51.04
C TRP B 31 27.56 -34.09 -51.22
N GLN B 32 27.35 -33.48 -52.39
CA GLN B 32 27.87 -32.14 -52.65
CA GLN B 32 27.85 -32.15 -52.70
C GLN B 32 26.80 -31.14 -52.22
N VAL B 33 27.19 -30.22 -51.34
CA VAL B 33 26.22 -29.33 -50.67
C VAL B 33 26.47 -27.83 -50.89
N GLU B 34 25.39 -27.10 -51.16
CA GLU B 34 25.38 -25.64 -51.07
C GLU B 34 24.29 -25.19 -50.09
N ILE B 35 24.45 -23.98 -49.56
CA ILE B 35 23.53 -23.44 -48.58
C ILE B 35 22.99 -22.09 -49.03
N ALA B 36 21.70 -21.87 -48.84
CA ALA B 36 21.09 -20.55 -48.99
C ALA B 36 20.37 -20.15 -47.70
N HIS B 37 20.62 -18.92 -47.23
CA HIS B 37 20.05 -18.43 -45.96
C HIS B 37 18.77 -17.63 -46.15
N ASN B 38 18.43 -17.36 -47.41
CA ASN B 38 17.28 -16.56 -47.78
C ASN B 38 16.70 -17.09 -49.08
N GLY B 39 15.47 -16.67 -49.40
CA GLY B 39 14.76 -17.13 -50.59
C GLY B 39 15.40 -16.76 -51.92
N PHE B 40 15.95 -15.55 -52.01
CA PHE B 40 16.57 -15.13 -53.26
C PHE B 40 17.79 -15.97 -53.61
N ASP B 41 18.62 -16.25 -52.62
CA ASP B 41 19.77 -17.13 -52.80
C ASP B 41 19.34 -18.55 -53.17
N ALA B 42 18.29 -19.03 -52.53
CA ALA B 42 17.71 -20.35 -52.82
C ALA B 42 17.31 -20.44 -54.29
N GLY B 43 16.56 -19.44 -54.76
CA GLY B 43 16.10 -19.38 -56.14
C GLY B 43 17.20 -19.23 -57.18
N ILE B 44 18.24 -18.46 -56.83
CA ILE B 44 19.42 -18.31 -57.70
C ILE B 44 20.23 -19.60 -57.80
N LYS B 45 20.45 -20.23 -56.65
CA LYS B 45 21.26 -21.45 -56.56
CA LYS B 45 21.27 -21.45 -56.58
C LYS B 45 20.58 -22.67 -57.18
N LEU B 46 19.25 -22.62 -57.26
CA LEU B 46 18.49 -23.67 -57.92
C LEU B 46 18.84 -23.76 -59.41
N SER B 47 19.22 -22.63 -60.01
CA SER B 47 19.69 -22.57 -61.39
C SER B 47 21.18 -22.85 -61.54
N THR B 48 21.99 -22.18 -60.73
CA THR B 48 23.45 -22.24 -60.86
C THR B 48 24.08 -23.53 -60.33
N PHE B 49 23.40 -24.19 -59.39
CA PHE B 49 23.91 -25.40 -58.75
C PHE B 49 23.16 -26.65 -59.19
N GLU B 50 21.91 -26.46 -59.64
CA GLU B 50 21.01 -27.56 -60.08
C GLU B 50 21.00 -28.77 -59.14
N PRO B 51 20.47 -28.61 -57.91
CA PRO B 51 20.48 -29.75 -57.00
C PRO B 51 19.49 -30.85 -57.38
N ALA B 52 19.81 -32.09 -57.00
CA ALA B 52 18.86 -33.18 -57.11
C ALA B 52 17.82 -33.07 -55.99
N ILE B 53 18.24 -32.53 -54.84
CA ILE B 53 17.37 -32.38 -53.67
C ILE B 53 17.51 -30.98 -53.06
N MET B 54 16.40 -30.41 -52.60
CA MET B 54 16.42 -29.18 -51.81
C MET B 54 15.76 -29.43 -50.46
N THR B 55 16.49 -29.13 -49.38
CA THR B 55 15.88 -29.18 -48.06
C THR B 55 15.35 -27.79 -47.73
N LEU B 56 14.10 -27.73 -47.28
CA LEU B 56 13.41 -26.45 -47.10
C LEU B 56 12.85 -26.29 -45.70
N ASP B 57 13.43 -25.35 -44.97
CA ASP B 57 12.97 -25.12 -43.62
C ASP B 57 11.65 -24.37 -43.62
N LEU B 58 10.71 -24.85 -42.78
CA LEU B 58 9.37 -24.25 -42.67
C LEU B 58 9.24 -23.23 -41.53
N SER B 59 10.33 -23.00 -40.80
CA SER B 59 10.32 -22.02 -39.72
C SER B 59 11.15 -20.79 -40.05
N MET B 60 11.33 -20.48 -41.33
CA MET B 60 12.07 -19.28 -41.72
C MET B 60 11.14 -18.07 -41.60
N PRO B 61 11.46 -17.09 -40.72
CA PRO B 61 10.50 -15.98 -40.53
C PRO B 61 10.31 -15.05 -41.73
N LYS B 62 11.23 -15.07 -42.68
CA LYS B 62 11.10 -14.24 -43.87
C LYS B 62 10.73 -15.05 -45.12
N LEU B 63 10.72 -16.37 -45.01
CA LEU B 63 10.33 -17.24 -46.12
C LEU B 63 9.14 -18.16 -45.79
N ASP B 64 8.14 -18.15 -46.66
CA ASP B 64 7.02 -19.07 -46.59
C ASP B 64 7.30 -20.21 -47.55
N GLY B 65 7.45 -21.42 -46.98
CA GLY B 65 7.75 -22.62 -47.74
C GLY B 65 6.69 -22.97 -48.77
N LEU B 66 5.45 -22.60 -48.50
CA LEU B 66 4.37 -22.71 -49.48
C LEU B 66 4.59 -21.86 -50.72
N ASP B 67 5.16 -20.67 -50.54
CA ASP B 67 5.45 -19.79 -51.67
C ASP B 67 6.51 -20.40 -52.58
N VAL B 68 7.51 -21.06 -51.99
CA VAL B 68 8.56 -21.77 -52.74
C VAL B 68 7.95 -22.88 -53.60
N ILE B 69 7.13 -23.72 -52.98
CA ILE B 69 6.47 -24.84 -53.66
C ILE B 69 5.55 -24.34 -54.77
N ARG B 70 4.72 -23.33 -54.48
CA ARG B 70 3.84 -22.75 -55.48
CA ARG B 70 3.82 -22.72 -55.46
C ARG B 70 4.57 -22.07 -56.63
N SER B 71 5.69 -21.40 -56.32
CA SER B 71 6.48 -20.71 -57.34
C SER B 71 7.12 -21.68 -58.32
N LEU B 72 7.53 -22.84 -57.81
CA LEU B 72 8.06 -23.92 -58.63
C LEU B 72 7.00 -24.48 -59.58
N ARG B 73 5.77 -24.65 -59.08
CA ARG B 73 4.65 -25.16 -59.89
CA ARG B 73 4.65 -25.16 -59.88
C ARG B 73 4.20 -24.13 -60.93
N GLN B 74 4.02 -22.88 -60.51
CA GLN B 74 3.52 -21.81 -61.38
C GLN B 74 4.49 -21.32 -62.45
N ASN B 75 5.78 -21.29 -62.15
CA ASN B 75 6.76 -20.86 -63.14
C ASN B 75 7.24 -21.97 -64.08
N LYS B 76 6.90 -23.22 -63.73
CA LYS B 76 7.28 -24.42 -64.48
C LYS B 76 8.80 -24.49 -64.71
N VAL B 77 9.53 -24.52 -63.60
CA VAL B 77 11.00 -24.59 -63.63
C VAL B 77 11.47 -25.94 -64.17
N ALA B 78 12.44 -25.90 -65.07
CA ALA B 78 13.06 -27.11 -65.59
C ALA B 78 13.98 -27.71 -64.53
N ASN B 79 14.12 -29.03 -64.59
CA ASN B 79 15.03 -29.81 -63.73
C ASN B 79 14.88 -29.48 -62.25
N GLN B 80 13.63 -29.50 -61.78
CA GLN B 80 13.32 -29.20 -60.39
C GLN B 80 13.94 -30.21 -59.45
N PRO B 81 14.37 -29.75 -58.26
CA PRO B 81 14.81 -30.74 -57.29
C PRO B 81 13.61 -31.39 -56.59
N LYS B 82 13.85 -32.53 -55.95
CA LYS B 82 12.87 -33.08 -55.03
C LYS B 82 12.98 -32.26 -53.75
N ILE B 83 11.85 -31.99 -53.12
CA ILE B 83 11.81 -31.09 -51.97
C ILE B 83 11.58 -31.89 -50.68
N LEU B 84 12.53 -31.76 -49.77
CA LEU B 84 12.40 -32.30 -48.42
C LEU B 84 12.07 -31.13 -47.52
N VAL B 85 10.87 -31.15 -46.98
CA VAL B 85 10.38 -30.09 -46.12
C VAL B 85 10.83 -30.37 -44.69
N VAL B 86 11.38 -29.36 -44.02
CA VAL B 86 11.81 -29.53 -42.65
C VAL B 86 10.89 -28.72 -41.75
N SER B 87 10.10 -29.42 -40.96
CA SER B 87 8.98 -28.78 -40.27
C SER B 87 9.22 -28.58 -38.79
N GLY B 88 8.62 -27.52 -38.24
CA GLY B 88 8.66 -27.24 -36.80
C GLY B 88 7.30 -27.33 -36.15
N LEU B 89 6.94 -26.31 -35.37
CA LEU B 89 5.69 -26.30 -34.57
C LEU B 89 4.41 -26.38 -35.41
N ASP B 90 4.35 -25.59 -36.47
CA ASP B 90 3.14 -25.49 -37.31
C ASP B 90 2.85 -26.77 -38.11
N LYS B 91 1.99 -27.62 -37.56
CA LYS B 91 1.60 -28.89 -38.19
C LYS B 91 0.71 -28.69 -39.42
N ALA B 92 -0.11 -27.63 -39.40
CA ALA B 92 -0.99 -27.33 -40.52
C ALA B 92 -0.20 -26.90 -41.75
N LYS B 93 0.85 -26.10 -41.52
CA LYS B 93 1.81 -25.71 -42.56
C LYS B 93 2.54 -26.92 -43.13
N LEU B 94 2.92 -27.86 -42.24
CA LEU B 94 3.52 -29.13 -42.67
C LEU B 94 2.60 -29.86 -43.66
N GLN B 95 1.34 -30.09 -43.26
CA GLN B 95 0.40 -30.83 -44.11
C GLN B 95 0.06 -30.08 -45.41
N GLN B 96 -0.02 -28.75 -45.32
CA GLN B 96 -0.26 -27.90 -46.48
C GLN B 96 0.89 -28.05 -47.46
N ALA B 97 2.13 -28.02 -46.94
CA ALA B 97 3.32 -28.16 -47.80
C ALA B 97 3.35 -29.49 -48.55
N VAL B 98 3.02 -30.58 -47.85
CA VAL B 98 2.98 -31.94 -48.41
C VAL B 98 1.87 -32.10 -49.47
N THR B 99 0.67 -31.59 -49.16
CA THR B 99 -0.47 -31.68 -50.09
C THR B 99 -0.20 -30.87 -51.34
N GLU B 100 0.53 -29.75 -51.19
CA GLU B 100 0.83 -28.89 -52.32
C GLU B 100 2.01 -29.37 -53.17
N GLY B 101 2.73 -30.38 -52.68
CA GLY B 101 3.68 -31.06 -53.54
C GLY B 101 5.05 -31.42 -52.99
N ALA B 102 5.32 -31.10 -51.72
CA ALA B 102 6.56 -31.53 -51.06
C ALA B 102 6.72 -33.03 -51.21
N ASP B 103 7.93 -33.48 -51.54
CA ASP B 103 8.16 -34.88 -51.85
C ASP B 103 8.31 -35.71 -50.58
N ASP B 104 8.86 -35.10 -49.54
CA ASP B 104 8.97 -35.73 -48.24
C ASP B 104 9.08 -34.68 -47.16
N TYR B 105 9.01 -35.11 -45.91
CA TYR B 105 9.10 -34.22 -44.77
C TYR B 105 10.02 -34.79 -43.71
N LEU B 106 10.54 -33.92 -42.85
CA LEU B 106 11.35 -34.32 -41.73
C LEU B 106 11.07 -33.39 -40.54
N GLU B 107 10.61 -33.98 -39.45
CA GLU B 107 10.23 -33.20 -38.27
C GLU B 107 11.41 -32.88 -37.35
N LYS B 108 11.51 -31.59 -37.01
CA LYS B 108 12.57 -31.10 -36.13
CA LYS B 108 12.56 -31.09 -36.14
C LYS B 108 12.14 -31.22 -34.67
N PRO B 109 13.05 -31.71 -33.80
CA PRO B 109 14.43 -32.18 -33.93
C PRO B 109 14.55 -33.59 -34.51
N PHE B 110 15.62 -33.81 -35.26
CA PHE B 110 15.88 -35.09 -35.92
C PHE B 110 17.31 -35.55 -35.65
N ASP B 111 17.54 -36.86 -35.74
CA ASP B 111 18.88 -37.43 -35.66
CA ASP B 111 18.90 -37.36 -35.64
C ASP B 111 19.52 -37.43 -37.03
N ASN B 112 20.83 -37.70 -37.07
CA ASN B 112 21.57 -37.76 -38.33
C ASN B 112 21.03 -38.82 -39.28
N ASP B 113 20.70 -39.99 -38.74
CA ASP B 113 20.23 -41.12 -39.53
C ASP B 113 18.80 -40.95 -40.03
N ALA B 114 17.99 -40.17 -39.32
CA ALA B 114 16.66 -39.80 -39.82
C ALA B 114 16.78 -38.87 -41.02
N LEU B 115 17.72 -37.92 -40.98
CA LEU B 115 18.01 -37.09 -42.15
C LEU B 115 18.46 -37.95 -43.32
N LEU B 116 19.39 -38.87 -43.08
CA LEU B 116 19.96 -39.71 -44.14
C LEU B 116 18.96 -40.67 -44.78
N ASP B 117 18.06 -41.24 -43.98
CA ASP B 117 16.99 -42.12 -44.48
C ASP B 117 16.07 -41.42 -45.48
N ARG B 118 15.67 -40.20 -45.15
CA ARG B 118 14.85 -39.34 -46.03
C ARG B 118 15.55 -39.01 -47.35
N ILE B 119 16.81 -38.59 -47.25
CA ILE B 119 17.63 -38.23 -48.42
C ILE B 119 17.79 -39.43 -49.36
N HIS B 120 18.10 -40.60 -48.79
CA HIS B 120 18.25 -41.83 -49.56
C HIS B 120 16.94 -42.32 -50.13
N ASP B 121 15.83 -42.11 -49.42
CA ASP B 121 14.51 -42.51 -49.90
C ASP B 121 14.06 -41.70 -51.11
N LEU B 122 14.40 -40.41 -51.12
CA LEU B 122 14.09 -39.52 -52.24
C LEU B 122 14.80 -39.91 -53.54
N VAL B 123 16.00 -40.48 -53.42
CA VAL B 123 16.77 -40.88 -54.59
C VAL B 123 16.63 -42.36 -54.98
N ASN B 124 15.85 -43.12 -54.21
CA ASN B 124 15.67 -44.56 -54.46
C ASN B 124 14.26 -44.95 -54.90
N SER C 6 17.72 9.12 -7.69
CA SER C 6 18.32 8.08 -8.57
C SER C 6 19.10 8.69 -9.74
N LYS C 7 20.43 8.69 -9.63
CA LYS C 7 21.30 9.18 -10.70
C LYS C 7 22.00 8.03 -11.42
N ARG C 8 21.24 6.99 -11.75
CA ARG C 8 21.80 5.77 -12.34
C ARG C 8 21.33 5.54 -13.78
N ILE C 9 22.30 5.24 -14.65
CA ILE C 9 22.03 5.07 -16.08
C ILE C 9 22.78 3.88 -16.70
N LEU C 10 22.07 3.09 -17.50
CA LEU C 10 22.65 1.95 -18.19
C LEU C 10 22.87 2.24 -19.68
N VAL C 11 24.12 2.18 -20.11
CA VAL C 11 24.48 2.40 -21.51
C VAL C 11 24.56 1.06 -22.26
N VAL C 12 23.71 0.87 -23.27
CA VAL C 12 23.71 -0.36 -24.04
C VAL C 12 24.20 -0.11 -25.46
N ASP C 13 25.37 -0.66 -25.75
CA ASP C 13 26.04 -0.51 -27.04
C ASP C 13 27.09 -1.62 -27.16
N ASP C 14 27.19 -2.24 -28.33
CA ASP C 14 28.23 -3.23 -28.54
C ASP C 14 29.57 -2.57 -28.88
N ASP C 15 29.49 -1.36 -29.46
CA ASP C 15 30.66 -0.56 -29.76
C ASP C 15 31.24 -0.02 -28.45
N GLN C 16 32.33 -0.62 -28.01
CA GLN C 16 32.96 -0.32 -26.72
C GLN C 16 33.65 1.05 -26.70
N ALA C 17 34.16 1.46 -27.86
CA ALA C 17 34.82 2.76 -28.03
C ALA C 17 33.82 3.90 -27.93
N MET C 18 32.61 3.66 -28.44
CA MET C 18 31.51 4.61 -28.33
C MET C 18 30.94 4.62 -26.92
N ALA C 19 30.76 3.44 -26.33
CA ALA C 19 30.18 3.30 -24.99
C ALA C 19 31.03 3.94 -23.90
N ALA C 20 32.35 3.81 -24.03
CA ALA C 20 33.30 4.42 -23.11
C ALA C 20 33.27 5.95 -23.21
N ALA C 21 33.17 6.43 -24.44
CA ALA C 21 33.07 7.87 -24.71
C ALA C 21 31.78 8.47 -24.15
N ILE C 22 30.69 7.71 -24.20
CA ILE C 22 29.39 8.10 -23.62
C ILE C 22 29.48 8.09 -22.09
N GLU C 23 30.09 7.03 -21.54
CA GLU C 23 30.34 6.93 -20.10
C GLU C 23 31.13 8.13 -19.57
N ARG C 24 32.14 8.54 -20.33
CA ARG C 24 33.01 9.67 -19.99
C ARG C 24 32.24 10.99 -19.83
N VAL C 25 31.32 11.26 -20.75
CA VAL C 25 30.45 12.44 -20.69
C VAL C 25 29.55 12.37 -19.46
N LEU C 26 28.95 11.21 -19.24
CA LEU C 26 27.95 11.02 -18.19
C LEU C 26 28.54 11.05 -16.78
N LYS C 27 29.76 10.51 -16.63
CA LYS C 27 30.49 10.57 -15.35
C LYS C 27 30.82 12.01 -14.95
N ARG C 28 31.20 12.83 -15.95
CA ARG C 28 31.49 14.25 -15.72
C ARG C 28 30.28 15.08 -15.29
N ASP C 29 29.09 14.64 -15.72
CA ASP C 29 27.83 15.24 -15.32
C ASP C 29 27.28 14.55 -14.06
N HIS C 30 28.17 13.80 -13.39
CA HIS C 30 27.92 13.14 -12.10
C HIS C 30 26.85 12.04 -12.10
N TRP C 31 26.72 11.35 -13.22
CA TRP C 31 25.84 10.19 -13.29
C TRP C 31 26.60 8.91 -12.95
N GLN C 32 25.88 7.95 -12.37
CA GLN C 32 26.43 6.60 -12.15
C GLN C 32 26.11 5.73 -13.37
N VAL C 33 27.15 5.16 -13.97
CA VAL C 33 27.05 4.46 -15.24
C VAL C 33 27.38 2.95 -15.14
N GLU C 34 26.62 2.13 -15.87
CA GLU C 34 27.03 0.76 -16.22
C GLU C 34 26.88 0.56 -17.74
N ILE C 35 27.73 -0.29 -18.29
CA ILE C 35 27.74 -0.56 -19.73
C ILE C 35 27.37 -2.02 -20.01
N ALA C 36 26.53 -2.23 -21.03
CA ALA C 36 26.17 -3.55 -21.50
C ALA C 36 26.48 -3.68 -23.00
N HIS C 37 27.20 -4.73 -23.38
CA HIS C 37 27.52 -4.98 -24.79
C HIS C 37 26.53 -5.93 -25.46
N ASN C 38 25.73 -6.63 -24.66
CA ASN C 38 24.80 -7.61 -25.19
C ASN C 38 23.48 -7.58 -24.45
N GLY C 39 22.45 -8.15 -25.10
CA GLY C 39 21.10 -8.23 -24.56
C GLY C 39 21.00 -8.83 -23.17
N PHE C 40 21.68 -9.96 -22.96
CA PHE C 40 21.61 -10.67 -21.68
C PHE C 40 22.09 -9.81 -20.53
N ASP C 41 23.30 -9.27 -20.68
CA ASP C 41 23.91 -8.40 -19.69
C ASP C 41 23.01 -7.19 -19.39
N ALA C 42 22.43 -6.62 -20.45
CA ALA C 42 21.46 -5.51 -20.33
C ALA C 42 20.22 -5.89 -19.52
N GLY C 43 19.70 -7.09 -19.77
CA GLY C 43 18.60 -7.67 -19.00
C GLY C 43 18.92 -7.87 -17.53
N ILE C 44 20.10 -8.42 -17.24
CA ILE C 44 20.53 -8.63 -15.85
C ILE C 44 20.70 -7.31 -15.14
N LYS C 45 21.45 -6.40 -15.78
CA LYS C 45 21.78 -5.10 -15.18
C LYS C 45 20.56 -4.24 -14.87
N LEU C 46 19.49 -4.43 -15.65
CA LEU C 46 18.19 -3.84 -15.38
C LEU C 46 17.67 -4.15 -13.96
N SER C 47 17.95 -5.35 -13.47
CA SER C 47 17.58 -5.73 -12.10
C SER C 47 18.71 -5.49 -11.10
N THR C 48 19.95 -5.60 -11.59
CA THR C 48 21.14 -5.44 -10.74
C THR C 48 21.44 -3.97 -10.44
N PHE C 49 21.43 -3.15 -11.48
CA PHE C 49 21.76 -1.73 -11.37
C PHE C 49 20.52 -0.86 -11.14
N GLU C 50 19.37 -1.33 -11.64
CA GLU C 50 18.08 -0.63 -11.58
C GLU C 50 18.16 0.84 -12.01
N PRO C 51 18.47 1.08 -13.29
CA PRO C 51 18.74 2.45 -13.72
C PRO C 51 17.48 3.29 -13.90
N ALA C 52 17.61 4.61 -13.76
CA ALA C 52 16.55 5.54 -14.09
C ALA C 52 16.40 5.68 -15.60
N ILE C 53 17.53 5.66 -16.30
CA ILE C 53 17.56 5.76 -17.78
C ILE C 53 18.37 4.60 -18.37
N MET C 54 17.89 4.04 -19.48
CA MET C 54 18.68 3.16 -20.31
C MET C 54 18.91 3.84 -21.65
N THR C 55 20.15 3.94 -22.09
CA THR C 55 20.44 4.32 -23.48
C THR C 55 20.61 3.05 -24.28
N LEU C 56 20.03 3.04 -25.48
CA LEU C 56 20.00 1.84 -26.30
C LEU C 56 20.30 2.18 -27.75
N ASP C 57 21.40 1.62 -28.25
CA ASP C 57 21.79 1.83 -29.62
C ASP C 57 20.99 0.95 -30.57
N LEU C 58 20.53 1.57 -31.66
CA LEU C 58 19.65 0.91 -32.61
C LEU C 58 20.39 0.24 -33.76
N SER C 59 21.72 0.28 -33.73
CA SER C 59 22.50 -0.28 -34.81
C SER C 59 23.39 -1.44 -34.36
N MET C 60 23.02 -2.06 -33.23
CA MET C 60 23.74 -3.23 -32.69
C MET C 60 23.40 -4.45 -33.56
N PRO C 61 24.40 -5.00 -34.28
CA PRO C 61 24.12 -6.12 -35.19
C PRO C 61 23.51 -7.36 -34.52
N LYS C 62 23.85 -7.59 -33.24
CA LYS C 62 23.37 -8.77 -32.51
C LYS C 62 22.26 -8.46 -31.50
N LEU C 63 21.75 -7.22 -31.52
CA LEU C 63 20.67 -6.84 -30.63
C LEU C 63 19.68 -5.92 -31.35
N ASP C 64 18.46 -6.42 -31.55
CA ASP C 64 17.41 -5.59 -32.10
C ASP C 64 16.78 -4.76 -30.98
N GLY C 65 16.99 -3.45 -31.08
CA GLY C 65 16.42 -2.47 -30.13
C GLY C 65 14.91 -2.55 -30.05
N LEU C 66 14.27 -2.75 -31.21
CA LEU C 66 12.81 -2.94 -31.32
C LEU C 66 12.30 -4.08 -30.44
N ASP C 67 13.02 -5.20 -30.42
CA ASP C 67 12.68 -6.35 -29.56
C ASP C 67 12.95 -6.10 -28.08
N VAL C 68 13.98 -5.32 -27.78
CA VAL C 68 14.27 -4.90 -26.40
C VAL C 68 13.14 -4.02 -25.85
N ILE C 69 12.74 -3.01 -26.63
CA ILE C 69 11.65 -2.09 -26.24
C ILE C 69 10.32 -2.84 -26.14
N ARG C 70 10.07 -3.76 -27.08
CA ARG C 70 8.92 -4.69 -27.01
C ARG C 70 8.92 -5.48 -25.71
N SER C 71 10.03 -6.13 -25.42
CA SER C 71 10.15 -7.06 -24.30
C SER C 71 10.06 -6.39 -22.94
N LEU C 72 10.61 -5.18 -22.86
CA LEU C 72 10.62 -4.43 -21.61
C LEU C 72 9.22 -3.99 -21.18
N ARG C 73 8.49 -3.42 -22.12
CA ARG C 73 7.17 -2.82 -21.86
C ARG C 73 6.06 -3.84 -21.62
N GLN C 74 6.25 -5.07 -22.10
CA GLN C 74 5.23 -6.11 -21.97
C GLN C 74 5.69 -7.37 -21.22
N ASN C 75 6.54 -7.18 -20.21
CA ASN C 75 6.98 -8.29 -19.36
C ASN C 75 6.73 -7.99 -17.88
N LYS C 76 5.89 -6.97 -17.63
CA LYS C 76 5.50 -6.53 -16.28
C LYS C 76 6.68 -6.20 -15.35
N VAL C 77 7.73 -5.60 -15.91
CA VAL C 77 8.97 -5.35 -15.17
C VAL C 77 8.81 -4.18 -14.20
N ALA C 78 9.19 -4.40 -12.94
CA ALA C 78 9.11 -3.36 -11.91
C ALA C 78 10.23 -2.34 -12.05
N ASN C 79 9.91 -1.07 -11.79
CA ASN C 79 10.81 0.09 -11.91
C ASN C 79 11.47 0.22 -13.30
N GLN C 80 10.64 0.21 -14.34
CA GLN C 80 11.08 0.32 -15.72
C GLN C 80 11.66 1.71 -16.03
N PRO C 81 12.89 1.75 -16.61
CA PRO C 81 13.57 3.01 -16.90
C PRO C 81 13.00 3.75 -18.10
N LYS C 82 13.39 5.01 -18.26
CA LYS C 82 13.12 5.74 -19.49
C LYS C 82 14.11 5.23 -20.51
N ILE C 83 13.65 5.08 -21.74
CA ILE C 83 14.52 4.54 -22.78
C ILE C 83 14.91 5.64 -23.76
N LEU C 84 16.21 5.87 -23.85
CA LEU C 84 16.81 6.82 -24.78
C LEU C 84 17.47 6.09 -25.95
N VAL C 85 16.87 6.24 -27.11
CA VAL C 85 17.28 5.53 -28.30
C VAL C 85 18.34 6.31 -29.08
N VAL C 86 19.36 5.60 -29.58
CA VAL C 86 20.39 6.21 -30.42
C VAL C 86 20.21 5.70 -31.85
N SER C 87 19.78 6.58 -32.76
CA SER C 87 19.48 6.19 -34.13
C SER C 87 20.32 6.98 -35.13
N GLY C 88 19.66 7.49 -36.17
CA GLY C 88 20.31 8.31 -37.18
C GLY C 88 20.02 7.85 -38.59
N LEU C 89 20.57 6.68 -38.91
CA LEU C 89 20.53 6.12 -40.27
C LEU C 89 19.11 5.71 -40.69
N ASP C 90 18.61 4.63 -40.09
CA ASP C 90 17.31 4.08 -40.44
C ASP C 90 16.18 4.82 -39.74
N LYS C 91 15.48 5.66 -40.50
CA LYS C 91 14.42 6.53 -39.95
C LYS C 91 13.12 5.78 -39.71
N ALA C 92 12.92 4.69 -40.44
CA ALA C 92 11.79 3.79 -40.22
C ALA C 92 11.94 3.04 -38.89
N LYS C 93 13.19 2.69 -38.58
CA LYS C 93 13.53 1.98 -37.36
C LYS C 93 13.29 2.86 -36.13
N LEU C 94 13.66 4.13 -36.25
CA LEU C 94 13.48 5.13 -35.19
C LEU C 94 12.00 5.39 -34.89
N GLN C 95 11.19 5.51 -35.94
CA GLN C 95 9.75 5.71 -35.81
C GLN C 95 9.10 4.52 -35.13
N GLN C 96 9.53 3.32 -35.51
CA GLN C 96 9.02 2.09 -34.93
C GLN C 96 9.46 1.93 -33.48
N ALA C 97 10.63 2.46 -33.14
CA ALA C 97 11.14 2.48 -31.77
C ALA C 97 10.30 3.39 -30.87
N VAL C 98 9.89 4.53 -31.43
CA VAL C 98 9.01 5.48 -30.75
C VAL C 98 7.62 4.89 -30.57
N THR C 99 7.09 4.26 -31.64
CA THR C 99 5.82 3.55 -31.60
C THR C 99 5.83 2.43 -30.55
N GLU C 100 6.97 1.76 -30.42
CA GLU C 100 7.15 0.65 -29.46
C GLU C 100 7.28 1.10 -28.01
N GLY C 101 7.67 2.36 -27.80
CA GLY C 101 7.71 2.91 -26.45
C GLY C 101 9.01 3.49 -25.97
N ALA C 102 9.87 3.92 -26.91
CA ALA C 102 11.04 4.71 -26.56
C ALA C 102 10.56 6.08 -26.08
N ASP C 103 11.22 6.63 -25.07
CA ASP C 103 10.80 7.90 -24.48
C ASP C 103 11.41 9.12 -25.16
N ASP C 104 12.64 8.98 -25.65
CA ASP C 104 13.30 10.03 -26.45
C ASP C 104 14.35 9.40 -27.37
N TYR C 105 15.00 10.23 -28.19
CA TYR C 105 16.01 9.76 -29.12
C TYR C 105 17.16 10.73 -29.30
N LEU C 106 18.25 10.20 -29.85
CA LEU C 106 19.39 10.97 -30.34
C LEU C 106 19.73 10.48 -31.74
N GLU C 107 19.85 11.41 -32.68
CA GLU C 107 20.29 11.11 -34.05
C GLU C 107 21.78 11.42 -34.25
N LYS C 108 22.47 10.53 -34.97
CA LYS C 108 23.85 10.78 -35.37
C LYS C 108 23.86 11.86 -36.46
N PRO C 109 24.77 12.85 -36.36
CA PRO C 109 25.70 13.08 -35.25
C PRO C 109 25.08 13.92 -34.13
N PHE C 110 25.41 13.56 -32.90
CA PHE C 110 24.94 14.31 -31.73
C PHE C 110 26.10 14.69 -30.85
N ASP C 111 26.02 15.92 -30.33
CA ASP C 111 27.03 16.48 -29.44
CA ASP C 111 27.05 16.43 -29.44
C ASP C 111 26.79 16.03 -27.99
N ASN C 112 27.76 16.30 -27.12
CA ASN C 112 27.67 15.99 -25.70
C ASN C 112 26.63 16.84 -24.95
N ASP C 113 26.41 18.06 -25.43
CA ASP C 113 25.36 18.92 -24.88
C ASP C 113 23.98 18.33 -25.16
N ALA C 114 23.78 17.87 -26.40
CA ALA C 114 22.54 17.23 -26.83
C ALA C 114 22.28 15.94 -26.06
N LEU C 115 23.33 15.15 -25.80
CA LEU C 115 23.23 13.96 -24.96
C LEU C 115 22.83 14.33 -23.53
N LEU C 116 23.47 15.36 -22.97
CA LEU C 116 23.15 15.81 -21.61
C LEU C 116 21.75 16.39 -21.49
N ASP C 117 21.28 17.06 -22.55
CA ASP C 117 19.94 17.63 -22.60
C ASP C 117 18.81 16.59 -22.55
N ARG C 118 18.92 15.53 -23.37
CA ARG C 118 17.91 14.45 -23.38
C ARG C 118 17.86 13.75 -22.05
N ILE C 119 19.05 13.52 -21.49
CA ILE C 119 19.21 12.86 -20.20
C ILE C 119 18.48 13.65 -19.10
N HIS C 120 18.75 14.95 -19.03
CA HIS C 120 18.13 15.84 -18.03
C HIS C 120 16.63 15.95 -18.16
N ASP C 121 16.15 16.01 -19.40
CA ASP C 121 14.70 16.09 -19.67
C ASP C 121 13.94 14.82 -19.31
N LEU C 122 14.63 13.68 -19.37
CA LEU C 122 14.06 12.39 -19.03
C LEU C 122 13.82 12.20 -17.52
N VAL C 123 14.65 12.83 -16.69
CA VAL C 123 14.49 12.71 -15.23
C VAL C 123 13.64 13.82 -14.58
N ASN C 124 13.34 14.87 -15.33
CA ASN C 124 12.45 15.94 -14.84
C ASN C 124 11.63 16.57 -15.96
N SER D 2 0.86 -21.48 -11.43
CA SER D 2 2.35 -21.51 -11.42
C SER D 2 2.91 -22.48 -10.39
N LEU D 3 3.89 -23.28 -10.80
CA LEU D 3 4.63 -24.14 -9.87
C LEU D 3 5.58 -23.30 -9.04
N LYS D 4 6.01 -23.86 -7.91
CA LYS D 4 7.04 -23.28 -7.04
C LYS D 4 8.34 -23.04 -7.82
N GLN D 5 9.08 -21.99 -7.45
CA GLN D 5 10.32 -21.62 -8.14
C GLN D 5 11.37 -22.74 -8.32
N SER D 6 11.43 -23.67 -7.36
CA SER D 6 12.34 -24.82 -7.45
C SER D 6 11.95 -25.85 -8.53
N LYS D 7 10.75 -25.73 -9.09
CA LYS D 7 10.32 -26.59 -10.20
C LYS D 7 10.20 -25.85 -11.52
N ARG D 8 10.84 -24.68 -11.59
CA ARG D 8 10.82 -23.84 -12.80
C ARG D 8 12.10 -23.93 -13.64
N ILE D 9 11.94 -24.11 -14.95
CA ILE D 9 13.08 -24.15 -15.86
C ILE D 9 12.91 -23.17 -17.01
N LEU D 10 13.90 -22.32 -17.22
CA LEU D 10 13.96 -21.46 -18.41
C LEU D 10 14.74 -22.15 -19.52
N VAL D 11 14.14 -22.20 -20.71
CA VAL D 11 14.75 -22.83 -21.87
C VAL D 11 15.14 -21.72 -22.84
N VAL D 12 16.44 -21.61 -23.10
CA VAL D 12 16.99 -20.55 -23.94
C VAL D 12 17.54 -21.13 -25.25
N ASP D 13 16.85 -20.81 -26.34
CA ASP D 13 17.16 -21.29 -27.68
C ASP D 13 16.31 -20.46 -28.64
N ASP D 14 16.92 -20.03 -29.73
CA ASP D 14 16.21 -19.30 -30.76
C ASP D 14 15.53 -20.28 -31.71
N ASP D 15 16.00 -21.53 -31.69
CA ASP D 15 15.38 -22.64 -32.41
C ASP D 15 14.09 -23.00 -31.66
N GLN D 16 12.97 -22.61 -32.24
CA GLN D 16 11.66 -22.76 -31.59
C GLN D 16 11.17 -24.22 -31.54
N ALA D 17 11.47 -25.02 -32.56
CA ALA D 17 11.19 -26.47 -32.52
C ALA D 17 11.92 -27.20 -31.38
N MET D 18 13.23 -26.96 -31.25
CA MET D 18 14.03 -27.58 -30.20
C MET D 18 13.56 -27.13 -28.83
N ALA D 19 13.36 -25.82 -28.70
CA ALA D 19 12.86 -25.20 -27.47
C ALA D 19 11.55 -25.87 -27.06
N ALA D 20 10.62 -26.02 -28.01
CA ALA D 20 9.34 -26.71 -27.76
C ALA D 20 9.49 -28.19 -27.39
N ALA D 21 10.47 -28.86 -28.00
CA ALA D 21 10.71 -30.28 -27.70
C ALA D 21 11.31 -30.48 -26.31
N ILE D 22 12.22 -29.58 -25.92
CA ILE D 22 12.79 -29.55 -24.57
C ILE D 22 11.67 -29.29 -23.57
N GLU D 23 10.92 -28.20 -23.80
CA GLU D 23 9.73 -27.84 -23.03
C GLU D 23 8.76 -29.02 -22.80
N ARG D 24 8.46 -29.75 -23.87
CA ARG D 24 7.52 -30.87 -23.80
C ARG D 24 8.01 -32.00 -22.90
N VAL D 25 9.31 -32.30 -22.94
CA VAL D 25 9.88 -33.34 -22.09
C VAL D 25 9.88 -32.91 -20.61
N LEU D 26 10.34 -31.69 -20.32
CA LEU D 26 10.41 -31.18 -18.95
C LEU D 26 9.04 -31.03 -18.29
N LYS D 27 8.07 -30.54 -19.06
CA LYS D 27 6.68 -30.45 -18.59
C LYS D 27 6.15 -31.80 -18.10
N ARG D 28 6.30 -32.83 -18.93
CA ARG D 28 5.92 -34.20 -18.57
C ARG D 28 6.69 -34.76 -17.36
N ASP D 29 7.86 -34.21 -17.06
CA ASP D 29 8.61 -34.60 -15.87
C ASP D 29 8.38 -33.65 -14.68
N HIS D 30 7.25 -32.95 -14.69
CA HIS D 30 6.79 -32.12 -13.57
C HIS D 30 7.55 -30.79 -13.37
N TRP D 31 7.99 -30.18 -14.47
CA TRP D 31 8.62 -28.86 -14.42
C TRP D 31 7.73 -27.82 -15.11
N GLN D 32 7.77 -26.59 -14.62
CA GLN D 32 7.16 -25.49 -15.36
C GLN D 32 8.20 -24.76 -16.22
N VAL D 33 7.85 -24.55 -17.48
CA VAL D 33 8.83 -24.08 -18.46
C VAL D 33 8.45 -22.72 -19.05
N GLU D 34 9.42 -21.79 -19.11
CA GLU D 34 9.30 -20.65 -20.02
C GLU D 34 10.42 -20.64 -21.06
N ILE D 35 10.17 -20.01 -22.20
CA ILE D 35 11.14 -20.00 -23.29
C ILE D 35 11.58 -18.58 -23.64
N ALA D 36 12.89 -18.39 -23.79
CA ALA D 36 13.44 -17.14 -24.30
C ALA D 36 14.22 -17.40 -25.61
N HIS D 37 13.86 -16.66 -26.65
CA HIS D 37 14.48 -16.83 -27.96
C HIS D 37 15.69 -15.93 -28.14
N ASN D 38 15.92 -15.04 -27.17
CA ASN D 38 17.07 -14.12 -27.23
C ASN D 38 17.65 -13.82 -25.86
N GLY D 39 18.83 -13.23 -25.87
CA GLY D 39 19.57 -12.92 -24.65
C GLY D 39 18.84 -11.99 -23.70
N PHE D 40 18.24 -10.93 -24.23
CA PHE D 40 17.53 -9.94 -23.42
C PHE D 40 16.34 -10.56 -22.71
N ASP D 41 15.51 -11.29 -23.45
CA ASP D 41 14.37 -12.01 -22.88
C ASP D 41 14.81 -12.95 -21.74
N ALA D 42 15.90 -13.68 -21.97
CA ALA D 42 16.47 -14.58 -20.95
C ALA D 42 16.91 -13.79 -19.73
N GLY D 43 17.56 -12.66 -19.97
CA GLY D 43 18.01 -11.75 -18.90
C GLY D 43 16.87 -11.26 -18.03
N ILE D 44 15.76 -10.86 -18.65
CA ILE D 44 14.56 -10.39 -17.94
C ILE D 44 13.88 -11.53 -17.18
N LYS D 45 13.62 -12.62 -17.90
CA LYS D 45 12.90 -13.76 -17.34
C LYS D 45 13.62 -14.45 -16.19
N LEU D 46 14.90 -14.17 -16.02
CA LEU D 46 15.62 -14.61 -14.84
C LEU D 46 15.10 -13.94 -13.57
N SER D 47 14.80 -12.65 -13.64
CA SER D 47 14.15 -11.93 -12.54
C SER D 47 12.65 -12.24 -12.47
N THR D 48 12.00 -12.24 -13.63
CA THR D 48 10.55 -12.43 -13.72
C THR D 48 10.10 -13.83 -13.29
N PHE D 49 10.75 -14.86 -13.84
CA PHE D 49 10.34 -16.25 -13.65
C PHE D 49 11.04 -16.90 -12.47
N GLU D 50 12.26 -16.45 -12.17
CA GLU D 50 13.18 -17.08 -11.19
C GLU D 50 13.28 -18.62 -11.29
N PRO D 51 13.82 -19.13 -12.43
CA PRO D 51 13.95 -20.57 -12.57
C PRO D 51 15.01 -21.20 -11.65
N ALA D 52 14.80 -22.46 -11.30
CA ALA D 52 15.83 -23.26 -10.64
C ALA D 52 16.93 -23.63 -11.62
N ILE D 53 16.56 -23.85 -12.88
CA ILE D 53 17.50 -24.34 -13.88
C ILE D 53 17.30 -23.49 -15.15
N MET D 54 18.39 -23.18 -15.84
CA MET D 54 18.35 -22.57 -17.18
C MET D 54 19.04 -23.49 -18.20
N THR D 55 18.34 -23.87 -19.27
CA THR D 55 19.04 -24.50 -20.38
C THR D 55 19.50 -23.43 -21.36
N LEU D 56 20.72 -23.56 -21.86
CA LEU D 56 21.36 -22.52 -22.67
C LEU D 56 21.99 -23.11 -23.92
N ASP D 57 21.39 -22.83 -25.08
CA ASP D 57 21.90 -23.32 -26.34
C ASP D 57 23.11 -22.51 -26.82
N LEU D 58 24.19 -23.21 -27.20
CA LEU D 58 25.43 -22.59 -27.65
C LEU D 58 25.51 -22.36 -29.17
N SER D 59 24.42 -22.64 -29.89
CA SER D 59 24.41 -22.48 -31.34
C SER D 59 23.59 -21.29 -31.83
N MET D 60 23.27 -20.39 -30.90
CA MET D 60 22.50 -19.18 -31.21
C MET D 60 23.43 -18.15 -31.85
N PRO D 61 23.00 -17.55 -32.99
CA PRO D 61 23.85 -16.61 -33.73
C PRO D 61 24.11 -15.28 -33.03
N LYS D 62 23.18 -14.82 -32.20
CA LYS D 62 23.29 -13.49 -31.58
C LYS D 62 23.50 -13.55 -30.07
N LEU D 63 23.68 -14.76 -29.55
CA LEU D 63 23.94 -14.93 -28.13
C LEU D 63 25.16 -15.81 -27.93
N ASP D 64 26.12 -15.30 -27.18
CA ASP D 64 27.32 -16.01 -26.84
C ASP D 64 27.11 -16.55 -25.45
N GLY D 65 27.04 -17.88 -25.32
CA GLY D 65 26.82 -18.57 -24.04
C GLY D 65 27.82 -18.19 -22.95
N LEU D 66 29.06 -17.93 -23.36
CA LEU D 66 30.11 -17.44 -22.47
C LEU D 66 29.76 -16.09 -21.84
N ASP D 67 29.07 -15.23 -22.60
CA ASP D 67 28.61 -13.93 -22.08
C ASP D 67 27.61 -14.09 -20.95
N VAL D 68 26.73 -15.10 -21.07
CA VAL D 68 25.71 -15.36 -20.06
C VAL D 68 26.31 -15.73 -18.70
N ILE D 69 27.30 -16.61 -18.74
CA ILE D 69 27.97 -17.12 -17.54
C ILE D 69 28.82 -16.03 -16.91
N ARG D 70 29.56 -15.30 -17.75
CA ARG D 70 30.38 -14.18 -17.30
C ARG D 70 29.56 -13.04 -16.71
N SER D 71 28.35 -12.81 -17.24
CA SER D 71 27.46 -11.74 -16.75
CA SER D 71 27.46 -11.75 -16.75
C SER D 71 26.92 -12.05 -15.36
N LEU D 72 26.55 -13.30 -15.11
CA LEU D 72 26.06 -13.73 -13.80
C LEU D 72 27.14 -13.58 -12.73
N ARG D 73 28.38 -13.90 -13.12
CA ARG D 73 29.55 -13.72 -12.26
C ARG D 73 29.90 -12.25 -12.02
N GLN D 74 30.04 -11.49 -13.11
CA GLN D 74 30.41 -10.06 -13.03
C GLN D 74 29.38 -9.20 -12.30
N ASN D 75 28.10 -9.54 -12.45
CA ASN D 75 27.02 -8.82 -11.75
C ASN D 75 26.70 -9.39 -10.37
N LYS D 76 27.41 -10.44 -9.97
CA LYS D 76 27.32 -11.08 -8.65
C LYS D 76 25.89 -11.45 -8.21
N VAL D 77 25.15 -12.08 -9.12
CA VAL D 77 23.73 -12.38 -8.95
C VAL D 77 23.50 -13.41 -7.85
N ALA D 78 22.53 -13.15 -6.98
CA ALA D 78 22.12 -14.10 -5.95
C ALA D 78 21.10 -15.11 -6.49
N ASN D 79 21.09 -16.30 -5.89
CA ASN D 79 20.20 -17.42 -6.28
C ASN D 79 20.17 -17.70 -7.79
N GLN D 80 21.36 -17.81 -8.37
CA GLN D 80 21.50 -18.07 -9.80
C GLN D 80 20.92 -19.44 -10.10
N PRO D 81 20.34 -19.63 -11.30
CA PRO D 81 19.92 -20.97 -11.63
C PRO D 81 21.14 -21.84 -11.95
N LYS D 82 20.95 -23.16 -11.93
CA LYS D 82 21.99 -24.05 -12.43
C LYS D 82 21.90 -24.05 -13.94
N ILE D 83 23.04 -24.05 -14.60
CA ILE D 83 23.06 -23.85 -16.04
C ILE D 83 23.43 -25.12 -16.78
N LEU D 84 22.52 -25.55 -17.64
CA LEU D 84 22.73 -26.69 -18.51
C LEU D 84 22.96 -26.17 -19.92
N VAL D 85 24.19 -26.36 -20.38
CA VAL D 85 24.63 -25.82 -21.64
C VAL D 85 24.41 -26.89 -22.73
N VAL D 86 23.79 -26.49 -23.85
CA VAL D 86 23.48 -27.41 -24.95
C VAL D 86 24.47 -27.14 -26.09
N SER D 87 25.24 -28.17 -26.41
CA SER D 87 26.39 -28.03 -27.28
C SER D 87 26.00 -27.98 -28.74
N GLY D 88 26.72 -27.14 -29.49
CA GLY D 88 26.63 -27.17 -30.94
C GLY D 88 27.74 -27.98 -31.57
N LEU D 89 28.07 -27.64 -32.81
CA LEU D 89 29.19 -28.23 -33.53
C LEU D 89 30.54 -27.80 -32.93
N ASP D 90 30.61 -26.54 -32.48
CA ASP D 90 31.85 -25.97 -31.93
C ASP D 90 32.13 -26.51 -30.54
N LYS D 91 32.96 -27.55 -30.48
CA LYS D 91 33.26 -28.23 -29.22
C LYS D 91 34.26 -27.49 -28.33
N ALA D 92 35.01 -26.56 -28.93
CA ALA D 92 35.91 -25.68 -28.18
C ALA D 92 35.10 -24.69 -27.36
N LYS D 93 34.00 -24.21 -27.94
CA LYS D 93 33.02 -23.37 -27.26
C LYS D 93 32.39 -24.09 -26.07
N LEU D 94 32.08 -25.37 -26.26
CA LEU D 94 31.49 -26.19 -25.21
C LEU D 94 32.40 -26.29 -24.01
N GLN D 95 33.66 -26.61 -24.28
CA GLN D 95 34.66 -26.81 -23.26
C GLN D 95 34.86 -25.55 -22.42
N GLN D 96 34.94 -24.41 -23.10
CA GLN D 96 35.14 -23.11 -22.46
C GLN D 96 34.00 -22.76 -21.50
N ALA D 97 32.76 -22.99 -21.95
CA ALA D 97 31.57 -22.77 -21.14
C ALA D 97 31.54 -23.68 -19.91
N VAL D 98 31.93 -24.94 -20.11
CA VAL D 98 31.98 -25.94 -19.05
C VAL D 98 33.03 -25.59 -17.98
N THR D 99 34.27 -25.32 -18.41
CA THR D 99 35.36 -24.97 -17.49
C THR D 99 35.09 -23.66 -16.74
N GLU D 100 34.47 -22.69 -17.41
CA GLU D 100 34.08 -21.42 -16.79
C GLU D 100 32.84 -21.51 -15.89
N GLY D 101 32.35 -22.71 -15.63
CA GLY D 101 31.39 -22.91 -14.54
C GLY D 101 29.95 -23.23 -14.89
N ALA D 102 29.69 -23.64 -16.13
CA ALA D 102 28.40 -24.24 -16.46
C ALA D 102 28.27 -25.53 -15.67
N ASP D 103 27.08 -25.79 -15.15
CA ASP D 103 26.89 -26.84 -14.17
C ASP D 103 26.81 -28.26 -14.75
N ASP D 104 26.45 -28.35 -16.02
CA ASP D 104 26.49 -29.62 -16.75
C ASP D 104 26.30 -29.28 -18.22
N TYR D 105 26.50 -30.28 -19.07
CA TYR D 105 26.40 -30.11 -20.51
C TYR D 105 25.57 -31.22 -21.13
N LEU D 106 25.03 -30.90 -22.30
CA LEU D 106 24.34 -31.86 -23.15
C LEU D 106 24.85 -31.65 -24.56
N GLU D 107 25.09 -32.75 -25.28
CA GLU D 107 25.50 -32.66 -26.68
C GLU D 107 24.33 -33.01 -27.60
N LYS D 108 24.26 -32.29 -28.72
CA LYS D 108 23.14 -32.35 -29.65
C LYS D 108 23.59 -33.13 -30.88
N PRO D 109 22.75 -34.07 -31.39
CA PRO D 109 21.43 -34.50 -30.92
C PRO D 109 21.48 -35.41 -29.69
N PHE D 110 20.44 -35.32 -28.86
CA PHE D 110 20.30 -36.10 -27.64
C PHE D 110 18.88 -36.64 -27.55
N ASP D 111 18.64 -37.63 -26.69
CA ASP D 111 17.31 -38.16 -26.50
C ASP D 111 16.70 -37.75 -25.15
N ASN D 112 15.42 -38.02 -24.99
CA ASN D 112 14.63 -37.61 -23.84
C ASN D 112 15.23 -38.03 -22.50
N ASP D 113 15.76 -39.25 -22.46
CA ASP D 113 16.36 -39.84 -21.27
C ASP D 113 17.61 -39.10 -20.83
N ALA D 114 18.48 -38.75 -21.79
CA ALA D 114 19.72 -38.02 -21.53
C ALA D 114 19.48 -36.62 -20.97
N LEU D 115 18.45 -35.94 -21.51
CA LEU D 115 18.04 -34.62 -21.00
C LEU D 115 17.59 -34.73 -19.54
N LEU D 116 16.70 -35.67 -19.26
CA LEU D 116 16.18 -35.87 -17.90
C LEU D 116 17.26 -36.28 -16.90
N ASP D 117 18.24 -37.06 -17.36
CA ASP D 117 19.37 -37.46 -16.53
C ASP D 117 20.20 -36.25 -16.10
N ARG D 118 20.46 -35.33 -17.03
CA ARG D 118 21.22 -34.10 -16.73
C ARG D 118 20.45 -33.19 -15.78
N ILE D 119 19.15 -33.08 -16.01
CA ILE D 119 18.27 -32.28 -15.16
C ILE D 119 18.24 -32.82 -13.73
N HIS D 120 18.02 -34.13 -13.59
CA HIS D 120 17.99 -34.77 -12.28
C HIS D 120 19.33 -34.77 -11.55
N ASP D 121 20.43 -34.88 -12.31
CA ASP D 121 21.78 -34.75 -11.74
C ASP D 121 22.06 -33.34 -11.23
N LEU D 122 21.42 -32.36 -11.85
CA LEU D 122 21.61 -30.96 -11.51
C LEU D 122 20.97 -30.65 -10.15
N VAL D 123 19.80 -31.25 -9.90
CA VAL D 123 19.11 -31.06 -8.63
C VAL D 123 19.56 -32.02 -7.53
N ASN D 124 20.07 -33.19 -7.91
CA ASN D 124 20.62 -34.15 -6.95
C ASN D 124 22.14 -34.01 -6.81
N SER E 2 -8.99 -6.45 86.25
CA SER E 2 -8.02 -6.47 85.13
C SER E 2 -7.96 -5.12 84.42
N LEU E 3 -6.80 -4.47 84.44
CA LEU E 3 -6.59 -3.20 83.73
C LEU E 3 -6.09 -3.45 82.32
N LYS E 4 -6.60 -2.68 81.38
CA LYS E 4 -6.24 -2.81 79.98
C LYS E 4 -5.88 -1.46 79.36
N GLN E 5 -5.09 -1.50 78.29
CA GLN E 5 -4.73 -0.30 77.57
C GLN E 5 -5.77 -0.03 76.50
N SER E 6 -5.70 1.16 75.90
CA SER E 6 -6.60 1.54 74.79
C SER E 6 -6.51 0.47 73.72
N LYS E 7 -7.65 0.10 73.14
CA LYS E 7 -7.72 -1.03 72.23
C LYS E 7 -6.93 -0.76 70.94
N ARG E 8 -6.36 -1.83 70.42
CA ARG E 8 -5.30 -1.74 69.42
C ARG E 8 -5.88 -2.06 68.06
N ILE E 9 -5.51 -1.25 67.07
CA ILE E 9 -5.98 -1.49 65.71
CA ILE E 9 -6.01 -1.38 65.68
C ILE E 9 -4.85 -1.53 64.69
N LEU E 10 -4.85 -2.59 63.90
CA LEU E 10 -3.89 -2.75 62.84
C LEU E 10 -4.52 -2.36 61.50
N VAL E 11 -3.95 -1.35 60.86
CA VAL E 11 -4.44 -0.83 59.59
C VAL E 11 -3.61 -1.46 58.49
N VAL E 12 -4.24 -2.21 57.58
CA VAL E 12 -3.52 -2.86 56.49
C VAL E 12 -3.91 -2.20 55.17
N ASP E 13 -2.96 -1.51 54.56
CA ASP E 13 -3.14 -0.77 53.30
C ASP E 13 -1.76 -0.49 52.73
N ASP E 14 -1.57 -0.73 51.44
CA ASP E 14 -0.33 -0.34 50.77
C ASP E 14 -0.27 1.17 50.53
N ASP E 15 -1.45 1.80 50.49
CA ASP E 15 -1.59 3.24 50.28
C ASP E 15 -1.22 3.94 51.59
N GLN E 16 0.01 4.46 51.63
CA GLN E 16 0.57 5.07 52.83
C GLN E 16 -0.18 6.33 53.23
N ALA E 17 -0.63 7.08 52.22
CA ALA E 17 -1.39 8.31 52.43
C ALA E 17 -2.75 8.05 53.09
N MET E 18 -3.47 7.05 52.57
CA MET E 18 -4.74 6.62 53.15
C MET E 18 -4.57 6.07 54.56
N ALA E 19 -3.55 5.23 54.75
CA ALA E 19 -3.30 4.61 56.04
C ALA E 19 -2.91 5.61 57.11
N ALA E 20 -2.16 6.64 56.73
CA ALA E 20 -1.81 7.73 57.64
C ALA E 20 -3.05 8.54 57.99
N ALA E 21 -3.90 8.79 56.99
CA ALA E 21 -5.16 9.51 57.19
C ALA E 21 -6.10 8.75 58.14
N ILE E 22 -6.27 7.45 57.88
CA ILE E 22 -7.02 6.55 58.74
C ILE E 22 -6.47 6.54 60.17
N GLU E 23 -5.14 6.44 60.28
CA GLU E 23 -4.43 6.44 61.57
C GLU E 23 -4.72 7.70 62.39
N ARG E 24 -4.73 8.86 61.73
CA ARG E 24 -4.96 10.13 62.40
C ARG E 24 -6.36 10.19 63.01
N VAL E 25 -7.35 9.67 62.29
CA VAL E 25 -8.74 9.61 62.75
C VAL E 25 -8.88 8.76 64.00
N LEU E 26 -8.24 7.58 63.99
CA LEU E 26 -8.31 6.61 65.07
C LEU E 26 -7.57 7.04 66.33
N LYS E 27 -6.40 7.65 66.18
CA LYS E 27 -5.61 8.17 67.32
C LYS E 27 -6.33 9.32 68.03
N ARG E 28 -7.03 10.14 67.24
CA ARG E 28 -7.93 11.17 67.78
C ARG E 28 -9.07 10.58 68.61
N ASP E 29 -9.54 9.38 68.25
CA ASP E 29 -10.55 8.69 69.03
C ASP E 29 -9.95 7.72 70.07
N HIS E 30 -8.69 7.97 70.45
CA HIS E 30 -7.98 7.22 71.49
C HIS E 30 -7.83 5.72 71.23
N TRP E 31 -7.62 5.35 69.97
CA TRP E 31 -7.21 3.99 69.62
C TRP E 31 -5.69 3.94 69.45
N GLN E 32 -5.10 2.78 69.72
CA GLN E 32 -3.69 2.56 69.41
C GLN E 32 -3.60 1.99 68.01
N VAL E 33 -2.76 2.59 67.18
CA VAL E 33 -2.64 2.21 65.78
C VAL E 33 -1.24 1.72 65.40
N GLU E 34 -1.19 0.67 64.57
CA GLU E 34 -0.02 0.31 63.79
C GLU E 34 -0.47 0.12 62.35
N ILE E 35 0.44 0.39 61.42
CA ILE E 35 0.20 0.23 59.97
C ILE E 35 1.09 -0.88 59.39
N ALA E 36 0.54 -1.66 58.46
CA ALA E 36 1.32 -2.61 57.67
C ALA E 36 0.96 -2.46 56.20
N HIS E 37 1.97 -2.38 55.35
CA HIS E 37 1.80 -2.15 53.90
C HIS E 37 1.82 -3.43 53.07
N ASN E 38 2.23 -4.52 53.70
CA ASN E 38 2.37 -5.80 53.00
C ASN E 38 1.91 -6.94 53.91
N GLY E 39 1.74 -8.12 53.29
CA GLY E 39 1.25 -9.31 53.99
C GLY E 39 2.14 -9.77 55.12
N PHE E 40 3.45 -9.84 54.88
CA PHE E 40 4.39 -10.28 55.92
C PHE E 40 4.31 -9.41 57.17
N ASP E 41 4.35 -8.10 56.97
CA ASP E 41 4.35 -7.14 58.08
C ASP E 41 3.03 -7.22 58.87
N ALA E 42 1.93 -7.43 58.15
CA ALA E 42 0.62 -7.64 58.75
C ALA E 42 0.60 -8.92 59.58
N GLY E 43 1.10 -10.02 59.01
CA GLY E 43 1.18 -11.30 59.70
C GLY E 43 2.03 -11.22 60.97
N ILE E 44 3.11 -10.47 60.88
CA ILE E 44 4.01 -10.24 62.00
C ILE E 44 3.34 -9.41 63.09
N LYS E 45 2.74 -8.28 62.71
CA LYS E 45 2.09 -7.39 63.66
CA LYS E 45 2.10 -7.38 63.67
C LYS E 45 0.90 -8.02 64.37
N LEU E 46 0.29 -9.00 63.72
CA LEU E 46 -0.80 -9.79 64.31
C LEU E 46 -0.37 -10.45 65.62
N SER E 47 0.90 -10.85 65.69
CA SER E 47 1.48 -11.46 66.89
CA SER E 47 1.47 -11.46 66.89
C SER E 47 2.16 -10.44 67.81
N THR E 48 2.92 -9.52 67.22
CA THR E 48 3.70 -8.56 68.00
C THR E 48 2.88 -7.40 68.59
N PHE E 49 1.83 -6.98 67.89
CA PHE E 49 0.97 -5.86 68.32
C PHE E 49 -0.31 -6.40 68.96
N GLU E 50 -0.74 -7.57 68.50
CA GLU E 50 -2.00 -8.21 68.92
C GLU E 50 -3.19 -7.24 68.89
N PRO E 51 -3.64 -6.85 67.69
CA PRO E 51 -4.73 -5.89 67.63
C PRO E 51 -6.08 -6.51 67.97
N ALA E 52 -7.00 -5.70 68.47
CA ALA E 52 -8.38 -6.14 68.66
C ALA E 52 -9.10 -6.13 67.31
N ILE E 53 -8.66 -5.24 66.43
CA ILE E 53 -9.25 -5.07 65.10
C ILE E 53 -8.17 -4.94 64.02
N MET E 54 -8.30 -5.69 62.92
CA MET E 54 -7.51 -5.44 61.73
C MET E 54 -8.42 -4.84 60.64
N THR E 55 -8.03 -3.70 60.06
CA THR E 55 -8.72 -3.19 58.90
C THR E 55 -7.95 -3.66 57.69
N LEU E 56 -8.65 -4.10 56.66
CA LEU E 56 -8.01 -4.77 55.53
C LEU E 56 -8.58 -4.23 54.23
N ASP E 57 -7.72 -3.55 53.48
CA ASP E 57 -8.11 -2.97 52.22
C ASP E 57 -8.15 -4.08 51.19
N LEU E 58 -9.22 -4.12 50.41
CA LEU E 58 -9.44 -5.19 49.45
C LEU E 58 -8.91 -4.90 48.04
N SER E 59 -8.27 -3.75 47.88
CA SER E 59 -7.74 -3.33 46.59
C SER E 59 -6.22 -3.14 46.61
N MET E 60 -5.54 -3.95 47.42
CA MET E 60 -4.08 -3.96 47.48
C MET E 60 -3.57 -4.92 46.41
N PRO E 61 -2.82 -4.39 45.41
CA PRO E 61 -2.41 -5.26 44.29
C PRO E 61 -1.42 -6.38 44.68
N LYS E 62 -0.67 -6.20 45.78
CA LYS E 62 0.29 -7.21 46.20
C LYS E 62 -0.19 -7.97 47.45
N LEU E 63 -1.48 -7.83 47.74
CA LEU E 63 -2.11 -8.54 48.85
C LEU E 63 -3.55 -8.91 48.57
N ASP E 64 -3.79 -10.20 48.38
CA ASP E 64 -5.14 -10.73 48.21
C ASP E 64 -5.76 -10.82 49.60
N GLY E 65 -6.77 -9.99 49.83
CA GLY E 65 -7.46 -9.92 51.14
C GLY E 65 -8.23 -11.20 51.46
N LEU E 66 -8.75 -11.84 50.41
CA LEU E 66 -9.46 -13.11 50.52
C LEU E 66 -8.57 -14.21 51.07
N ASP E 67 -7.33 -14.27 50.58
CA ASP E 67 -6.32 -15.21 51.09
C ASP E 67 -5.94 -14.89 52.53
N VAL E 68 -5.88 -13.60 52.87
CA VAL E 68 -5.58 -13.16 54.25
C VAL E 68 -6.63 -13.65 55.24
N ILE E 69 -7.91 -13.43 54.91
CA ILE E 69 -9.03 -13.85 55.76
C ILE E 69 -9.07 -15.37 55.89
N ARG E 70 -8.91 -16.06 54.75
CA ARG E 70 -8.87 -17.53 54.71
C ARG E 70 -7.74 -18.10 55.57
N SER E 71 -6.56 -17.49 55.47
CA SER E 71 -5.38 -17.96 56.20
C SER E 71 -5.48 -17.66 57.69
N LEU E 72 -6.06 -16.54 58.04
CA LEU E 72 -6.19 -16.13 59.44
C LEU E 72 -7.22 -17.00 60.16
N ARG E 73 -8.37 -17.17 59.54
CA ARG E 73 -9.49 -17.90 60.14
C ARG E 73 -9.26 -19.41 60.25
N GLN E 74 -8.28 -19.93 59.51
CA GLN E 74 -7.99 -21.37 59.51
C GLN E 74 -6.58 -21.77 60.00
N ASN E 75 -5.78 -20.82 60.47
CA ASN E 75 -4.42 -21.14 60.95
C ASN E 75 -4.22 -21.07 62.46
N LYS E 76 -5.30 -21.24 63.21
CA LYS E 76 -5.29 -21.34 64.68
C LYS E 76 -4.50 -20.22 65.39
N VAL E 77 -4.68 -18.99 64.90
CA VAL E 77 -3.94 -17.83 65.42
C VAL E 77 -4.56 -17.38 66.74
N ALA E 78 -3.72 -17.30 67.78
CA ALA E 78 -4.15 -16.93 69.13
C ALA E 78 -4.70 -15.51 69.20
N ASN E 79 -5.89 -15.38 69.80
CA ASN E 79 -6.63 -14.12 69.96
C ASN E 79 -6.82 -13.37 68.64
N GLN E 80 -7.54 -14.01 67.72
CA GLN E 80 -7.84 -13.46 66.41
C GLN E 80 -8.61 -12.14 66.50
N PRO E 81 -8.16 -11.12 65.75
CA PRO E 81 -8.83 -9.82 65.77
C PRO E 81 -10.13 -9.83 64.98
N LYS E 82 -10.96 -8.82 65.21
CA LYS E 82 -12.10 -8.57 64.34
C LYS E 82 -11.56 -8.01 63.03
N ILE E 83 -12.16 -8.41 61.91
CA ILE E 83 -11.71 -7.98 60.59
C ILE E 83 -12.70 -7.02 59.94
N LEU E 84 -12.24 -5.79 59.72
CA LEU E 84 -13.01 -4.75 59.08
C LEU E 84 -12.51 -4.62 57.66
N VAL E 85 -13.36 -4.93 56.71
CA VAL E 85 -12.93 -4.99 55.33
C VAL E 85 -13.23 -3.63 54.64
N VAL E 86 -12.26 -3.08 53.90
CA VAL E 86 -12.48 -1.81 53.19
C VAL E 86 -12.70 -2.12 51.73
N SER E 87 -13.94 -1.94 51.27
CA SER E 87 -14.36 -2.55 50.03
C SER E 87 -14.43 -1.60 48.84
N GLY E 88 -15.47 -0.78 48.83
CA GLY E 88 -15.78 0.04 47.65
C GLY E 88 -16.36 -0.73 46.48
N LEU E 89 -15.53 -0.92 45.46
CA LEU E 89 -15.99 -1.23 44.11
C LEU E 89 -16.48 -2.66 43.80
N ASP E 90 -15.62 -3.65 44.05
CA ASP E 90 -15.89 -5.06 43.71
C ASP E 90 -16.91 -5.68 44.66
N LYS E 91 -18.15 -5.81 44.20
CA LYS E 91 -19.22 -6.37 45.03
C LYS E 91 -19.08 -7.89 45.24
N ALA E 92 -18.70 -8.61 44.19
CA ALA E 92 -18.41 -10.04 44.27
C ALA E 92 -17.32 -10.36 45.31
N LYS E 93 -16.25 -9.56 45.33
CA LYS E 93 -15.15 -9.85 46.24
C LYS E 93 -15.47 -9.45 47.69
N LEU E 94 -16.30 -8.41 47.86
CA LEU E 94 -16.84 -8.05 49.18
C LEU E 94 -17.67 -9.20 49.78
N GLN E 95 -18.57 -9.77 48.99
CA GLN E 95 -19.43 -10.87 49.46
C GLN E 95 -18.62 -12.12 49.78
N GLN E 96 -17.58 -12.36 48.98
CA GLN E 96 -16.64 -13.46 49.22
C GLN E 96 -15.81 -13.21 50.48
N ALA E 97 -15.48 -11.95 50.76
CA ALA E 97 -14.75 -11.55 51.96
C ALA E 97 -15.56 -11.82 53.23
N VAL E 98 -16.86 -11.55 53.16
CA VAL E 98 -17.80 -11.91 54.22
C VAL E 98 -17.94 -13.45 54.36
N THR E 99 -18.04 -14.15 53.22
CA THR E 99 -18.11 -15.62 53.20
C THR E 99 -16.86 -16.26 53.82
N GLU E 100 -15.71 -15.64 53.56
CA GLU E 100 -14.45 -16.10 54.10
C GLU E 100 -14.29 -15.80 55.61
N GLY E 101 -15.01 -14.80 56.10
CA GLY E 101 -14.97 -14.49 57.54
C GLY E 101 -14.70 -13.05 57.97
N ALA E 102 -14.95 -12.08 57.09
CA ALA E 102 -14.90 -10.66 57.47
C ALA E 102 -16.03 -10.34 58.44
N ASP E 103 -15.73 -9.53 59.45
CA ASP E 103 -16.69 -9.22 60.50
C ASP E 103 -17.63 -8.07 60.15
N ASP E 104 -17.05 -6.97 59.67
CA ASP E 104 -17.83 -5.88 59.10
C ASP E 104 -17.15 -5.37 57.83
N TYR E 105 -17.75 -4.34 57.21
CA TYR E 105 -17.20 -3.72 56.01
C TYR E 105 -17.42 -2.21 56.02
N LEU E 106 -16.62 -1.53 55.20
CA LEU E 106 -16.83 -0.15 54.80
C LEU E 106 -16.84 -0.14 53.27
N GLU E 107 -17.79 0.57 52.69
CA GLU E 107 -17.80 0.80 51.24
C GLU E 107 -17.37 2.23 50.94
N LYS E 108 -16.48 2.37 49.96
CA LYS E 108 -16.09 3.70 49.46
C LYS E 108 -17.26 4.32 48.67
N PRO E 109 -17.55 5.61 48.89
CA PRO E 109 -16.89 6.54 49.82
C PRO E 109 -17.40 6.40 51.26
N PHE E 110 -16.48 6.35 52.21
CA PHE E 110 -16.86 6.19 53.60
C PHE E 110 -16.45 7.36 54.51
N ASP E 111 -17.37 7.76 55.33
CA ASP E 111 -17.30 8.83 56.27
C ASP E 111 -16.37 8.53 57.45
N ASN E 112 -15.73 9.53 58.03
CA ASN E 112 -14.96 9.35 59.28
C ASN E 112 -15.86 8.97 60.46
N ASP E 113 -17.10 9.44 60.43
CA ASP E 113 -18.15 8.99 61.35
C ASP E 113 -18.46 7.51 61.16
N ALA E 114 -18.54 7.08 59.90
CA ALA E 114 -18.77 5.67 59.56
C ALA E 114 -17.62 4.79 60.03
N LEU E 115 -16.39 5.20 59.76
CA LEU E 115 -15.20 4.48 60.20
C LEU E 115 -15.22 4.25 61.71
N LEU E 116 -15.49 5.30 62.48
CA LEU E 116 -15.58 5.22 63.93
C LEU E 116 -16.77 4.39 64.42
N ASP E 117 -17.89 4.48 63.71
CA ASP E 117 -19.08 3.68 64.04
C ASP E 117 -18.83 2.17 63.89
N ARG E 118 -18.19 1.78 62.78
CA ARG E 118 -17.85 0.36 62.54
CA ARG E 118 -17.85 0.37 62.53
C ARG E 118 -16.89 -0.15 63.60
N ILE E 119 -15.91 0.69 63.96
CA ILE E 119 -14.88 0.33 64.94
C ILE E 119 -15.50 0.10 66.33
N HIS E 120 -16.27 1.07 66.80
CA HIS E 120 -16.99 0.97 68.08
C HIS E 120 -17.95 -0.22 68.13
N ASP E 121 -18.66 -0.48 67.03
CA ASP E 121 -19.55 -1.63 66.93
C ASP E 121 -18.83 -2.98 67.05
N LEU E 122 -17.58 -3.01 66.59
CA LEU E 122 -16.79 -4.24 66.58
C LEU E 122 -16.21 -4.61 67.95
N VAL E 123 -15.69 -3.62 68.67
CA VAL E 123 -15.21 -3.85 70.05
C VAL E 123 -16.33 -4.05 71.07
N ASN E 124 -17.56 -3.68 70.69
CA ASN E 124 -18.73 -3.84 71.55
C ASN E 124 -19.80 -4.72 70.92
N SER F 2 5.69 -34.02 65.85
CA SER F 2 6.47 -32.77 65.55
C SER F 2 7.83 -32.76 66.24
N LEU F 3 8.86 -32.33 65.51
CA LEU F 3 10.23 -32.23 66.06
C LEU F 3 10.40 -31.01 66.95
N LYS F 4 11.48 -31.04 67.74
CA LYS F 4 12.00 -29.92 68.53
C LYS F 4 12.07 -28.65 67.67
N GLN F 5 11.77 -27.48 68.26
CA GLN F 5 11.77 -26.22 67.47
C GLN F 5 13.11 -25.87 66.82
N SER F 6 14.22 -26.31 67.43
CA SER F 6 15.57 -26.11 66.86
C SER F 6 15.83 -26.94 65.58
N LYS F 7 14.92 -27.84 65.24
CA LYS F 7 15.01 -28.62 64.01
C LYS F 7 13.89 -28.30 63.01
N ARG F 8 13.32 -27.10 63.11
CA ARG F 8 12.23 -26.67 62.24
C ARG F 8 12.66 -25.57 61.27
N ILE F 9 12.35 -25.74 59.99
CA ILE F 9 12.70 -24.77 58.98
C ILE F 9 11.42 -24.34 58.26
N LEU F 10 11.25 -23.03 58.10
CA LEU F 10 10.17 -22.50 57.26
C LEU F 10 10.71 -22.13 55.88
N VAL F 11 10.19 -22.78 54.85
CA VAL F 11 10.60 -22.51 53.48
C VAL F 11 9.59 -21.55 52.84
N VAL F 12 10.05 -20.35 52.46
CA VAL F 12 9.17 -19.33 51.87
C VAL F 12 9.49 -19.17 50.38
N ASP F 13 8.53 -19.57 49.56
CA ASP F 13 8.66 -19.55 48.11
C ASP F 13 7.26 -19.78 47.53
N ASP F 14 6.91 -18.98 46.52
CA ASP F 14 5.66 -19.14 45.80
C ASP F 14 5.81 -20.21 44.71
N ASP F 15 7.06 -20.50 44.34
CA ASP F 15 7.37 -21.58 43.41
C ASP F 15 7.14 -22.85 44.18
N GLN F 16 6.11 -23.60 43.81
CA GLN F 16 5.69 -24.79 44.54
C GLN F 16 6.65 -25.96 44.34
N ALA F 17 7.09 -26.16 43.10
CA ALA F 17 8.07 -27.22 42.80
C ALA F 17 9.45 -26.98 43.45
N MET F 18 9.91 -25.72 43.48
CA MET F 18 11.17 -25.38 44.16
C MET F 18 11.07 -25.58 45.66
N ALA F 19 9.98 -25.09 46.25
CA ALA F 19 9.75 -25.21 47.69
C ALA F 19 9.75 -26.68 48.13
N ALA F 20 9.05 -27.51 47.37
CA ALA F 20 9.00 -28.96 47.61
C ALA F 20 10.36 -29.66 47.43
N ALA F 21 11.18 -29.16 46.51
CA ALA F 21 12.54 -29.69 46.32
C ALA F 21 13.47 -29.32 47.48
N ILE F 22 13.33 -28.09 47.99
CA ILE F 22 14.05 -27.66 49.18
C ILE F 22 13.61 -28.48 50.39
N GLU F 23 12.29 -28.58 50.59
CA GLU F 23 11.64 -29.36 51.64
C GLU F 23 12.09 -30.84 51.69
N ARG F 24 12.15 -31.47 50.51
CA ARG F 24 12.54 -32.88 50.40
C ARG F 24 13.97 -33.12 50.88
N VAL F 25 14.86 -32.18 50.56
CA VAL F 25 16.27 -32.26 50.97
C VAL F 25 16.45 -32.06 52.49
N LEU F 26 15.70 -31.10 53.04
CA LEU F 26 15.79 -30.81 54.47
C LEU F 26 15.21 -31.92 55.34
N LYS F 27 14.06 -32.47 54.93
CA LYS F 27 13.45 -33.56 55.66
CA LYS F 27 13.43 -33.59 55.62
C LYS F 27 14.39 -34.76 55.70
N ARG F 28 14.99 -35.09 54.55
CA ARG F 28 16.00 -36.15 54.48
C ARG F 28 17.23 -35.86 55.36
N ASP F 29 17.50 -34.58 55.63
CA ASP F 29 18.57 -34.20 56.57
C ASP F 29 18.10 -34.02 58.02
N HIS F 30 16.90 -34.52 58.35
CA HIS F 30 16.39 -34.54 59.75
C HIS F 30 15.86 -33.17 60.23
N TRP F 31 15.26 -32.43 59.30
CA TRP F 31 14.57 -31.18 59.63
C TRP F 31 13.07 -31.37 59.43
N GLN F 32 12.24 -30.74 60.25
CA GLN F 32 10.80 -30.66 59.97
C GLN F 32 10.51 -29.37 59.22
N VAL F 33 9.74 -29.48 58.12
CA VAL F 33 9.58 -28.36 57.21
C VAL F 33 8.11 -27.92 57.07
N GLU F 34 7.90 -26.62 57.11
CA GLU F 34 6.66 -26.02 56.64
C GLU F 34 6.91 -25.04 55.51
N ILE F 35 5.97 -24.98 54.59
CA ILE F 35 6.09 -24.15 53.40
C ILE F 35 5.04 -23.02 53.47
N ALA F 36 5.47 -21.78 53.16
CA ALA F 36 4.54 -20.67 52.92
C ALA F 36 4.74 -20.11 51.52
N HIS F 37 3.64 -19.87 50.80
CA HIS F 37 3.70 -19.43 49.40
C HIS F 37 3.51 -17.92 49.25
N ASN F 38 3.25 -17.24 50.36
CA ASN F 38 3.05 -15.79 50.37
C ASN F 38 3.51 -15.20 51.70
N GLY F 39 3.63 -13.87 51.72
CA GLY F 39 4.13 -13.14 52.89
C GLY F 39 3.31 -13.28 54.15
N PHE F 40 1.99 -13.18 54.01
CA PHE F 40 1.09 -13.26 55.16
C PHE F 40 1.20 -14.62 55.84
N ASP F 41 1.20 -15.69 55.04
CA ASP F 41 1.39 -17.04 55.57
C ASP F 41 2.75 -17.21 56.24
N ALA F 42 3.77 -16.58 55.66
CA ALA F 42 5.10 -16.58 56.25
C ALA F 42 5.12 -15.88 57.61
N GLY F 43 4.54 -14.69 57.67
CA GLY F 43 4.43 -13.93 58.91
C GLY F 43 3.66 -14.67 59.99
N ILE F 44 2.57 -15.33 59.59
CA ILE F 44 1.77 -16.19 60.49
C ILE F 44 2.55 -17.42 60.99
N LYS F 45 3.07 -18.22 60.05
CA LYS F 45 3.79 -19.45 60.38
C LYS F 45 5.03 -19.25 61.24
N LEU F 46 5.65 -18.08 61.14
CA LEU F 46 6.78 -17.69 62.01
C LEU F 46 6.48 -17.78 63.51
N SER F 47 5.22 -17.51 63.87
CA SER F 47 4.79 -17.61 65.27
C SER F 47 4.12 -18.94 65.60
N THR F 48 3.41 -19.54 64.65
CA THR F 48 2.74 -20.82 64.94
C THR F 48 3.67 -22.02 64.80
N PHE F 49 4.63 -21.95 63.86
CA PHE F 49 5.57 -23.05 63.62
C PHE F 49 6.85 -22.83 64.43
N GLU F 50 7.20 -21.56 64.66
CA GLU F 50 8.42 -21.13 65.37
C GLU F 50 9.73 -21.73 64.84
N PRO F 51 10.05 -21.52 63.54
CA PRO F 51 11.19 -22.23 62.94
C PRO F 51 12.56 -21.69 63.39
N ALA F 52 13.59 -22.54 63.33
CA ALA F 52 14.96 -22.15 63.64
C ALA F 52 15.55 -21.36 62.46
N ILE F 53 15.10 -21.68 61.26
CA ILE F 53 15.65 -21.15 60.02
C ILE F 53 14.46 -20.83 59.14
N MET F 54 14.54 -19.71 58.41
CA MET F 54 13.60 -19.41 57.35
C MET F 54 14.40 -19.34 56.04
N THR F 55 14.02 -20.10 55.03
CA THR F 55 14.55 -19.81 53.71
C THR F 55 13.61 -18.84 53.01
N LEU F 56 14.17 -17.87 52.30
CA LEU F 56 13.40 -16.75 51.75
C LEU F 56 13.76 -16.45 50.32
N ASP F 57 12.84 -16.80 49.42
CA ASP F 57 13.05 -16.59 48.01
C ASP F 57 12.87 -15.13 47.60
N LEU F 58 13.86 -14.60 46.89
CA LEU F 58 13.91 -13.19 46.46
C LEU F 58 13.28 -12.90 45.11
N SER F 59 12.71 -13.93 44.48
CA SER F 59 12.12 -13.79 43.15
C SER F 59 10.60 -13.75 43.16
N MET F 60 10.05 -13.63 44.36
CA MET F 60 8.60 -13.60 44.59
C MET F 60 8.04 -12.26 44.10
N PRO F 61 7.03 -12.32 43.21
CA PRO F 61 6.47 -11.10 42.60
C PRO F 61 5.74 -10.18 43.59
N LYS F 62 5.27 -10.73 44.71
CA LYS F 62 4.43 -9.97 45.62
C LYS F 62 5.03 -9.73 47.00
N LEU F 63 6.13 -10.44 47.30
CA LEU F 63 6.89 -10.28 48.53
C LEU F 63 8.29 -9.74 48.22
N ASP F 64 8.70 -8.71 48.95
CA ASP F 64 10.01 -8.09 48.80
C ASP F 64 10.86 -8.54 49.97
N GLY F 65 11.94 -9.26 49.65
CA GLY F 65 12.85 -9.82 50.66
C GLY F 65 13.34 -8.82 51.68
N LEU F 66 13.58 -7.59 51.24
CA LEU F 66 14.01 -6.49 52.11
C LEU F 66 12.97 -6.16 53.19
N ASP F 67 11.70 -6.15 52.80
CA ASP F 67 10.58 -5.84 53.71
C ASP F 67 10.52 -6.79 54.88
N VAL F 68 10.74 -8.07 54.60
CA VAL F 68 10.80 -9.15 55.58
C VAL F 68 11.92 -8.94 56.61
N ILE F 69 13.14 -8.73 56.12
CA ILE F 69 14.31 -8.48 56.97
C ILE F 69 14.11 -7.20 57.80
N ARG F 70 13.58 -6.15 57.18
CA ARG F 70 13.29 -4.90 57.89
C ARG F 70 12.15 -5.03 58.91
N SER F 71 11.11 -5.80 58.59
CA SER F 71 10.00 -6.03 59.52
C SER F 71 10.46 -6.79 60.76
N LEU F 72 11.38 -7.74 60.57
CA LEU F 72 11.97 -8.46 61.70
C LEU F 72 12.69 -7.54 62.67
N ARG F 73 13.42 -6.55 62.15
CA ARG F 73 14.12 -5.59 62.99
CA ARG F 73 14.14 -5.56 62.96
C ARG F 73 13.18 -4.52 63.57
N GLN F 74 12.27 -4.01 62.74
CA GLN F 74 11.32 -2.97 63.15
C GLN F 74 10.36 -3.46 64.23
N ASN F 75 9.93 -4.71 64.12
CA ASN F 75 8.97 -5.27 65.08
C ASN F 75 9.57 -5.97 66.30
N LYS F 76 10.90 -5.92 66.43
CA LYS F 76 11.64 -6.48 67.58
C LYS F 76 11.17 -7.89 67.95
N VAL F 77 11.17 -8.78 66.97
CA VAL F 77 10.69 -10.15 67.12
C VAL F 77 11.64 -10.91 68.04
N ALA F 78 11.08 -11.64 69.00
CA ALA F 78 11.85 -12.54 69.85
C ALA F 78 12.07 -13.86 69.14
N ASN F 79 13.22 -14.49 69.41
CA ASN F 79 13.62 -15.77 68.81
C ASN F 79 13.57 -15.81 67.30
N GLN F 80 14.08 -14.76 66.67
CA GLN F 80 14.12 -14.62 65.21
C GLN F 80 14.89 -15.78 64.61
N PRO F 81 14.36 -16.39 63.55
CA PRO F 81 15.09 -17.45 62.89
C PRO F 81 16.29 -16.89 62.13
N LYS F 82 17.23 -17.76 61.80
CA LYS F 82 18.27 -17.43 60.85
C LYS F 82 17.63 -17.34 59.48
N ILE F 83 18.10 -16.42 58.65
CA ILE F 83 17.52 -16.24 57.31
C ILE F 83 18.52 -16.61 56.24
N LEU F 84 18.14 -17.62 55.46
CA LEU F 84 18.86 -17.99 54.27
C LEU F 84 18.09 -17.42 53.07
N VAL F 85 18.73 -16.51 52.36
CA VAL F 85 18.07 -15.82 51.31
C VAL F 85 18.38 -16.59 50.00
N VAL F 86 17.37 -16.80 49.17
CA VAL F 86 17.57 -17.53 47.90
C VAL F 86 17.45 -16.57 46.72
N SER F 87 18.58 -16.33 46.06
CA SER F 87 18.73 -15.28 45.05
C SER F 87 18.08 -15.61 43.73
N GLY F 88 17.53 -14.59 43.07
CA GLY F 88 17.12 -14.72 41.69
C GLY F 88 18.09 -14.03 40.75
N LEU F 89 17.56 -13.47 39.68
CA LEU F 89 18.33 -12.77 38.65
C LEU F 89 18.88 -11.43 39.14
N ASP F 90 18.20 -10.82 40.11
CA ASP F 90 18.57 -9.51 40.63
C ASP F 90 19.69 -9.60 41.67
N LYS F 91 20.91 -9.36 41.23
CA LYS F 91 22.08 -9.48 42.10
CA LYS F 91 22.11 -9.46 42.07
C LYS F 91 22.25 -8.28 43.02
N ALA F 92 21.62 -7.16 42.68
CA ALA F 92 21.64 -5.95 43.51
C ALA F 92 20.75 -6.14 44.73
N LYS F 93 19.54 -6.68 44.52
CA LYS F 93 18.62 -7.06 45.60
C LYS F 93 19.27 -8.04 46.58
N LEU F 94 19.96 -9.04 46.03
CA LEU F 94 20.69 -10.06 46.80
C LEU F 94 21.63 -9.41 47.80
N GLN F 95 22.48 -8.55 47.26
CA GLN F 95 23.50 -7.85 48.03
C GLN F 95 22.88 -6.99 49.12
N GLN F 96 21.82 -6.28 48.78
CA GLN F 96 21.08 -5.45 49.74
C GLN F 96 20.48 -6.28 50.88
N ALA F 97 19.87 -7.42 50.54
CA ALA F 97 19.38 -8.35 51.56
C ALA F 97 20.54 -8.88 52.43
N VAL F 98 21.63 -9.29 51.79
CA VAL F 98 22.81 -9.83 52.49
C VAL F 98 23.43 -8.81 53.46
N THR F 99 23.68 -7.59 52.99
CA THR F 99 24.30 -6.55 53.84
C THR F 99 23.37 -6.09 54.97
N GLU F 100 22.07 -6.06 54.69
CA GLU F 100 21.10 -5.60 55.69
C GLU F 100 20.81 -6.62 56.79
N GLY F 101 21.36 -7.83 56.67
CA GLY F 101 21.33 -8.76 57.79
C GLY F 101 20.77 -10.15 57.57
N ALA F 102 20.68 -10.57 56.31
CA ALA F 102 20.41 -11.97 56.00
C ALA F 102 21.62 -12.77 56.46
N ASP F 103 21.38 -13.94 57.04
CA ASP F 103 22.47 -14.69 57.68
C ASP F 103 23.34 -15.45 56.70
N ASP F 104 22.79 -15.78 55.54
CA ASP F 104 23.55 -16.41 54.45
C ASP F 104 22.69 -16.32 53.20
N TYR F 105 23.27 -16.76 52.08
CA TYR F 105 22.64 -16.70 50.78
C TYR F 105 22.93 -17.97 49.98
N LEU F 106 22.03 -18.26 49.04
CA LEU F 106 22.22 -19.28 48.02
C LEU F 106 21.80 -18.67 46.68
N GLU F 107 22.55 -18.97 45.63
CA GLU F 107 22.19 -18.54 44.28
C GLU F 107 21.59 -19.69 43.45
N LYS F 108 20.49 -19.39 42.76
CA LYS F 108 19.82 -20.34 41.87
C LYS F 108 20.46 -20.35 40.48
N PRO F 109 20.68 -21.57 39.90
CA PRO F 109 20.42 -22.90 40.47
C PRO F 109 21.56 -23.43 41.34
N PHE F 110 21.19 -24.18 42.38
CA PHE F 110 22.15 -24.77 43.34
C PHE F 110 21.88 -26.27 43.45
N ASP F 111 22.83 -27.02 44.00
CA ASP F 111 22.63 -28.45 44.22
C ASP F 111 22.29 -28.74 45.69
N ASN F 112 21.97 -30.01 45.98
CA ASN F 112 21.51 -30.42 47.32
C ASN F 112 22.52 -30.13 48.43
N ASP F 113 23.79 -30.44 48.17
CA ASP F 113 24.83 -30.30 49.18
C ASP F 113 25.22 -28.83 49.43
N ALA F 114 25.05 -27.98 48.43
CA ALA F 114 25.20 -26.53 48.63
C ALA F 114 24.14 -25.99 49.61
N LEU F 115 22.91 -26.47 49.46
CA LEU F 115 21.82 -26.13 50.38
C LEU F 115 22.14 -26.64 51.79
N LEU F 116 22.57 -27.90 51.87
CA LEU F 116 22.89 -28.52 53.15
C LEU F 116 24.06 -27.85 53.85
N ASP F 117 25.10 -27.51 53.08
CA ASP F 117 26.26 -26.76 53.61
C ASP F 117 25.83 -25.43 54.23
N ARG F 118 25.01 -24.69 53.49
CA ARG F 118 24.44 -23.42 53.96
C ARG F 118 23.64 -23.59 55.26
N ILE F 119 22.81 -24.64 55.31
CA ILE F 119 21.95 -24.91 56.46
C ILE F 119 22.75 -25.30 57.71
N HIS F 120 23.74 -26.20 57.53
CA HIS F 120 24.60 -26.62 58.65
C HIS F 120 25.48 -25.49 59.18
N ASP F 121 25.98 -24.64 58.28
CA ASP F 121 26.79 -23.47 58.67
C ASP F 121 26.00 -22.48 59.51
N LEU F 122 24.70 -22.39 59.22
CA LEU F 122 23.77 -21.47 59.88
C LEU F 122 23.57 -21.83 61.37
N VAL F 123 23.52 -23.12 61.65
CA VAL F 123 23.35 -23.59 63.04
C VAL F 123 24.69 -23.71 63.76
N ASN F 124 25.78 -23.74 63.00
CA ASN F 124 27.13 -23.65 63.55
C ASN F 124 27.43 -22.24 64.06
N GLN G 5 23.12 -9.51 -6.57
CA GLN G 5 22.29 -9.06 -5.41
C GLN G 5 22.53 -9.91 -4.16
N SER G 6 23.79 -10.29 -3.97
CA SER G 6 24.25 -10.98 -2.77
C SER G 6 23.99 -10.10 -1.53
N LYS G 7 23.64 -10.73 -0.41
CA LYS G 7 23.18 -10.00 0.77
C LYS G 7 24.26 -9.19 1.49
N ARG G 8 23.82 -8.12 2.15
CA ARG G 8 24.68 -7.00 2.50
C ARG G 8 24.87 -6.86 3.99
N ILE G 9 26.12 -6.84 4.42
CA ILE G 9 26.46 -6.65 5.83
C ILE G 9 27.42 -5.47 6.10
N LEU G 10 27.01 -4.55 6.96
CA LEU G 10 27.85 -3.42 7.36
C LEU G 10 28.59 -3.76 8.65
N VAL G 11 29.92 -3.74 8.59
CA VAL G 11 30.76 -4.02 9.75
C VAL G 11 31.20 -2.72 10.39
N VAL G 12 30.79 -2.50 11.64
CA VAL G 12 31.18 -1.31 12.37
C VAL G 12 32.17 -1.65 13.48
N ASP G 13 33.41 -1.20 13.31
CA ASP G 13 34.48 -1.38 14.27
C ASP G 13 35.54 -0.34 13.98
N ASP G 14 36.09 0.29 15.03
CA ASP G 14 37.22 1.22 14.85
C ASP G 14 38.54 0.49 14.59
N ASP G 15 38.62 -0.77 15.03
CA ASP G 15 39.82 -1.62 14.89
C ASP G 15 39.88 -2.20 13.48
N GLN G 16 40.79 -1.67 12.68
CA GLN G 16 40.87 -1.97 11.24
C GLN G 16 41.37 -3.39 10.95
N ALA G 17 42.24 -3.90 11.80
CA ALA G 17 42.72 -5.29 11.70
C ALA G 17 41.59 -6.29 11.94
N MET G 18 40.79 -6.05 12.98
CA MET G 18 39.64 -6.88 13.31
C MET G 18 38.55 -6.77 12.23
N ALA G 19 38.23 -5.56 11.80
CA ALA G 19 37.25 -5.34 10.73
C ALA G 19 37.65 -6.00 9.41
N ALA G 20 38.95 -5.96 9.08
CA ALA G 20 39.48 -6.66 7.89
C ALA G 20 39.35 -8.18 8.02
N ALA G 21 39.70 -8.71 9.19
CA ALA G 21 39.56 -10.13 9.51
C ALA G 21 38.12 -10.65 9.37
N ILE G 22 37.15 -9.87 9.86
CA ILE G 22 35.72 -10.19 9.75
C ILE G 22 35.24 -10.14 8.30
N GLU G 23 35.61 -9.07 7.60
CA GLU G 23 35.26 -8.91 6.19
C GLU G 23 35.68 -10.11 5.36
N ARG G 24 36.92 -10.56 5.58
CA ARG G 24 37.49 -11.70 4.86
C ARG G 24 36.68 -12.97 5.05
N VAL G 25 36.26 -13.23 6.30
CA VAL G 25 35.38 -14.37 6.63
C VAL G 25 34.03 -14.26 5.94
N LEU G 26 33.45 -13.05 5.95
CA LEU G 26 32.16 -12.82 5.31
C LEU G 26 32.20 -12.85 3.78
N LYS G 27 33.31 -12.36 3.20
CA LYS G 27 33.52 -12.42 1.75
C LYS G 27 33.57 -13.88 1.30
N ARG G 28 34.34 -14.69 2.03
CA ARG G 28 34.45 -16.14 1.84
C ARG G 28 33.08 -16.84 1.81
N ASP G 29 32.19 -16.36 2.68
CA ASP G 29 30.83 -16.91 2.80
C ASP G 29 29.83 -16.21 1.86
N HIS G 30 30.37 -15.46 0.89
CA HIS G 30 29.60 -14.82 -0.20
C HIS G 30 28.64 -13.71 0.24
N TRP G 31 29.10 -12.88 1.18
CA TRP G 31 28.37 -11.67 1.56
C TRP G 31 29.03 -10.46 0.92
N GLN G 32 28.23 -9.44 0.61
CA GLN G 32 28.79 -8.13 0.27
C GLN G 32 29.04 -7.39 1.59
N VAL G 33 30.25 -6.84 1.72
CA VAL G 33 30.70 -6.24 2.96
C VAL G 33 31.12 -4.80 2.73
N GLU G 34 30.75 -3.92 3.66
CA GLU G 34 31.31 -2.58 3.74
C GLU G 34 31.69 -2.33 5.19
N ILE G 35 32.76 -1.58 5.40
CA ILE G 35 33.26 -1.28 6.74
C ILE G 35 33.08 0.19 7.07
N ALA G 36 32.70 0.47 8.31
CA ALA G 36 32.63 1.82 8.84
C ALA G 36 33.44 1.86 10.14
N HIS G 37 34.33 2.84 10.26
CA HIS G 37 35.23 2.95 11.40
C HIS G 37 34.72 3.94 12.44
N ASN G 38 33.67 4.67 12.08
CA ASN G 38 33.14 5.74 12.93
C ASN G 38 31.62 5.86 12.81
N GLY G 39 31.02 6.53 13.80
CA GLY G 39 29.58 6.79 13.83
C GLY G 39 29.00 7.39 12.56
N PHE G 40 29.59 8.50 12.10
CA PHE G 40 29.06 9.20 10.92
C PHE G 40 29.03 8.31 9.70
N ASP G 41 30.15 7.65 9.45
CA ASP G 41 30.29 6.82 8.26
C ASP G 41 29.36 5.61 8.33
N ALA G 42 29.13 5.09 9.54
CA ALA G 42 28.15 4.03 9.79
C ALA G 42 26.72 4.49 9.48
N GLY G 43 26.36 5.68 9.97
CA GLY G 43 25.08 6.31 9.68
C GLY G 43 24.83 6.53 8.20
N ILE G 44 25.87 6.97 7.50
CA ILE G 44 25.81 7.18 6.04
C ILE G 44 25.62 5.87 5.28
N LYS G 45 26.42 4.86 5.64
CA LYS G 45 26.38 3.56 4.95
C LYS G 45 25.07 2.80 5.16
N LEU G 46 24.38 3.06 6.26
CA LEU G 46 23.02 2.58 6.47
C LEU G 46 22.03 2.96 5.36
N SER G 47 22.15 4.17 4.82
CA SER G 47 21.28 4.61 3.73
CA SER G 47 21.28 4.61 3.73
C SER G 47 21.85 4.25 2.35
N THR G 48 23.15 4.48 2.16
CA THR G 48 23.79 4.23 0.86
C THR G 48 23.99 2.74 0.55
N PHE G 49 24.50 1.98 1.53
CA PHE G 49 24.80 0.55 1.34
C PHE G 49 23.58 -0.30 1.68
N GLU G 50 22.76 0.19 2.61
CA GLU G 50 21.50 -0.44 3.00
C GLU G 50 21.64 -1.91 3.39
N PRO G 51 22.32 -2.18 4.51
CA PRO G 51 22.65 -3.55 4.86
C PRO G 51 21.49 -4.35 5.46
N ALA G 52 21.50 -5.66 5.26
CA ALA G 52 20.54 -6.55 5.91
C ALA G 52 20.90 -6.70 7.39
N ILE G 53 22.20 -6.72 7.68
CA ILE G 53 22.73 -6.83 9.04
C ILE G 53 23.84 -5.80 9.27
N MET G 54 23.84 -5.19 10.47
CA MET G 54 24.96 -4.38 10.91
C MET G 54 25.63 -5.05 12.12
N THR G 55 26.94 -5.27 12.04
CA THR G 55 27.68 -5.72 13.22
C THR G 55 28.21 -4.48 13.90
N LEU G 56 28.14 -4.48 15.22
CA LEU G 56 28.49 -3.30 15.99
C LEU G 56 29.34 -3.71 17.14
N ASP G 57 30.58 -3.24 17.16
CA ASP G 57 31.48 -3.52 18.26
C ASP G 57 31.16 -2.63 19.45
N LEU G 58 31.05 -3.23 20.63
CA LEU G 58 30.67 -2.49 21.83
C LEU G 58 31.85 -1.87 22.58
N SER G 59 33.05 -2.06 22.05
CA SER G 59 34.27 -1.57 22.69
C SER G 59 34.97 -0.49 21.86
N MET G 60 34.18 0.31 21.14
CA MET G 60 34.74 1.39 20.34
C MET G 60 34.79 2.61 21.23
N PRO G 61 36.01 3.10 21.54
CA PRO G 61 36.16 4.23 22.47
C PRO G 61 35.50 5.53 21.98
N LYS G 62 35.26 5.66 20.68
CA LYS G 62 34.64 6.88 20.13
C LYS G 62 33.24 6.63 19.53
N LEU G 63 32.70 5.44 19.76
CA LEU G 63 31.31 5.16 19.39
C LEU G 63 30.61 4.39 20.49
N ASP G 64 29.70 5.06 21.19
CA ASP G 64 28.87 4.40 22.20
C ASP G 64 27.81 3.58 21.48
N GLY G 65 27.98 2.25 21.53
CA GLY G 65 27.07 1.29 20.90
C GLY G 65 25.63 1.41 21.35
N LEU G 66 25.43 1.70 22.63
CA LEU G 66 24.08 1.87 23.18
C LEU G 66 23.33 3.03 22.52
N ASP G 67 24.03 4.13 22.24
CA ASP G 67 23.41 5.29 21.59
C ASP G 67 23.07 5.04 20.13
N VAL G 68 23.90 4.27 19.44
CA VAL G 68 23.64 3.80 18.07
C VAL G 68 22.32 3.04 17.99
N ILE G 69 22.19 2.01 18.84
CA ILE G 69 20.98 1.17 18.87
C ILE G 69 19.75 2.00 19.26
N ARG G 70 19.89 2.84 20.28
CA ARG G 70 18.83 3.74 20.72
C ARG G 70 18.41 4.70 19.60
N SER G 71 19.38 5.33 18.95
CA SER G 71 19.12 6.33 17.90
C SER G 71 18.52 5.73 16.63
N LEU G 72 18.93 4.51 16.31
CA LEU G 72 18.41 3.81 15.15
C LEU G 72 16.97 3.31 15.36
N ARG G 73 16.72 2.74 16.54
CA ARG G 73 15.42 2.15 16.86
C ARG G 73 14.31 3.19 17.08
N GLN G 74 14.69 4.35 17.60
CA GLN G 74 13.73 5.41 17.91
C GLN G 74 13.35 6.28 16.71
N ASN G 75 14.36 6.69 15.95
CA ASN G 75 14.19 7.78 14.97
C ASN G 75 13.55 7.43 13.62
N LYS G 76 12.66 6.44 13.63
CA LYS G 76 11.74 6.11 12.53
C LYS G 76 12.43 5.87 11.18
N VAL G 77 13.60 5.26 11.22
CA VAL G 77 14.40 4.98 10.03
C VAL G 77 13.79 3.81 9.25
N ALA G 78 13.50 4.04 7.97
CA ALA G 78 12.94 3.01 7.10
C ALA G 78 13.98 1.93 6.79
N ASN G 79 13.52 0.68 6.73
CA ASN G 79 14.35 -0.51 6.42
C ASN G 79 15.55 -0.69 7.35
N GLN G 80 15.26 -0.84 8.65
CA GLN G 80 16.28 -1.01 9.68
C GLN G 80 16.94 -2.39 9.63
N PRO G 81 18.29 -2.44 9.77
CA PRO G 81 18.97 -3.73 9.68
C PRO G 81 18.86 -4.51 10.97
N LYS G 82 19.21 -5.79 10.91
CA LYS G 82 19.36 -6.59 12.10
C LYS G 82 20.69 -6.15 12.70
N ILE G 83 20.74 -6.01 14.02
CA ILE G 83 21.95 -5.55 14.68
C ILE G 83 22.62 -6.71 15.43
N LEU G 84 23.82 -7.06 14.99
CA LEU G 84 24.64 -8.07 15.66
C LEU G 84 25.72 -7.39 16.50
N VAL G 85 25.59 -7.50 17.82
CA VAL G 85 26.46 -6.80 18.75
C VAL G 85 27.72 -7.66 19.07
N VAL G 86 28.88 -7.02 19.19
CA VAL G 86 30.12 -7.72 19.57
C VAL G 86 30.54 -7.33 20.99
N SER G 87 30.49 -8.30 21.88
CA SER G 87 30.55 -8.04 23.31
C SER G 87 31.68 -8.85 23.92
N GLY G 88 31.62 -9.01 25.23
CA GLY G 88 32.55 -9.89 25.93
C GLY G 88 32.71 -9.48 27.36
N LEU G 89 33.69 -8.61 27.57
CA LEU G 89 34.15 -8.25 28.90
C LEU G 89 33.11 -7.52 29.76
N ASP G 90 32.61 -6.39 29.25
CA ASP G 90 31.54 -5.64 29.90
C ASP G 90 30.21 -6.34 29.67
N LYS G 91 29.73 -7.02 30.71
CA LYS G 91 28.53 -7.84 30.61
C LYS G 91 27.28 -7.06 30.97
N ALA G 92 27.46 -5.91 31.63
CA ALA G 92 26.40 -4.94 31.86
C ALA G 92 26.00 -4.24 30.55
N LYS G 93 27.01 -3.98 29.72
CA LYS G 93 26.84 -3.31 28.44
C LYS G 93 26.07 -4.19 27.45
N LEU G 94 26.34 -5.49 27.49
CA LEU G 94 25.58 -6.46 26.70
C LEU G 94 24.08 -6.45 27.03
N GLN G 95 23.75 -6.50 28.32
CA GLN G 95 22.37 -6.52 28.79
C GLN G 95 21.62 -5.25 28.41
N GLN G 96 22.30 -4.11 28.48
CA GLN G 96 21.70 -2.86 28.06
C GLN G 96 21.55 -2.78 26.54
N ALA G 97 22.49 -3.37 25.81
CA ALA G 97 22.42 -3.43 24.34
C ALA G 97 21.22 -4.24 23.85
N VAL G 98 20.96 -5.34 24.54
CA VAL G 98 19.79 -6.19 24.31
C VAL G 98 18.49 -5.45 24.64
N THR G 99 18.46 -4.81 25.81
CA THR G 99 17.33 -3.96 26.23
C THR G 99 17.04 -2.86 25.20
N GLU G 100 18.10 -2.29 24.63
CA GLU G 100 17.98 -1.23 23.64
C GLU G 100 17.44 -1.69 22.28
N GLY G 101 17.65 -2.95 21.94
CA GLY G 101 17.15 -3.49 20.68
C GLY G 101 18.14 -4.24 19.80
N ALA G 102 19.22 -4.74 20.39
CA ALA G 102 20.14 -5.61 19.65
C ALA G 102 19.45 -6.94 19.39
N ASP G 103 19.65 -7.48 18.20
CA ASP G 103 18.94 -8.68 17.76
C ASP G 103 19.65 -9.97 18.18
N ASP G 104 20.98 -9.93 18.21
CA ASP G 104 21.80 -11.02 18.74
C ASP G 104 23.19 -10.50 19.10
N TYR G 105 24.01 -11.38 19.64
CA TYR G 105 25.34 -11.01 20.07
C TYR G 105 26.39 -12.06 19.74
N LEU G 106 27.64 -11.63 19.80
CA LEU G 106 28.82 -12.48 19.81
C LEU G 106 29.62 -12.11 21.04
N GLU G 107 30.14 -13.10 21.72
CA GLU G 107 30.88 -12.85 22.94
C GLU G 107 32.33 -13.26 22.75
N LYS G 108 33.25 -12.38 23.18
CA LYS G 108 34.68 -12.65 23.09
C LYS G 108 35.08 -13.72 24.10
N PRO G 109 35.82 -14.76 23.64
CA PRO G 109 36.23 -15.00 22.25
C PRO G 109 35.21 -15.84 21.47
N PHE G 110 35.00 -15.46 20.22
CA PHE G 110 34.08 -16.19 19.32
C PHE G 110 34.84 -16.65 18.10
N ASP G 111 34.45 -17.79 17.54
CA ASP G 111 35.10 -18.27 16.32
C ASP G 111 34.35 -17.92 15.04
N ASN G 112 34.95 -18.26 13.90
CA ASN G 112 34.39 -17.90 12.60
C ASN G 112 33.10 -18.67 12.25
N ASP G 113 32.96 -19.87 12.81
CA ASP G 113 31.71 -20.61 12.71
C ASP G 113 30.60 -19.94 13.50
N ALA G 114 30.92 -19.45 14.70
CA ALA G 114 29.97 -18.67 15.52
C ALA G 114 29.52 -17.39 14.82
N LEU G 115 30.45 -16.74 14.11
CA LEU G 115 30.14 -15.58 13.29
C LEU G 115 29.14 -15.89 12.18
N LEU G 116 29.40 -16.94 11.41
CA LEU G 116 28.51 -17.31 10.30
C LEU G 116 27.16 -17.85 10.76
N ASP G 117 27.15 -18.58 11.88
CA ASP G 117 25.91 -19.08 12.50
C ASP G 117 24.98 -17.93 12.92
N ARG G 118 25.53 -16.95 13.61
CA ARG G 118 24.78 -15.76 14.03
C ARG G 118 24.23 -14.97 12.83
N ILE G 119 25.04 -14.85 11.80
CA ILE G 119 24.66 -14.15 10.56
C ILE G 119 23.53 -14.86 9.80
N HIS G 120 23.66 -16.18 9.63
CA HIS G 120 22.66 -16.98 8.92
C HIS G 120 21.35 -17.08 9.68
N ASP G 121 21.41 -17.11 11.00
CA ASP G 121 20.20 -17.13 11.82
C ASP G 121 19.41 -15.83 11.72
N LEU G 122 20.13 -14.70 11.65
CA LEU G 122 19.52 -13.37 11.57
C LEU G 122 18.90 -13.08 10.21
N VAL G 123 19.49 -13.65 9.16
CA VAL G 123 19.02 -13.44 7.79
C VAL G 123 17.90 -14.42 7.34
N ASN G 124 17.95 -15.65 7.85
CA ASN G 124 17.01 -16.68 7.40
C ASN G 124 15.76 -16.85 8.27
N GLU G 125 15.42 -15.80 9.01
CA GLU G 125 14.24 -15.77 9.86
C GLU G 125 12.96 -15.56 9.02
N SER H 2 6.45 21.36 9.14
CA SER H 2 7.88 21.40 8.71
C SER H 2 8.09 22.26 7.47
N LEU H 3 9.19 23.00 7.45
CA LEU H 3 9.54 23.81 6.27
C LEU H 3 10.06 22.91 5.15
N LYS H 4 10.06 23.39 3.92
CA LYS H 4 10.59 22.64 2.78
C LYS H 4 12.09 22.43 2.95
N GLN H 5 12.64 21.38 2.31
CA GLN H 5 14.02 20.97 2.61
C GLN H 5 15.09 22.05 2.39
N SER H 6 14.89 22.94 1.41
CA SER H 6 15.86 24.03 1.16
C SER H 6 16.00 25.06 2.31
N LYS H 7 15.06 25.05 3.25
CA LYS H 7 15.15 25.93 4.41
C LYS H 7 15.49 25.16 5.68
N ARG H 8 16.05 23.96 5.52
CA ARG H 8 16.42 23.12 6.67
C ARG H 8 17.93 23.08 6.94
N ILE H 9 18.31 23.25 8.20
CA ILE H 9 19.71 23.19 8.58
C ILE H 9 19.94 22.24 9.75
N LEU H 10 20.93 21.36 9.58
CA LEU H 10 21.37 20.46 10.65
C LEU H 10 22.61 21.01 11.35
N VAL H 11 22.49 21.23 12.65
CA VAL H 11 23.57 21.74 13.45
C VAL H 11 24.24 20.57 14.17
N VAL H 12 25.54 20.35 13.88
CA VAL H 12 26.27 19.24 14.51
C VAL H 12 27.28 19.78 15.55
N ASP H 13 27.00 19.48 16.81
CA ASP H 13 27.82 19.94 17.93
C ASP H 13 27.40 19.18 19.17
N ASP H 14 28.40 18.67 19.90
CA ASP H 14 28.14 18.02 21.18
C ASP H 14 27.96 19.05 22.30
N ASP H 15 28.39 20.30 22.06
CA ASP H 15 28.16 21.42 22.97
C ASP H 15 26.70 21.85 22.83
N GLN H 16 25.91 21.58 23.86
CA GLN H 16 24.47 21.80 23.78
C GLN H 16 24.09 23.29 23.84
N ALA H 17 24.86 24.06 24.60
CA ALA H 17 24.62 25.51 24.66
C ALA H 17 24.96 26.22 23.35
N MET H 18 26.10 25.85 22.73
CA MET H 18 26.50 26.44 21.46
C MET H 18 25.52 26.06 20.37
N ALA H 19 25.13 24.78 20.35
CA ALA H 19 24.17 24.28 19.38
C ALA H 19 22.80 24.95 19.48
N ALA H 20 22.37 25.26 20.70
CA ALA H 20 21.10 25.99 20.90
C ALA H 20 21.21 27.46 20.47
N ALA H 21 22.36 28.08 20.71
CA ALA H 21 22.61 29.45 20.27
C ALA H 21 22.65 29.57 18.74
N ILE H 22 23.31 28.62 18.08
CA ILE H 22 23.28 28.53 16.61
C ILE H 22 21.83 28.37 16.16
N GLU H 23 21.14 27.36 16.69
CA GLU H 23 19.70 27.11 16.45
C GLU H 23 18.80 28.35 16.57
N ARG H 24 18.92 29.07 17.68
CA ARG H 24 18.13 30.28 17.96
C ARG H 24 18.23 31.30 16.80
N VAL H 25 19.48 31.62 16.44
CA VAL H 25 19.77 32.60 15.40
C VAL H 25 19.20 32.16 14.05
N LEU H 26 19.33 30.87 13.74
CA LEU H 26 18.85 30.32 12.47
C LEU H 26 17.31 30.28 12.36
N LYS H 27 16.64 29.94 13.47
CA LYS H 27 15.19 29.90 13.48
CA LYS H 27 15.17 29.92 13.54
C LYS H 27 14.62 31.32 13.26
N ARG H 28 15.21 32.31 13.92
CA ARG H 28 14.89 33.73 13.71
C ARG H 28 15.13 34.18 12.27
N ASP H 29 16.02 33.50 11.55
CA ASP H 29 16.27 33.79 10.14
C ASP H 29 15.47 32.92 9.16
N HIS H 30 14.42 32.26 9.68
CA HIS H 30 13.46 31.50 8.85
C HIS H 30 14.07 30.18 8.34
N TRP H 31 14.89 29.56 9.17
CA TRP H 31 15.38 28.21 8.90
C TRP H 31 14.74 27.24 9.90
N GLN H 32 14.48 26.01 9.47
CA GLN H 32 14.10 24.96 10.40
C GLN H 32 15.34 24.15 10.77
N VAL H 33 15.54 23.97 12.06
CA VAL H 33 16.81 23.42 12.58
C VAL H 33 16.62 22.08 13.28
N GLU H 34 17.56 21.17 13.03
CA GLU H 34 17.73 19.97 13.85
C GLU H 34 19.16 19.89 14.39
N ILE H 35 19.30 19.31 15.57
CA ILE H 35 20.59 19.23 16.25
C ILE H 35 21.04 17.77 16.43
N ALA H 36 22.27 17.47 16.02
CA ALA H 36 22.89 16.17 16.32
C ALA H 36 24.09 16.38 17.25
N HIS H 37 24.09 15.67 18.39
CA HIS H 37 25.18 15.77 19.38
C HIS H 37 26.34 14.79 19.14
N ASN H 38 26.19 13.91 18.15
CA ASN H 38 27.23 12.91 17.82
C ASN H 38 27.20 12.53 16.34
N GLY H 39 28.27 11.85 15.90
CA GLY H 39 28.44 11.47 14.48
C GLY H 39 27.37 10.61 13.84
N PHE H 40 26.99 9.53 14.52
CA PHE H 40 25.95 8.63 14.05
C PHE H 40 24.62 9.33 13.86
N ASP H 41 24.21 10.13 14.86
CA ASP H 41 23.02 10.96 14.75
CA ASP H 41 23.00 10.91 14.72
C ASP H 41 23.05 11.84 13.53
N ALA H 42 24.20 12.46 13.30
CA ALA H 42 24.37 13.34 12.13
C ALA H 42 24.19 12.56 10.85
N GLY H 43 24.81 11.38 10.79
CA GLY H 43 24.71 10.50 9.63
C GLY H 43 23.28 10.14 9.30
N ILE H 44 22.52 9.69 10.32
CA ILE H 44 21.11 9.31 10.17
CA ILE H 44 21.13 9.30 10.09
C ILE H 44 20.23 10.49 9.80
N LYS H 45 20.36 11.59 10.55
CA LYS H 45 19.55 12.78 10.32
C LYS H 45 19.74 13.39 8.92
N LEU H 46 20.92 13.22 8.34
CA LEU H 46 21.18 13.61 6.95
C LEU H 46 20.18 12.99 5.96
N SER H 47 19.82 11.72 6.19
CA SER H 47 18.82 11.05 5.36
CA SER H 47 18.83 11.01 5.38
C SER H 47 17.41 11.32 5.87
N THR H 48 17.25 11.46 7.18
CA THR H 48 15.96 11.66 7.83
C THR H 48 15.38 13.08 7.63
N PHE H 49 16.26 14.07 7.73
CA PHE H 49 15.88 15.46 7.81
C PHE H 49 16.12 16.15 6.47
N GLU H 50 17.07 15.60 5.71
CA GLU H 50 17.61 16.16 4.44
C GLU H 50 17.88 17.67 4.44
N PRO H 51 18.86 18.13 5.26
CA PRO H 51 19.07 19.57 5.37
C PRO H 51 19.79 20.15 4.16
N ALA H 52 19.53 21.42 3.86
CA ALA H 52 20.22 22.11 2.77
C ALA H 52 21.64 22.44 3.20
N ILE H 53 21.84 22.60 4.51
CA ILE H 53 23.09 23.04 5.09
C ILE H 53 23.35 22.22 6.35
N MET H 54 24.60 21.80 6.54
CA MET H 54 25.05 21.21 7.81
C MET H 54 26.13 22.10 8.40
N THR H 55 25.96 22.51 9.66
CA THR H 55 27.07 23.15 10.37
C THR H 55 27.74 22.07 11.21
N LEU H 56 29.07 22.10 11.22
CA LEU H 56 29.87 21.00 11.75
C LEU H 56 31.01 21.53 12.62
N ASP H 57 30.89 21.31 13.93
CA ASP H 57 31.89 21.73 14.86
C ASP H 57 33.13 20.85 14.75
N LEU H 58 34.31 21.47 14.76
CA LEU H 58 35.59 20.76 14.63
C LEU H 58 36.25 20.45 15.98
N SER H 59 35.62 20.87 17.08
CA SER H 59 36.18 20.63 18.42
C SER H 59 35.55 19.45 19.20
N MET H 60 34.80 18.62 18.50
CA MET H 60 34.10 17.48 19.10
C MET H 60 35.12 16.37 19.39
N PRO H 61 35.17 15.85 20.64
CA PRO H 61 36.18 14.84 20.96
C PRO H 61 36.04 13.48 20.25
N LYS H 62 34.82 13.13 19.83
CA LYS H 62 34.57 11.81 19.26
C LYS H 62 34.25 11.80 17.76
N LEU H 63 34.13 13.00 17.18
CA LEU H 63 33.87 13.16 15.76
C LEU H 63 34.97 14.00 15.12
N ASP H 64 35.62 13.42 14.13
CA ASP H 64 36.66 14.09 13.38
C ASP H 64 35.98 14.67 12.14
N GLY H 65 35.94 15.99 12.05
CA GLY H 65 35.28 16.70 10.95
C GLY H 65 35.73 16.28 9.56
N LEU H 66 37.01 15.98 9.43
CA LEU H 66 37.60 15.42 8.20
C LEU H 66 36.95 14.10 7.77
N ASP H 67 36.56 13.27 8.74
CA ASP H 67 35.88 12.00 8.43
C ASP H 67 34.51 12.22 7.81
N VAL H 68 33.79 13.24 8.28
CA VAL H 68 32.48 13.62 7.74
C VAL H 68 32.58 13.94 6.25
N ILE H 69 33.52 14.83 5.91
CA ILE H 69 33.74 15.28 4.54
C ILE H 69 34.24 14.14 3.64
N ARG H 70 35.14 13.33 4.17
CA ARG H 70 35.67 12.18 3.42
C ARG H 70 34.62 11.07 3.21
N SER H 71 33.70 10.91 4.15
CA SER H 71 32.62 9.92 4.01
CA SER H 71 32.63 9.92 4.01
C SER H 71 31.62 10.31 2.94
N LEU H 72 31.29 11.59 2.87
CA LEU H 72 30.36 12.08 1.85
C LEU H 72 30.88 11.87 0.43
N ARG H 73 32.18 12.10 0.24
CA ARG H 73 32.85 11.89 -1.05
C ARG H 73 32.94 10.40 -1.42
N GLN H 74 33.40 9.57 -0.47
CA GLN H 74 33.66 8.16 -0.74
C GLN H 74 32.41 7.29 -0.81
N ASN H 75 31.30 7.80 -0.27
CA ASN H 75 30.02 7.12 -0.41
C ASN H 75 29.20 7.64 -1.57
N LYS H 76 29.76 8.62 -2.29
CA LYS H 76 29.13 9.26 -3.46
C LYS H 76 27.70 9.73 -3.18
N VAL H 77 27.52 10.30 -1.99
CA VAL H 77 26.23 10.78 -1.51
C VAL H 77 25.68 11.87 -2.44
N ALA H 78 24.47 11.65 -2.95
CA ALA H 78 23.82 12.63 -3.81
C ALA H 78 23.17 13.72 -2.98
N ASN H 79 23.09 14.92 -3.57
CA ASN H 79 22.43 16.09 -2.98
C ASN H 79 22.86 16.39 -1.56
N GLN H 80 24.17 16.43 -1.35
CA GLN H 80 24.76 16.66 -0.03
C GLN H 80 24.43 18.06 0.44
N PRO H 81 24.38 18.28 1.76
CA PRO H 81 24.21 19.65 2.17
C PRO H 81 25.49 20.43 1.92
N LYS H 82 25.38 21.74 1.93
CA LYS H 82 26.57 22.58 1.95
C LYS H 82 27.05 22.57 3.41
N ILE H 83 28.37 22.47 3.60
CA ILE H 83 28.93 22.27 4.93
C ILE H 83 29.65 23.53 5.39
N LEU H 84 29.23 24.01 6.56
CA LEU H 84 29.85 25.14 7.22
C LEU H 84 30.55 24.61 8.45
N VAL H 85 31.87 24.72 8.42
CA VAL H 85 32.74 24.11 9.39
C VAL H 85 32.99 25.18 10.48
N VAL H 86 32.85 24.79 11.75
CA VAL H 86 33.03 25.72 12.86
C VAL H 86 34.29 25.37 13.66
N SER H 87 35.27 26.28 13.60
CA SER H 87 36.63 26.05 14.07
C SER H 87 36.81 26.18 15.57
N GLY H 88 37.71 25.35 16.09
CA GLY H 88 38.18 25.50 17.46
C GLY H 88 39.57 26.08 17.44
N LEU H 89 40.36 25.78 18.46
CA LEU H 89 41.73 26.28 18.54
C LEU H 89 42.70 25.62 17.55
N ASP H 90 42.35 24.45 17.04
CA ASP H 90 43.18 23.73 16.08
C ASP H 90 43.06 24.30 14.66
N LYS H 91 43.96 25.22 14.34
CA LYS H 91 43.92 25.95 13.06
C LYS H 91 44.39 25.13 11.85
N ALA H 92 45.17 24.09 12.09
CA ALA H 92 45.62 23.17 11.02
C ALA H 92 44.46 22.29 10.56
N LYS H 93 43.71 21.77 11.53
CA LYS H 93 42.49 21.00 11.27
C LYS H 93 41.49 21.84 10.49
N LEU H 94 41.31 23.10 10.90
CA LEU H 94 40.46 24.06 10.17
C LEU H 94 40.84 24.11 8.69
N GLN H 95 42.11 24.41 8.42
CA GLN H 95 42.62 24.56 7.06
C GLN H 95 42.45 23.30 6.22
N GLN H 96 42.69 22.14 6.85
CA GLN H 96 42.59 20.84 6.19
C GLN H 96 41.16 20.54 5.76
N ALA H 97 40.22 20.77 6.68
CA ALA H 97 38.80 20.63 6.39
C ALA H 97 38.36 21.57 5.27
N VAL H 98 38.91 22.79 5.26
CA VAL H 98 38.57 23.79 4.25
C VAL H 98 39.09 23.39 2.85
N THR H 99 40.36 23.00 2.75
CA THR H 99 40.96 22.64 1.45
C THR H 99 40.33 21.36 0.87
N GLU H 100 39.92 20.46 1.76
CA GLU H 100 39.27 19.20 1.37
C GLU H 100 37.79 19.29 1.02
N GLY H 101 37.20 20.49 1.07
CA GLY H 101 35.86 20.67 0.52
C GLY H 101 34.74 21.27 1.35
N ALA H 102 35.01 21.63 2.61
CA ALA H 102 34.04 22.42 3.37
C ALA H 102 33.72 23.68 2.57
N ASP H 103 32.44 23.97 2.44
CA ASP H 103 31.99 25.07 1.61
C ASP H 103 32.30 26.45 2.21
N ASP H 104 32.36 26.54 3.55
CA ASP H 104 32.79 27.76 4.24
C ASP H 104 33.17 27.43 5.68
N TYR H 105 33.64 28.43 6.41
CA TYR H 105 34.15 28.28 7.77
C TYR H 105 33.76 29.44 8.65
N LEU H 106 33.62 29.16 9.95
CA LEU H 106 33.37 30.15 10.99
C LEU H 106 34.36 29.90 12.11
N GLU H 107 34.96 30.95 12.63
CA GLU H 107 35.94 30.82 13.73
C GLU H 107 35.39 31.28 15.08
N LYS H 108 35.42 30.38 16.06
CA LYS H 108 35.04 30.68 17.45
C LYS H 108 35.98 31.70 18.10
N PRO H 109 35.43 32.62 18.89
CA PRO H 109 34.00 32.93 19.00
C PRO H 109 33.51 33.83 17.86
N PHE H 110 32.21 33.75 17.57
CA PHE H 110 31.62 34.53 16.48
C PHE H 110 30.34 35.19 16.97
N ASP H 111 29.93 36.26 16.29
CA ASP H 111 28.64 36.89 16.59
C ASP H 111 27.57 36.40 15.61
N ASN H 112 26.31 36.69 15.92
CA ASN H 112 25.16 36.25 15.14
C ASN H 112 25.17 36.74 13.70
N ASP H 113 25.66 37.96 13.51
CA ASP H 113 25.76 38.60 12.20
C ASP H 113 26.72 37.87 11.26
N ALA H 114 27.84 37.39 11.79
CA ALA H 114 28.80 36.58 11.02
C ALA H 114 28.26 35.19 10.68
N LEU H 115 27.58 34.56 11.63
CA LEU H 115 26.90 33.28 11.38
C LEU H 115 25.93 33.42 10.20
N LEU H 116 25.09 34.45 10.23
CA LEU H 116 24.09 34.67 9.18
C LEU H 116 24.70 34.97 7.81
N ASP H 117 25.82 35.70 7.82
CA ASP H 117 26.53 36.06 6.59
C ASP H 117 27.07 34.83 5.88
N ARG H 118 27.68 33.92 6.65
CA ARG H 118 28.16 32.63 6.10
C ARG H 118 27.01 31.80 5.53
N ILE H 119 25.92 31.73 6.28
CA ILE H 119 24.71 31.01 5.84
C ILE H 119 24.16 31.53 4.52
N HIS H 120 24.02 32.86 4.42
CA HIS H 120 23.50 33.51 3.20
C HIS H 120 24.43 33.38 2.01
N ASP H 121 25.74 33.40 2.27
CA ASP H 121 26.74 33.20 1.21
C ASP H 121 26.66 31.77 0.67
N LEU H 122 26.39 30.81 1.55
CA LEU H 122 26.22 29.40 1.18
C LEU H 122 25.08 29.18 0.18
N VAL H 123 23.96 29.87 0.39
CA VAL H 123 22.81 29.77 -0.51
C VAL H 123 22.84 30.81 -1.65
N ASN H 124 23.90 31.60 -1.72
CA ASN H 124 24.11 32.51 -2.83
C ASN H 124 25.47 32.31 -3.51
N LYS I 7 41.16 4.60 62.50
CA LYS I 7 40.14 3.61 62.05
C LYS I 7 39.01 4.30 61.27
N ARG I 8 39.39 5.12 60.29
CA ARG I 8 38.45 5.93 59.55
C ARG I 8 38.25 5.36 58.15
N ILE I 9 36.99 5.17 57.77
CA ILE I 9 36.67 4.62 56.47
C ILE I 9 35.68 5.50 55.70
N LEU I 10 36.02 5.82 54.47
CA LEU I 10 35.14 6.58 53.61
C LEU I 10 34.45 5.59 52.68
N VAL I 11 33.12 5.59 52.71
CA VAL I 11 32.31 4.75 51.81
C VAL I 11 31.80 5.57 50.63
N VAL I 12 32.17 5.15 49.42
CA VAL I 12 31.79 5.87 48.21
C VAL I 12 30.86 4.99 47.38
N ASP I 13 29.60 5.42 47.28
CA ASP I 13 28.52 4.70 46.58
C ASP I 13 27.39 5.71 46.33
N ASP I 14 26.81 5.71 45.14
CA ASP I 14 25.67 6.60 44.83
C ASP I 14 24.34 6.01 45.33
N ASP I 15 24.32 4.69 45.47
CA ASP I 15 23.23 3.93 46.07
C ASP I 15 23.22 4.21 47.59
N GLN I 16 22.25 5.02 48.03
CA GLN I 16 22.19 5.49 49.43
C GLN I 16 21.79 4.41 50.41
N ALA I 17 20.92 3.50 49.96
CA ALA I 17 20.51 2.35 50.78
C ALA I 17 21.67 1.39 51.04
N MET I 18 22.53 1.20 50.03
CA MET I 18 23.68 0.29 50.17
C MET I 18 24.78 0.94 51.01
N ALA I 19 24.99 2.24 50.80
CA ALA I 19 25.95 3.03 51.58
C ALA I 19 25.59 3.07 53.07
N ALA I 20 24.31 3.28 53.37
CA ALA I 20 23.81 3.24 54.75
C ALA I 20 23.96 1.83 55.36
N ALA I 21 23.72 0.81 54.55
CA ALA I 21 23.83 -0.58 55.03
C ALA I 21 25.27 -1.00 55.32
N ILE I 22 26.20 -0.58 54.46
CA ILE I 22 27.63 -0.78 54.69
C ILE I 22 28.07 -0.04 55.97
N GLU I 23 27.65 1.22 56.08
CA GLU I 23 27.98 2.06 57.24
C GLU I 23 27.64 1.40 58.56
N ARG I 24 26.41 0.88 58.66
CA ARG I 24 25.91 0.16 59.84
C ARG I 24 26.80 -1.03 60.24
N VAL I 25 27.24 -1.81 59.25
CA VAL I 25 28.12 -2.96 59.48
C VAL I 25 29.49 -2.52 60.02
N LEU I 26 30.05 -1.45 59.44
CA LEU I 26 31.37 -0.97 59.83
C LEU I 26 31.36 -0.29 61.20
N LYS I 27 30.22 0.30 61.57
CA LYS I 27 30.06 0.96 62.86
C LYS I 27 30.06 -0.02 64.03
N ARG I 28 29.52 -1.22 63.81
CA ARG I 28 29.54 -2.30 64.82
C ARG I 28 30.96 -2.87 64.99
N ASP I 29 31.77 -2.77 63.94
CA ASP I 29 33.18 -3.15 64.00
C ASP I 29 34.05 -1.99 64.52
N HIS I 30 33.37 -0.97 65.05
CA HIS I 30 33.96 0.22 65.70
C HIS I 30 34.75 1.14 64.76
N TRP I 31 34.34 1.18 63.49
CA TRP I 31 34.94 2.11 62.52
C TRP I 31 34.20 3.43 62.49
N GLN I 32 34.95 4.52 62.29
CA GLN I 32 34.35 5.82 62.02
C GLN I 32 34.12 5.93 60.51
N VAL I 33 32.88 6.22 60.14
CA VAL I 33 32.46 6.16 58.75
C VAL I 33 31.93 7.50 58.26
N GLU I 34 32.40 7.92 57.09
CA GLU I 34 31.74 8.96 56.32
C GLU I 34 31.31 8.39 54.97
N ILE I 35 30.26 8.96 54.41
CA ILE I 35 29.72 8.56 53.10
C ILE I 35 29.84 9.70 52.09
N ALA I 36 30.23 9.35 50.86
CA ALA I 36 30.14 10.24 49.70
C ALA I 36 29.34 9.56 48.60
N HIS I 37 28.40 10.29 48.02
CA HIS I 37 27.54 9.76 46.93
C HIS I 37 28.04 10.14 45.54
N ASN I 38 29.00 11.05 45.50
CA ASN I 38 29.56 11.56 44.23
C ASN I 38 31.09 11.74 44.30
N GLY I 39 31.73 11.80 43.14
CA GLY I 39 33.18 12.01 43.05
C GLY I 39 33.73 13.22 43.79
N PHE I 40 33.11 14.38 43.58
CA PHE I 40 33.61 15.61 44.19
C PHE I 40 33.66 15.52 45.72
N ASP I 41 32.54 15.08 46.30
CA ASP I 41 32.39 14.94 47.74
C ASP I 41 33.41 13.93 48.29
N ALA I 42 33.68 12.87 47.53
CA ALA I 42 34.75 11.92 47.90
C ALA I 42 36.12 12.59 47.89
N GLY I 43 36.42 13.35 46.83
CA GLY I 43 37.65 14.13 46.73
C GLY I 43 37.92 15.06 47.90
N ILE I 44 36.89 15.79 48.33
CA ILE I 44 36.99 16.67 49.50
C ILE I 44 37.21 15.89 50.78
N LYS I 45 36.40 14.86 50.98
CA LYS I 45 36.45 14.05 52.20
C LYS I 45 37.76 13.29 52.32
N LEU I 46 38.39 12.97 51.19
CA LEU I 46 39.72 12.38 51.19
C LEU I 46 40.75 13.23 51.95
N SER I 47 40.67 14.55 51.84
CA SER I 47 41.55 15.43 52.63
C SER I 47 40.98 15.91 53.96
N THR I 48 39.66 16.10 54.05
CA THR I 48 39.05 16.57 55.30
C THR I 48 38.82 15.48 56.35
N PHE I 49 38.53 14.26 55.89
CA PHE I 49 38.27 13.13 56.77
C PHE I 49 39.51 12.25 56.92
N GLU I 50 40.40 12.32 55.93
CA GLU I 50 41.67 11.57 55.91
C GLU I 50 41.50 10.08 56.26
N PRO I 51 40.85 9.31 55.37
CA PRO I 51 40.53 7.93 55.73
C PRO I 51 41.71 6.97 55.57
N ALA I 52 41.75 5.93 56.40
CA ALA I 52 42.73 4.86 56.24
C ALA I 52 42.38 4.00 55.01
N ILE I 53 41.08 3.85 54.78
CA ILE I 53 40.54 3.03 53.70
C ILE I 53 39.40 3.77 53.00
N MET I 54 39.34 3.67 51.68
CA MET I 54 38.20 4.15 50.92
C MET I 54 37.54 2.96 50.21
N THR I 55 36.24 2.78 50.39
CA THR I 55 35.52 1.80 49.55
C THR I 55 34.97 2.49 48.32
N LEU I 56 35.07 1.81 47.20
CA LEU I 56 34.80 2.48 45.97
C LEU I 56 33.98 1.58 45.07
N ASP I 57 32.71 1.92 44.91
CA ASP I 57 31.80 1.12 44.10
C ASP I 57 32.08 1.37 42.63
N LEU I 58 32.16 0.28 41.87
CA LEU I 58 32.48 0.33 40.44
C LEU I 58 31.26 0.30 39.53
N SER I 59 30.07 0.39 40.12
CA SER I 59 28.84 0.41 39.35
C SER I 59 28.12 1.76 39.50
N MET I 60 28.87 2.80 39.83
CA MET I 60 28.32 4.16 39.94
C MET I 60 28.23 4.70 38.52
N PRO I 61 27.01 4.98 38.03
CA PRO I 61 26.90 5.42 36.63
C PRO I 61 27.55 6.79 36.34
N LYS I 62 27.82 7.56 37.41
CA LYS I 62 28.39 8.90 37.28
C LYS I 62 29.79 9.03 37.88
N LEU I 63 30.43 7.90 38.14
CA LEU I 63 31.81 7.89 38.63
C LEU I 63 32.55 6.66 38.10
N ASP I 64 33.64 6.92 37.39
CA ASP I 64 34.51 5.86 36.88
C ASP I 64 35.58 5.64 37.94
N GLY I 65 35.55 4.46 38.56
CA GLY I 65 36.48 4.10 39.63
C GLY I 65 37.93 4.15 39.20
N LEU I 66 38.16 3.95 37.90
CA LEU I 66 39.47 4.06 37.28
C LEU I 66 40.01 5.49 37.27
N ASP I 67 39.11 6.46 37.12
CA ASP I 67 39.49 7.87 37.13
C ASP I 67 39.84 8.33 38.56
N VAL I 68 39.28 7.67 39.56
CA VAL I 68 39.62 7.94 40.97
C VAL I 68 41.04 7.45 41.27
N ILE I 69 41.34 6.24 40.82
CA ILE I 69 42.66 5.63 40.97
C ILE I 69 43.74 6.40 40.18
N ARG I 70 43.45 6.79 38.94
CA ARG I 70 44.36 7.60 38.13
C ARG I 70 44.71 8.93 38.77
N SER I 71 43.69 9.66 39.19
CA SER I 71 43.83 11.00 39.80
C SER I 71 44.66 10.97 41.08
N LEU I 72 44.54 9.87 41.82
CA LEU I 72 45.17 9.69 43.12
C LEU I 72 46.59 9.18 42.95
N ARG I 73 46.68 7.88 42.69
CA ARG I 73 47.90 7.07 42.82
C ARG I 73 49.04 7.47 41.91
N GLN I 74 48.70 8.07 40.78
CA GLN I 74 49.72 8.58 39.88
C GLN I 74 49.82 10.10 39.96
N ASN I 75 48.70 10.78 39.81
CA ASN I 75 48.70 12.19 39.44
C ASN I 75 49.00 13.26 40.49
N LYS I 76 48.58 13.06 41.74
CA LYS I 76 48.61 14.18 42.71
C LYS I 76 49.08 13.90 44.17
N VAL I 77 48.46 12.93 44.85
CA VAL I 77 48.33 12.95 46.34
C VAL I 77 49.35 12.15 47.17
N ALA I 78 49.57 12.61 48.40
CA ALA I 78 50.31 11.89 49.44
C ALA I 78 49.39 11.51 50.62
N ASN I 79 49.81 10.53 51.41
CA ASN I 79 49.02 9.94 52.52
C ASN I 79 47.71 9.31 52.05
N GLN I 80 47.79 8.54 50.97
CA GLN I 80 46.62 7.96 50.30
C GLN I 80 46.00 6.81 51.09
N PRO I 81 44.65 6.73 51.10
CA PRO I 81 43.95 5.59 51.66
C PRO I 81 44.18 4.32 50.86
N LYS I 82 44.09 3.17 51.52
CA LYS I 82 44.03 1.90 50.80
C LYS I 82 42.67 1.83 50.13
N ILE I 83 42.65 1.36 48.88
CA ILE I 83 41.43 1.36 48.12
C ILE I 83 40.86 -0.06 47.97
N LEU I 84 39.66 -0.24 48.54
CA LEU I 84 38.88 -1.44 48.37
C LEU I 84 37.75 -1.20 47.37
N VAL I 85 37.92 -1.77 46.19
CA VAL I 85 37.01 -1.60 45.09
C VAL I 85 35.84 -2.61 45.20
N VAL I 86 34.61 -2.12 45.04
CA VAL I 86 33.43 -2.99 45.11
C VAL I 86 32.91 -3.30 43.72
N SER I 87 33.06 -4.55 43.32
CA SER I 87 32.75 -4.95 41.98
C SER I 87 31.33 -5.44 41.82
N GLY I 88 30.85 -5.41 40.59
CA GLY I 88 29.61 -6.08 40.24
C GLY I 88 29.59 -6.46 38.78
N LEU I 89 28.82 -5.70 38.03
CA LEU I 89 28.44 -5.98 36.65
C LEU I 89 29.58 -6.12 35.64
N ASP I 90 30.53 -5.19 35.67
CA ASP I 90 31.60 -5.11 34.68
C ASP I 90 32.90 -5.70 35.24
N LYS I 91 33.24 -6.90 34.77
CA LYS I 91 34.45 -7.59 35.21
C LYS I 91 35.72 -7.11 34.51
N ALA I 92 35.56 -6.40 33.39
CA ALA I 92 36.69 -5.75 32.70
C ALA I 92 37.19 -4.56 33.51
N LYS I 93 36.25 -3.77 34.01
CA LYS I 93 36.54 -2.60 34.84
C LYS I 93 37.16 -3.02 36.18
N LEU I 94 36.72 -4.15 36.72
CA LEU I 94 37.27 -4.70 37.96
C LEU I 94 38.75 -5.07 37.80
N GLN I 95 39.05 -5.80 36.72
CA GLN I 95 40.41 -6.25 36.44
C GLN I 95 41.33 -5.08 36.13
N GLN I 96 40.78 -4.09 35.41
CA GLN I 96 41.49 -2.85 35.09
C GLN I 96 41.83 -2.04 36.35
N ALA I 97 40.90 -2.00 37.31
CA ALA I 97 41.07 -1.26 38.57
C ALA I 97 42.13 -1.87 39.48
N VAL I 98 42.16 -3.20 39.55
CA VAL I 98 43.15 -3.94 40.32
C VAL I 98 44.55 -3.70 39.73
N THR I 99 44.66 -3.76 38.41
CA THR I 99 45.91 -3.48 37.71
C THR I 99 46.35 -2.01 37.83
N GLU I 100 45.38 -1.10 37.86
CA GLU I 100 45.66 0.34 37.98
C GLU I 100 46.15 0.76 39.37
N GLY I 101 45.87 -0.05 40.38
CA GLY I 101 46.32 0.26 41.74
C GLY I 101 45.32 0.12 42.87
N ALA I 102 44.18 -0.53 42.61
CA ALA I 102 43.28 -0.91 43.71
C ALA I 102 44.01 -1.92 44.58
N ASP I 103 43.94 -1.71 45.89
CA ASP I 103 44.65 -2.57 46.84
C ASP I 103 43.99 -3.94 46.98
N ASP I 104 42.66 -3.97 47.00
CA ASP I 104 41.89 -5.22 47.02
C ASP I 104 40.51 -5.03 46.35
N TYR I 105 39.69 -6.08 46.38
CA TYR I 105 38.34 -6.02 45.83
C TYR I 105 37.35 -6.87 46.61
N LEU I 106 36.10 -6.44 46.55
CA LEU I 106 34.96 -7.23 46.97
C LEU I 106 34.12 -7.49 45.73
N GLU I 107 33.67 -8.72 45.54
CA GLU I 107 32.82 -9.02 44.41
C GLU I 107 31.43 -9.40 44.88
N LYS I 108 30.42 -8.99 44.11
CA LYS I 108 29.03 -9.21 44.44
C LYS I 108 28.67 -10.65 44.09
N PRO I 109 28.08 -11.40 45.04
CA PRO I 109 27.68 -11.04 46.40
C PRO I 109 28.77 -11.21 47.46
N PHE I 110 28.85 -10.29 48.40
CA PHE I 110 29.76 -10.42 49.54
C PHE I 110 29.05 -10.34 50.88
N ASP I 111 29.43 -11.26 51.76
CA ASP I 111 28.94 -11.40 53.14
C ASP I 111 29.46 -10.21 53.96
N ASN I 112 28.80 -9.92 55.08
CA ASN I 112 29.34 -8.96 56.04
C ASN I 112 30.66 -9.43 56.64
N ASP I 113 30.80 -10.76 56.83
CA ASP I 113 32.06 -11.40 57.19
C ASP I 113 33.14 -11.05 56.18
N ALA I 114 32.82 -11.20 54.89
CA ALA I 114 33.75 -10.94 53.80
C ALA I 114 34.17 -9.48 53.75
N LEU I 115 33.24 -8.57 54.06
CA LEU I 115 33.51 -7.13 54.11
C LEU I 115 34.57 -6.81 55.18
N LEU I 116 34.36 -7.31 56.39
CA LEU I 116 35.30 -7.08 57.50
C LEU I 116 36.65 -7.78 57.33
N ASP I 117 36.65 -8.93 56.65
CA ASP I 117 37.88 -9.68 56.39
C ASP I 117 38.82 -8.97 55.41
N ARG I 118 38.27 -8.42 54.32
CA ARG I 118 39.03 -7.62 53.35
C ARG I 118 39.59 -6.38 54.00
N ILE I 119 38.77 -5.77 54.86
CA ILE I 119 39.10 -4.53 55.55
C ILE I 119 40.29 -4.73 56.49
N HIS I 120 40.24 -5.79 57.30
CA HIS I 120 41.30 -6.06 58.27
C HIS I 120 42.62 -6.47 57.60
N ASP I 121 42.52 -7.13 56.45
CA ASP I 121 43.69 -7.47 55.64
C ASP I 121 44.37 -6.21 55.08
N LEU I 122 43.57 -5.19 54.80
CA LEU I 122 44.07 -3.91 54.28
C LEU I 122 44.82 -3.04 55.29
N VAL I 123 44.38 -3.04 56.56
CA VAL I 123 45.02 -2.21 57.59
C VAL I 123 46.18 -2.89 58.34
N ASN I 124 46.39 -4.18 58.09
CA ASN I 124 47.44 -4.93 58.78
C ASN I 124 48.68 -5.18 57.91
N GLU I 125 49.82 -4.68 58.37
CA GLU I 125 51.11 -4.85 57.69
C GLU I 125 51.25 -3.98 56.45
N GLN J 5 45.37 34.91 48.41
CA GLN J 5 45.35 35.73 47.16
C GLN J 5 46.45 35.33 46.18
N SER J 6 46.03 34.81 45.03
CA SER J 6 46.95 34.26 44.05
C SER J 6 46.40 34.34 42.62
N LYS J 7 47.23 33.92 41.66
CA LYS J 7 46.84 33.90 40.26
C LYS J 7 46.41 32.50 39.79
N ARG J 8 45.92 31.67 40.71
CA ARG J 8 45.61 30.27 40.38
C ARG J 8 44.12 30.02 40.14
N ILE J 9 43.80 29.47 38.97
CA ILE J 9 42.42 29.15 38.61
C ILE J 9 42.29 27.66 38.29
N LEU J 10 41.33 26.99 38.93
CA LEU J 10 40.98 25.63 38.57
C LEU J 10 39.80 25.66 37.60
N VAL J 11 39.99 25.07 36.43
CA VAL J 11 38.93 25.03 35.43
C VAL J 11 38.26 23.65 35.46
N VAL J 12 36.97 23.60 35.77
CA VAL J 12 36.27 22.32 35.84
C VAL J 12 35.25 22.18 34.73
N ASP J 13 35.52 21.23 33.84
CA ASP J 13 34.67 20.96 32.70
C ASP J 13 35.03 19.60 32.12
N ASP J 14 34.02 18.80 31.81
CA ASP J 14 34.23 17.53 31.11
C ASP J 14 34.51 17.75 29.62
N ASP J 15 34.12 18.91 29.10
CA ASP J 15 34.39 19.27 27.70
C ASP J 15 35.85 19.68 27.64
N GLN J 16 36.69 18.79 27.11
CA GLN J 16 38.14 19.00 27.03
C GLN J 16 38.49 20.23 26.19
N ALA J 17 37.80 20.39 25.06
CA ALA J 17 38.01 21.54 24.16
C ALA J 17 37.62 22.89 24.78
N MET J 18 36.44 22.94 25.40
CA MET J 18 35.99 24.15 26.08
C MET J 18 36.95 24.49 27.23
N ALA J 19 37.38 23.47 27.98
CA ALA J 19 38.33 23.66 29.08
C ALA J 19 39.70 24.18 28.58
N ALA J 20 40.15 23.64 27.44
CA ALA J 20 41.35 24.10 26.75
C ALA J 20 41.25 25.56 26.29
N ALA J 21 40.09 25.94 25.77
CA ALA J 21 39.85 27.31 25.29
C ALA J 21 39.79 28.31 26.45
N ILE J 22 39.13 27.91 27.53
CA ILE J 22 39.07 28.74 28.73
C ILE J 22 40.50 28.94 29.22
N GLU J 23 41.22 27.83 29.38
CA GLU J 23 42.63 27.86 29.82
C GLU J 23 43.50 28.78 28.96
N ARG J 24 43.38 28.69 27.63
CA ARG J 24 44.15 29.55 26.72
CA ARG J 24 44.16 29.54 26.73
C ARG J 24 43.93 31.03 27.02
N VAL J 25 42.67 31.45 27.14
CA VAL J 25 42.31 32.83 27.46
C VAL J 25 42.93 33.29 28.80
N LEU J 26 42.80 32.45 29.82
CA LEU J 26 43.33 32.75 31.15
C LEU J 26 44.88 32.78 31.20
N LYS J 27 45.53 31.84 30.53
CA LYS J 27 47.00 31.84 30.40
C LYS J 27 47.47 33.12 29.71
N ARG J 28 46.77 33.51 28.64
CA ARG J 28 47.06 34.73 27.88
C ARG J 28 46.89 36.01 28.72
N ASP J 29 46.11 35.90 29.79
CA ASP J 29 45.88 36.99 30.72
C ASP J 29 46.68 36.76 32.01
N HIS J 30 47.70 35.90 31.91
CA HIS J 30 48.70 35.68 32.97
C HIS J 30 48.19 35.00 34.25
N TRP J 31 47.19 34.13 34.12
CA TRP J 31 46.74 33.29 35.23
C TRP J 31 47.40 31.92 35.15
N GLN J 32 47.58 31.31 36.32
CA GLN J 32 48.05 29.94 36.42
C GLN J 32 46.83 29.01 36.48
N VAL J 33 46.84 27.99 35.63
CA VAL J 33 45.65 27.17 35.40
C VAL J 33 45.93 25.68 35.58
N GLU J 34 44.98 24.99 36.22
CA GLU J 34 44.84 23.54 36.12
C GLU J 34 43.41 23.21 35.73
N ILE J 35 43.24 22.07 35.09
CA ILE J 35 41.96 21.60 34.57
C ILE J 35 41.56 20.27 35.22
N ALA J 36 40.30 20.17 35.64
CA ALA J 36 39.72 18.91 36.10
C ALA J 36 38.53 18.52 35.20
N HIS J 37 38.52 17.29 34.70
CA HIS J 37 37.47 16.79 33.79
C HIS J 37 36.31 16.05 34.48
N ASN J 38 36.45 15.83 35.79
CA ASN J 38 35.48 15.11 36.61
C ASN J 38 35.51 15.64 38.04
N GLY J 39 34.49 15.30 38.82
CA GLY J 39 34.32 15.84 40.17
C GLY J 39 35.41 15.45 41.15
N PHE J 40 35.83 14.20 41.11
CA PHE J 40 36.86 13.70 42.03
C PHE J 40 38.17 14.46 41.84
N ASP J 41 38.58 14.58 40.59
CA ASP J 41 39.76 15.33 40.21
C ASP J 41 39.71 16.80 40.67
N ALA J 42 38.53 17.41 40.55
CA ALA J 42 38.30 18.77 41.04
C ALA J 42 38.48 18.90 42.56
N GLY J 43 37.94 17.92 43.29
CA GLY J 43 38.04 17.90 44.74
C GLY J 43 39.47 17.74 45.21
N ILE J 44 40.20 16.86 44.53
CA ILE J 44 41.62 16.64 44.80
C ILE J 44 42.45 17.87 44.44
N LYS J 45 42.27 18.40 43.23
CA LYS J 45 43.00 19.62 42.82
C LYS J 45 42.74 20.83 43.69
N LEU J 46 41.56 20.92 44.28
CA LEU J 46 41.26 21.96 45.27
C LEU J 46 42.24 21.92 46.43
N SER J 47 42.74 20.72 46.75
CA SER J 47 43.74 20.56 47.81
CA SER J 47 43.73 20.55 47.80
C SER J 47 45.15 20.74 47.27
N THR J 48 45.45 20.12 46.13
CA THR J 48 46.82 20.13 45.59
C THR J 48 47.22 21.43 44.88
N PHE J 49 46.25 22.13 44.31
CA PHE J 49 46.51 23.33 43.51
C PHE J 49 46.12 24.62 44.25
N GLU J 50 45.21 24.50 45.22
CA GLU J 50 44.68 25.63 46.01
C GLU J 50 44.37 26.90 45.21
N PRO J 51 43.37 26.82 44.31
CA PRO J 51 43.15 27.96 43.43
C PRO J 51 42.44 29.11 44.13
N ALA J 52 42.60 30.32 43.60
CA ALA J 52 41.86 31.48 44.05
C ALA J 52 40.43 31.46 43.50
N ILE J 53 40.28 30.94 42.29
CA ILE J 53 39.00 30.87 41.61
C ILE J 53 38.83 29.46 41.02
N MET J 54 37.58 28.96 41.04
CA MET J 54 37.20 27.77 40.30
C MET J 54 36.08 28.07 39.31
N THR J 55 36.32 27.75 38.04
CA THR J 55 35.24 27.81 37.09
C THR J 55 34.56 26.43 37.09
N LEU J 56 33.22 26.44 37.18
CA LEU J 56 32.43 25.23 37.29
C LEU J 56 31.37 25.17 36.23
N ASP J 57 31.54 24.25 35.29
CA ASP J 57 30.57 24.05 34.25
C ASP J 57 29.33 23.35 34.77
N LEU J 58 28.18 23.91 34.44
CA LEU J 58 26.89 23.42 34.93
C LEU J 58 26.24 22.41 33.98
N SER J 59 26.91 22.12 32.86
CA SER J 59 26.37 21.22 31.87
C SER J 59 27.21 19.93 31.74
N MET J 60 27.86 19.55 32.84
CA MET J 60 28.61 18.29 32.90
C MET J 60 27.59 17.18 33.17
N PRO J 61 27.47 16.19 32.25
CA PRO J 61 26.45 15.15 32.48
C PRO J 61 26.67 14.30 33.74
N LYS J 62 27.91 14.20 34.20
CA LYS J 62 28.22 13.33 35.33
C LYS J 62 28.59 14.11 36.59
N LEU J 63 28.36 15.41 36.57
CA LEU J 63 28.56 16.25 37.76
C LEU J 63 27.48 17.34 37.87
N ASP J 64 26.74 17.28 38.97
CA ASP J 64 25.75 18.29 39.33
C ASP J 64 26.50 19.40 40.06
N GLY J 65 26.51 20.60 39.48
CA GLY J 65 27.20 21.75 40.06
C GLY J 65 26.79 22.09 41.49
N LEU J 66 25.53 21.82 41.81
CA LEU J 66 25.00 21.97 43.17
C LEU J 66 25.71 21.09 44.19
N ASP J 67 26.09 19.87 43.78
CA ASP J 67 26.81 18.92 44.65
C ASP J 67 28.11 19.51 45.16
N VAL J 68 28.81 20.21 44.26
CA VAL J 68 30.08 20.86 44.55
C VAL J 68 29.94 21.91 45.64
N ILE J 69 28.96 22.79 45.47
CA ILE J 69 28.70 23.86 46.42
C ILE J 69 28.24 23.30 47.77
N ARG J 70 27.35 22.30 47.72
CA ARG J 70 26.87 21.67 48.94
C ARG J 70 27.95 20.91 49.71
N SER J 71 28.90 20.30 48.98
CA SER J 71 30.02 19.58 49.62
CA SER J 71 30.02 19.58 49.62
C SER J 71 30.95 20.53 50.34
N LEU J 72 31.26 21.67 49.71
CA LEU J 72 32.11 22.68 50.33
C LEU J 72 31.51 23.20 51.63
N ARG J 73 30.20 23.46 51.62
CA ARG J 73 29.44 23.87 52.81
CA ARG J 73 29.45 23.88 52.80
C ARG J 73 29.38 22.77 53.86
N GLN J 74 28.99 21.56 53.43
CA GLN J 74 28.81 20.42 54.36
C GLN J 74 30.11 20.00 55.03
N ASN J 75 31.21 20.00 54.28
CA ASN J 75 32.49 19.58 54.83
C ASN J 75 33.30 20.68 55.52
N LYS J 76 32.67 21.84 55.74
CA LYS J 76 33.27 23.02 56.42
C LYS J 76 34.64 23.42 55.85
N VAL J 77 34.73 23.49 54.53
CA VAL J 77 35.99 23.76 53.84
C VAL J 77 36.43 25.21 54.02
N ALA J 78 37.67 25.38 54.47
CA ALA J 78 38.27 26.69 54.71
C ALA J 78 39.01 27.16 53.47
N ASN J 79 39.21 28.48 53.38
CA ASN J 79 39.89 29.12 52.26
C ASN J 79 39.38 28.64 50.90
N GLN J 80 38.05 28.65 50.75
CA GLN J 80 37.40 28.18 49.53
C GLN J 80 37.71 29.14 48.39
N PRO J 81 37.80 28.63 47.14
CA PRO J 81 37.95 29.57 46.04
C PRO J 81 36.63 30.27 45.75
N LYS J 82 36.72 31.37 45.02
CA LYS J 82 35.54 32.00 44.46
C LYS J 82 35.07 31.08 43.34
N ILE J 83 33.78 30.82 43.27
CA ILE J 83 33.25 29.92 42.25
C ILE J 83 32.52 30.76 41.22
N LEU J 84 32.94 30.60 39.96
CA LEU J 84 32.26 31.13 38.81
C LEU J 84 31.59 29.97 38.12
N VAL J 85 30.27 30.07 38.02
CA VAL J 85 29.48 29.00 37.52
C VAL J 85 29.31 29.26 36.02
N VAL J 86 29.53 28.25 35.20
CA VAL J 86 29.44 28.41 33.77
C VAL J 86 28.15 27.74 33.27
N SER J 87 27.16 28.57 33.00
CA SER J 87 25.77 28.13 32.82
C SER J 87 25.40 27.75 31.40
N GLY J 88 24.57 26.74 31.26
CA GLY J 88 24.09 26.29 29.95
C GLY J 88 22.60 26.52 29.70
N LEU J 89 21.93 25.52 29.13
CA LEU J 89 20.49 25.55 28.83
C LEU J 89 19.59 25.68 30.07
N ASP J 90 19.95 24.96 31.12
CA ASP J 90 19.16 24.89 32.34
C ASP J 90 19.30 26.16 33.17
N LYS J 91 18.36 27.09 32.98
CA LYS J 91 18.37 28.37 33.71
C LYS J 91 18.03 28.24 35.20
N ALA J 92 17.26 27.20 35.53
CA ALA J 92 16.86 26.96 36.92
C ALA J 92 18.04 26.46 37.74
N LYS J 93 18.85 25.59 37.16
CA LYS J 93 20.11 25.13 37.76
C LYS J 93 21.05 26.31 38.05
N LEU J 94 21.16 27.21 37.08
CA LEU J 94 21.92 28.45 37.23
C LEU J 94 21.46 29.25 38.46
N GLN J 95 20.16 29.58 38.52
CA GLN J 95 19.63 30.36 39.63
C GLN J 95 19.84 29.66 40.96
N GLN J 96 19.61 28.34 40.96
CA GLN J 96 19.80 27.51 42.14
C GLN J 96 21.24 27.61 42.64
N ALA J 97 22.19 27.52 41.72
CA ALA J 97 23.61 27.60 42.07
C ALA J 97 23.99 28.97 42.66
N VAL J 98 23.46 30.04 42.07
CA VAL J 98 23.71 31.40 42.56
C VAL J 98 23.17 31.58 44.00
N THR J 99 21.93 31.12 44.23
CA THR J 99 21.28 31.25 45.54
C THR J 99 21.97 30.41 46.61
N GLU J 100 22.49 29.26 46.19
CA GLU J 100 23.21 28.38 47.10
C GLU J 100 24.67 28.78 47.31
N GLY J 101 25.09 29.87 46.69
CA GLY J 101 26.36 30.51 47.07
C GLY J 101 27.44 30.72 46.03
N ALA J 102 27.18 30.32 44.78
CA ALA J 102 28.09 30.66 43.69
C ALA J 102 28.30 32.17 43.66
N ASP J 103 29.55 32.58 43.51
CA ASP J 103 29.96 33.98 43.58
C ASP J 103 29.57 34.79 42.36
N ASP J 104 29.59 34.17 41.18
CA ASP J 104 29.21 34.82 39.93
C ASP J 104 28.89 33.77 38.87
N TYR J 105 28.46 34.21 37.69
CA TYR J 105 28.08 33.29 36.64
C TYR J 105 28.47 33.81 35.26
N LEU J 106 28.44 32.91 34.29
CA LEU J 106 28.80 33.21 32.93
C LEU J 106 28.00 32.32 32.00
N GLU J 107 27.16 32.92 31.17
CA GLU J 107 26.34 32.15 30.26
C GLU J 107 27.10 31.77 29.00
N LYS J 108 26.95 30.51 28.59
CA LYS J 108 27.49 29.99 27.34
C LYS J 108 26.54 30.29 26.19
N PRO J 109 27.08 30.55 24.98
CA PRO J 109 28.46 30.81 24.64
C PRO J 109 28.87 32.23 25.00
N PHE J 110 30.11 32.39 25.44
CA PHE J 110 30.62 33.69 25.83
C PHE J 110 31.84 34.01 24.97
N ASP J 111 32.20 35.29 24.89
CA ASP J 111 33.44 35.63 24.22
C ASP J 111 34.56 35.82 25.25
N ASN J 112 35.78 36.01 24.75
CA ASN J 112 36.96 36.08 25.59
C ASN J 112 36.91 37.21 26.63
N ASP J 113 36.45 38.38 26.20
CA ASP J 113 36.33 39.56 27.07
C ASP J 113 35.35 39.38 28.23
N ALA J 114 34.25 38.66 27.99
CA ALA J 114 33.24 38.39 29.01
C ALA J 114 33.75 37.47 30.12
N LEU J 115 34.52 36.45 29.73
CA LEU J 115 35.19 35.60 30.71
C LEU J 115 36.12 36.42 31.61
N LEU J 116 36.97 37.24 31.00
CA LEU J 116 37.99 38.00 31.71
C LEU J 116 37.41 39.05 32.65
N ASP J 117 36.32 39.70 32.22
CA ASP J 117 35.56 40.63 33.06
C ASP J 117 35.10 40.00 34.37
N ARG J 118 34.51 38.80 34.29
CA ARG J 118 34.04 38.08 35.49
C ARG J 118 35.20 37.68 36.38
N ILE J 119 36.24 37.15 35.74
CA ILE J 119 37.47 36.74 36.45
C ILE J 119 38.08 37.92 37.21
N HIS J 120 38.22 39.06 36.54
CA HIS J 120 38.73 40.29 37.19
C HIS J 120 37.81 40.82 38.28
N ASP J 121 36.50 40.72 38.08
CA ASP J 121 35.53 41.17 39.08
C ASP J 121 35.53 40.32 40.35
N LEU J 122 35.79 39.03 40.20
CA LEU J 122 35.87 38.12 41.34
C LEU J 122 37.00 38.47 42.30
N VAL J 123 38.12 38.92 41.73
CA VAL J 123 39.28 39.33 42.54
C VAL J 123 39.29 40.85 42.83
N ASN J 124 38.16 41.52 42.57
CA ASN J 124 37.99 42.94 42.91
C ASN J 124 37.10 43.16 44.12
N GLN K 5 4.92 46.37 60.38
CA GLN K 5 6.39 46.22 60.63
C GLN K 5 6.70 44.99 61.48
N SER K 6 7.33 44.00 60.83
CA SER K 6 7.76 42.76 61.46
C SER K 6 8.89 42.14 60.62
N LYS K 7 9.42 41.00 61.09
CA LYS K 7 10.48 40.28 60.40
C LYS K 7 9.94 39.09 59.60
N ARG K 8 8.64 39.10 59.31
CA ARG K 8 7.99 37.94 58.71
C ARG K 8 7.92 38.04 57.19
N ILE K 9 8.48 37.03 56.51
CA ILE K 9 8.44 36.95 55.05
C ILE K 9 7.80 35.64 54.57
N LEU K 10 6.77 35.77 53.72
CA LEU K 10 6.16 34.63 53.08
C LEU K 10 6.78 34.44 51.69
N VAL K 11 7.31 33.24 51.45
CA VAL K 11 7.97 32.93 50.18
C VAL K 11 7.05 32.00 49.39
N VAL K 12 6.63 32.45 48.22
CA VAL K 12 5.68 31.70 47.40
C VAL K 12 6.33 31.20 46.11
N ASP K 13 6.46 29.88 46.02
CA ASP K 13 7.11 29.22 44.89
C ASP K 13 6.79 27.73 44.96
N ASP K 14 6.50 27.13 43.80
CA ASP K 14 6.25 25.69 43.71
C ASP K 14 7.54 24.86 43.67
N ASP K 15 8.64 25.50 43.29
CA ASP K 15 9.95 24.86 43.31
C ASP K 15 10.37 24.82 44.78
N GLN K 16 10.25 23.64 45.38
CA GLN K 16 10.57 23.42 46.79
C GLN K 16 12.04 23.64 47.09
N ALA K 17 12.91 23.17 46.19
CA ALA K 17 14.36 23.36 46.31
C ALA K 17 14.76 24.84 46.26
N MET K 18 14.20 25.58 45.32
CA MET K 18 14.44 27.04 45.25
C MET K 18 13.89 27.77 46.47
N ALA K 19 12.70 27.40 46.92
CA ALA K 19 12.06 28.05 48.08
C ALA K 19 12.85 27.83 49.37
N ALA K 20 13.36 26.62 49.56
CA ALA K 20 14.19 26.31 50.73
C ALA K 20 15.52 27.04 50.67
N ALA K 21 16.05 27.25 49.46
CA ALA K 21 17.31 27.96 49.26
C ALA K 21 17.18 29.44 49.63
N ILE K 22 16.09 30.05 49.18
CA ILE K 22 15.72 31.43 49.54
C ILE K 22 15.50 31.56 51.04
N GLU K 23 14.74 30.61 51.60
CA GLU K 23 14.53 30.50 53.04
C GLU K 23 15.85 30.53 53.84
N ARG K 24 16.84 29.74 53.43
CA ARG K 24 18.13 29.68 54.11
CA ARG K 24 18.12 29.68 54.15
C ARG K 24 18.83 31.03 54.13
N VAL K 25 18.79 31.72 52.99
CA VAL K 25 19.39 33.05 52.84
C VAL K 25 18.67 34.04 53.76
N LEU K 26 17.35 33.99 53.76
CA LEU K 26 16.55 34.90 54.59
C LEU K 26 16.69 34.63 56.09
N LYS K 27 16.75 33.35 56.47
CA LYS K 27 16.92 32.99 57.90
C LYS K 27 18.29 33.38 58.45
N ARG K 28 19.32 33.25 57.61
CA ARG K 28 20.68 33.73 57.89
C ARG K 28 20.69 35.22 58.17
N ASP K 29 19.81 35.95 57.48
CA ASP K 29 19.68 37.39 57.67
C ASP K 29 18.60 37.74 58.73
N HIS K 30 18.32 36.78 59.62
CA HIS K 30 17.46 36.95 60.79
C HIS K 30 15.97 37.20 60.51
N TRP K 31 15.48 36.78 59.34
CA TRP K 31 14.06 36.85 59.02
C TRP K 31 13.32 35.60 59.52
N GLN K 32 12.02 35.76 59.76
CA GLN K 32 11.12 34.64 60.03
C GLN K 32 10.43 34.31 58.71
N VAL K 33 10.55 33.04 58.29
CA VAL K 33 10.10 32.60 56.96
C VAL K 33 9.04 31.51 57.05
N GLU K 34 7.99 31.67 56.25
CA GLU K 34 7.12 30.56 55.89
C GLU K 34 7.06 30.43 54.39
N ILE K 35 6.79 29.21 53.93
CA ILE K 35 6.77 28.88 52.51
C ILE K 35 5.37 28.41 52.07
N ALA K 36 4.92 28.88 50.90
CA ALA K 36 3.71 28.36 50.28
C ALA K 36 4.01 27.91 48.85
N HIS K 37 3.55 26.71 48.47
CA HIS K 37 3.81 26.14 47.14
C HIS K 37 2.67 26.36 46.15
N ASN K 38 1.52 26.82 46.63
CA ASN K 38 0.34 27.03 45.81
C ASN K 38 -0.44 28.27 46.21
N GLY K 39 -1.38 28.68 45.36
CA GLY K 39 -2.23 29.84 45.61
C GLY K 39 -2.99 29.82 46.93
N PHE K 40 -3.66 28.71 47.22
CA PHE K 40 -4.47 28.58 48.42
C PHE K 40 -3.66 28.78 49.69
N ASP K 41 -2.50 28.13 49.74
CA ASP K 41 -1.61 28.17 50.87
C ASP K 41 -1.05 29.58 51.08
N ALA K 42 -0.77 30.27 49.97
CA ALA K 42 -0.32 31.65 50.00
C ALA K 42 -1.40 32.57 50.58
N GLY K 43 -2.63 32.45 50.09
CA GLY K 43 -3.76 33.22 50.57
C GLY K 43 -4.08 33.02 52.04
N ILE K 44 -4.08 31.75 52.47
CA ILE K 44 -4.28 31.39 53.87
C ILE K 44 -3.21 31.99 54.77
N LYS K 45 -1.94 31.88 54.33
CA LYS K 45 -0.81 32.34 55.14
C LYS K 45 -0.72 33.86 55.28
N LEU K 46 -1.30 34.59 54.33
CA LEU K 46 -1.42 36.04 54.44
C LEU K 46 -2.12 36.48 55.71
N SER K 47 -3.10 35.73 56.19
CA SER K 47 -3.72 36.04 57.48
C SER K 47 -3.19 35.20 58.65
N THR K 48 -2.75 33.97 58.39
CA THR K 48 -2.22 33.06 59.40
CA THR K 48 -2.25 33.12 59.48
C THR K 48 -0.82 33.48 59.90
N PHE K 49 -0.06 34.09 59.00
CA PHE K 49 1.34 34.42 59.25
C PHE K 49 1.57 35.92 59.17
N GLU K 50 0.60 36.64 58.61
CA GLU K 50 0.65 38.11 58.49
C GLU K 50 2.03 38.69 58.11
N PRO K 51 2.55 38.33 56.93
CA PRO K 51 3.92 38.69 56.61
C PRO K 51 4.08 40.18 56.32
N ALA K 52 5.28 40.71 56.62
CA ALA K 52 5.64 42.08 56.22
C ALA K 52 5.88 42.12 54.71
N ILE K 53 6.45 41.04 54.18
CA ILE K 53 6.79 40.88 52.76
C ILE K 53 6.32 39.52 52.21
N MET K 54 5.84 39.52 50.97
CA MET K 54 5.59 38.29 50.23
C MET K 54 6.44 38.28 48.94
N THR K 55 7.24 37.22 48.77
CA THR K 55 7.97 37.03 47.51
C THR K 55 7.13 36.12 46.62
N LEU K 56 6.99 36.50 45.37
CA LEU K 56 6.04 35.80 44.51
C LEU K 56 6.66 35.42 43.18
N ASP K 57 6.84 34.12 42.99
CA ASP K 57 7.46 33.65 41.78
C ASP K 57 6.45 33.72 40.65
N LEU K 58 6.87 34.32 39.55
CA LEU K 58 6.00 34.49 38.38
C LEU K 58 6.08 33.33 37.40
N SER K 59 6.83 32.29 37.74
CA SER K 59 7.00 31.15 36.83
C SER K 59 6.34 29.90 37.38
N MET K 60 5.30 30.11 38.18
CA MET K 60 4.53 29.02 38.77
C MET K 60 3.47 28.60 37.73
N PRO K 61 3.55 27.34 37.25
CA PRO K 61 2.67 26.87 36.16
C PRO K 61 1.19 26.87 36.52
N LYS K 62 0.88 26.68 37.79
CA LYS K 62 -0.49 26.60 38.28
C LYS K 62 -0.99 27.93 38.87
N LEU K 63 -0.05 28.80 39.25
CA LEU K 63 -0.38 30.07 39.87
C LEU K 63 -0.07 31.27 38.98
N ASP K 64 -1.09 32.08 38.70
CA ASP K 64 -0.92 33.29 37.90
C ASP K 64 -0.67 34.46 38.84
N GLY K 65 0.58 34.94 38.85
CA GLY K 65 0.99 36.05 39.71
C GLY K 65 0.16 37.32 39.54
N LEU K 66 -0.28 37.58 38.32
CA LEU K 66 -1.14 38.70 37.99
C LEU K 66 -2.54 38.60 38.61
N ASP K 67 -3.05 37.37 38.74
CA ASP K 67 -4.30 37.12 39.45
C ASP K 67 -4.15 37.39 40.94
N VAL K 68 -3.02 36.97 41.51
CA VAL K 68 -2.74 37.13 42.95
C VAL K 68 -2.73 38.61 43.35
N ILE K 69 -1.97 39.40 42.60
CA ILE K 69 -1.88 40.85 42.80
C ILE K 69 -3.24 41.53 42.63
N ARG K 70 -3.98 41.18 41.57
CA ARG K 70 -5.34 41.70 41.34
C ARG K 70 -6.32 41.36 42.46
N SER K 71 -6.21 40.14 43.00
CA SER K 71 -7.05 39.72 44.12
C SER K 71 -6.65 40.42 45.40
N LEU K 72 -5.34 40.50 45.66
CA LEU K 72 -4.81 41.05 46.89
C LEU K 72 -5.00 42.57 47.01
N ARG K 73 -4.36 43.31 46.10
CA ARG K 73 -4.34 44.78 46.15
C ARG K 73 -5.73 45.41 46.11
N GLN K 74 -6.56 44.94 45.19
CA GLN K 74 -7.90 45.51 45.00
C GLN K 74 -8.91 45.10 46.05
N ASN K 75 -9.00 43.81 46.35
CA ASN K 75 -10.10 43.31 47.16
C ASN K 75 -9.96 43.33 48.69
N LYS K 76 -9.71 44.54 49.20
CA LYS K 76 -9.94 44.94 50.59
C LYS K 76 -9.23 44.16 51.70
N VAL K 77 -8.08 43.55 51.36
CA VAL K 77 -7.26 42.89 52.38
C VAL K 77 -6.50 43.96 53.15
N ALA K 78 -6.64 43.95 54.47
CA ALA K 78 -5.92 44.87 55.34
C ALA K 78 -4.59 44.27 55.72
N ASN K 79 -3.66 45.14 56.16
CA ASN K 79 -2.29 44.79 56.55
C ASN K 79 -1.53 44.04 55.45
N GLN K 80 -1.71 44.50 54.21
CA GLN K 80 -1.12 43.91 53.02
C GLN K 80 0.41 44.02 53.03
N PRO K 81 1.09 42.90 52.74
CA PRO K 81 2.55 42.91 52.71
C PRO K 81 3.09 43.65 51.48
N LYS K 82 4.35 44.07 51.56
CA LYS K 82 5.04 44.56 50.37
C LYS K 82 5.32 43.34 49.49
N ILE K 83 5.18 43.50 48.18
CA ILE K 83 5.30 42.36 47.26
C ILE K 83 6.58 42.43 46.43
N LEU K 84 7.41 41.39 46.58
CA LEU K 84 8.62 41.24 45.78
C LEU K 84 8.45 40.14 44.73
N VAL K 85 8.20 40.58 43.50
CA VAL K 85 7.96 39.66 42.40
C VAL K 85 9.30 39.10 41.88
N VAL K 86 9.34 37.78 41.61
CA VAL K 86 10.53 37.15 41.07
C VAL K 86 10.23 36.95 39.58
N SER K 87 10.97 37.67 38.74
CA SER K 87 10.70 37.70 37.31
C SER K 87 10.92 36.36 36.64
N GLY K 88 10.14 36.11 35.61
CA GLY K 88 10.38 34.98 34.72
C GLY K 88 10.87 35.47 33.38
N LEU K 89 10.81 34.60 32.38
CA LEU K 89 11.21 34.99 31.04
C LEU K 89 10.19 35.91 30.35
N ASP K 90 8.93 35.85 30.80
CA ASP K 90 7.89 36.75 30.30
C ASP K 90 8.04 38.16 30.91
N LYS K 91 8.71 39.03 30.17
CA LYS K 91 8.94 40.41 30.63
C LYS K 91 7.69 41.27 30.59
N ALA K 92 6.78 40.98 29.65
CA ALA K 92 5.49 41.68 29.57
C ALA K 92 4.63 41.43 30.81
N LYS K 93 4.66 40.19 31.31
CA LYS K 93 3.99 39.80 32.55
C LYS K 93 4.58 40.51 33.75
N LEU K 94 5.91 40.60 33.76
CA LEU K 94 6.67 41.24 34.84
C LEU K 94 6.31 42.74 35.04
N GLN K 95 6.27 43.49 33.95
CA GLN K 95 6.03 44.93 34.02
C GLN K 95 4.58 45.20 34.36
N GLN K 96 3.72 44.28 33.93
CA GLN K 96 2.29 44.30 34.25
C GLN K 96 2.08 44.12 35.76
N ALA K 97 2.91 43.28 36.37
CA ALA K 97 2.85 43.00 37.81
C ALA K 97 3.22 44.23 38.65
N VAL K 98 4.26 44.95 38.22
CA VAL K 98 4.76 46.17 38.89
C VAL K 98 3.71 47.30 38.90
N THR K 99 3.06 47.53 37.77
CA THR K 99 2.01 48.54 37.68
C THR K 99 0.76 48.12 38.46
N GLU K 100 0.48 46.81 38.48
CA GLU K 100 -0.66 46.23 39.19
C GLU K 100 -0.56 46.27 40.72
N GLY K 101 0.66 46.38 41.24
CA GLY K 101 0.85 46.51 42.68
C GLY K 101 2.11 45.92 43.29
N ALA K 102 2.94 45.26 42.48
CA ALA K 102 4.23 44.76 42.96
C ALA K 102 5.14 45.92 43.31
N ASP K 103 5.72 45.87 44.50
CA ASP K 103 6.51 46.97 45.04
C ASP K 103 7.95 47.01 44.50
N ASP K 104 8.47 45.85 44.10
CA ASP K 104 9.78 45.73 43.45
C ASP K 104 9.89 44.34 42.81
N TYR K 105 10.93 44.13 42.02
CA TYR K 105 11.19 42.83 41.46
C TYR K 105 12.67 42.45 41.43
N LEU K 106 12.90 41.14 41.42
CA LEU K 106 14.24 40.58 41.22
C LEU K 106 14.34 40.13 39.78
N GLU K 107 15.49 40.42 39.17
CA GLU K 107 15.78 40.05 37.79
C GLU K 107 16.28 38.60 37.69
N LYS K 108 16.38 38.09 36.48
CA LYS K 108 16.72 36.69 36.26
C LYS K 108 18.10 36.56 35.56
N PRO K 109 19.12 36.00 36.27
CA PRO K 109 19.14 35.53 37.66
C PRO K 109 19.51 36.60 38.68
N PHE K 110 19.21 36.36 39.95
CA PHE K 110 19.49 37.33 41.00
C PHE K 110 20.42 36.71 42.05
N ASP K 111 21.32 37.51 42.59
CA ASP K 111 22.19 37.03 43.67
C ASP K 111 21.63 37.31 45.06
N ASN K 112 22.23 36.71 46.08
CA ASN K 112 21.77 36.89 47.45
C ASN K 112 21.86 38.32 47.96
N ASP K 113 22.88 39.06 47.50
CA ASP K 113 23.00 40.49 47.80
C ASP K 113 21.80 41.28 47.30
N ALA K 114 21.39 41.02 46.05
CA ALA K 114 20.21 41.65 45.46
C ALA K 114 18.91 41.27 46.19
N LEU K 115 18.79 40.00 46.59
CA LEU K 115 17.63 39.55 47.36
C LEU K 115 17.55 40.29 48.68
N LEU K 116 18.65 40.36 49.43
CA LEU K 116 18.61 40.98 50.74
C LEU K 116 18.49 42.50 50.70
N ASP K 117 19.07 43.12 49.68
CA ASP K 117 18.98 44.58 49.48
C ASP K 117 17.57 45.01 49.12
N ARG K 118 16.92 44.28 48.21
CA ARG K 118 15.55 44.61 47.81
C ARG K 118 14.53 44.32 48.92
N ILE K 119 14.78 43.28 49.72
CA ILE K 119 13.97 42.97 50.88
C ILE K 119 14.05 44.10 51.93
N HIS K 120 15.27 44.47 52.31
CA HIS K 120 15.52 45.56 53.27
C HIS K 120 14.94 46.90 52.84
N ASP K 121 15.03 47.19 51.54
CA ASP K 121 14.50 48.42 50.95
C ASP K 121 12.98 48.54 51.03
N LEU K 122 12.29 47.41 50.88
CA LEU K 122 10.83 47.37 50.96
C LEU K 122 10.29 47.76 52.34
N VAL K 123 11.09 47.52 53.39
CA VAL K 123 10.71 47.88 54.76
C VAL K 123 11.49 49.08 55.35
N ASN K 124 12.06 49.91 54.49
CA ASN K 124 12.79 51.10 54.94
C ASN K 124 12.00 52.40 54.80
N SER L 6 -24.66 31.50 60.60
CA SER L 6 -24.25 32.36 59.45
C SER L 6 -24.66 31.73 58.11
N LYS L 7 -25.16 32.57 57.21
CA LYS L 7 -25.65 32.06 55.94
C LYS L 7 -24.74 32.39 54.75
N ARG L 8 -23.43 32.22 54.97
CA ARG L 8 -22.43 32.52 53.95
C ARG L 8 -21.79 31.29 53.34
N ILE L 9 -21.80 31.22 52.00
CA ILE L 9 -21.17 30.12 51.28
C ILE L 9 -20.17 30.59 50.20
N LEU L 10 -18.96 30.05 50.25
CA LEU L 10 -17.94 30.25 49.23
C LEU L 10 -17.94 29.10 48.23
N VAL L 11 -18.20 29.41 46.96
CA VAL L 11 -18.18 28.41 45.89
C VAL L 11 -16.82 28.44 45.19
N VAL L 12 -16.08 27.33 45.25
CA VAL L 12 -14.77 27.25 44.59
C VAL L 12 -14.84 26.28 43.42
N ASP L 13 -14.64 26.81 42.23
CA ASP L 13 -14.71 26.07 40.96
C ASP L 13 -14.13 26.98 39.88
N ASP L 14 -13.28 26.40 39.04
CA ASP L 14 -12.61 27.18 38.00
C ASP L 14 -13.52 27.42 36.79
N ASP L 15 -14.51 26.56 36.60
CA ASP L 15 -15.52 26.78 35.56
C ASP L 15 -16.47 27.87 36.05
N GLN L 16 -16.43 29.01 35.37
CA GLN L 16 -17.15 30.20 35.80
C GLN L 16 -18.66 30.03 35.65
N ALA L 17 -19.08 29.25 34.65
CA ALA L 17 -20.48 29.02 34.37
C ALA L 17 -21.15 28.08 35.37
N MET L 18 -20.45 27.00 35.71
CA MET L 18 -20.90 26.03 36.71
C MET L 18 -20.95 26.66 38.10
N ALA L 19 -19.97 27.51 38.40
CA ALA L 19 -19.94 28.26 39.67
C ALA L 19 -21.14 29.19 39.78
N ALA L 20 -21.45 29.88 38.68
CA ALA L 20 -22.57 30.81 38.60
C ALA L 20 -23.92 30.11 38.72
N ALA L 21 -24.02 28.91 38.13
CA ALA L 21 -25.22 28.07 38.25
C ALA L 21 -25.43 27.60 39.68
N ILE L 22 -24.35 27.19 40.34
CA ILE L 22 -24.39 26.82 41.77
C ILE L 22 -24.82 28.01 42.64
N GLU L 23 -24.22 29.17 42.36
CA GLU L 23 -24.54 30.41 43.08
C GLU L 23 -26.04 30.76 42.98
N ARG L 24 -26.60 30.63 41.77
CA ARG L 24 -28.02 30.88 41.53
C ARG L 24 -28.92 30.01 42.43
N VAL L 25 -28.63 28.72 42.47
CA VAL L 25 -29.37 27.77 43.33
C VAL L 25 -29.29 28.15 44.80
N LEU L 26 -28.09 28.50 45.27
CA LEU L 26 -27.87 28.86 46.67
C LEU L 26 -28.51 30.20 47.07
N LYS L 27 -28.45 31.19 46.18
CA LYS L 27 -29.10 32.49 46.42
C LYS L 27 -30.62 32.33 46.48
N ARG L 28 -31.16 31.47 45.62
CA ARG L 28 -32.58 31.08 45.65
C ARG L 28 -32.95 30.44 47.00
N ASP L 29 -32.00 29.72 47.61
CA ASP L 29 -32.17 29.11 48.93
C ASP L 29 -31.76 30.02 50.09
N HIS L 30 -31.68 31.32 49.82
CA HIS L 30 -31.45 32.38 50.84
C HIS L 30 -30.03 32.41 51.45
N TRP L 31 -29.04 31.97 50.67
CA TRP L 31 -27.64 32.04 51.09
C TRP L 31 -26.93 33.27 50.49
N GLN L 32 -26.04 33.87 51.27
CA GLN L 32 -25.11 34.87 50.79
C GLN L 32 -23.91 34.12 50.17
N VAL L 33 -23.63 34.41 48.90
CA VAL L 33 -22.65 33.64 48.14
C VAL L 33 -21.51 34.51 47.63
N GLU L 34 -20.29 33.99 47.71
CA GLU L 34 -19.15 34.51 46.95
C GLU L 34 -18.48 33.37 46.19
N ILE L 35 -17.89 33.71 45.05
CA ILE L 35 -17.26 32.75 44.16
C ILE L 35 -15.75 32.95 44.05
N ALA L 36 -15.01 31.85 44.07
CA ALA L 36 -13.58 31.87 43.77
C ALA L 36 -13.25 30.89 42.61
N HIS L 37 -12.49 31.36 41.62
CA HIS L 37 -12.11 30.52 40.47
C HIS L 37 -10.75 29.87 40.62
N ASN L 38 -10.00 30.27 41.65
CA ASN L 38 -8.65 29.75 41.87
C ASN L 38 -8.30 29.69 43.34
N GLY L 39 -7.22 28.97 43.65
CA GLY L 39 -6.78 28.73 45.02
C GLY L 39 -6.56 29.96 45.85
N PHE L 40 -5.89 30.96 45.26
CA PHE L 40 -5.53 32.17 46.01
C PHE L 40 -6.77 32.93 46.48
N ASP L 41 -7.70 33.15 45.56
CA ASP L 41 -8.98 33.80 45.86
C ASP L 41 -9.75 33.06 46.95
N ALA L 42 -9.84 31.73 46.83
CA ALA L 42 -10.45 30.89 47.85
C ALA L 42 -9.86 31.12 49.23
N GLY L 43 -8.53 31.08 49.33
CA GLY L 43 -7.82 31.31 50.58
C GLY L 43 -8.02 32.68 51.18
N ILE L 44 -7.97 33.69 50.33
CA ILE L 44 -8.19 35.09 50.71
C ILE L 44 -9.64 35.33 51.17
N LYS L 45 -10.59 34.77 50.42
CA LYS L 45 -12.02 34.93 50.70
C LYS L 45 -12.49 34.15 51.94
N LEU L 46 -11.72 33.14 52.35
CA LEU L 46 -11.92 32.54 53.68
C LEU L 46 -11.83 33.56 54.80
N SER L 47 -10.93 34.54 54.67
CA SER L 47 -10.77 35.57 55.68
C SER L 47 -11.61 36.82 55.45
N THR L 48 -11.78 37.22 54.18
CA THR L 48 -12.62 38.38 53.88
C THR L 48 -14.06 38.04 54.22
N PHE L 49 -14.56 36.99 53.58
CA PHE L 49 -15.97 36.65 53.56
C PHE L 49 -16.38 35.79 54.75
N GLU L 50 -15.45 34.99 55.27
CA GLU L 50 -15.67 34.09 56.41
C GLU L 50 -16.91 33.17 56.30
N PRO L 51 -16.92 32.28 55.31
CA PRO L 51 -18.14 31.50 55.06
C PRO L 51 -18.34 30.36 56.06
N ALA L 52 -19.59 29.97 56.28
CA ALA L 52 -19.89 28.79 57.09
C ALA L 52 -19.56 27.51 56.33
N ILE L 53 -19.73 27.55 55.00
CA ILE L 53 -19.51 26.39 54.13
C ILE L 53 -18.69 26.82 52.91
N MET L 54 -17.77 25.95 52.49
CA MET L 54 -17.05 26.12 51.22
C MET L 54 -17.36 24.92 50.33
N THR L 55 -17.74 25.18 49.07
CA THR L 55 -17.86 24.07 48.12
C THR L 55 -16.60 23.99 47.27
N LEU L 56 -16.06 22.78 47.15
CA LEU L 56 -14.73 22.60 46.61
C LEU L 56 -14.73 21.57 45.50
N ASP L 57 -14.55 22.03 44.27
CA ASP L 57 -14.49 21.14 43.13
C ASP L 57 -13.15 20.42 43.05
N LEU L 58 -13.21 19.08 42.95
CA LEU L 58 -12.01 18.23 42.91
C LEU L 58 -11.49 17.99 41.50
N SER L 59 -12.01 18.74 40.54
CA SER L 59 -11.63 18.58 39.16
C SER L 59 -11.07 19.88 38.56
N MET L 60 -10.48 20.70 39.42
CA MET L 60 -9.82 21.93 38.99
C MET L 60 -8.37 21.58 38.61
N PRO L 61 -7.99 21.79 37.33
CA PRO L 61 -6.65 21.38 36.86
C PRO L 61 -5.48 22.11 37.55
N LYS L 62 -5.73 23.32 38.03
CA LYS L 62 -4.68 24.10 38.70
C LYS L 62 -4.77 24.05 40.22
N LEU L 63 -5.76 23.35 40.75
CA LEU L 63 -5.93 23.24 42.21
C LEU L 63 -6.11 21.81 42.69
N ASP L 64 -5.23 21.40 43.59
CA ASP L 64 -5.31 20.09 44.21
C ASP L 64 -6.17 20.19 45.46
N GLY L 65 -7.31 19.53 45.46
CA GLY L 65 -8.29 19.61 46.55
C GLY L 65 -7.76 19.15 47.89
N LEU L 66 -6.89 18.14 47.86
CA LEU L 66 -6.23 17.61 49.05
C LEU L 66 -5.35 18.64 49.76
N ASP L 67 -4.65 19.45 48.96
CA ASP L 67 -3.79 20.52 49.46
C ASP L 67 -4.60 21.54 50.25
N VAL L 68 -5.79 21.88 49.75
CA VAL L 68 -6.71 22.80 50.42
C VAL L 68 -7.08 22.31 51.83
N ILE L 69 -7.47 21.04 51.91
CA ILE L 69 -7.88 20.42 53.19
C ILE L 69 -6.71 20.38 54.18
N ARG L 70 -5.53 20.02 53.68
CA ARG L 70 -4.32 19.95 54.49
C ARG L 70 -3.88 21.32 55.03
N SER L 71 -3.98 22.34 54.18
CA SER L 71 -3.59 23.71 54.56
CA SER L 71 -3.60 23.72 54.54
C SER L 71 -4.44 24.24 55.71
N LEU L 72 -5.74 23.95 55.68
CA LEU L 72 -6.66 24.32 56.76
C LEU L 72 -6.28 23.71 58.10
N ARG L 73 -5.72 22.49 58.07
CA ARG L 73 -5.25 21.79 59.26
C ARG L 73 -3.88 22.31 59.76
N GLN L 74 -2.91 22.39 58.85
CA GLN L 74 -1.54 22.81 59.18
C GLN L 74 -1.45 24.24 59.69
N ASN L 75 -2.30 25.13 59.16
CA ASN L 75 -2.22 26.56 59.47
C ASN L 75 -3.16 27.06 60.56
N LYS L 76 -4.07 26.20 61.01
CA LYS L 76 -5.05 26.51 62.06
C LYS L 76 -5.76 27.85 61.84
N VAL L 77 -6.58 27.88 60.79
CA VAL L 77 -7.38 29.05 60.44
C VAL L 77 -8.50 29.25 61.49
N ALA L 78 -8.67 30.48 61.93
CA ALA L 78 -9.79 30.85 62.80
C ALA L 78 -11.09 30.84 62.01
N ASN L 79 -12.15 30.29 62.62
CA ASN L 79 -13.49 30.15 61.99
C ASN L 79 -13.45 29.45 60.64
N GLN L 80 -13.11 28.17 60.66
CA GLN L 80 -13.06 27.35 59.46
C GLN L 80 -14.44 26.95 58.95
N PRO L 81 -14.62 26.93 57.63
CA PRO L 81 -15.87 26.47 57.03
C PRO L 81 -15.97 24.94 56.96
N LYS L 82 -17.20 24.43 56.93
CA LYS L 82 -17.44 23.04 56.58
C LYS L 82 -17.19 22.88 55.08
N ILE L 83 -16.64 21.75 54.67
CA ILE L 83 -16.22 21.59 53.28
C ILE L 83 -17.10 20.59 52.55
N LEU L 84 -17.73 21.06 51.47
CA LEU L 84 -18.45 20.18 50.56
C LEU L 84 -17.58 19.96 49.36
N VAL L 85 -17.18 18.72 49.17
CA VAL L 85 -16.31 18.33 48.09
C VAL L 85 -17.16 18.02 46.86
N VAL L 86 -16.70 18.46 45.69
CA VAL L 86 -17.43 18.19 44.45
C VAL L 86 -16.56 17.33 43.53
N SER L 87 -16.96 16.08 43.35
CA SER L 87 -16.10 15.07 42.75
C SER L 87 -16.50 14.66 41.33
N GLY L 88 -15.51 14.25 40.55
CA GLY L 88 -15.71 13.77 39.19
C GLY L 88 -15.49 12.27 39.08
N LEU L 89 -14.73 11.85 38.07
CA LEU L 89 -14.50 10.42 37.81
C LEU L 89 -13.52 9.77 38.78
N ASP L 90 -12.67 10.59 39.39
CA ASP L 90 -11.63 10.08 40.29
C ASP L 90 -12.19 9.82 41.70
N LYS L 91 -12.61 8.58 41.94
CA LYS L 91 -13.23 8.23 43.24
C LYS L 91 -12.23 7.95 44.36
N ALA L 92 -10.99 7.61 44.00
CA ALA L 92 -9.91 7.43 44.97
C ALA L 92 -9.51 8.76 45.58
N LYS L 93 -9.51 9.81 44.74
CA LYS L 93 -9.36 11.20 45.16
C LYS L 93 -10.47 11.62 46.13
N LEU L 94 -11.72 11.26 45.79
CA LEU L 94 -12.89 11.51 46.64
C LEU L 94 -12.69 10.94 48.04
N GLN L 95 -12.31 9.67 48.13
CA GLN L 95 -12.16 8.98 49.41
C GLN L 95 -11.06 9.59 50.30
N GLN L 96 -9.93 9.90 49.68
CA GLN L 96 -8.81 10.51 50.39
C GLN L 96 -9.25 11.86 50.98
N ALA L 97 -9.96 12.64 50.17
CA ALA L 97 -10.53 13.93 50.60
C ALA L 97 -11.45 13.81 51.82
N VAL L 98 -12.37 12.86 51.77
CA VAL L 98 -13.32 12.63 52.86
C VAL L 98 -12.59 12.23 54.15
N THR L 99 -11.68 11.26 54.06
CA THR L 99 -10.92 10.78 55.22
C THR L 99 -10.00 11.88 55.78
N GLU L 100 -9.43 12.69 54.90
CA GLU L 100 -8.62 13.83 55.35
C GLU L 100 -9.41 14.98 55.98
N GLY L 101 -10.73 15.00 55.79
CA GLY L 101 -11.58 15.88 56.58
C GLY L 101 -12.74 16.57 55.88
N ALA L 102 -12.91 16.32 54.58
CA ALA L 102 -14.05 16.88 53.84
C ALA L 102 -15.36 16.45 54.48
N ASP L 103 -16.22 17.42 54.80
CA ASP L 103 -17.40 17.17 55.61
C ASP L 103 -18.54 16.44 54.87
N ASP L 104 -18.57 16.57 53.55
CA ASP L 104 -19.53 15.85 52.69
C ASP L 104 -19.09 15.95 51.22
N TYR L 105 -19.77 15.21 50.35
CA TYR L 105 -19.42 15.19 48.93
C TYR L 105 -20.61 15.21 47.97
N LEU L 106 -20.37 15.70 46.74
CA LEU L 106 -21.32 15.65 45.64
C LEU L 106 -20.65 14.98 44.44
N GLU L 107 -21.45 14.41 43.54
CA GLU L 107 -20.91 13.80 42.32
C GLU L 107 -21.50 14.42 41.06
N LYS L 108 -20.63 14.64 40.07
CA LYS L 108 -21.02 15.25 38.80
C LYS L 108 -21.46 14.20 37.77
N PRO L 109 -22.56 14.46 37.06
CA PRO L 109 -23.41 15.64 37.15
C PRO L 109 -24.50 15.54 38.24
N PHE L 110 -24.79 16.67 38.89
CA PHE L 110 -25.81 16.72 39.95
C PHE L 110 -26.87 17.77 39.65
N ASP L 111 -28.08 17.58 40.19
CA ASP L 111 -29.16 18.55 40.02
C ASP L 111 -29.32 19.49 41.21
N ASN L 112 -30.28 20.42 41.12
CA ASN L 112 -30.55 21.42 42.16
C ASN L 112 -30.77 20.82 43.54
N ASP L 113 -31.65 19.82 43.60
CA ASP L 113 -32.07 19.22 44.87
C ASP L 113 -30.94 18.45 45.56
N ALA L 114 -30.06 17.83 44.77
CA ALA L 114 -28.91 17.10 45.30
C ALA L 114 -27.96 18.04 46.04
N LEU L 115 -27.73 19.22 45.45
CA LEU L 115 -26.91 20.25 46.08
C LEU L 115 -27.55 20.76 47.38
N LEU L 116 -28.84 21.08 47.31
CA LEU L 116 -29.58 21.60 48.47
C LEU L 116 -29.66 20.60 49.61
N ASP L 117 -29.88 19.32 49.28
CA ASP L 117 -29.89 18.23 50.27
C ASP L 117 -28.57 18.14 51.02
N ARG L 118 -27.45 18.21 50.30
CA ARG L 118 -26.11 18.18 50.91
C ARG L 118 -25.84 19.41 51.78
N ILE L 119 -26.32 20.58 51.34
CA ILE L 119 -26.10 21.85 52.05
C ILE L 119 -26.85 21.90 53.39
N HIS L 120 -28.14 21.53 53.35
CA HIS L 120 -28.99 21.51 54.54
C HIS L 120 -28.47 20.48 55.55
N ASP L 121 -28.01 19.34 55.06
CA ASP L 121 -27.39 18.30 55.90
C ASP L 121 -26.17 18.81 56.64
N LEU L 122 -25.38 19.66 55.98
CA LEU L 122 -24.17 20.25 56.57
C LEU L 122 -24.41 21.17 57.76
N VAL L 123 -25.52 21.91 57.73
CA VAL L 123 -25.89 22.78 58.85
C VAL L 123 -27.22 22.38 59.47
N SER M 6 -19.63 -12.44 6.51
CA SER M 6 -18.89 -12.60 7.80
C SER M 6 -19.82 -12.46 9.02
N LYS M 7 -20.74 -13.42 9.16
CA LYS M 7 -21.67 -13.45 10.29
C LYS M 7 -21.18 -14.41 11.38
N ARG M 8 -19.97 -14.15 11.88
CA ARG M 8 -19.37 -15.03 12.88
C ARG M 8 -19.19 -14.38 14.23
N ILE M 9 -19.55 -15.12 15.27
CA ILE M 9 -19.45 -14.65 16.64
C ILE M 9 -18.77 -15.69 17.53
N LEU M 10 -17.78 -15.24 18.30
CA LEU M 10 -17.11 -16.09 19.27
C LEU M 10 -17.65 -15.74 20.66
N VAL M 11 -18.21 -16.74 21.33
CA VAL M 11 -18.73 -16.55 22.67
C VAL M 11 -17.70 -17.08 23.67
N VAL M 12 -17.26 -16.21 24.58
CA VAL M 12 -16.27 -16.59 25.57
C VAL M 12 -16.89 -16.53 26.97
N ASP M 13 -16.93 -17.70 27.61
CA ASP M 13 -17.56 -17.92 28.91
C ASP M 13 -17.13 -19.28 29.43
N ASP M 14 -16.67 -19.33 30.69
CA ASP M 14 -16.38 -20.60 31.36
C ASP M 14 -17.67 -21.37 31.70
N ASP M 15 -18.76 -20.62 31.91
CA ASP M 15 -20.09 -21.18 32.21
C ASP M 15 -20.64 -21.81 30.93
N GLN M 16 -20.55 -23.15 30.86
CA GLN M 16 -20.94 -23.93 29.69
C GLN M 16 -22.44 -23.87 29.38
N ALA M 17 -23.25 -23.93 30.43
CA ALA M 17 -24.71 -23.84 30.31
C ALA M 17 -25.14 -22.46 29.76
N MET M 18 -24.49 -21.41 30.25
CA MET M 18 -24.75 -20.06 29.74
C MET M 18 -24.27 -19.88 28.31
N ALA M 19 -23.11 -20.43 27.99
CA ALA M 19 -22.55 -20.38 26.64
C ALA M 19 -23.41 -21.10 25.61
N ALA M 20 -23.93 -22.27 25.99
CA ALA M 20 -24.85 -23.04 25.15
C ALA M 20 -26.17 -22.28 24.92
N ALA M 21 -26.65 -21.61 25.96
CA ALA M 21 -27.90 -20.83 25.89
C ALA M 21 -27.76 -19.56 25.05
N ILE M 22 -26.61 -18.90 25.15
CA ILE M 22 -26.29 -17.73 24.33
C ILE M 22 -26.18 -18.17 22.87
N GLU M 23 -25.47 -19.29 22.66
CA GLU M 23 -25.29 -19.87 21.33
C GLU M 23 -26.61 -20.12 20.62
N ARG M 24 -27.56 -20.74 21.33
CA ARG M 24 -28.85 -21.11 20.76
C ARG M 24 -29.66 -19.90 20.29
N VAL M 25 -29.63 -18.83 21.08
CA VAL M 25 -30.28 -17.56 20.74
C VAL M 25 -29.65 -16.91 19.50
N LEU M 26 -28.32 -16.97 19.40
CA LEU M 26 -27.60 -16.41 18.26
C LEU M 26 -27.85 -17.20 16.98
N LYS M 27 -28.07 -18.50 17.12
CA LYS M 27 -28.34 -19.38 15.97
C LYS M 27 -29.73 -19.22 15.34
N ARG M 28 -30.72 -18.82 16.15
CA ARG M 28 -32.07 -18.51 15.65
C ARG M 28 -32.01 -17.23 14.82
N ASP M 29 -31.16 -16.30 15.24
CA ASP M 29 -30.92 -15.06 14.50
C ASP M 29 -29.84 -15.26 13.41
N HIS M 30 -29.58 -16.52 13.07
CA HIS M 30 -28.72 -16.94 11.94
C HIS M 30 -27.25 -16.52 12.01
N TRP M 31 -26.68 -16.53 13.22
CA TRP M 31 -25.25 -16.31 13.40
C TRP M 31 -24.51 -17.63 13.40
N GLN M 32 -23.26 -17.61 12.95
CA GLN M 32 -22.36 -18.75 13.12
C GLN M 32 -21.58 -18.57 14.42
N VAL M 33 -21.67 -19.56 15.30
CA VAL M 33 -21.16 -19.43 16.66
C VAL M 33 -20.11 -20.48 16.99
N GLU M 34 -19.01 -20.02 17.60
CA GLU M 34 -18.10 -20.93 18.32
C GLU M 34 -17.91 -20.49 19.76
N ILE M 35 -17.69 -21.47 20.64
CA ILE M 35 -17.54 -21.24 22.07
C ILE M 35 -16.13 -21.53 22.55
N ALA M 36 -15.58 -20.62 23.35
CA ALA M 36 -14.32 -20.85 24.04
C ALA M 36 -14.57 -20.72 25.53
N HIS M 37 -14.16 -21.73 26.30
CA HIS M 37 -14.34 -21.71 27.76
C HIS M 37 -13.14 -21.12 28.51
N ASN M 38 -12.04 -20.90 27.79
CA ASN M 38 -10.82 -20.37 28.40
C ASN M 38 -10.10 -19.36 27.50
N GLY M 39 -9.15 -18.62 28.08
CA GLY M 39 -8.36 -17.65 27.32
C GLY M 39 -7.63 -18.18 26.11
N PHE M 40 -6.96 -19.33 26.27
CA PHE M 40 -6.12 -19.87 25.22
C PHE M 40 -6.97 -20.18 24.00
N ASP M 41 -8.04 -20.93 24.24
CA ASP M 41 -9.00 -21.29 23.21
C ASP M 41 -9.60 -20.04 22.53
N ALA M 42 -9.90 -19.01 23.31
CA ALA M 42 -10.34 -17.71 22.80
C ALA M 42 -9.27 -17.08 21.90
N GLY M 43 -8.02 -17.07 22.37
CA GLY M 43 -6.88 -16.58 21.61
C GLY M 43 -6.70 -17.25 20.27
N ILE M 44 -6.84 -18.58 20.25
CA ILE M 44 -6.68 -19.38 19.04
C ILE M 44 -7.87 -19.23 18.09
N LYS M 45 -9.08 -19.35 18.63
CA LYS M 45 -10.30 -19.26 17.83
C LYS M 45 -10.45 -17.89 17.17
N LEU M 46 -9.85 -16.87 17.79
CA LEU M 46 -9.73 -15.56 17.16
C LEU M 46 -9.01 -15.58 15.81
N SER M 47 -8.10 -16.54 15.63
CA SER M 47 -7.39 -16.73 14.35
C SER M 47 -8.01 -17.80 13.45
N THR M 48 -8.43 -18.92 14.04
CA THR M 48 -8.98 -20.04 13.25
C THR M 48 -10.43 -19.81 12.79
N PHE M 49 -11.21 -19.13 13.62
CA PHE M 49 -12.64 -18.91 13.33
C PHE M 49 -12.89 -17.50 12.82
N GLU M 50 -11.99 -16.57 13.16
CA GLU M 50 -12.05 -15.14 12.78
C GLU M 50 -13.45 -14.50 12.90
N PRO M 51 -13.87 -14.14 14.13
CA PRO M 51 -15.22 -13.63 14.27
C PRO M 51 -15.34 -12.12 13.99
N ALA M 52 -16.54 -11.67 13.66
CA ALA M 52 -16.82 -10.23 13.57
C ALA M 52 -17.02 -9.65 14.96
N ILE M 53 -17.53 -10.48 15.87
CA ILE M 53 -17.83 -10.08 17.23
C ILE M 53 -17.34 -11.16 18.20
N MET M 54 -16.73 -10.73 19.30
CA MET M 54 -16.43 -11.60 20.42
C MET M 54 -17.30 -11.12 21.57
N THR M 55 -18.05 -12.02 22.21
CA THR M 55 -18.63 -11.71 23.52
C THR M 55 -17.70 -12.23 24.59
N LEU M 56 -17.54 -11.44 25.64
CA LEU M 56 -16.52 -11.71 26.63
C LEU M 56 -17.12 -11.53 28.00
N ASP M 57 -17.29 -12.66 28.69
CA ASP M 57 -17.88 -12.64 30.00
C ASP M 57 -16.85 -12.15 31.00
N LEU M 58 -17.29 -11.19 31.81
CA LEU M 58 -16.42 -10.56 32.79
C LEU M 58 -16.44 -11.25 34.15
N SER M 59 -17.15 -12.36 34.28
CA SER M 59 -17.20 -13.02 35.59
C SER M 59 -16.47 -14.37 35.58
N MET M 60 -15.52 -14.53 34.66
CA MET M 60 -14.75 -15.76 34.53
C MET M 60 -13.61 -15.71 35.53
N PRO M 61 -13.60 -16.62 36.53
CA PRO M 61 -12.56 -16.62 37.58
C PRO M 61 -11.13 -16.79 37.02
N LYS M 62 -11.01 -17.46 35.88
CA LYS M 62 -9.69 -17.77 35.34
C LYS M 62 -9.33 -16.94 34.11
N LEU M 63 -10.19 -15.99 33.76
CA LEU M 63 -9.90 -15.05 32.69
C LEU M 63 -10.29 -13.60 33.05
N ASP M 64 -9.29 -12.74 33.16
CA ASP M 64 -9.52 -11.32 33.39
C ASP M 64 -9.77 -10.63 32.05
N GLY M 65 -10.98 -10.10 31.90
CA GLY M 65 -11.43 -9.46 30.66
C GLY M 65 -10.56 -8.31 30.20
N LEU M 66 -9.96 -7.60 31.16
CA LEU M 66 -9.09 -6.47 30.87
C LEU M 66 -7.82 -6.85 30.11
N ASP M 67 -7.21 -7.97 30.51
CA ASP M 67 -5.99 -8.46 29.87
C ASP M 67 -6.26 -8.91 28.44
N VAL M 68 -7.43 -9.49 28.21
CA VAL M 68 -7.87 -9.86 26.88
C VAL M 68 -7.91 -8.62 25.98
N ILE M 69 -8.51 -7.55 26.48
CA ILE M 69 -8.56 -6.27 25.76
C ILE M 69 -7.14 -5.68 25.63
N ARG M 70 -6.37 -5.73 26.71
CA ARG M 70 -4.96 -5.30 26.70
C ARG M 70 -4.15 -6.02 25.63
N SER M 71 -4.10 -7.36 25.68
CA SER M 71 -3.31 -8.15 24.73
CA SER M 71 -3.33 -8.18 24.74
C SER M 71 -3.74 -7.95 23.28
N LEU M 72 -5.02 -7.69 23.07
CA LEU M 72 -5.55 -7.52 21.72
C LEU M 72 -5.04 -6.25 21.04
N ARG M 73 -5.33 -5.10 21.64
CA ARG M 73 -4.97 -3.81 21.06
C ARG M 73 -3.47 -3.61 20.94
N GLN M 74 -2.70 -4.28 21.79
CA GLN M 74 -1.25 -4.11 21.81
C GLN M 74 -0.55 -4.98 20.76
N ASN M 75 -0.74 -6.29 20.86
CA ASN M 75 -0.09 -7.24 19.95
C ASN M 75 -0.29 -6.85 18.49
N LYS M 76 -1.06 -5.77 18.27
CA LYS M 76 -1.37 -5.21 16.95
C LYS M 76 -2.03 -6.24 16.04
N VAL M 77 -3.00 -6.95 16.61
CA VAL M 77 -3.75 -8.00 15.93
C VAL M 77 -4.58 -7.39 14.81
N ALA M 78 -4.40 -7.91 13.61
CA ALA M 78 -5.14 -7.44 12.44
C ALA M 78 -6.56 -8.00 12.46
N ASN M 79 -7.51 -7.18 12.01
CA ASN M 79 -8.92 -7.52 11.91
C ASN M 79 -9.55 -7.97 13.24
N GLN M 80 -9.37 -7.15 14.27
CA GLN M 80 -9.92 -7.38 15.60
C GLN M 80 -11.44 -7.28 15.58
N PRO M 81 -12.13 -8.18 16.32
CA PRO M 81 -13.58 -8.10 16.36
C PRO M 81 -14.03 -6.93 17.23
N LYS M 82 -15.30 -6.58 17.10
CA LYS M 82 -15.92 -5.70 18.07
C LYS M 82 -16.11 -6.53 19.34
N ILE M 83 -15.77 -5.95 20.47
CA ILE M 83 -15.82 -6.67 21.73
C ILE M 83 -17.05 -6.23 22.53
N LEU M 84 -17.89 -7.23 22.83
CA LEU M 84 -19.07 -7.07 23.66
C LEU M 84 -18.85 -7.70 25.03
N VAL M 85 -18.78 -6.85 26.05
CA VAL M 85 -18.40 -7.25 27.38
C VAL M 85 -19.67 -7.57 28.21
N VAL M 86 -19.72 -8.75 28.80
CA VAL M 86 -20.89 -9.16 29.59
C VAL M 86 -20.62 -8.90 31.06
N SER M 87 -21.38 -7.97 31.64
CA SER M 87 -21.09 -7.43 32.97
C SER M 87 -21.60 -8.31 34.11
N GLY M 88 -20.80 -8.39 35.17
CA GLY M 88 -21.18 -9.08 36.39
C GLY M 88 -21.47 -8.11 37.52
N LEU M 89 -21.33 -8.60 38.74
CA LEU M 89 -21.55 -7.81 39.95
C LEU M 89 -20.49 -6.71 40.12
N ASP M 90 -19.26 -6.98 39.67
CA ASP M 90 -18.15 -6.02 39.75
C ASP M 90 -18.25 -4.92 38.69
N LYS M 91 -18.86 -3.79 39.06
CA LYS M 91 -19.02 -2.67 38.15
C LYS M 91 -17.74 -1.83 37.98
N ALA M 92 -16.69 -2.14 38.74
CA ALA M 92 -15.37 -1.56 38.51
C ALA M 92 -14.74 -2.20 37.28
N LYS M 93 -14.78 -3.53 37.21
CA LYS M 93 -14.34 -4.27 36.02
C LYS M 93 -15.01 -3.75 34.75
N LEU M 94 -16.33 -3.56 34.81
CA LEU M 94 -17.13 -3.09 33.68
C LEU M 94 -16.70 -1.71 33.19
N GLN M 95 -16.67 -0.74 34.09
CA GLN M 95 -16.29 0.64 33.75
C GLN M 95 -14.85 0.69 33.24
N GLN M 96 -13.98 -0.13 33.84
CA GLN M 96 -12.61 -0.25 33.40
C GLN M 96 -12.50 -0.92 32.03
N ALA M 97 -13.34 -1.91 31.76
CA ALA M 97 -13.33 -2.62 30.49
C ALA M 97 -13.70 -1.74 29.31
N VAL M 98 -14.70 -0.88 29.52
CA VAL M 98 -15.13 0.09 28.49
C VAL M 98 -14.07 1.19 28.32
N THR M 99 -13.41 1.56 29.41
CA THR M 99 -12.25 2.47 29.39
C THR M 99 -11.06 1.86 28.61
N GLU M 100 -10.87 0.56 28.77
CA GLU M 100 -9.75 -0.17 28.16
C GLU M 100 -9.94 -0.37 26.65
N GLY M 101 -11.18 -0.39 26.19
CA GLY M 101 -11.47 -0.53 24.77
C GLY M 101 -12.56 -1.53 24.41
N ALA M 102 -13.45 -1.81 25.35
CA ALA M 102 -14.66 -2.59 25.05
C ALA M 102 -15.62 -1.72 24.25
N ASP M 103 -16.16 -2.29 23.18
CA ASP M 103 -17.01 -1.56 22.25
C ASP M 103 -18.41 -1.27 22.78
N ASP M 104 -18.98 -2.25 23.50
CA ASP M 104 -20.27 -2.10 24.16
C ASP M 104 -20.34 -3.12 25.31
N TYR M 105 -21.42 -3.06 26.08
CA TYR M 105 -21.60 -4.00 27.17
C TYR M 105 -23.02 -4.53 27.29
N LEU M 106 -23.15 -5.68 27.94
CA LEU M 106 -24.43 -6.18 28.42
C LEU M 106 -24.32 -6.31 29.92
N GLU M 107 -25.33 -5.85 30.65
CA GLU M 107 -25.32 -5.95 32.10
C GLU M 107 -26.36 -6.95 32.57
N LYS M 108 -25.93 -7.85 33.44
CA LYS M 108 -26.78 -8.87 34.03
C LYS M 108 -27.76 -8.17 34.98
N PRO M 109 -29.08 -8.39 34.78
CA PRO M 109 -29.71 -9.27 33.80
C PRO M 109 -30.00 -8.64 32.43
N PHE M 110 -29.73 -9.38 31.36
CA PHE M 110 -30.12 -8.94 30.03
C PHE M 110 -31.00 -10.00 29.39
N ASP M 111 -32.02 -9.56 28.66
CA ASP M 111 -32.87 -10.51 27.94
C ASP M 111 -32.33 -10.79 26.54
N ASN M 112 -32.97 -11.70 25.82
CA ASN M 112 -32.52 -12.11 24.50
C ASN M 112 -32.69 -11.03 23.43
N ASP M 113 -33.63 -10.11 23.64
CA ASP M 113 -33.77 -8.94 22.79
C ASP M 113 -32.64 -7.93 23.02
N ALA M 114 -32.23 -7.77 24.28
CA ALA M 114 -31.13 -6.85 24.63
C ALA M 114 -29.82 -7.34 24.03
N LEU M 115 -29.61 -8.67 24.07
CA LEU M 115 -28.46 -9.30 23.43
C LEU M 115 -28.40 -9.00 21.94
N LEU M 116 -29.48 -9.27 21.22
CA LEU M 116 -29.51 -9.11 19.75
C LEU M 116 -29.41 -7.66 19.29
N ASP M 117 -29.97 -6.74 20.07
CA ASP M 117 -29.87 -5.31 19.77
C ASP M 117 -28.45 -4.77 19.94
N ARG M 118 -27.70 -5.28 20.92
CA ARG M 118 -26.29 -4.93 21.08
C ARG M 118 -25.50 -5.42 19.89
N ILE M 119 -25.76 -6.66 19.49
CA ILE M 119 -25.08 -7.32 18.38
C ILE M 119 -25.23 -6.52 17.10
N HIS M 120 -26.47 -6.19 16.75
CA HIS M 120 -26.76 -5.47 15.50
C HIS M 120 -26.21 -4.05 15.47
N ASP M 121 -26.25 -3.38 16.62
CA ASP M 121 -25.70 -2.03 16.77
C ASP M 121 -24.18 -2.01 16.60
N LEU M 122 -23.54 -3.11 16.99
CA LEU M 122 -22.10 -3.29 16.79
C LEU M 122 -21.71 -3.50 15.33
N VAL M 123 -22.56 -4.17 14.56
CA VAL M 123 -22.33 -4.38 13.12
C VAL M 123 -23.38 -3.70 12.25
N SER N 6 12.82 -22.12 12.54
CA SER N 6 13.25 -20.78 13.01
C SER N 6 13.80 -20.86 14.43
N LYS N 7 14.29 -19.73 14.94
CA LYS N 7 14.86 -19.68 16.28
C LYS N 7 13.92 -19.01 17.28
N ARG N 8 12.63 -18.99 16.95
CA ARG N 8 11.60 -18.35 17.79
C ARG N 8 11.02 -19.29 18.86
N ILE N 9 11.10 -18.86 20.12
CA ILE N 9 10.55 -19.61 21.24
C ILE N 9 9.59 -18.76 22.07
N LEU N 10 8.36 -19.27 22.24
CA LEU N 10 7.38 -18.64 23.11
C LEU N 10 7.43 -19.29 24.49
N VAL N 11 7.65 -18.48 25.52
CA VAL N 11 7.69 -18.97 26.89
C VAL N 11 6.38 -18.63 27.59
N VAL N 12 5.65 -19.68 28.00
CA VAL N 12 4.36 -19.51 28.68
C VAL N 12 4.43 -19.94 30.15
N ASP N 13 4.28 -18.96 31.03
CA ASP N 13 4.35 -19.14 32.47
C ASP N 13 3.83 -17.88 33.10
N ASP N 14 3.02 -18.04 34.16
CA ASP N 14 2.48 -16.90 34.88
C ASP N 14 3.55 -16.34 35.81
N ASP N 15 4.47 -17.21 36.27
CA ASP N 15 5.57 -16.81 37.13
C ASP N 15 6.52 -15.97 36.27
N GLN N 16 6.52 -14.66 36.51
CA GLN N 16 7.25 -13.70 35.68
C GLN N 16 8.76 -13.90 35.81
N ALA N 17 9.20 -14.15 37.04
CA ALA N 17 10.60 -14.45 37.37
C ALA N 17 11.15 -15.71 36.72
N MET N 18 10.39 -16.80 36.79
CA MET N 18 10.74 -18.05 36.07
C MET N 18 10.76 -17.83 34.57
N ALA N 19 9.75 -17.11 34.07
CA ALA N 19 9.68 -16.73 32.67
C ALA N 19 10.87 -15.85 32.24
N ALA N 20 11.29 -14.93 33.12
CA ALA N 20 12.46 -14.09 32.87
C ALA N 20 13.73 -14.93 32.84
N ALA N 21 13.82 -15.91 33.74
CA ALA N 21 14.98 -16.81 33.82
C ALA N 21 15.10 -17.76 32.63
N ILE N 22 13.98 -18.31 32.17
CA ILE N 22 13.94 -19.15 30.97
C ILE N 22 14.36 -18.33 29.75
N GLU N 23 13.80 -17.12 29.62
CA GLU N 23 14.13 -16.20 28.52
C GLU N 23 15.62 -15.87 28.47
N ARG N 24 16.21 -15.64 29.64
CA ARG N 24 17.64 -15.32 29.72
C ARG N 24 18.54 -16.44 29.19
N VAL N 25 18.24 -17.69 29.57
CA VAL N 25 19.01 -18.85 29.13
C VAL N 25 18.88 -19.03 27.61
N LEU N 26 17.65 -18.87 27.11
CA LEU N 26 17.38 -18.97 25.68
C LEU N 26 18.03 -17.85 24.85
N LYS N 27 17.95 -16.60 25.33
CA LYS N 27 18.61 -15.46 24.64
C LYS N 27 20.14 -15.63 24.60
N ARG N 28 20.74 -16.07 25.72
CA ARG N 28 22.18 -16.36 25.76
CA ARG N 28 22.17 -16.35 25.75
C ARG N 28 22.55 -17.46 24.76
N ASP N 29 21.65 -18.42 24.55
CA ASP N 29 21.85 -19.46 23.53
C ASP N 29 21.39 -19.06 22.13
N HIS N 30 21.15 -17.74 21.95
CA HIS N 30 20.85 -17.15 20.65
C HIS N 30 19.49 -17.53 20.05
N TRP N 31 18.49 -17.72 20.92
CA TRP N 31 17.09 -17.88 20.49
C TRP N 31 16.34 -16.55 20.63
N GLN N 32 15.44 -16.28 19.69
CA GLN N 32 14.51 -15.16 19.77
C GLN N 32 13.30 -15.55 20.63
N VAL N 33 13.01 -14.75 21.64
CA VAL N 33 12.05 -15.14 22.67
C VAL N 33 10.92 -14.13 22.85
N GLU N 34 9.70 -14.65 23.00
CA GLU N 34 8.59 -13.89 23.58
C GLU N 34 8.03 -14.56 24.84
N ILE N 35 7.35 -13.76 25.66
CA ILE N 35 6.75 -14.27 26.88
C ILE N 35 5.26 -13.95 26.93
N ALA N 36 4.48 -14.95 27.30
CA ALA N 36 3.07 -14.78 27.64
C ALA N 36 2.81 -15.22 29.08
N HIS N 37 2.12 -14.38 29.84
CA HIS N 37 1.81 -14.66 31.25
C HIS N 37 0.44 -15.33 31.47
N ASN N 38 -0.36 -15.38 30.41
CA ASN N 38 -1.71 -15.90 30.49
C ASN N 38 -2.07 -16.66 29.23
N GLY N 39 -3.16 -17.43 29.30
CA GLY N 39 -3.61 -18.25 28.18
C GLY N 39 -3.92 -17.48 26.92
N PHE N 40 -4.61 -16.35 27.06
CA PHE N 40 -5.09 -15.60 25.89
C PHE N 40 -3.92 -15.04 25.08
N ASP N 41 -2.99 -14.40 25.78
CA ASP N 41 -1.76 -13.87 25.24
CA ASP N 41 -1.75 -13.95 25.23
C ASP N 41 -0.97 -14.99 24.50
N ALA N 42 -0.87 -16.14 25.11
CA ALA N 42 -0.22 -17.30 24.48
C ALA N 42 -0.87 -17.68 23.16
N GLY N 43 -2.20 -17.71 23.14
CA GLY N 43 -2.95 -18.01 21.93
C GLY N 43 -2.79 -16.97 20.84
N ILE N 44 -2.80 -15.70 21.22
CA ILE N 44 -2.58 -14.60 20.28
C ILE N 44 -1.15 -14.62 19.74
N LYS N 45 -0.19 -14.72 20.66
CA LYS N 45 1.22 -14.80 20.31
C LYS N 45 1.59 -16.01 19.46
N LEU N 46 0.91 -17.13 19.66
CA LEU N 46 1.14 -18.30 18.83
C LEU N 46 0.95 -17.97 17.34
N SER N 47 -0.05 -17.16 17.03
CA SER N 47 -0.29 -16.67 15.65
C SER N 47 0.59 -15.48 15.26
N THR N 48 0.80 -14.57 16.21
CA THR N 48 1.45 -13.30 15.93
C THR N 48 2.99 -13.37 15.94
N PHE N 49 3.54 -14.40 16.57
CA PHE N 49 4.99 -14.56 16.71
C PHE N 49 5.44 -15.82 16.00
N GLU N 50 4.53 -16.78 15.84
CA GLU N 50 4.77 -18.06 15.15
C GLU N 50 6.02 -18.78 15.62
N PRO N 51 6.05 -19.22 16.90
CA PRO N 51 7.27 -19.82 17.42
C PRO N 51 7.54 -21.23 16.91
N ALA N 52 8.80 -21.63 16.92
CA ALA N 52 9.15 -23.02 16.62
C ALA N 52 8.84 -23.93 17.81
N ILE N 53 9.00 -23.38 19.02
CA ILE N 53 8.81 -24.12 20.27
C ILE N 53 7.99 -23.26 21.24
N MET N 54 7.09 -23.91 21.97
CA MET N 54 6.39 -23.29 23.09
C MET N 54 6.76 -24.05 24.35
N THR N 55 7.28 -23.34 25.33
CA THR N 55 7.44 -23.95 26.63
C THR N 55 6.14 -23.61 27.35
N LEU N 56 5.60 -24.58 28.09
CA LEU N 56 4.28 -24.43 28.70
C LEU N 56 4.32 -24.90 30.14
N ASP N 57 4.16 -23.97 31.06
CA ASP N 57 4.14 -24.36 32.46
C ASP N 57 2.85 -25.07 32.84
N LEU N 58 2.99 -26.14 33.64
CA LEU N 58 1.85 -26.94 34.08
C LEU N 58 1.38 -26.57 35.48
N SER N 59 2.04 -25.60 36.11
CA SER N 59 1.66 -25.16 37.45
C SER N 59 1.00 -23.76 37.45
N MET N 60 0.40 -23.39 36.33
CA MET N 60 -0.30 -22.11 36.22
C MET N 60 -1.70 -22.26 36.82
N PRO N 61 -2.03 -21.47 37.86
CA PRO N 61 -3.34 -21.51 38.54
C PRO N 61 -4.55 -21.32 37.62
N LYS N 62 -4.38 -20.52 36.57
CA LYS N 62 -5.51 -20.14 35.72
C LYS N 62 -5.48 -20.80 34.33
N LEU N 63 -4.50 -21.65 34.08
CA LEU N 63 -4.38 -22.33 32.80
C LEU N 63 -4.09 -23.83 32.98
N ASP N 64 -4.93 -24.65 32.37
CA ASP N 64 -4.73 -26.08 32.38
C ASP N 64 -3.93 -26.39 31.13
N GLY N 65 -2.71 -26.89 31.29
CA GLY N 65 -1.87 -27.31 30.15
C GLY N 65 -2.56 -28.27 29.18
N LEU N 66 -3.39 -29.16 29.70
CA LEU N 66 -4.22 -30.05 28.87
C LEU N 66 -5.13 -29.32 27.91
N ASP N 67 -5.69 -28.19 28.37
CA ASP N 67 -6.62 -27.38 27.56
C ASP N 67 -5.92 -26.78 26.35
N VAL N 68 -4.66 -26.36 26.55
CA VAL N 68 -3.82 -25.80 25.50
C VAL N 68 -3.55 -26.86 24.45
N ILE N 69 -3.10 -28.03 24.91
CA ILE N 69 -2.81 -29.17 24.06
C ILE N 69 -4.06 -29.62 23.29
N ARG N 70 -5.20 -29.65 23.99
CA ARG N 70 -6.47 -30.01 23.34
C ARG N 70 -7.00 -28.96 22.36
N SER N 71 -6.79 -27.67 22.67
CA SER N 71 -7.21 -26.58 21.78
CA SER N 71 -7.22 -26.59 21.77
C SER N 71 -6.49 -26.68 20.44
N LEU N 72 -5.19 -26.96 20.49
CA LEU N 72 -4.36 -27.09 19.29
C LEU N 72 -4.82 -28.21 18.39
N ARG N 73 -5.10 -29.37 19.00
CA ARG N 73 -5.65 -30.53 18.33
C ARG N 73 -7.03 -30.27 17.78
N GLN N 74 -7.94 -29.78 18.61
CA GLN N 74 -9.33 -29.55 18.20
C GLN N 74 -9.51 -28.49 17.12
N ASN N 75 -8.81 -27.37 17.26
CA ASN N 75 -8.91 -26.27 16.29
C ASN N 75 -8.14 -26.51 14.98
N LYS N 76 -7.32 -27.57 14.96
CA LYS N 76 -6.46 -27.95 13.82
C LYS N 76 -5.61 -26.76 13.34
N VAL N 77 -4.87 -26.18 14.28
CA VAL N 77 -4.12 -24.93 14.07
C VAL N 77 -2.90 -25.18 13.18
N ALA N 78 -2.71 -24.32 12.18
CA ALA N 78 -1.55 -24.41 11.29
C ALA N 78 -0.29 -23.93 11.99
N ASN N 79 0.86 -24.43 11.51
CA ASN N 79 2.18 -24.05 12.00
C ASN N 79 2.33 -24.14 13.51
N GLN N 80 1.93 -25.28 14.08
CA GLN N 80 2.00 -25.48 15.54
C GLN N 80 3.45 -25.56 16.00
N PRO N 81 3.75 -24.96 17.17
CA PRO N 81 5.09 -25.15 17.69
C PRO N 81 5.26 -26.58 18.21
N LYS N 82 6.49 -26.99 18.45
CA LYS N 82 6.70 -28.17 19.25
C LYS N 82 6.48 -27.69 20.68
N ILE N 83 5.84 -28.51 21.51
CA ILE N 83 5.52 -28.09 22.86
C ILE N 83 6.44 -28.80 23.82
N LEU N 84 7.04 -28.03 24.71
CA LEU N 84 7.77 -28.58 25.83
C LEU N 84 7.01 -28.21 27.10
N VAL N 85 6.48 -29.20 27.81
CA VAL N 85 5.78 -28.92 29.06
C VAL N 85 6.76 -28.83 30.23
N VAL N 86 6.50 -27.89 31.13
CA VAL N 86 7.36 -27.67 32.27
C VAL N 86 6.54 -28.08 33.50
N SER N 87 6.92 -29.18 34.12
CA SER N 87 6.11 -29.86 35.12
CA SER N 87 6.09 -29.84 35.12
C SER N 87 6.49 -29.53 36.56
N GLY N 88 5.50 -29.51 37.44
CA GLY N 88 5.73 -29.29 38.86
C GLY N 88 5.36 -30.53 39.65
N LEU N 89 4.64 -30.33 40.76
CA LEU N 89 4.22 -31.40 41.66
C LEU N 89 3.37 -32.51 41.03
N ASP N 90 2.39 -32.11 40.23
CA ASP N 90 1.41 -33.06 39.68
C ASP N 90 2.00 -33.91 38.57
N LYS N 91 2.41 -35.12 38.94
CA LYS N 91 3.01 -36.08 38.02
C LYS N 91 1.98 -36.68 37.07
N ALA N 92 0.75 -36.80 37.54
CA ALA N 92 -0.36 -37.28 36.71
C ALA N 92 -0.66 -36.30 35.59
N LYS N 93 -0.68 -35.01 35.90
CA LYS N 93 -0.80 -33.96 34.88
C LYS N 93 0.30 -34.04 33.81
N LEU N 94 1.54 -34.25 34.28
CA LEU N 94 2.69 -34.44 33.40
C LEU N 94 2.46 -35.58 32.40
N GLN N 95 2.13 -36.77 32.90
CA GLN N 95 1.91 -37.94 32.03
C GLN N 95 0.76 -37.74 31.04
N GLN N 96 -0.33 -37.15 31.53
CA GLN N 96 -1.49 -36.83 30.72
C GLN N 96 -1.11 -35.93 29.54
N ALA N 97 -0.40 -34.85 29.84
CA ALA N 97 0.09 -33.91 28.81
C ALA N 97 0.94 -34.58 27.74
N VAL N 98 1.81 -35.49 28.15
CA VAL N 98 2.68 -36.23 27.23
C VAL N 98 1.89 -37.20 26.34
N THR N 99 0.96 -37.94 26.95
CA THR N 99 0.15 -38.91 26.22
C THR N 99 -0.77 -38.19 25.23
N GLU N 100 -1.22 -37.00 25.62
CA GLU N 100 -2.08 -36.18 24.75
C GLU N 100 -1.34 -35.38 23.67
N GLY N 101 -0.01 -35.40 23.69
CA GLY N 101 0.75 -34.98 22.54
C GLY N 101 1.88 -34.00 22.73
N ALA N 102 2.22 -33.67 23.98
CA ALA N 102 3.37 -32.83 24.26
C ALA N 102 4.63 -33.51 23.73
N ASP N 103 5.48 -32.71 23.09
CA ASP N 103 6.65 -33.25 22.42
C ASP N 103 7.78 -33.63 23.36
N ASP N 104 7.89 -32.91 24.48
CA ASP N 104 8.88 -33.25 25.50
C ASP N 104 8.49 -32.58 26.81
N TYR N 105 9.19 -32.96 27.87
CA TYR N 105 8.92 -32.43 29.20
C TYR N 105 10.22 -32.04 29.89
N LEU N 106 10.08 -31.22 30.92
CA LEU N 106 11.20 -30.75 31.70
C LEU N 106 10.65 -30.64 33.11
N GLU N 107 11.32 -31.26 34.08
CA GLU N 107 10.87 -31.20 35.47
C GLU N 107 11.53 -30.07 36.27
N LYS N 108 10.72 -29.37 37.05
CA LYS N 108 11.19 -28.31 37.94
CA LYS N 108 11.20 -28.31 37.93
C LYS N 108 11.57 -28.87 39.30
N PRO N 109 12.68 -28.39 39.90
CA PRO N 109 13.67 -27.41 39.43
C PRO N 109 14.67 -27.99 38.43
N PHE N 110 15.02 -27.21 37.41
CA PHE N 110 15.99 -27.62 36.40
C PHE N 110 17.14 -26.62 36.30
N ASP N 111 18.29 -27.07 35.77
CA ASP N 111 19.39 -26.17 35.51
C ASP N 111 19.45 -25.80 34.03
N ASN N 112 20.28 -24.80 33.71
CA ASN N 112 20.34 -24.24 32.36
C ASN N 112 20.59 -25.28 31.27
N ASP N 113 21.52 -26.19 31.56
CA ASP N 113 21.94 -27.22 30.61
C ASP N 113 20.81 -28.19 30.28
N ALA N 114 20.00 -28.53 31.29
CA ALA N 114 18.81 -29.36 31.10
C ALA N 114 17.80 -28.71 30.16
N LEU N 115 17.52 -27.42 30.37
CA LEU N 115 16.66 -26.65 29.46
C LEU N 115 17.21 -26.67 28.04
N LEU N 116 18.49 -26.32 27.90
CA LEU N 116 19.16 -26.27 26.59
C LEU N 116 19.15 -27.60 25.85
N ASP N 117 19.44 -28.68 26.57
CA ASP N 117 19.38 -30.03 25.98
C ASP N 117 18.01 -30.39 25.40
N ARG N 118 16.94 -30.06 26.12
CA ARG N 118 15.58 -30.30 25.63
C ARG N 118 15.25 -29.44 24.42
N ILE N 119 15.64 -28.17 24.47
CA ILE N 119 15.42 -27.25 23.35
C ILE N 119 16.12 -27.74 22.06
N HIS N 120 17.39 -28.12 22.18
CA HIS N 120 18.16 -28.60 21.02
C HIS N 120 17.64 -29.92 20.48
N ASP N 121 17.18 -30.78 21.38
CA ASP N 121 16.58 -32.08 21.03
C ASP N 121 15.31 -31.92 20.20
N LEU N 122 14.54 -30.88 20.48
CA LEU N 122 13.28 -30.61 19.78
C LEU N 122 13.47 -30.22 18.32
N VAL N 123 14.56 -29.52 18.03
CA VAL N 123 14.85 -29.08 16.66
C VAL N 123 15.77 -30.05 15.91
N ASN N 124 16.38 -30.98 16.64
CA ASN N 124 17.20 -32.04 16.05
C ASN N 124 16.35 -33.15 15.45
N LYS O 7 -35.71 3.46 -65.48
CA LYS O 7 -35.69 2.33 -64.49
C LYS O 7 -34.30 2.12 -63.90
N ARG O 8 -33.68 3.22 -63.47
CA ARG O 8 -32.31 3.18 -62.94
C ARG O 8 -32.25 3.52 -61.45
N ILE O 9 -31.56 2.66 -60.69
CA ILE O 9 -31.38 2.87 -59.25
C ILE O 9 -29.90 2.85 -58.81
N LEU O 10 -29.54 3.80 -57.94
CA LEU O 10 -28.21 3.84 -57.33
C LEU O 10 -28.27 3.44 -55.85
N VAL O 11 -27.51 2.40 -55.51
CA VAL O 11 -27.41 1.91 -54.14
C VAL O 11 -26.13 2.44 -53.49
N VAL O 12 -26.31 3.31 -52.50
CA VAL O 12 -25.20 3.87 -51.73
C VAL O 12 -25.14 3.23 -50.35
N ASP O 13 -24.08 2.50 -50.10
CA ASP O 13 -23.87 1.76 -48.86
C ASP O 13 -22.40 1.36 -48.84
N ASP O 14 -21.72 1.59 -47.71
CA ASP O 14 -20.35 1.14 -47.53
C ASP O 14 -20.28 -0.37 -47.31
N ASP O 15 -21.34 -0.92 -46.68
CA ASP O 15 -21.49 -2.36 -46.43
C ASP O 15 -21.70 -3.11 -47.75
N GLN O 16 -20.62 -3.72 -48.24
CA GLN O 16 -20.62 -4.42 -49.53
C GLN O 16 -21.55 -5.63 -49.55
N ALA O 17 -21.60 -6.36 -48.42
CA ALA O 17 -22.44 -7.54 -48.27
C ALA O 17 -23.93 -7.20 -48.34
N MET O 18 -24.31 -6.07 -47.76
CA MET O 18 -25.68 -5.56 -47.82
C MET O 18 -26.00 -4.96 -49.19
N ALA O 19 -25.02 -4.28 -49.79
CA ALA O 19 -25.18 -3.66 -51.11
C ALA O 19 -25.46 -4.67 -52.22
N ALA O 20 -24.77 -5.81 -52.15
CA ALA O 20 -24.97 -6.91 -53.10
C ALA O 20 -26.33 -7.56 -52.92
N ALA O 21 -26.71 -7.75 -51.66
CA ALA O 21 -28.00 -8.37 -51.29
C ALA O 21 -29.20 -7.54 -51.75
N ILE O 22 -29.07 -6.21 -51.65
CA ILE O 22 -30.06 -5.25 -52.14
C ILE O 22 -30.09 -5.25 -53.68
N GLU O 23 -28.91 -5.25 -54.30
CA GLU O 23 -28.76 -5.35 -55.75
C GLU O 23 -29.45 -6.58 -56.32
N ARG O 24 -29.29 -7.72 -55.62
CA ARG O 24 -29.88 -9.00 -56.03
C ARG O 24 -31.41 -8.94 -56.07
N VAL O 25 -32.01 -8.34 -55.05
CA VAL O 25 -33.45 -8.13 -54.98
C VAL O 25 -33.94 -7.22 -56.12
N LEU O 26 -33.21 -6.14 -56.37
CA LEU O 26 -33.60 -5.16 -57.38
C LEU O 26 -33.41 -5.63 -58.83
N LYS O 27 -32.32 -6.36 -59.07
CA LYS O 27 -32.07 -6.96 -60.39
C LYS O 27 -33.17 -7.97 -60.79
N ARG O 28 -33.63 -8.77 -59.82
CA ARG O 28 -34.69 -9.77 -60.06
C ARG O 28 -36.04 -9.13 -60.42
N ASP O 29 -36.25 -7.91 -59.94
CA ASP O 29 -37.43 -7.10 -60.26
C ASP O 29 -37.16 -6.21 -61.49
N HIS O 30 -36.10 -6.56 -62.23
CA HIS O 30 -35.73 -5.93 -63.51
C HIS O 30 -35.30 -4.47 -63.42
N TRP O 31 -34.48 -4.16 -62.42
CA TRP O 31 -33.90 -2.82 -62.29
C TRP O 31 -32.44 -2.78 -62.75
N GLN O 32 -32.03 -1.62 -63.27
CA GLN O 32 -30.64 -1.34 -63.56
C GLN O 32 -29.97 -0.81 -62.28
N VAL O 33 -28.97 -1.51 -61.80
CA VAL O 33 -28.35 -1.21 -60.50
C VAL O 33 -26.87 -0.84 -60.63
N GLU O 34 -26.47 0.25 -59.99
CA GLU O 34 -25.05 0.57 -59.76
C GLU O 34 -24.83 0.85 -58.27
N ILE O 35 -23.69 0.40 -57.76
CA ILE O 35 -23.34 0.50 -56.33
C ILE O 35 -22.25 1.54 -56.09
N ALA O 36 -22.51 2.48 -55.16
CA ALA O 36 -21.49 3.40 -54.67
C ALA O 36 -21.14 3.12 -53.22
N HIS O 37 -19.86 2.89 -52.94
CA HIS O 37 -19.40 2.65 -51.57
C HIS O 37 -18.94 3.90 -50.82
N ASN O 38 -18.81 5.01 -51.55
CA ASN O 38 -18.37 6.28 -50.95
C ASN O 38 -19.05 7.50 -51.54
N GLY O 39 -18.85 8.65 -50.88
CA GLY O 39 -19.44 9.92 -51.30
C GLY O 39 -19.13 10.35 -52.72
N PHE O 40 -17.84 10.37 -53.07
CA PHE O 40 -17.39 10.80 -54.39
C PHE O 40 -17.97 9.95 -55.50
N ASP O 41 -17.93 8.63 -55.30
CA ASP O 41 -18.45 7.68 -56.27
C ASP O 41 -19.96 7.86 -56.47
N ALA O 42 -20.67 8.14 -55.38
CA ALA O 42 -22.10 8.45 -55.44
C ALA O 42 -22.34 9.75 -56.20
N GLY O 43 -21.53 10.76 -55.88
CA GLY O 43 -21.57 12.07 -56.54
C GLY O 43 -21.36 12.01 -58.05
N ILE O 44 -20.38 11.24 -58.48
CA ILE O 44 -20.11 10.99 -59.91
C ILE O 44 -21.23 10.17 -60.57
N LYS O 45 -21.67 9.12 -59.89
CA LYS O 45 -22.69 8.22 -60.46
C LYS O 45 -24.07 8.88 -60.60
N LEU O 46 -24.28 9.95 -59.84
CA LEU O 46 -25.47 10.79 -59.96
C LEU O 46 -25.61 11.43 -61.35
N SER O 47 -24.49 11.86 -61.93
CA SER O 47 -24.53 12.49 -63.26
C SER O 47 -24.14 11.60 -64.43
N THR O 48 -23.42 10.51 -64.15
CA THR O 48 -23.05 9.55 -65.21
C THR O 48 -24.10 8.46 -65.38
N PHE O 49 -24.45 7.78 -64.28
CA PHE O 49 -25.45 6.71 -64.33
C PHE O 49 -26.87 7.27 -64.34
N GLU O 50 -27.03 8.48 -63.78
CA GLU O 50 -28.30 9.25 -63.81
C GLU O 50 -29.53 8.48 -63.33
N PRO O 51 -29.57 8.14 -62.01
CA PRO O 51 -30.61 7.26 -61.51
C PRO O 51 -31.97 7.95 -61.32
N ALA O 52 -33.04 7.15 -61.39
CA ALA O 52 -34.37 7.62 -61.04
C ALA O 52 -34.51 7.66 -59.51
N ILE O 53 -33.84 6.72 -58.83
CA ILE O 53 -33.89 6.59 -57.37
C ILE O 53 -32.49 6.38 -56.79
N MET O 54 -32.17 7.07 -55.70
CA MET O 54 -30.98 6.79 -54.91
C MET O 54 -31.37 6.21 -53.55
N THR O 55 -30.87 5.02 -53.23
CA THR O 55 -31.00 4.51 -51.87
C THR O 55 -29.78 4.96 -51.08
N LEU O 56 -29.98 5.37 -49.84
CA LEU O 56 -28.92 5.96 -49.05
C LEU O 56 -28.96 5.53 -47.58
N ASP O 57 -27.96 4.73 -47.22
CA ASP O 57 -27.84 4.21 -45.87
C ASP O 57 -27.41 5.31 -44.93
N LEU O 58 -28.19 5.54 -43.88
CA LEU O 58 -27.88 6.58 -42.90
C LEU O 58 -26.85 6.16 -41.84
N SER O 59 -26.27 4.97 -41.98
CA SER O 59 -25.29 4.45 -41.00
C SER O 59 -23.89 4.23 -41.58
N MET O 60 -23.53 4.98 -42.61
CA MET O 60 -22.20 4.90 -43.19
C MET O 60 -21.24 5.74 -42.34
N PRO O 61 -20.17 5.13 -41.80
CA PRO O 61 -19.27 5.91 -40.94
C PRO O 61 -18.51 7.04 -41.67
N LYS O 62 -18.21 6.83 -42.95
CA LYS O 62 -17.46 7.80 -43.75
CA LYS O 62 -17.46 7.80 -43.75
C LYS O 62 -18.36 8.62 -44.69
N LEU O 63 -19.67 8.57 -44.43
CA LEU O 63 -20.62 9.34 -45.22
C LEU O 63 -21.82 9.79 -44.39
N ASP O 64 -21.89 11.09 -44.12
CA ASP O 64 -23.02 11.69 -43.43
C ASP O 64 -24.16 11.81 -44.44
N GLY O 65 -25.22 11.02 -44.24
CA GLY O 65 -26.38 11.00 -45.13
C GLY O 65 -27.12 12.33 -45.19
N LEU O 66 -27.14 13.05 -44.07
CA LEU O 66 -27.80 14.36 -43.94
C LEU O 66 -27.16 15.44 -44.83
N ASP O 67 -25.84 15.41 -44.93
CA ASP O 67 -25.09 16.35 -45.77
C ASP O 67 -25.22 16.01 -47.26
N VAL O 68 -25.42 14.74 -47.57
CA VAL O 68 -25.71 14.30 -48.96
C VAL O 68 -27.03 14.87 -49.46
N ILE O 69 -28.08 14.72 -48.65
CA ILE O 69 -29.41 15.24 -48.97
C ILE O 69 -29.34 16.77 -49.05
N ARG O 70 -28.63 17.38 -48.11
CA ARG O 70 -28.32 18.82 -48.13
C ARG O 70 -27.66 19.28 -49.43
N SER O 71 -26.57 18.60 -49.82
CA SER O 71 -25.79 18.95 -51.01
C SER O 71 -26.60 18.81 -52.30
N LEU O 72 -27.40 17.75 -52.36
CA LEU O 72 -28.20 17.46 -53.53
C LEU O 72 -29.31 18.50 -53.71
N ARG O 73 -30.04 18.78 -52.62
CA ARG O 73 -31.20 19.67 -52.69
C ARG O 73 -30.83 21.15 -52.81
N GLN O 74 -29.74 21.56 -52.15
CA GLN O 74 -29.28 22.96 -52.21
C GLN O 74 -28.58 23.33 -53.53
N ASN O 75 -27.70 22.47 -54.01
CA ASN O 75 -26.85 22.82 -55.17
C ASN O 75 -27.44 22.55 -56.55
N LYS O 76 -28.70 22.09 -56.57
CA LYS O 76 -29.52 22.00 -57.79
C LYS O 76 -28.87 21.27 -58.98
N VAL O 77 -28.56 19.99 -58.77
CA VAL O 77 -27.97 19.14 -59.81
C VAL O 77 -29.06 18.73 -60.82
N ALA O 78 -28.66 18.57 -62.08
CA ALA O 78 -29.59 18.26 -63.17
C ALA O 78 -30.27 16.91 -63.00
N ASN O 79 -31.61 16.97 -62.94
CA ASN O 79 -32.49 15.80 -62.72
C ASN O 79 -32.15 14.98 -61.48
N GLN O 80 -32.57 15.49 -60.33
CA GLN O 80 -32.33 14.85 -59.04
C GLN O 80 -33.20 13.60 -58.87
N PRO O 81 -32.58 12.49 -58.41
CA PRO O 81 -33.34 11.26 -58.17
C PRO O 81 -34.19 11.38 -56.91
N LYS O 82 -35.13 10.46 -56.75
CA LYS O 82 -35.89 10.37 -55.51
C LYS O 82 -34.97 9.71 -54.49
N ILE O 83 -34.98 10.23 -53.27
CA ILE O 83 -34.09 9.73 -52.21
C ILE O 83 -34.83 8.79 -51.24
N LEU O 84 -34.35 7.56 -51.18
CA LEU O 84 -34.85 6.56 -50.26
C LEU O 84 -33.81 6.30 -49.17
N VAL O 85 -34.06 6.76 -47.95
CA VAL O 85 -33.09 6.54 -46.88
C VAL O 85 -33.28 5.17 -46.20
N VAL O 86 -32.16 4.55 -45.80
CA VAL O 86 -32.21 3.32 -45.03
C VAL O 86 -31.83 3.69 -43.61
N SER O 87 -32.79 3.49 -42.72
CA SER O 87 -32.70 3.95 -41.34
C SER O 87 -32.71 2.76 -40.41
N GLY O 88 -32.43 3.02 -39.14
CA GLY O 88 -32.57 1.97 -38.14
C GLY O 88 -32.86 2.58 -36.80
N LEU O 89 -31.79 2.70 -36.03
CA LEU O 89 -31.83 2.98 -34.62
C LEU O 89 -32.20 4.44 -34.37
N ASP O 90 -31.41 5.34 -34.96
CA ASP O 90 -31.48 6.77 -34.72
C ASP O 90 -32.74 7.39 -35.34
N LYS O 91 -33.72 7.68 -34.49
CA LYS O 91 -34.99 8.23 -34.93
C LYS O 91 -34.89 9.71 -35.31
N ALA O 92 -34.08 10.46 -34.57
CA ALA O 92 -33.86 11.89 -34.85
C ALA O 92 -33.13 12.14 -36.17
N LYS O 93 -32.19 11.24 -36.50
CA LYS O 93 -31.46 11.28 -37.76
C LYS O 93 -32.39 11.06 -38.97
N LEU O 94 -33.26 10.04 -38.85
CA LEU O 94 -34.30 9.76 -39.83
C LEU O 94 -35.26 10.94 -40.04
N GLN O 95 -35.71 11.52 -38.93
CA GLN O 95 -36.58 12.71 -38.95
C GLN O 95 -35.88 13.92 -39.55
N GLN O 96 -34.57 14.03 -39.31
CA GLN O 96 -33.76 15.09 -39.91
C GLN O 96 -33.55 14.87 -41.41
N ALA O 97 -33.46 13.60 -41.82
CA ALA O 97 -33.36 13.21 -43.22
C ALA O 97 -34.64 13.56 -43.98
N VAL O 98 -35.79 13.36 -43.33
CA VAL O 98 -37.10 13.77 -43.86
C VAL O 98 -37.19 15.30 -44.03
N THR O 99 -36.79 16.03 -42.98
CA THR O 99 -36.76 17.50 -42.98
C THR O 99 -35.80 18.06 -44.04
N GLU O 100 -34.71 17.33 -44.30
CA GLU O 100 -33.72 17.72 -45.30
C GLU O 100 -34.19 17.48 -46.75
N GLY O 101 -35.03 16.48 -46.95
CA GLY O 101 -35.57 16.19 -48.27
C GLY O 101 -35.51 14.75 -48.75
N ALA O 102 -35.48 13.80 -47.81
CA ALA O 102 -35.68 12.40 -48.17
C ALA O 102 -37.15 12.21 -48.54
N ASP O 103 -37.39 11.43 -49.59
CA ASP O 103 -38.74 11.22 -50.11
C ASP O 103 -39.46 10.06 -49.41
N ASP O 104 -38.75 8.96 -49.19
CA ASP O 104 -39.27 7.86 -48.36
C ASP O 104 -38.14 7.15 -47.60
N TYR O 105 -38.52 6.27 -46.68
CA TYR O 105 -37.56 5.60 -45.82
C TYR O 105 -37.81 4.10 -45.72
N LEU O 106 -36.76 3.37 -45.32
CA LEU O 106 -36.87 1.99 -44.87
C LEU O 106 -36.29 1.93 -43.47
N GLU O 107 -36.99 1.26 -42.56
CA GLU O 107 -36.54 1.13 -41.19
C GLU O 107 -36.14 -0.32 -40.92
N LYS O 108 -34.89 -0.50 -40.50
CA LYS O 108 -34.36 -1.82 -40.18
C LYS O 108 -35.02 -2.39 -38.93
N PRO O 109 -35.47 -3.67 -38.99
CA PRO O 109 -35.34 -4.57 -40.12
C PRO O 109 -36.45 -4.46 -41.16
N PHE O 110 -36.10 -4.61 -42.44
CA PHE O 110 -37.07 -4.46 -43.52
C PHE O 110 -37.08 -5.62 -44.50
N ASP O 111 -38.27 -5.95 -44.98
CA ASP O 111 -38.47 -7.05 -45.90
C ASP O 111 -38.06 -6.65 -47.32
N ASN O 112 -37.78 -7.66 -48.15
CA ASN O 112 -37.55 -7.47 -49.58
C ASN O 112 -38.83 -7.01 -50.30
N ASP O 113 -39.98 -7.48 -49.80
CA ASP O 113 -41.30 -6.95 -50.19
C ASP O 113 -41.40 -5.46 -49.92
N ALA O 114 -40.96 -5.05 -48.73
CA ALA O 114 -41.01 -3.65 -48.30
C ALA O 114 -40.11 -2.77 -49.16
N LEU O 115 -38.92 -3.27 -49.51
CA LEU O 115 -37.99 -2.55 -50.38
C LEU O 115 -38.60 -2.26 -51.74
N LEU O 116 -39.15 -3.30 -52.37
CA LEU O 116 -39.80 -3.17 -53.69
C LEU O 116 -41.06 -2.31 -53.66
N ASP O 117 -41.79 -2.38 -52.55
CA ASP O 117 -42.95 -1.51 -52.31
C ASP O 117 -42.58 -0.02 -52.32
N ARG O 118 -41.47 0.33 -51.66
CA ARG O 118 -41.02 1.71 -51.58
C ARG O 118 -40.55 2.23 -52.92
N ILE O 119 -39.89 1.35 -53.68
CA ILE O 119 -39.35 1.69 -54.99
C ILE O 119 -40.47 2.02 -55.98
N HIS O 120 -41.46 1.12 -56.07
CA HIS O 120 -42.64 1.29 -56.93
C HIS O 120 -43.46 2.52 -56.56
N ASP O 121 -43.58 2.80 -55.27
CA ASP O 121 -44.29 4.00 -54.80
C ASP O 121 -43.59 5.29 -55.24
N LEU O 122 -42.26 5.27 -55.26
CA LEU O 122 -41.47 6.44 -55.63
C LEU O 122 -41.53 6.79 -57.12
N VAL O 123 -41.58 5.78 -57.98
CA VAL O 123 -41.78 6.00 -59.43
C VAL O 123 -43.19 5.62 -59.89
N SER P 2 -17.93 31.91 -63.41
CA SER P 2 -18.09 33.01 -64.41
C SER P 2 -16.89 33.20 -65.33
N LEU P 3 -15.69 32.90 -64.82
CA LEU P 3 -14.53 32.65 -65.67
C LEU P 3 -14.78 31.38 -66.48
N LYS P 4 -14.23 31.33 -67.70
CA LYS P 4 -14.35 30.16 -68.58
C LYS P 4 -13.78 28.90 -67.91
N GLN P 5 -14.35 27.74 -68.27
CA GLN P 5 -14.02 26.43 -67.70
C GLN P 5 -12.53 26.09 -67.58
N SER P 6 -11.74 26.42 -68.61
CA SER P 6 -10.28 26.15 -68.61
C SER P 6 -9.49 26.93 -67.55
N LYS P 7 -10.16 27.85 -66.85
CA LYS P 7 -9.54 28.66 -65.81
C LYS P 7 -10.17 28.43 -64.43
N ARG P 8 -10.79 27.25 -64.25
CA ARG P 8 -11.47 26.90 -63.01
C ARG P 8 -10.76 25.77 -62.26
N ILE P 9 -10.67 25.91 -60.94
CA ILE P 9 -10.02 24.91 -60.11
C ILE P 9 -10.89 24.55 -58.91
N LEU P 10 -11.13 23.25 -58.73
CA LEU P 10 -11.80 22.75 -57.53
C LEU P 10 -10.75 22.33 -56.49
N VAL P 11 -10.83 22.93 -55.31
CA VAL P 11 -9.94 22.59 -54.22
C VAL P 11 -10.67 21.67 -53.25
N VAL P 12 -10.17 20.43 -53.13
CA VAL P 12 -10.81 19.43 -52.27
C VAL P 12 -9.97 19.16 -51.01
N ASP P 13 -10.48 19.63 -49.88
CA ASP P 13 -9.81 19.51 -48.59
C ASP P 13 -10.84 19.80 -47.51
N ASP P 14 -10.78 19.04 -46.41
CA ASP P 14 -11.68 19.27 -45.28
C ASP P 14 -11.14 20.35 -44.36
N ASP P 15 -9.81 20.54 -44.41
CA ASP P 15 -9.12 21.62 -43.72
C ASP P 15 -9.46 22.96 -44.39
N GLN P 16 -10.24 23.78 -43.68
CA GLN P 16 -10.81 24.99 -44.26
C GLN P 16 -9.76 26.10 -44.43
N ALA P 17 -8.83 26.21 -43.48
CA ALA P 17 -7.75 27.18 -43.58
C ALA P 17 -6.76 26.85 -44.73
N MET P 18 -6.40 25.57 -44.89
CA MET P 18 -5.52 25.18 -45.99
C MET P 18 -6.19 25.40 -47.35
N ALA P 19 -7.47 25.04 -47.45
CA ALA P 19 -8.23 25.20 -48.69
C ALA P 19 -8.33 26.69 -49.10
N ALA P 20 -8.53 27.57 -48.11
CA ALA P 20 -8.58 29.02 -48.33
C ALA P 20 -7.22 29.60 -48.70
N ALA P 21 -6.14 28.98 -48.21
CA ALA P 21 -4.78 29.40 -48.54
C ALA P 21 -4.46 29.06 -50.00
N ILE P 22 -4.79 27.82 -50.39
CA ILE P 22 -4.66 27.39 -51.78
C ILE P 22 -5.45 28.35 -52.69
N GLU P 23 -6.75 28.49 -52.39
CA GLU P 23 -7.70 29.38 -53.09
C GLU P 23 -7.18 30.81 -53.31
N ARG P 24 -6.71 31.45 -52.23
CA ARG P 24 -6.18 32.82 -52.30
C ARG P 24 -5.04 32.96 -53.32
N VAL P 25 -4.12 31.99 -53.33
CA VAL P 25 -2.97 31.96 -54.24
C VAL P 25 -3.42 31.77 -55.69
N LEU P 26 -4.36 30.86 -55.90
CA LEU P 26 -4.90 30.59 -57.24
C LEU P 26 -5.73 31.76 -57.79
N LYS P 27 -6.57 32.36 -56.95
CA LYS P 27 -7.31 33.58 -57.28
C LYS P 27 -6.38 34.68 -57.77
N ARG P 28 -5.29 34.92 -57.03
CA ARG P 28 -4.26 35.90 -57.40
C ARG P 28 -3.57 35.59 -58.73
N ASP P 29 -3.51 34.31 -59.09
CA ASP P 29 -2.90 33.89 -60.35
C ASP P 29 -3.94 33.68 -61.48
N HIS P 30 -5.07 34.37 -61.39
CA HIS P 30 -6.11 34.40 -62.44
C HIS P 30 -6.88 33.08 -62.65
N TRP P 31 -7.17 32.39 -61.55
CA TRP P 31 -8.05 31.21 -61.59
C TRP P 31 -9.31 31.53 -60.78
N GLN P 32 -10.44 30.95 -61.20
CA GLN P 32 -11.66 30.92 -60.38
C GLN P 32 -11.71 29.62 -59.59
N VAL P 33 -11.95 29.73 -58.28
CA VAL P 33 -11.85 28.59 -57.38
C VAL P 33 -13.18 28.27 -56.70
N GLU P 34 -13.49 26.98 -56.60
CA GLU P 34 -14.52 26.47 -55.68
C GLU P 34 -13.91 25.44 -54.75
N ILE P 35 -14.41 25.39 -53.51
CA ILE P 35 -13.92 24.46 -52.50
C ILE P 35 -14.98 23.41 -52.14
N ALA P 36 -14.59 22.13 -52.13
CA ALA P 36 -15.40 21.05 -51.54
C ALA P 36 -14.73 20.45 -50.29
N HIS P 37 -15.49 20.37 -49.20
CA HIS P 37 -14.96 19.86 -47.93
C HIS P 37 -15.16 18.35 -47.77
N ASN P 38 -15.90 17.73 -48.69
CA ASN P 38 -16.17 16.30 -48.63
C ASN P 38 -16.23 15.64 -50.02
N GLY P 39 -16.19 14.31 -50.02
CA GLY P 39 -16.22 13.50 -51.24
C GLY P 39 -17.39 13.74 -52.15
N PHE P 40 -18.59 13.73 -51.58
CA PHE P 40 -19.83 13.92 -52.32
C PHE P 40 -19.94 15.31 -52.94
N ASP P 41 -19.54 16.34 -52.20
CA ASP P 41 -19.50 17.71 -52.73
C ASP P 41 -18.51 17.84 -53.88
N ALA P 42 -17.38 17.15 -53.76
CA ALA P 42 -16.37 17.11 -54.83
C ALA P 42 -16.88 16.46 -56.11
N GLY P 43 -17.61 15.35 -55.97
CA GLY P 43 -18.19 14.65 -57.11
C GLY P 43 -19.30 15.45 -57.79
N ILE P 44 -20.09 16.14 -56.98
CA ILE P 44 -21.17 16.99 -57.50
C ILE P 44 -20.62 18.20 -58.26
N LYS P 45 -19.70 18.93 -57.64
CA LYS P 45 -19.11 20.14 -58.24
C LYS P 45 -18.30 19.84 -59.49
N LEU P 46 -17.82 18.59 -59.62
CA LEU P 46 -17.17 18.13 -60.83
C LEU P 46 -18.08 18.29 -62.06
N SER P 47 -19.39 18.08 -61.89
CA SER P 47 -20.32 18.26 -62.99
C SER P 47 -20.93 19.67 -63.10
N THR P 48 -21.08 20.36 -61.97
CA THR P 48 -21.74 21.69 -61.95
C THR P 48 -20.76 22.86 -62.11
N PHE P 49 -19.50 22.65 -61.73
CA PHE P 49 -18.47 23.68 -61.83
C PHE P 49 -17.56 23.39 -63.02
N GLU P 50 -17.37 22.10 -63.31
CA GLU P 50 -16.51 21.60 -64.41
C GLU P 50 -15.08 22.19 -64.45
N PRO P 51 -14.28 21.95 -63.40
CA PRO P 51 -12.96 22.56 -63.30
C PRO P 51 -11.94 21.93 -64.24
N ALA P 52 -10.94 22.73 -64.64
CA ALA P 52 -9.84 22.24 -65.46
C ALA P 52 -8.89 21.40 -64.61
N ILE P 53 -8.79 21.77 -63.34
CA ILE P 53 -7.83 21.19 -62.40
C ILE P 53 -8.58 20.93 -61.09
N MET P 54 -8.32 19.79 -60.46
CA MET P 54 -8.79 19.50 -59.10
C MET P 54 -7.58 19.26 -58.19
N THR P 55 -7.48 20.00 -57.09
CA THR P 55 -6.49 19.68 -56.07
C THR P 55 -7.14 18.75 -55.07
N LEU P 56 -6.51 17.62 -54.82
CA LEU P 56 -7.07 16.59 -53.95
C LEU P 56 -6.18 16.33 -52.75
N ASP P 57 -6.69 16.64 -51.56
CA ASP P 57 -5.93 16.38 -50.36
C ASP P 57 -5.99 14.91 -49.93
N LEU P 58 -4.84 14.33 -49.60
CA LEU P 58 -4.74 12.93 -49.16
C LEU P 58 -4.78 12.72 -47.64
N SER P 59 -5.02 13.77 -46.88
CA SER P 59 -5.11 13.65 -45.40
C SER P 59 -6.53 13.76 -44.85
N MET P 60 -7.51 13.61 -45.73
CA MET P 60 -8.93 13.63 -45.36
C MET P 60 -9.35 12.26 -44.78
N PRO P 61 -9.91 12.26 -43.55
CA PRO P 61 -10.27 11.00 -42.87
C PRO P 61 -11.44 10.23 -43.48
N LYS P 62 -12.29 10.91 -44.26
CA LYS P 62 -13.48 10.27 -44.84
C LYS P 62 -13.44 10.13 -46.36
N LEU P 63 -12.41 10.69 -46.99
CA LEU P 63 -12.17 10.48 -48.42
C LEU P 63 -10.80 9.81 -48.63
N ASP P 64 -10.79 8.69 -49.34
CA ASP P 64 -9.56 8.06 -49.79
C ASP P 64 -9.30 8.57 -51.21
N GLY P 65 -8.18 9.27 -51.38
CA GLY P 65 -7.81 9.87 -52.66
C GLY P 65 -7.77 8.90 -53.82
N LEU P 66 -7.32 7.67 -53.55
CA LEU P 66 -7.31 6.57 -54.52
C LEU P 66 -8.69 6.24 -55.06
N ASP P 67 -9.71 6.29 -54.20
CA ASP P 67 -11.09 6.00 -54.60
C ASP P 67 -11.57 7.02 -55.62
N VAL P 68 -11.19 8.28 -55.41
CA VAL P 68 -11.49 9.36 -56.36
C VAL P 68 -10.87 9.09 -57.74
N ILE P 69 -9.58 8.75 -57.77
CA ILE P 69 -8.89 8.46 -59.04
C ILE P 69 -9.50 7.23 -59.73
N ARG P 70 -9.72 6.18 -58.97
CA ARG P 70 -10.34 4.95 -59.46
C ARG P 70 -11.77 5.13 -59.95
N SER P 71 -12.54 6.01 -59.30
CA SER P 71 -13.93 6.30 -59.68
CA SER P 71 -13.93 6.28 -59.68
C SER P 71 -14.01 6.96 -61.05
N LEU P 72 -13.09 7.90 -61.30
CA LEU P 72 -13.04 8.61 -62.59
C LEU P 72 -12.69 7.68 -63.76
N ARG P 73 -11.84 6.69 -63.48
CA ARG P 73 -11.49 5.66 -64.46
C ARG P 73 -12.66 4.69 -64.72
N GLN P 74 -13.26 4.18 -63.64
CA GLN P 74 -14.31 3.17 -63.71
C GLN P 74 -15.62 3.69 -64.29
N ASN P 75 -15.95 4.93 -63.98
CA ASN P 75 -17.16 5.56 -64.50
C ASN P 75 -17.04 6.10 -65.92
N LYS P 76 -15.82 6.03 -66.48
CA LYS P 76 -15.49 6.48 -67.85
C LYS P 76 -15.90 7.93 -68.12
N VAL P 77 -15.59 8.79 -67.14
CA VAL P 77 -15.94 10.21 -67.19
C VAL P 77 -15.14 10.93 -68.27
N ALA P 78 -15.84 11.70 -69.09
CA ALA P 78 -15.18 12.45 -70.17
C ALA P 78 -14.63 13.75 -69.62
N ASN P 79 -13.57 14.25 -70.28
CA ASN P 79 -12.91 15.52 -69.96
C ASN P 79 -12.66 15.74 -68.46
N GLN P 80 -12.00 14.77 -67.83
CA GLN P 80 -11.71 14.78 -66.40
C GLN P 80 -10.76 15.93 -66.08
N PRO P 81 -10.84 16.50 -64.87
CA PRO P 81 -9.85 17.52 -64.56
C PRO P 81 -8.45 16.90 -64.43
N LYS P 82 -7.41 17.73 -64.57
CA LYS P 82 -6.08 17.31 -64.15
C LYS P 82 -6.06 17.24 -62.62
N ILE P 83 -5.45 16.20 -62.07
CA ILE P 83 -5.46 16.02 -60.61
C ILE P 83 -4.10 16.30 -59.97
N LEU P 84 -4.08 17.30 -59.10
CA LEU P 84 -2.91 17.60 -58.31
C LEU P 84 -3.19 17.10 -56.91
N VAL P 85 -2.44 16.09 -56.54
CA VAL P 85 -2.70 15.36 -55.33
C VAL P 85 -1.85 16.03 -54.22
N VAL P 86 -2.42 16.26 -53.04
CA VAL P 86 -1.68 16.95 -51.96
C VAL P 86 -1.35 15.99 -50.80
N SER P 87 -0.06 15.75 -50.61
CA SER P 87 0.43 14.70 -49.72
C SER P 87 0.40 15.06 -48.24
N GLY P 88 0.10 14.06 -47.42
CA GLY P 88 0.26 14.16 -45.96
C GLY P 88 1.49 13.40 -45.53
N LEU P 89 1.48 12.89 -44.29
CA LEU P 89 2.64 12.17 -43.76
C LEU P 89 2.74 10.69 -44.18
N ASP P 90 1.72 10.18 -44.89
CA ASP P 90 1.77 8.83 -45.45
C ASP P 90 2.36 8.90 -46.86
N LYS P 91 3.61 8.48 -47.01
CA LYS P 91 4.33 8.60 -48.28
C LYS P 91 4.00 7.53 -49.31
N ALA P 92 3.55 6.36 -48.84
CA ALA P 92 3.17 5.26 -49.73
C ALA P 92 1.80 5.52 -50.37
N LYS P 93 0.89 6.12 -49.59
CA LYS P 93 -0.39 6.61 -50.11
C LYS P 93 -0.20 7.59 -51.27
N LEU P 94 0.74 8.52 -51.10
CA LEU P 94 1.13 9.47 -52.15
C LEU P 94 1.61 8.77 -53.42
N GLN P 95 2.50 7.80 -53.24
CA GLN P 95 3.11 7.09 -54.35
C GLN P 95 2.08 6.30 -55.16
N GLN P 96 1.17 5.64 -54.45
CA GLN P 96 0.11 4.85 -55.07
C GLN P 96 -0.82 5.73 -55.93
N ALA P 97 -1.22 6.88 -55.35
CA ALA P 97 -2.01 7.89 -56.06
C ALA P 97 -1.32 8.35 -57.36
N VAL P 98 -0.01 8.62 -57.27
CA VAL P 98 0.80 9.08 -58.39
C VAL P 98 0.93 8.04 -59.50
N THR P 99 1.32 6.81 -59.13
CA THR P 99 1.42 5.73 -60.12
C THR P 99 0.07 5.33 -60.71
N GLU P 100 -1.01 5.46 -59.93
CA GLU P 100 -2.36 5.18 -60.43
C GLU P 100 -3.04 6.34 -61.20
N GLY P 101 -2.31 7.42 -61.47
CA GLY P 101 -2.80 8.39 -62.45
C GLY P 101 -2.93 9.86 -62.08
N ALA P 102 -2.59 10.23 -60.85
CA ALA P 102 -2.50 11.64 -60.46
C ALA P 102 -1.50 12.33 -61.37
N ASP P 103 -1.89 13.45 -61.96
CA ASP P 103 -1.06 14.11 -62.97
C ASP P 103 0.14 14.84 -62.36
N ASP P 104 0.06 15.17 -61.07
CA ASP P 104 1.19 15.75 -60.32
C ASP P 104 0.90 15.70 -58.81
N TYR P 105 1.88 16.12 -58.01
CA TYR P 105 1.78 16.05 -56.54
C TYR P 105 2.40 17.27 -55.86
N LEU P 106 1.91 17.60 -54.67
CA LEU P 106 2.51 18.60 -53.79
C LEU P 106 2.78 17.96 -52.43
N GLU P 107 3.91 18.31 -51.82
CA GLU P 107 4.20 17.85 -50.47
C GLU P 107 4.05 18.97 -49.43
N LYS P 108 3.28 18.70 -48.39
CA LYS P 108 3.04 19.64 -47.29
C LYS P 108 4.19 19.56 -46.29
N PRO P 109 4.63 20.72 -45.73
CA PRO P 109 4.25 22.09 -46.08
C PRO P 109 5.00 22.61 -47.32
N PHE P 110 4.29 23.35 -48.15
CA PHE P 110 4.81 23.89 -49.41
C PHE P 110 4.66 25.42 -49.39
N ASP P 111 5.40 26.12 -50.25
CA ASP P 111 5.16 27.56 -50.39
C ASP P 111 4.29 27.89 -51.61
N ASN P 112 3.78 29.12 -51.65
CA ASN P 112 2.93 29.64 -52.73
C ASN P 112 3.49 29.41 -54.14
N ASP P 113 4.81 29.52 -54.26
CA ASP P 113 5.51 29.39 -55.52
C ASP P 113 5.56 27.94 -56.01
N ALA P 114 5.75 27.00 -55.08
CA ALA P 114 5.69 25.57 -55.38
C ALA P 114 4.34 25.15 -55.96
N LEU P 115 3.26 25.61 -55.32
CA LEU P 115 1.89 25.37 -55.79
C LEU P 115 1.69 25.88 -57.22
N LEU P 116 2.02 27.15 -57.45
CA LEU P 116 1.85 27.76 -58.78
C LEU P 116 2.68 27.08 -59.86
N ASP P 117 3.88 26.61 -59.49
CA ASP P 117 4.74 25.81 -60.36
C ASP P 117 4.07 24.52 -60.85
N ARG P 118 3.42 23.80 -59.94
CA ARG P 118 2.69 22.57 -60.29
C ARG P 118 1.50 22.85 -61.18
N ILE P 119 0.74 23.90 -60.84
CA ILE P 119 -0.46 24.28 -61.59
C ILE P 119 -0.13 24.66 -63.04
N HIS P 120 0.90 25.48 -63.21
CA HIS P 120 1.39 25.85 -64.55
C HIS P 120 1.95 24.67 -65.35
N ASP P 121 2.63 23.74 -64.65
CA ASP P 121 3.12 22.49 -65.26
C ASP P 121 1.98 21.63 -65.80
N LEU P 122 0.86 21.64 -65.08
CA LEU P 122 -0.30 20.78 -65.40
C LEU P 122 -1.01 21.15 -66.69
N VAL P 123 -1.14 22.46 -66.94
CA VAL P 123 -1.82 22.94 -68.14
C VAL P 123 -0.89 23.09 -69.34
N ASN P 124 0.41 23.12 -69.08
CA ASN P 124 1.43 23.14 -70.13
C ASN P 124 1.66 21.76 -70.73
N ARG Q 8 -22.57 16.59 -3.71
CA ARG Q 8 -21.84 17.12 -4.91
C ARG Q 8 -22.29 16.41 -6.19
N ILE Q 9 -22.94 17.17 -7.07
CA ILE Q 9 -23.46 16.62 -8.33
C ILE Q 9 -23.11 17.52 -9.54
N LEU Q 10 -22.54 16.89 -10.57
CA LEU Q 10 -22.26 17.58 -11.83
C LEU Q 10 -23.33 17.22 -12.86
N VAL Q 11 -24.01 18.25 -13.34
CA VAL Q 11 -25.04 18.10 -14.36
C VAL Q 11 -24.49 18.52 -15.71
N VAL Q 12 -24.45 17.58 -16.65
CA VAL Q 12 -23.94 17.85 -17.99
C VAL Q 12 -25.08 17.83 -19.00
N ASP Q 13 -25.39 19.03 -19.50
CA ASP Q 13 -26.46 19.28 -20.45
C ASP Q 13 -26.19 20.61 -21.13
N ASP Q 14 -26.34 20.67 -22.45
CA ASP Q 14 -26.19 21.93 -23.18
C ASP Q 14 -27.45 22.83 -23.04
N ASP Q 15 -28.61 22.20 -22.86
CA ASP Q 15 -29.88 22.88 -22.63
C ASP Q 15 -29.84 23.56 -21.26
N GLN Q 16 -29.68 24.89 -21.27
CA GLN Q 16 -29.54 25.70 -20.04
CA GLN Q 16 -29.53 25.67 -20.04
C GLN Q 16 -30.83 25.68 -19.21
N ALA Q 17 -31.97 25.75 -19.90
CA ALA Q 17 -33.27 25.75 -19.23
C ALA Q 17 -33.55 24.43 -18.51
N MET Q 18 -33.12 23.32 -19.12
CA MET Q 18 -33.25 22.00 -18.50
C MET Q 18 -32.26 21.81 -17.36
N ALA Q 19 -31.01 22.23 -17.59
CA ALA Q 19 -29.97 22.13 -16.56
C ALA Q 19 -30.32 22.90 -15.29
N ALA Q 20 -30.89 24.10 -15.45
CA ALA Q 20 -31.33 24.92 -14.31
C ALA Q 20 -32.55 24.32 -13.60
N ALA Q 21 -33.43 23.68 -14.36
CA ALA Q 21 -34.60 23.00 -13.81
C ALA Q 21 -34.21 21.80 -12.96
N ILE Q 22 -33.23 21.03 -13.44
CA ILE Q 22 -32.65 19.92 -12.68
C ILE Q 22 -31.94 20.44 -11.43
N GLU Q 23 -31.13 21.48 -11.61
CA GLU Q 23 -30.40 22.15 -10.53
C GLU Q 23 -31.27 22.55 -9.33
N ARG Q 24 -32.42 23.16 -9.61
CA ARG Q 24 -33.35 23.64 -8.57
C ARG Q 24 -34.02 22.50 -7.79
N VAL Q 25 -34.22 21.37 -8.46
CA VAL Q 25 -34.75 20.16 -7.83
C VAL Q 25 -33.74 19.57 -6.85
N LEU Q 26 -32.48 19.49 -7.28
CA LEU Q 26 -31.42 18.96 -6.41
C LEU Q 26 -31.02 19.94 -5.29
N LYS Q 27 -31.21 21.24 -5.53
CA LYS Q 27 -31.02 22.27 -4.50
C LYS Q 27 -32.05 22.18 -3.36
N ARG Q 28 -33.26 21.72 -3.69
CA ARG Q 28 -34.30 21.40 -2.69
C ARG Q 28 -33.87 20.17 -1.89
N ASP Q 29 -33.29 19.19 -2.58
CA ASP Q 29 -32.79 17.96 -1.95
C ASP Q 29 -31.42 18.16 -1.29
N HIS Q 30 -31.04 19.43 -1.08
CA HIS Q 30 -29.82 19.86 -0.38
C HIS Q 30 -28.52 19.33 -0.99
N TRP Q 31 -28.43 19.41 -2.32
CA TRP Q 31 -27.20 19.06 -3.03
C TRP Q 31 -26.45 20.33 -3.46
N GLN Q 32 -25.14 20.21 -3.61
CA GLN Q 32 -24.36 21.28 -4.22
C GLN Q 32 -24.18 20.94 -5.70
N VAL Q 33 -24.67 21.85 -6.55
CA VAL Q 33 -24.83 21.57 -7.98
C VAL Q 33 -23.91 22.46 -8.83
N GLU Q 34 -23.17 21.82 -9.72
CA GLU Q 34 -22.46 22.53 -10.80
C GLU Q 34 -22.97 22.06 -12.16
N ILE Q 35 -23.05 23.00 -13.09
CA ILE Q 35 -23.52 22.71 -14.43
C ILE Q 35 -22.36 22.85 -15.41
N ALA Q 36 -22.24 21.89 -16.33
CA ALA Q 36 -21.32 21.99 -17.44
C ALA Q 36 -22.11 21.86 -18.73
N HIS Q 37 -21.93 22.83 -19.62
CA HIS Q 37 -22.67 22.85 -20.88
C HIS Q 37 -21.90 22.23 -22.03
N ASN Q 38 -20.62 21.93 -21.83
CA ASN Q 38 -19.77 21.39 -22.88
C ASN Q 38 -18.84 20.29 -22.36
N GLY Q 39 -18.22 19.53 -23.27
CA GLY Q 39 -17.31 18.44 -22.88
C GLY Q 39 -16.12 18.87 -22.04
N PHE Q 40 -15.46 19.94 -22.44
CA PHE Q 40 -14.27 20.43 -21.73
C PHE Q 40 -14.57 20.82 -20.27
N ASP Q 41 -15.66 21.57 -20.11
CA ASP Q 41 -16.15 22.03 -18.82
C ASP Q 41 -16.47 20.86 -17.89
N ALA Q 42 -17.12 19.85 -18.44
CA ALA Q 42 -17.42 18.59 -17.74
C ALA Q 42 -16.16 17.89 -17.30
N GLY Q 43 -15.20 17.77 -18.22
CA GLY Q 43 -13.88 17.19 -17.95
C GLY Q 43 -13.13 17.91 -16.85
N ILE Q 44 -13.15 19.23 -16.90
CA ILE Q 44 -12.44 20.06 -15.93
C ILE Q 44 -13.12 20.05 -14.56
N LYS Q 45 -14.44 20.27 -14.54
CA LYS Q 45 -15.22 20.27 -13.31
C LYS Q 45 -15.20 18.92 -12.62
N LEU Q 46 -14.97 17.85 -13.39
CA LEU Q 46 -14.71 16.53 -12.82
C LEU Q 46 -13.51 16.51 -11.86
N SER Q 47 -12.57 17.44 -12.06
CA SER Q 47 -11.41 17.60 -11.18
C SER Q 47 -11.50 18.82 -10.26
N THR Q 48 -12.06 19.91 -10.78
CA THR Q 48 -12.20 21.16 -10.01
C THR Q 48 -13.23 21.00 -8.89
N PHE Q 49 -14.38 20.45 -9.25
CA PHE Q 49 -15.53 20.36 -8.36
C PHE Q 49 -15.57 19.01 -7.61
N GLU Q 50 -14.99 17.98 -8.22
CA GLU Q 50 -14.95 16.59 -7.70
C GLU Q 50 -16.32 16.03 -7.25
N PRO Q 51 -17.17 15.64 -8.22
CA PRO Q 51 -18.53 15.16 -7.89
C PRO Q 51 -18.65 13.65 -7.71
N ALA Q 52 -19.63 13.22 -6.91
CA ALA Q 52 -19.92 11.80 -6.69
C ALA Q 52 -20.75 11.18 -7.83
N ILE Q 53 -21.63 11.98 -8.42
CA ILE Q 53 -22.47 11.52 -9.53
C ILE Q 53 -22.43 12.53 -10.68
N MET Q 54 -22.28 12.02 -11.89
CA MET Q 54 -22.38 12.85 -13.10
C MET Q 54 -23.65 12.48 -13.88
N THR Q 55 -24.53 13.46 -14.10
CA THR Q 55 -25.64 13.25 -15.02
C THR Q 55 -25.22 13.69 -16.41
N LEU Q 56 -25.47 12.84 -17.40
CA LEU Q 56 -24.96 13.06 -18.73
C LEU Q 56 -26.05 12.92 -19.77
N ASP Q 57 -26.39 14.03 -20.41
CA ASP Q 57 -27.45 14.04 -21.40
C ASP Q 57 -26.95 13.45 -22.71
N LEU Q 58 -27.75 12.59 -23.31
CA LEU Q 58 -27.37 11.94 -24.56
C LEU Q 58 -27.85 12.67 -25.81
N SER Q 59 -28.47 13.83 -25.63
CA SER Q 59 -28.97 14.60 -26.78
C SER Q 59 -28.22 15.93 -26.95
N MET Q 60 -26.92 15.90 -26.66
CA MET Q 60 -26.09 17.09 -26.83
C MET Q 60 -25.44 16.97 -28.21
N PRO Q 61 -25.76 17.90 -29.13
CA PRO Q 61 -25.17 17.83 -30.47
C PRO Q 61 -23.65 17.98 -30.49
N LYS Q 62 -23.09 18.68 -29.51
CA LYS Q 62 -21.64 18.94 -29.50
C LYS Q 62 -20.89 18.09 -28.47
N LEU Q 63 -21.53 17.00 -28.05
CA LEU Q 63 -20.94 16.06 -27.09
C LEU Q 63 -21.53 14.67 -27.25
N ASP Q 64 -20.69 13.73 -27.67
CA ASP Q 64 -21.09 12.33 -27.78
C ASP Q 64 -20.90 11.70 -26.40
N GLY Q 65 -22.01 11.24 -25.83
CA GLY Q 65 -22.03 10.55 -24.55
C GLY Q 65 -21.16 9.30 -24.49
N LEU Q 66 -21.11 8.56 -25.59
CA LEU Q 66 -20.29 7.34 -25.73
C LEU Q 66 -18.80 7.64 -25.57
N ASP Q 67 -18.37 8.76 -26.15
CA ASP Q 67 -16.99 9.23 -26.07
C ASP Q 67 -16.59 9.61 -24.65
N VAL Q 68 -17.54 10.19 -23.91
CA VAL Q 68 -17.33 10.54 -22.51
C VAL Q 68 -17.07 9.29 -21.67
N ILE Q 69 -17.88 8.25 -21.87
CA ILE Q 69 -17.76 7.00 -21.12
C ILE Q 69 -16.46 6.26 -21.47
N ARG Q 70 -16.08 6.28 -22.75
CA ARG Q 70 -14.83 5.69 -23.24
C ARG Q 70 -13.57 6.38 -22.69
N SER Q 71 -13.60 7.70 -22.59
CA SER Q 71 -12.48 8.48 -22.07
C SER Q 71 -12.32 8.33 -20.56
N LEU Q 72 -13.39 7.90 -19.90
CA LEU Q 72 -13.41 7.74 -18.46
C LEU Q 72 -13.15 6.29 -18.06
N ARG Q 73 -14.12 5.41 -18.34
CA ARG Q 73 -14.15 4.02 -17.88
C ARG Q 73 -13.04 3.12 -18.45
N GLN Q 74 -12.45 3.53 -19.57
CA GLN Q 74 -11.39 2.77 -20.20
C GLN Q 74 -10.02 3.43 -20.00
N ASN Q 75 -10.00 4.70 -19.60
CA ASN Q 75 -8.74 5.46 -19.55
C ASN Q 75 -8.29 6.02 -18.19
N LYS Q 76 -8.35 5.16 -17.17
CA LYS Q 76 -7.59 5.31 -15.90
C LYS Q 76 -7.77 6.58 -15.06
N VAL Q 77 -8.96 7.17 -15.14
CA VAL Q 77 -9.29 8.34 -14.30
C VAL Q 77 -9.55 7.91 -12.85
N ALA Q 78 -8.86 8.57 -11.91
CA ALA Q 78 -9.08 8.33 -10.47
C ALA Q 78 -10.30 9.10 -10.00
N ASN Q 79 -10.94 8.58 -8.95
CA ASN Q 79 -12.18 9.13 -8.36
C ASN Q 79 -13.33 9.25 -9.36
N GLN Q 80 -13.52 8.18 -10.15
CA GLN Q 80 -14.56 8.15 -11.18
C GLN Q 80 -15.96 8.06 -10.59
N PRO Q 81 -16.80 9.08 -10.87
CA PRO Q 81 -18.14 9.14 -10.32
C PRO Q 81 -19.08 8.15 -11.02
N LYS Q 82 -20.25 7.92 -10.43
CA LYS Q 82 -21.26 7.11 -11.07
C LYS Q 82 -21.94 7.95 -12.15
N ILE Q 83 -22.20 7.35 -13.30
CA ILE Q 83 -22.75 8.07 -14.44
C ILE Q 83 -24.22 7.73 -14.63
N LEU Q 84 -25.06 8.72 -14.34
CA LEU Q 84 -26.49 8.62 -14.65
C LEU Q 84 -26.77 9.26 -16.02
N VAL Q 85 -27.06 8.43 -17.00
CA VAL Q 85 -27.25 8.86 -18.38
C VAL Q 85 -28.71 9.32 -18.61
N VAL Q 86 -28.90 10.45 -19.29
CA VAL Q 86 -30.23 10.96 -19.59
C VAL Q 86 -30.56 10.71 -21.06
N SER Q 87 -31.50 9.79 -21.30
CA SER Q 87 -31.82 9.34 -22.65
C SER Q 87 -32.70 10.32 -23.41
N GLY Q 88 -32.59 10.29 -24.75
CA GLY Q 88 -33.39 11.17 -25.58
C GLY Q 88 -33.74 10.64 -26.96
N LEU Q 89 -32.93 11.04 -27.94
CA LEU Q 89 -33.24 10.85 -29.36
C LEU Q 89 -33.12 9.42 -29.89
N ASP Q 90 -31.98 8.78 -29.62
CA ASP Q 90 -31.73 7.41 -30.05
C ASP Q 90 -31.73 6.48 -28.86
N LYS Q 91 -32.68 5.55 -28.85
CA LYS Q 91 -32.81 4.59 -27.75
C LYS Q 91 -31.82 3.43 -27.85
N ALA Q 92 -31.16 3.29 -29.00
CA ALA Q 92 -30.11 2.29 -29.16
C ALA Q 92 -28.71 2.87 -28.88
N LYS Q 93 -28.61 4.20 -28.85
CA LYS Q 93 -27.43 4.88 -28.32
C LYS Q 93 -27.49 4.82 -26.79
N LEU Q 94 -28.71 4.75 -26.26
CA LEU Q 94 -28.94 4.47 -24.85
C LEU Q 94 -28.49 3.05 -24.49
N GLN Q 95 -28.85 2.09 -25.33
CA GLN Q 95 -28.44 0.69 -25.15
C GLN Q 95 -26.93 0.54 -25.33
N GLN Q 96 -26.36 1.41 -26.15
CA GLN Q 96 -24.92 1.44 -26.39
C GLN Q 96 -24.15 2.04 -25.19
N ALA Q 97 -24.66 3.15 -24.66
CA ALA Q 97 -24.03 3.85 -23.53
C ALA Q 97 -24.09 3.04 -22.23
N VAL Q 98 -25.21 2.37 -22.00
CA VAL Q 98 -25.43 1.52 -20.81
C VAL Q 98 -24.42 0.36 -20.79
N THR Q 99 -24.24 -0.26 -21.96
CA THR Q 99 -23.28 -1.36 -22.10
C THR Q 99 -21.83 -0.86 -22.17
N GLU Q 100 -21.65 0.42 -22.47
CA GLU Q 100 -20.32 1.04 -22.53
C GLU Q 100 -19.76 1.27 -21.12
N GLY Q 101 -20.64 1.40 -20.13
CA GLY Q 101 -20.21 1.61 -18.76
C GLY Q 101 -21.02 2.63 -17.98
N ALA Q 102 -22.12 3.11 -18.58
CA ALA Q 102 -23.08 3.93 -17.84
C ALA Q 102 -23.77 3.08 -16.79
N ASP Q 103 -23.86 3.60 -15.58
CA ASP Q 103 -24.31 2.84 -14.42
C ASP Q 103 -25.83 2.69 -14.34
N ASP Q 104 -26.54 3.76 -14.67
CA ASP Q 104 -28.00 3.72 -14.81
C ASP Q 104 -28.45 4.80 -15.79
N TYR Q 105 -29.75 4.81 -16.09
CA TYR Q 105 -30.31 5.78 -16.99
C TYR Q 105 -31.60 6.41 -16.48
N LEU Q 106 -31.89 7.59 -17.01
CA LEU Q 106 -33.21 8.19 -16.93
C LEU Q 106 -33.81 8.17 -18.31
N GLU Q 107 -35.07 7.76 -18.40
CA GLU Q 107 -35.80 7.72 -19.66
C GLU Q 107 -36.60 9.02 -19.82
N LYS Q 108 -36.92 9.34 -21.07
CA LYS Q 108 -37.62 10.58 -21.40
C LYS Q 108 -39.07 10.22 -21.76
N PRO Q 109 -40.05 10.72 -20.97
CA PRO Q 109 -39.95 11.63 -19.83
C PRO Q 109 -39.74 10.95 -18.47
N PHE Q 110 -39.13 11.70 -17.55
CA PHE Q 110 -38.98 11.28 -16.16
C PHE Q 110 -39.42 12.41 -15.25
N ASP Q 111 -39.99 12.06 -14.10
CA ASP Q 111 -40.37 13.08 -13.13
C ASP Q 111 -39.27 13.33 -12.10
N ASN Q 112 -39.51 14.30 -11.22
CA ASN Q 112 -38.54 14.68 -10.19
C ASN Q 112 -38.29 13.61 -9.13
N ASP Q 113 -39.29 12.78 -8.86
CA ASP Q 113 -39.12 11.65 -7.94
C ASP Q 113 -38.26 10.54 -8.55
N ALA Q 114 -38.47 10.23 -9.83
CA ALA Q 114 -37.64 9.27 -10.55
C ALA Q 114 -36.19 9.76 -10.71
N LEU Q 115 -36.01 11.08 -10.73
CA LEU Q 115 -34.69 11.70 -10.71
C LEU Q 115 -33.97 11.37 -9.41
N LEU Q 116 -34.60 11.70 -8.28
CA LEU Q 116 -34.06 11.44 -6.94
C LEU Q 116 -33.97 9.94 -6.61
N ASP Q 117 -34.82 9.12 -7.23
CA ASP Q 117 -34.77 7.66 -7.07
C ASP Q 117 -33.54 7.05 -7.76
N ARG Q 118 -33.27 7.49 -8.98
CA ARG Q 118 -32.08 7.06 -9.72
C ARG Q 118 -30.81 7.49 -9.01
N ILE Q 119 -30.82 8.72 -8.50
CA ILE Q 119 -29.70 9.30 -7.75
C ILE Q 119 -29.39 8.49 -6.48
N HIS Q 120 -30.41 8.22 -5.68
CA HIS Q 120 -30.23 7.54 -4.40
C HIS Q 120 -29.89 6.05 -4.52
N ASP Q 121 -30.45 5.39 -5.55
CA ASP Q 121 -30.15 3.97 -5.82
C ASP Q 121 -28.72 3.76 -6.31
N LEU Q 122 -28.17 4.79 -6.95
CA LEU Q 122 -26.83 4.78 -7.51
C LEU Q 122 -25.74 4.90 -6.45
N VAL Q 123 -26.01 5.70 -5.40
CA VAL Q 123 -25.06 5.86 -4.30
C VAL Q 123 -25.15 4.72 -3.28
N ASN Q 124 -26.37 4.20 -3.06
CA ASN Q 124 -26.61 3.13 -2.11
C ASN Q 124 -26.51 1.75 -2.76
N SER R 6 9.20 21.20 -17.58
CA SER R 6 8.35 20.11 -18.16
C SER R 6 8.30 20.23 -19.68
N LYS R 7 8.47 19.11 -20.36
CA LYS R 7 8.41 19.07 -21.82
C LYS R 7 7.11 18.43 -22.35
N ARG R 8 6.05 18.49 -21.55
CA ARG R 8 4.77 17.86 -21.91
C ARG R 8 3.85 18.81 -22.65
N ILE R 9 3.36 18.38 -23.81
CA ILE R 9 2.48 19.19 -24.62
C ILE R 9 1.24 18.39 -25.00
N LEU R 10 0.06 18.95 -24.71
CA LEU R 10 -1.21 18.38 -25.15
C LEU R 10 -1.69 19.09 -26.41
N VAL R 11 -1.87 18.32 -27.48
CA VAL R 11 -2.35 18.82 -28.76
C VAL R 11 -3.85 18.56 -28.86
N VAL R 12 -4.65 19.62 -28.96
CA VAL R 12 -6.11 19.49 -29.08
C VAL R 12 -6.56 19.91 -30.47
N ASP R 13 -7.17 18.94 -31.17
CA ASP R 13 -7.58 19.09 -32.56
C ASP R 13 -8.40 17.87 -32.95
N ASP R 14 -9.57 18.12 -33.54
CA ASP R 14 -10.46 17.06 -34.00
C ASP R 14 -9.92 16.48 -35.31
N ASP R 15 -9.07 17.26 -35.97
CA ASP R 15 -8.45 16.87 -37.23
C ASP R 15 -7.30 15.94 -36.89
N GLN R 16 -7.54 14.63 -36.96
CA GLN R 16 -6.55 13.61 -36.58
C GLN R 16 -5.22 13.71 -37.32
N ALA R 17 -5.28 13.99 -38.62
CA ALA R 17 -4.07 14.15 -39.45
C ALA R 17 -3.21 15.37 -39.08
N MET R 18 -3.86 16.53 -38.86
CA MET R 18 -3.15 17.73 -38.40
C MET R 18 -2.51 17.52 -37.02
N ALA R 19 -3.24 16.92 -36.09
CA ALA R 19 -2.69 16.66 -34.76
C ALA R 19 -1.52 15.67 -34.80
N ALA R 20 -1.59 14.67 -35.68
CA ALA R 20 -0.47 13.74 -35.87
C ALA R 20 0.74 14.42 -36.51
N ALA R 21 0.48 15.43 -37.34
CA ALA R 21 1.57 16.20 -37.96
C ALA R 21 2.24 17.12 -36.92
N ILE R 22 1.43 17.82 -36.12
CA ILE R 22 1.91 18.60 -34.96
C ILE R 22 2.75 17.73 -34.01
N GLU R 23 2.17 16.60 -33.59
CA GLU R 23 2.84 15.60 -32.76
C GLU R 23 4.22 15.19 -33.29
N ARG R 24 4.29 14.89 -34.59
CA ARG R 24 5.56 14.51 -35.23
C ARG R 24 6.62 15.60 -35.08
N VAL R 25 6.24 16.86 -35.31
CA VAL R 25 7.17 17.99 -35.18
C VAL R 25 7.67 18.15 -33.75
N LEU R 26 6.76 18.06 -32.79
CA LEU R 26 7.11 18.23 -31.38
C LEU R 26 7.93 17.04 -30.86
N LYS R 27 7.54 15.83 -31.21
CA LYS R 27 8.30 14.63 -30.86
C LYS R 27 9.72 14.66 -31.46
N ARG R 28 9.86 15.13 -32.71
CA ARG R 28 11.20 15.28 -33.31
C ARG R 28 12.03 16.34 -32.57
N ASP R 29 11.35 17.31 -31.96
CA ASP R 29 12.01 18.34 -31.17
C ASP R 29 12.09 17.98 -29.68
N HIS R 30 11.89 16.70 -29.37
CA HIS R 30 12.05 16.11 -28.03
C HIS R 30 11.05 16.62 -26.97
N TRP R 31 9.79 16.80 -27.39
CA TRP R 31 8.68 17.06 -26.46
C TRP R 31 7.86 15.79 -26.29
N GLN R 32 7.33 15.58 -25.10
CA GLN R 32 6.41 14.47 -24.84
CA GLN R 32 6.42 14.47 -24.85
C GLN R 32 5.00 14.92 -25.17
N VAL R 33 4.34 14.19 -26.05
CA VAL R 33 3.04 14.60 -26.61
C VAL R 33 1.89 13.64 -26.23
N GLU R 34 0.72 14.21 -25.93
CA GLU R 34 -0.55 13.49 -25.96
C GLU R 34 -1.53 14.28 -26.83
N ILE R 35 -2.46 13.58 -27.44
CA ILE R 35 -3.45 14.17 -28.34
C ILE R 35 -4.87 13.99 -27.79
N ALA R 36 -5.70 15.03 -27.94
CA ALA R 36 -7.12 14.98 -27.61
C ALA R 36 -7.93 15.48 -28.80
N HIS R 37 -8.88 14.67 -29.26
CA HIS R 37 -9.66 14.99 -30.44
C HIS R 37 -10.98 15.70 -30.11
N ASN R 38 -11.27 15.85 -28.83
CA ASN R 38 -12.53 16.44 -28.36
C ASN R 38 -12.32 17.16 -27.03
N GLY R 39 -13.31 17.96 -26.62
CA GLY R 39 -13.20 18.78 -25.40
C GLY R 39 -13.11 18.00 -24.11
N PHE R 40 -13.89 16.93 -23.97
CA PHE R 40 -13.90 16.13 -22.74
C PHE R 40 -12.55 15.48 -22.47
N ASP R 41 -11.98 14.89 -23.51
CA ASP R 41 -10.64 14.33 -23.45
C ASP R 41 -9.55 15.36 -23.18
N ALA R 42 -9.73 16.56 -23.72
CA ALA R 42 -8.84 17.68 -23.42
C ALA R 42 -8.86 18.03 -21.93
N GLY R 43 -10.07 18.13 -21.37
CA GLY R 43 -10.27 18.49 -19.96
C GLY R 43 -9.76 17.41 -19.01
N ILE R 44 -9.94 16.16 -19.41
CA ILE R 44 -9.45 15.01 -18.65
C ILE R 44 -7.92 14.90 -18.72
N LYS R 45 -7.36 15.00 -19.92
CA LYS R 45 -5.90 14.90 -20.12
C LYS R 45 -5.14 16.07 -19.49
N LEU R 46 -5.79 17.23 -19.38
CA LEU R 46 -5.21 18.39 -18.70
C LEU R 46 -4.85 18.09 -17.25
N SER R 47 -5.67 17.26 -16.59
CA SER R 47 -5.43 16.87 -15.21
C SER R 47 -4.52 15.65 -15.11
N THR R 48 -4.65 14.71 -16.06
CA THR R 48 -3.93 13.44 -15.97
C THR R 48 -2.53 13.46 -16.61
N PHE R 49 -2.31 14.40 -17.54
CA PHE R 49 -1.02 14.55 -18.24
C PHE R 49 -0.26 15.78 -17.72
N GLU R 50 -0.99 16.73 -17.14
CA GLU R 50 -0.45 18.02 -16.66
C GLU R 50 0.51 18.75 -17.61
N PRO R 51 0.04 19.04 -18.84
CA PRO R 51 0.98 19.56 -19.84
C PRO R 51 1.48 20.97 -19.54
N ALA R 52 2.68 21.29 -20.02
CA ALA R 52 3.23 22.62 -19.82
C ALA R 52 2.62 23.59 -20.85
N ILE R 53 2.24 23.04 -22.00
CA ILE R 53 1.65 23.80 -23.09
C ILE R 53 0.50 22.98 -23.69
N MET R 54 -0.60 23.65 -24.02
CA MET R 54 -1.70 23.03 -24.79
C MET R 54 -1.82 23.77 -26.11
N THR R 55 -1.86 23.03 -27.21
CA THR R 55 -2.16 23.65 -28.48
C THR R 55 -3.65 23.43 -28.71
N LEU R 56 -4.36 24.52 -29.00
CA LEU R 56 -5.82 24.50 -29.10
C LEU R 56 -6.27 25.01 -30.46
N ASP R 57 -6.88 24.12 -31.23
CA ASP R 57 -7.36 24.52 -32.54
C ASP R 57 -8.69 25.27 -32.46
N LEU R 58 -8.81 26.35 -33.24
CA LEU R 58 -10.00 27.22 -33.23
C LEU R 58 -11.02 26.92 -34.34
N SER R 59 -10.77 25.85 -35.08
CA SER R 59 -11.66 25.46 -36.16
C SER R 59 -12.30 24.11 -35.87
N MET R 60 -12.40 23.75 -34.59
CA MET R 60 -13.05 22.50 -34.24
C MET R 60 -14.56 22.74 -34.22
N PRO R 61 -15.32 22.02 -35.07
CA PRO R 61 -16.77 22.27 -35.19
C PRO R 61 -17.57 22.08 -33.90
N LYS R 62 -17.11 21.17 -33.04
CA LYS R 62 -17.86 20.86 -31.83
C LYS R 62 -17.23 21.51 -30.61
N LEU R 63 -16.24 22.37 -30.85
CA LEU R 63 -15.48 22.99 -29.76
C LEU R 63 -15.21 24.47 -29.98
N ASP R 64 -15.73 25.28 -29.05
CA ASP R 64 -15.46 26.71 -29.04
C ASP R 64 -14.21 26.95 -28.18
N GLY R 65 -13.17 27.46 -28.84
CA GLY R 65 -11.91 27.78 -28.18
C GLY R 65 -12.05 28.77 -27.04
N LEU R 66 -12.98 29.72 -27.17
CA LEU R 66 -13.29 30.68 -26.11
C LEU R 66 -13.89 30.02 -24.87
N ASP R 67 -14.68 28.97 -25.07
CA ASP R 67 -15.25 28.22 -23.95
C ASP R 67 -14.16 27.56 -23.13
N VAL R 68 -13.13 27.04 -23.79
CA VAL R 68 -11.98 26.41 -23.12
C VAL R 68 -11.21 27.44 -22.28
N ILE R 69 -10.94 28.60 -22.87
CA ILE R 69 -10.15 29.64 -22.24
C ILE R 69 -10.91 30.17 -21.03
N ARG R 70 -12.22 30.36 -21.21
CA ARG R 70 -13.11 30.78 -20.13
C ARG R 70 -13.23 29.79 -18.99
N SER R 71 -13.30 28.49 -19.32
CA SER R 71 -13.41 27.44 -18.29
C SER R 71 -12.21 27.43 -17.35
N LEU R 72 -11.02 27.58 -17.93
CA LEU R 72 -9.78 27.55 -17.14
C LEU R 72 -9.70 28.72 -16.17
N ARG R 73 -10.10 29.90 -16.63
CA ARG R 73 -10.12 31.09 -15.79
C ARG R 73 -11.27 31.03 -14.78
N GLN R 74 -12.43 30.52 -15.20
CA GLN R 74 -13.62 30.43 -14.34
C GLN R 74 -13.52 29.39 -13.22
N ASN R 75 -12.94 28.23 -13.52
CA ASN R 75 -12.85 27.17 -12.52
C ASN R 75 -11.65 27.29 -11.59
N LYS R 76 -10.81 28.31 -11.85
CA LYS R 76 -9.54 28.56 -11.14
C LYS R 76 -8.68 27.29 -11.14
N VAL R 77 -8.42 26.78 -12.33
CA VAL R 77 -7.77 25.49 -12.52
C VAL R 77 -6.29 25.53 -12.14
N ALA R 78 -5.88 24.64 -11.24
CA ALA R 78 -4.49 24.49 -10.86
C ALA R 78 -3.64 23.96 -12.00
N ASN R 79 -2.37 24.38 -12.01
CA ASN R 79 -1.36 23.95 -13.00
C ASN R 79 -1.84 24.07 -14.44
N GLN R 80 -2.25 25.28 -14.80
CA GLN R 80 -2.72 25.53 -16.16
C GLN R 80 -1.55 25.56 -17.13
N PRO R 81 -1.72 24.98 -18.32
CA PRO R 81 -0.68 25.10 -19.33
C PRO R 81 -0.69 26.50 -19.95
N LYS R 82 0.38 26.84 -20.67
CA LYS R 82 0.33 27.99 -21.57
C LYS R 82 -0.48 27.51 -22.77
N ILE R 83 -1.30 28.38 -23.34
CA ILE R 83 -2.19 27.98 -24.44
C ILE R 83 -1.73 28.65 -25.73
N LEU R 84 -1.52 27.82 -26.74
CA LEU R 84 -1.23 28.27 -28.07
C LEU R 84 -2.46 27.98 -28.92
N VAL R 85 -3.13 29.03 -29.37
CA VAL R 85 -4.29 28.85 -30.22
C VAL R 85 -3.87 28.71 -31.67
N VAL R 86 -4.49 27.76 -32.37
CA VAL R 86 -4.18 27.55 -33.78
C VAL R 86 -5.33 28.09 -34.60
N SER R 87 -5.10 29.25 -35.21
CA SER R 87 -6.14 30.07 -35.79
C SER R 87 -6.56 29.58 -37.17
N GLY R 88 -7.85 29.66 -37.45
CA GLY R 88 -8.38 29.32 -38.76
C GLY R 88 -8.84 30.53 -39.56
N LEU R 89 -10.00 30.40 -40.20
CA LEU R 89 -10.61 31.46 -41.01
C LEU R 89 -11.11 32.65 -40.19
N ASP R 90 -11.73 32.37 -39.06
CA ASP R 90 -12.33 33.40 -38.22
C ASP R 90 -11.28 34.19 -37.44
N LYS R 91 -10.94 35.36 -37.99
CA LYS R 91 -9.94 36.26 -37.40
C LYS R 91 -10.41 36.95 -36.12
N ALA R 92 -11.72 37.14 -36.00
CA ALA R 92 -12.31 37.74 -34.80
C ALA R 92 -12.22 36.76 -33.64
N LYS R 93 -12.43 35.47 -33.92
CA LYS R 93 -12.26 34.40 -32.94
C LYS R 93 -10.84 34.40 -32.37
N LEU R 94 -9.86 34.48 -33.28
CA LEU R 94 -8.44 34.61 -32.93
C LEU R 94 -8.19 35.76 -31.93
N GLN R 95 -8.62 36.97 -32.30
CA GLN R 95 -8.39 38.15 -31.47
C GLN R 95 -9.08 38.03 -30.12
N GLN R 96 -10.32 37.55 -30.13
CA GLN R 96 -11.10 37.35 -28.91
C GLN R 96 -10.37 36.38 -27.97
N ALA R 97 -9.82 35.29 -28.54
CA ALA R 97 -9.05 34.30 -27.79
C ALA R 97 -7.82 34.91 -27.14
N VAL R 98 -7.10 35.75 -27.89
CA VAL R 98 -5.88 36.40 -27.41
C VAL R 98 -6.16 37.40 -26.29
N THR R 99 -7.22 38.20 -26.45
CA THR R 99 -7.63 39.15 -25.43
C THR R 99 -8.14 38.44 -24.17
N GLU R 100 -8.84 37.31 -24.39
CA GLU R 100 -9.38 36.46 -23.31
C GLU R 100 -8.30 35.78 -22.48
N GLY R 101 -7.10 35.67 -23.03
CA GLY R 101 -5.94 35.20 -22.27
C GLY R 101 -5.12 34.08 -22.89
N ALA R 102 -5.35 33.78 -24.17
CA ALA R 102 -4.48 32.86 -24.89
C ALA R 102 -3.07 33.43 -24.93
N ASP R 103 -2.08 32.59 -24.59
CA ASP R 103 -0.71 33.05 -24.38
C ASP R 103 0.01 33.37 -25.69
N ASP R 104 -0.35 32.66 -26.76
CA ASP R 104 0.15 32.97 -28.10
C ASP R 104 -0.75 32.35 -29.14
N TYR R 105 -0.48 32.67 -30.40
CA TYR R 105 -1.25 32.15 -31.52
C TYR R 105 -0.34 31.69 -32.66
N LEU R 106 -0.93 30.94 -33.58
CA LEU R 106 -0.24 30.43 -34.75
C LEU R 106 -1.28 30.26 -35.86
N GLU R 107 -1.06 30.91 -36.99
CA GLU R 107 -2.05 30.91 -38.07
C GLU R 107 -1.88 29.78 -39.06
N LYS R 108 -2.95 29.01 -39.26
CA LYS R 108 -2.98 27.94 -40.27
CA LYS R 108 -2.95 27.95 -40.26
C LYS R 108 -3.05 28.53 -41.67
N PRO R 109 -2.26 28.00 -42.62
CA PRO R 109 -1.24 26.94 -42.50
C PRO R 109 0.11 27.48 -42.06
N PHE R 110 0.90 26.62 -41.42
CA PHE R 110 2.17 27.03 -40.85
C PHE R 110 3.29 26.06 -41.15
N ASP R 111 4.52 26.57 -41.11
CA ASP R 111 5.71 25.75 -41.25
C ASP R 111 6.07 25.07 -39.93
N ASN R 112 6.94 24.06 -40.03
CA ASN R 112 7.45 23.36 -38.87
C ASN R 112 8.23 24.28 -37.95
N ASP R 113 9.03 25.16 -38.56
CA ASP R 113 9.85 26.14 -37.83
C ASP R 113 9.00 27.16 -37.08
N ALA R 114 7.90 27.60 -37.72
CA ALA R 114 6.96 28.52 -37.11
C ALA R 114 6.31 27.95 -35.85
N LEU R 115 5.89 26.69 -35.91
CA LEU R 115 5.37 25.99 -34.73
C LEU R 115 6.42 25.94 -33.61
N LEU R 116 7.63 25.51 -33.96
CA LEU R 116 8.71 25.36 -32.99
C LEU R 116 9.11 26.68 -32.33
N ASP R 117 9.14 27.75 -33.13
CA ASP R 117 9.41 29.11 -32.62
C ASP R 117 8.39 29.54 -31.56
N ARG R 118 7.09 29.34 -31.84
CA ARG R 118 6.04 29.68 -30.90
CA ARG R 118 6.01 29.64 -30.90
C ARG R 118 6.15 28.83 -29.63
N ILE R 119 6.39 27.52 -29.79
CA ILE R 119 6.55 26.60 -28.66
C ILE R 119 7.75 26.98 -27.77
N HIS R 120 8.88 27.31 -28.40
CA HIS R 120 10.09 27.72 -27.67
C HIS R 120 9.94 29.07 -26.98
N ASP R 121 9.16 29.97 -27.59
CA ASP R 121 8.87 31.27 -27.00
C ASP R 121 8.03 31.17 -25.74
N LEU R 122 7.16 30.16 -25.70
CA LEU R 122 6.30 29.92 -24.56
C LEU R 122 7.04 29.41 -23.32
N VAL R 123 8.19 28.76 -23.54
CA VAL R 123 9.03 28.28 -22.45
C VAL R 123 10.41 28.96 -22.45
N GLN S 5 -5.00 18.67 -5.42
CA GLN S 5 -4.31 19.79 -6.13
C GLN S 5 -5.33 20.77 -6.69
N SER S 6 -5.39 21.96 -6.10
CA SER S 6 -6.37 22.97 -6.49
C SER S 6 -5.85 24.40 -6.23
N LYS S 7 -6.68 25.39 -6.51
CA LYS S 7 -6.33 26.77 -6.21
C LYS S 7 -7.15 27.30 -5.04
N ARG S 8 -7.60 26.38 -4.20
CA ARG S 8 -8.50 26.69 -3.11
C ARG S 8 -7.71 27.03 -1.84
N ILE S 9 -8.03 28.17 -1.25
CA ILE S 9 -7.38 28.63 -0.03
C ILE S 9 -8.42 29.05 0.99
N LEU S 10 -8.34 28.45 2.17
CA LEU S 10 -9.13 28.86 3.32
C LEU S 10 -8.31 29.81 4.19
N VAL S 11 -8.86 31.01 4.42
CA VAL S 11 -8.20 32.04 5.18
C VAL S 11 -8.85 32.09 6.56
N VAL S 12 -8.09 31.78 7.58
CA VAL S 12 -8.62 31.73 8.93
C VAL S 12 -8.05 32.89 9.73
N ASP S 13 -8.95 33.78 10.14
CA ASP S 13 -8.66 35.00 10.90
C ASP S 13 -9.98 35.58 11.39
N ASP S 14 -10.02 36.00 12.65
CA ASP S 14 -11.19 36.67 13.23
C ASP S 14 -11.31 38.14 12.80
N ASP S 15 -10.17 38.75 12.47
CA ASP S 15 -10.16 40.13 11.97
C ASP S 15 -10.71 40.13 10.56
N GLN S 16 -11.96 40.58 10.42
CA GLN S 16 -12.68 40.52 9.15
C GLN S 16 -12.04 41.43 8.09
N ALA S 17 -11.54 42.58 8.54
CA ALA S 17 -10.86 43.53 7.64
C ALA S 17 -9.55 42.96 7.09
N MET S 18 -8.74 42.35 7.96
CA MET S 18 -7.50 41.71 7.50
C MET S 18 -7.80 40.52 6.59
N ALA S 19 -8.81 39.73 6.96
CA ALA S 19 -9.19 38.55 6.16
C ALA S 19 -9.65 38.92 4.74
N ALA S 20 -10.45 39.98 4.63
CA ALA S 20 -10.94 40.46 3.34
C ALA S 20 -9.83 41.07 2.49
N ALA S 21 -8.87 41.72 3.14
CA ALA S 21 -7.70 42.29 2.45
C ALA S 21 -6.78 41.21 1.87
N ILE S 22 -6.56 40.15 2.65
CA ILE S 22 -5.86 38.93 2.19
C ILE S 22 -6.59 38.29 1.01
N GLU S 23 -7.91 38.14 1.17
CA GLU S 23 -8.78 37.59 0.13
C GLU S 23 -8.64 38.32 -1.21
N ARG S 24 -8.63 39.65 -1.17
CA ARG S 24 -8.51 40.48 -2.38
C ARG S 24 -7.16 40.30 -3.08
N VAL S 25 -6.08 40.22 -2.31
CA VAL S 25 -4.75 39.93 -2.86
C VAL S 25 -4.75 38.55 -3.54
N LEU S 26 -5.32 37.56 -2.86
CA LEU S 26 -5.34 36.19 -3.34
C LEU S 26 -6.25 36.00 -4.56
N LYS S 27 -7.43 36.62 -4.55
CA LYS S 27 -8.34 36.55 -5.71
C LYS S 27 -7.74 37.20 -6.95
N ARG S 28 -7.05 38.33 -6.75
CA ARG S 28 -6.33 38.99 -7.84
C ARG S 28 -5.24 38.07 -8.42
N ASP S 29 -4.63 37.25 -7.57
CA ASP S 29 -3.68 36.22 -8.03
C ASP S 29 -4.34 34.89 -8.43
N HIS S 30 -5.65 34.93 -8.71
CA HIS S 30 -6.42 33.83 -9.32
C HIS S 30 -6.63 32.59 -8.43
N TRP S 31 -6.67 32.81 -7.11
CA TRP S 31 -7.03 31.77 -6.15
C TRP S 31 -8.52 31.85 -5.86
N GLN S 32 -9.12 30.71 -5.52
CA GLN S 32 -10.48 30.67 -4.99
C GLN S 32 -10.40 30.66 -3.47
N VAL S 33 -11.05 31.62 -2.83
CA VAL S 33 -10.85 31.85 -1.39
C VAL S 33 -12.15 31.63 -0.58
N GLU S 34 -12.01 30.99 0.58
CA GLU S 34 -13.05 31.09 1.62
C GLU S 34 -12.47 31.62 2.93
N ILE S 35 -13.29 32.32 3.70
CA ILE S 35 -12.86 32.89 4.96
C ILE S 35 -13.55 32.20 6.14
N ALA S 36 -12.82 32.00 7.23
CA ALA S 36 -13.40 31.50 8.47
C ALA S 36 -12.94 32.40 9.61
N HIS S 37 -13.90 32.96 10.34
CA HIS S 37 -13.60 33.83 11.48
C HIS S 37 -13.43 33.07 12.78
N ASN S 38 -13.69 31.77 12.75
CA ASN S 38 -13.61 30.96 13.95
C ASN S 38 -13.18 29.51 13.70
N GLY S 39 -12.75 28.83 14.76
CA GLY S 39 -12.28 27.45 14.71
C GLY S 39 -13.29 26.46 14.15
N PHE S 40 -14.54 26.56 14.59
CA PHE S 40 -15.60 25.66 14.10
C PHE S 40 -15.82 25.81 12.60
N ASP S 41 -15.94 27.06 12.15
CA ASP S 41 -16.21 27.31 10.74
C ASP S 41 -15.04 26.87 9.88
N ALA S 42 -13.83 27.01 10.42
CA ALA S 42 -12.61 26.52 9.77
C ALA S 42 -12.62 24.99 9.68
N GLY S 43 -13.05 24.34 10.75
CA GLY S 43 -13.15 22.88 10.80
C GLY S 43 -14.12 22.32 9.78
N ILE S 44 -15.27 22.97 9.64
CA ILE S 44 -16.31 22.58 8.71
C ILE S 44 -15.87 22.80 7.25
N LYS S 45 -15.31 23.99 6.99
CA LYS S 45 -14.82 24.35 5.66
C LYS S 45 -13.66 23.48 5.14
N LEU S 46 -12.87 22.94 6.05
CA LEU S 46 -11.84 21.94 5.72
C LEU S 46 -12.37 20.76 4.88
N SER S 47 -13.52 20.20 5.26
CA SER S 47 -14.10 19.11 4.46
C SER S 47 -15.12 19.58 3.43
N THR S 48 -15.71 20.74 3.67
CA THR S 48 -16.70 21.33 2.77
C THR S 48 -16.07 22.03 1.55
N PHE S 49 -14.94 22.70 1.77
CA PHE S 49 -14.27 23.47 0.74
C PHE S 49 -13.04 22.71 0.25
N GLU S 50 -12.52 21.83 1.10
CA GLU S 50 -11.30 21.05 0.83
C GLU S 50 -10.14 21.85 0.23
N PRO S 51 -9.57 22.82 1.00
CA PRO S 51 -8.60 23.73 0.40
C PRO S 51 -7.23 23.07 0.18
N ALA S 52 -6.47 23.61 -0.77
CA ALA S 52 -5.09 23.18 -0.98
C ALA S 52 -4.22 23.76 0.13
N ILE S 53 -4.56 24.98 0.54
CA ILE S 53 -3.84 25.71 1.59
C ILE S 53 -4.82 26.31 2.61
N MET S 54 -4.45 26.23 3.88
CA MET S 54 -5.13 26.98 4.94
C MET S 54 -4.14 28.01 5.53
N THR S 55 -4.52 29.29 5.53
CA THR S 55 -3.74 30.30 6.24
C THR S 55 -4.32 30.44 7.64
N LEU S 56 -3.46 30.55 8.63
CA LEU S 56 -3.92 30.47 10.01
C LEU S 56 -3.25 31.51 10.90
N ASP S 57 -4.04 32.48 11.33
CA ASP S 57 -3.54 33.54 12.19
C ASP S 57 -3.30 33.03 13.60
N LEU S 58 -2.12 33.32 14.13
CA LEU S 58 -1.73 32.83 15.46
C LEU S 58 -2.04 33.84 16.55
N SER S 59 -2.75 34.91 16.19
CA SER S 59 -3.10 35.97 17.13
C SER S 59 -4.60 36.06 17.41
N MET S 60 -5.34 35.00 17.06
CA MET S 60 -6.78 34.95 17.33
C MET S 60 -6.99 34.71 18.82
N PRO S 61 -7.67 35.63 19.52
CA PRO S 61 -7.84 35.46 20.98
C PRO S 61 -8.64 34.21 21.37
N LYS S 62 -9.54 33.76 20.50
CA LYS S 62 -10.42 32.64 20.82
C LYS S 62 -10.09 31.35 20.08
N LEU S 63 -8.88 31.29 19.52
CA LEU S 63 -8.43 30.11 18.80
C LEU S 63 -6.93 29.88 18.97
N ASP S 64 -6.57 28.74 19.56
CA ASP S 64 -5.18 28.36 19.76
C ASP S 64 -4.72 27.57 18.54
N GLY S 65 -3.86 28.21 17.74
CA GLY S 65 -3.37 27.64 16.48
C GLY S 65 -2.62 26.32 16.59
N LEU S 66 -2.00 26.09 17.75
CA LEU S 66 -1.25 24.87 18.03
C LEU S 66 -2.19 23.68 18.17
N ASP S 67 -3.32 23.90 18.83
CA ASP S 67 -4.38 22.91 18.97
C ASP S 67 -4.94 22.52 17.62
N VAL S 68 -5.16 23.53 16.77
CA VAL S 68 -5.68 23.34 15.42
C VAL S 68 -4.78 22.45 14.59
N ILE S 69 -3.47 22.75 14.63
CA ILE S 69 -2.47 21.96 13.92
C ILE S 69 -2.42 20.52 14.44
N ARG S 70 -2.43 20.36 15.77
CA ARG S 70 -2.48 19.03 16.42
C ARG S 70 -3.69 18.20 16.02
N SER S 71 -4.88 18.80 16.12
CA SER S 71 -6.15 18.15 15.78
C SER S 71 -6.22 17.70 14.32
N LEU S 72 -5.72 18.54 13.42
CA LEU S 72 -5.74 18.23 11.99
C LEU S 72 -4.70 17.18 11.61
N ARG S 73 -3.43 17.48 11.93
CA ARG S 73 -2.30 16.66 11.48
C ARG S 73 -2.23 15.30 12.18
N GLN S 74 -2.30 15.30 13.50
CA GLN S 74 -2.09 14.07 14.28
C GLN S 74 -3.34 13.23 14.47
N ASN S 75 -4.48 13.71 13.99
CA ASN S 75 -5.73 12.94 14.11
C ASN S 75 -6.44 12.59 12.79
N LYS S 76 -5.67 11.97 11.90
CA LYS S 76 -6.19 11.08 10.83
C LYS S 76 -7.17 11.65 9.80
N VAL S 77 -7.27 12.97 9.74
CA VAL S 77 -8.06 13.65 8.71
C VAL S 77 -7.33 13.54 7.38
N ALA S 78 -8.02 13.03 6.36
CA ALA S 78 -7.44 12.90 5.03
C ALA S 78 -7.46 14.24 4.28
N ASN S 79 -6.73 14.30 3.17
CA ASN S 79 -6.61 15.49 2.30
C ASN S 79 -6.23 16.77 3.04
N GLN S 80 -5.17 16.65 3.84
CA GLN S 80 -4.64 17.73 4.65
C GLN S 80 -4.07 18.83 3.78
N PRO S 81 -4.51 20.07 4.01
CA PRO S 81 -3.93 21.18 3.25
C PRO S 81 -2.53 21.50 3.74
N LYS S 82 -1.77 22.19 2.89
CA LYS S 82 -0.57 22.88 3.35
C LYS S 82 -1.01 23.97 4.32
N ILE S 83 -0.25 24.17 5.39
CA ILE S 83 -0.62 25.18 6.38
C ILE S 83 0.41 26.31 6.42
N LEU S 84 -0.07 27.53 6.21
CA LEU S 84 0.75 28.73 6.33
C LEU S 84 0.33 29.51 7.55
N VAL S 85 1.17 29.59 8.57
CA VAL S 85 0.78 30.36 9.76
C VAL S 85 1.20 31.83 9.71
N VAL S 86 0.36 32.72 10.25
CA VAL S 86 0.69 34.14 10.33
C VAL S 86 1.17 34.38 11.74
N SER S 87 2.42 34.78 11.87
CA SER S 87 3.07 34.95 13.17
C SER S 87 2.52 36.09 14.02
N GLY S 88 2.37 35.84 15.31
CA GLY S 88 2.10 36.88 16.30
C GLY S 88 3.40 37.35 16.89
N LEU S 89 3.32 38.06 18.01
CA LEU S 89 4.53 38.50 18.72
C LEU S 89 5.23 37.33 19.44
N ASP S 90 4.44 36.31 19.79
CA ASP S 90 4.95 35.11 20.44
C ASP S 90 5.74 34.22 19.46
N LYS S 91 7.06 34.38 19.47
CA LYS S 91 7.95 33.63 18.58
C LYS S 91 8.08 32.16 18.99
N ALA S 92 7.97 31.89 20.29
CA ALA S 92 8.01 30.53 20.83
C ALA S 92 6.86 29.67 20.31
N LYS S 93 5.65 30.25 20.28
CA LYS S 93 4.49 29.55 19.75
C LYS S 93 4.58 29.41 18.23
N LEU S 94 5.14 30.42 17.57
CA LEU S 94 5.39 30.36 16.12
C LEU S 94 6.26 29.16 15.72
N GLN S 95 7.38 28.99 16.41
CA GLN S 95 8.32 27.91 16.14
C GLN S 95 7.72 26.55 16.48
N GLN S 96 6.93 26.52 17.55
CA GLN S 96 6.15 25.36 17.94
C GLN S 96 5.18 24.92 16.83
N ALA S 97 4.54 25.89 16.18
CA ALA S 97 3.61 25.60 15.08
C ALA S 97 4.28 24.91 13.90
N VAL S 98 5.49 25.36 13.57
CA VAL S 98 6.29 24.79 12.49
C VAL S 98 6.68 23.33 12.79
N THR S 99 7.11 23.08 14.03
CA THR S 99 7.46 21.71 14.47
C THR S 99 6.22 20.82 14.42
N GLU S 100 5.08 21.40 14.77
CA GLU S 100 3.81 20.69 14.89
C GLU S 100 3.18 20.31 13.55
N GLY S 101 3.50 21.06 12.49
CA GLY S 101 2.95 20.73 11.17
C GLY S 101 2.75 21.85 10.18
N ALA S 102 2.95 23.10 10.62
CA ALA S 102 2.92 24.24 9.70
C ALA S 102 4.00 24.10 8.63
N ASP S 103 3.61 24.30 7.38
CA ASP S 103 4.51 24.12 6.24
C ASP S 103 5.40 25.33 5.96
N ASP S 104 4.91 26.51 6.31
CA ASP S 104 5.70 27.74 6.26
C ASP S 104 5.09 28.75 7.22
N TYR S 105 5.68 29.93 7.29
CA TYR S 105 5.12 31.03 8.04
C TYR S 105 5.44 32.38 7.42
N LEU S 106 4.61 33.37 7.75
CA LEU S 106 4.84 34.76 7.41
C LEU S 106 5.13 35.47 8.71
N GLU S 107 6.16 36.31 8.76
CA GLU S 107 6.40 37.12 9.94
C GLU S 107 5.73 38.48 9.79
N LYS S 108 5.61 39.22 10.89
CA LYS S 108 4.89 40.49 10.89
C LYS S 108 5.84 41.69 10.90
N PRO S 109 5.67 42.63 9.94
CA PRO S 109 4.70 42.59 8.85
C PRO S 109 5.20 41.83 7.62
N PHE S 110 4.27 41.39 6.77
CA PHE S 110 4.63 40.73 5.51
C PHE S 110 3.99 41.50 4.37
N ASP S 111 4.67 41.58 3.23
CA ASP S 111 4.08 42.26 2.10
C ASP S 111 3.34 41.28 1.21
N ASN S 112 2.66 41.79 0.19
CA ASN S 112 1.87 40.92 -0.67
C ASN S 112 2.71 40.04 -1.61
N ASP S 113 3.93 40.49 -1.92
CA ASP S 113 4.89 39.63 -2.60
C ASP S 113 5.30 38.44 -1.72
N ALA S 114 5.52 38.68 -0.43
CA ALA S 114 5.84 37.61 0.52
C ALA S 114 4.68 36.62 0.68
N LEU S 115 3.45 37.15 0.73
CA LEU S 115 2.24 36.33 0.82
C LEU S 115 2.12 35.42 -0.39
N LEU S 116 2.22 35.98 -1.59
CA LEU S 116 2.03 35.21 -2.82
C LEU S 116 3.15 34.21 -3.10
N ASP S 117 4.40 34.63 -2.88
CA ASP S 117 5.57 33.74 -3.03
C ASP S 117 5.50 32.50 -2.15
N ARG S 118 5.12 32.66 -0.89
CA ARG S 118 5.00 31.52 0.04
C ARG S 118 3.82 30.62 -0.28
N ILE S 119 2.74 31.23 -0.74
CA ILE S 119 1.55 30.50 -1.15
C ILE S 119 1.93 29.64 -2.36
N HIS S 120 2.55 30.26 -3.38
CA HIS S 120 2.95 29.55 -4.60
C HIS S 120 3.96 28.44 -4.30
N ASP S 121 4.95 28.74 -3.44
CA ASP S 121 5.98 27.76 -3.02
C ASP S 121 5.42 26.51 -2.36
N LEU S 122 4.31 26.68 -1.65
CA LEU S 122 3.65 25.60 -0.92
C LEU S 122 3.04 24.56 -1.86
N VAL S 123 2.47 25.00 -2.97
CA VAL S 123 1.78 24.09 -3.89
C VAL S 123 2.62 23.68 -5.10
N ASN S 124 3.60 24.50 -5.45
CA ASN S 124 4.51 24.19 -6.54
C ASN S 124 5.82 23.61 -6.03
N SER T 6 -27.67 5.54 13.82
CA SER T 6 -26.31 5.50 14.43
C SER T 6 -26.36 5.83 15.91
N LYS T 7 -25.52 5.15 16.68
CA LYS T 7 -25.45 5.40 18.12
C LYS T 7 -24.26 6.31 18.45
N ARG T 8 -24.00 7.28 17.59
CA ARG T 8 -22.82 8.14 17.71
C ARG T 8 -23.18 9.55 18.16
N ILE T 9 -22.57 9.97 19.26
CA ILE T 9 -22.82 11.30 19.83
C ILE T 9 -21.49 12.05 20.00
N LEU T 10 -21.48 13.35 19.66
CA LEU T 10 -20.35 14.23 19.92
C LEU T 10 -20.66 15.19 21.07
N VAL T 11 -19.81 15.20 22.10
CA VAL T 11 -19.98 16.12 23.24
C VAL T 11 -19.04 17.32 23.11
N VAL T 12 -19.62 18.51 23.03
CA VAL T 12 -18.82 19.72 22.91
C VAL T 12 -18.92 20.51 24.21
N ASP T 13 -17.81 20.54 24.96
CA ASP T 13 -17.69 21.29 26.21
C ASP T 13 -16.20 21.54 26.49
N ASP T 14 -15.88 22.76 26.89
CA ASP T 14 -14.51 23.14 27.19
C ASP T 14 -14.07 22.60 28.56
N ASP T 15 -15.05 22.44 29.45
CA ASP T 15 -14.85 21.83 30.76
C ASP T 15 -14.67 20.33 30.57
N GLN T 16 -13.42 19.90 30.73
CA GLN T 16 -13.00 18.52 30.44
C GLN T 16 -13.64 17.52 31.39
N ALA T 17 -13.74 17.93 32.66
CA ALA T 17 -14.31 17.08 33.70
C ALA T 17 -15.80 16.88 33.50
N MET T 18 -16.50 17.96 33.11
CA MET T 18 -17.91 17.89 32.80
C MET T 18 -18.19 17.14 31.50
N ALA T 19 -17.30 17.28 30.52
CA ALA T 19 -17.42 16.53 29.26
C ALA T 19 -17.29 15.02 29.52
N ALA T 20 -16.30 14.67 30.34
CA ALA T 20 -16.06 13.27 30.71
C ALA T 20 -17.23 12.66 31.48
N ALA T 21 -17.89 13.48 32.30
CA ALA T 21 -19.10 13.08 33.04
C ALA T 21 -20.28 12.80 32.10
N ILE T 22 -20.52 13.70 31.15
CA ILE T 22 -21.56 13.52 30.12
C ILE T 22 -21.28 12.25 29.31
N GLU T 23 -20.01 12.06 28.95
CA GLU T 23 -19.59 10.90 28.18
C GLU T 23 -19.91 9.59 28.91
N ARG T 24 -19.59 9.55 30.21
CA ARG T 24 -19.82 8.37 31.05
C ARG T 24 -21.29 7.99 31.10
N VAL T 25 -22.18 8.98 31.26
CA VAL T 25 -23.62 8.73 31.29
C VAL T 25 -24.10 8.16 29.94
N LEU T 26 -23.57 8.69 28.84
CA LEU T 26 -23.95 8.24 27.50
C LEU T 26 -23.39 6.87 27.12
N LYS T 27 -22.18 6.58 27.58
CA LYS T 27 -21.59 5.25 27.35
C LYS T 27 -22.31 4.17 28.16
N ARG T 28 -22.77 4.54 29.36
CA ARG T 28 -23.64 3.69 30.18
C ARG T 28 -24.97 3.38 29.49
N ASP T 29 -25.47 4.33 28.70
CA ASP T 29 -26.70 4.16 27.93
C ASP T 29 -26.46 3.69 26.48
N HIS T 30 -25.26 3.12 26.25
CA HIS T 30 -24.89 2.41 25.00
C HIS T 30 -24.63 3.28 23.76
N TRP T 31 -24.26 4.54 23.97
CA TRP T 31 -23.82 5.43 22.89
C TRP T 31 -22.32 5.38 22.68
N GLN T 32 -21.92 5.46 21.41
CA GLN T 32 -20.53 5.69 21.03
C GLN T 32 -20.26 7.19 21.12
N VAL T 33 -19.21 7.58 21.82
CA VAL T 33 -19.00 8.99 22.17
C VAL T 33 -17.63 9.50 21.73
N GLU T 34 -17.61 10.73 21.19
CA GLU T 34 -16.37 11.49 21.06
C GLU T 34 -16.55 12.86 21.70
N ILE T 35 -15.45 13.42 22.20
CA ILE T 35 -15.46 14.69 22.92
C ILE T 35 -14.68 15.76 22.17
N ALA T 36 -15.26 16.96 22.06
CA ALA T 36 -14.56 18.12 21.53
C ALA T 36 -14.49 19.25 22.57
N HIS T 37 -13.30 19.80 22.79
CA HIS T 37 -13.08 20.86 23.77
C HIS T 37 -13.07 22.26 23.17
N ASN T 38 -13.06 22.33 21.85
CA ASN T 38 -12.99 23.61 21.15
C ASN T 38 -13.75 23.53 19.83
N GLY T 39 -13.95 24.70 19.22
CA GLY T 39 -14.67 24.81 17.96
C GLY T 39 -14.04 23.99 16.86
N PHE T 40 -12.72 24.06 16.71
CA PHE T 40 -12.03 23.35 15.62
C PHE T 40 -12.17 21.83 15.71
N ASP T 41 -11.97 21.26 16.89
CA ASP T 41 -12.17 19.83 17.13
C ASP T 41 -13.59 19.38 16.82
N ALA T 42 -14.56 20.19 17.24
CA ALA T 42 -15.98 19.96 16.98
C ALA T 42 -16.25 19.93 15.49
N GLY T 43 -15.70 20.92 14.79
CA GLY T 43 -15.82 21.03 13.34
C GLY T 43 -15.33 19.82 12.56
N ILE T 44 -14.11 19.39 12.84
CA ILE T 44 -13.54 18.25 12.10
C ILE T 44 -14.17 16.90 12.47
N LYS T 45 -14.50 16.72 13.74
CA LYS T 45 -15.13 15.47 14.21
C LYS T 45 -16.55 15.31 13.69
N LEU T 46 -17.23 16.44 13.48
CA LEU T 46 -18.55 16.45 12.85
C LEU T 46 -18.54 15.76 11.48
N SER T 47 -17.43 15.91 10.75
CA SER T 47 -17.25 15.25 9.46
C SER T 47 -16.66 13.87 9.61
N THR T 48 -15.75 13.69 10.55
CA THR T 48 -15.02 12.43 10.73
C THR T 48 -15.80 11.36 11.49
N PHE T 49 -16.39 11.74 12.62
CA PHE T 49 -17.17 10.84 13.46
C PHE T 49 -18.61 10.66 12.94
N GLU T 50 -19.13 11.70 12.28
CA GLU T 50 -20.52 11.77 11.79
C GLU T 50 -21.57 11.47 12.88
N PRO T 51 -21.66 12.32 13.91
CA PRO T 51 -22.55 11.97 15.02
C PRO T 51 -24.02 12.16 14.69
N ALA T 52 -24.90 11.38 15.33
CA ALA T 52 -26.34 11.59 15.22
C ALA T 52 -26.76 12.77 16.08
N ILE T 53 -26.09 12.96 17.21
CA ILE T 53 -26.39 14.06 18.11
C ILE T 53 -25.09 14.77 18.49
N MET T 54 -25.16 16.09 18.53
CA MET T 54 -24.11 16.91 19.12
C MET T 54 -24.68 17.57 20.37
N THR T 55 -23.97 17.46 21.48
CA THR T 55 -24.33 18.27 22.65
C THR T 55 -23.42 19.48 22.64
N LEU T 56 -23.99 20.66 22.91
CA LEU T 56 -23.29 21.91 22.72
C LEU T 56 -23.47 22.84 23.90
N ASP T 57 -22.38 23.07 24.61
CA ASP T 57 -22.40 23.96 25.76
C ASP T 57 -22.39 25.43 25.33
N LEU T 58 -23.39 26.18 25.78
CA LEU T 58 -23.55 27.59 25.45
C LEU T 58 -22.77 28.53 26.35
N SER T 59 -22.03 27.95 27.31
CA SER T 59 -21.25 28.75 28.25
C SER T 59 -19.74 28.56 28.08
N MET T 60 -19.33 28.23 26.85
CA MET T 60 -17.91 28.12 26.52
C MET T 60 -17.39 29.53 26.20
N PRO T 61 -16.42 30.03 27.01
CA PRO T 61 -15.91 31.40 26.84
C PRO T 61 -15.23 31.69 25.49
N LYS T 62 -14.72 30.65 24.83
CA LYS T 62 -14.04 30.83 23.53
C LYS T 62 -14.88 30.36 22.33
N LEU T 63 -16.06 29.80 22.58
CA LEU T 63 -16.94 29.33 21.50
C LEU T 63 -18.37 29.87 21.61
N ASP T 64 -18.80 30.56 20.56
CA ASP T 64 -20.14 31.12 20.47
C ASP T 64 -21.05 30.07 19.85
N GLY T 65 -21.97 29.54 20.66
CA GLY T 65 -22.89 28.49 20.22
C GLY T 65 -23.76 28.86 19.04
N LEU T 66 -24.14 30.14 18.97
CA LEU T 66 -24.93 30.68 17.87
C LEU T 66 -24.17 30.64 16.55
N ASP T 67 -22.86 30.92 16.61
CA ASP T 67 -21.97 30.82 15.45
C ASP T 67 -21.92 29.40 14.90
N VAL T 68 -21.85 28.42 15.80
CA VAL T 68 -21.84 26.99 15.45
C VAL T 68 -23.10 26.60 14.68
N ILE T 69 -24.26 26.95 15.24
CA ILE T 69 -25.55 26.64 14.62
C ILE T 69 -25.64 27.28 13.23
N ARG T 70 -25.19 28.53 13.13
CA ARG T 70 -25.17 29.27 11.86
C ARG T 70 -24.19 28.74 10.81
N SER T 71 -23.06 28.21 11.27
CA SER T 71 -22.06 27.67 10.36
C SER T 71 -22.54 26.43 9.62
N LEU T 72 -23.37 25.63 10.28
CA LEU T 72 -23.99 24.45 9.66
C LEU T 72 -24.95 24.80 8.51
N ARG T 73 -25.76 25.85 8.72
CA ARG T 73 -26.70 26.36 7.71
C ARG T 73 -25.96 26.96 6.51
N GLN T 74 -25.01 27.85 6.81
CA GLN T 74 -24.27 28.59 5.79
C GLN T 74 -23.39 27.71 4.90
N ASN T 75 -22.84 26.64 5.47
CA ASN T 75 -21.96 25.74 4.72
C ASN T 75 -22.65 24.56 4.05
N LYS T 76 -23.94 24.39 4.35
CA LYS T 76 -24.80 23.33 3.77
C LYS T 76 -24.17 21.93 3.90
N VAL T 77 -23.82 21.59 5.14
CA VAL T 77 -23.14 20.34 5.50
C VAL T 77 -23.99 19.12 5.16
N ALA T 78 -23.35 18.10 4.57
CA ALA T 78 -23.97 16.84 4.16
C ALA T 78 -24.97 16.24 5.16
N ASN T 79 -24.49 15.76 6.31
CA ASN T 79 -25.34 15.06 7.28
C ASN T 79 -26.13 15.95 8.23
N GLN T 80 -25.41 16.69 9.08
CA GLN T 80 -25.97 17.55 10.15
C GLN T 80 -26.65 16.78 11.28
N PRO T 81 -26.00 16.73 12.46
CA PRO T 81 -26.51 16.11 13.68
C PRO T 81 -27.62 16.93 14.34
N LYS T 82 -28.42 16.28 15.18
CA LYS T 82 -29.39 16.98 16.00
C LYS T 82 -28.64 17.65 17.15
N ILE T 83 -29.12 18.82 17.56
CA ILE T 83 -28.37 19.63 18.53
C ILE T 83 -29.08 19.75 19.86
N LEU T 84 -28.42 19.30 20.92
CA LEU T 84 -28.85 19.54 22.27
C LEU T 84 -28.00 20.65 22.87
N VAL T 85 -28.64 21.76 23.17
CA VAL T 85 -27.98 22.91 23.74
C VAL T 85 -27.86 22.71 25.25
N VAL T 86 -26.70 23.04 25.82
CA VAL T 86 -26.55 23.07 27.26
C VAL T 86 -26.45 24.51 27.71
N SER T 87 -27.47 24.96 28.45
CA SER T 87 -27.70 26.37 28.74
C SER T 87 -27.32 26.76 30.16
N GLY T 88 -26.85 28.02 30.28
CA GLY T 88 -26.45 28.58 31.57
C GLY T 88 -27.43 29.65 32.00
N LEU T 89 -26.89 30.81 32.37
CA LEU T 89 -27.70 31.91 32.87
C LEU T 89 -28.45 32.65 31.77
N ASP T 90 -27.93 32.57 30.54
CA ASP T 90 -28.41 33.39 29.44
C ASP T 90 -29.61 32.78 28.68
N LYS T 91 -30.81 33.19 29.08
CA LYS T 91 -32.04 32.66 28.51
C LYS T 91 -32.36 33.25 27.13
N ALA T 92 -31.91 34.48 26.90
CA ALA T 92 -32.05 35.15 25.60
C ALA T 92 -31.22 34.42 24.55
N LYS T 93 -29.99 34.06 24.93
CA LYS T 93 -29.10 33.23 24.12
C LYS T 93 -29.73 31.86 23.85
N LEU T 94 -30.34 31.28 24.88
CA LEU T 94 -31.04 29.99 24.81
C LEU T 94 -32.15 30.04 23.76
N GLN T 95 -33.05 31.02 23.88
CA GLN T 95 -34.16 31.18 22.93
C GLN T 95 -33.68 31.34 21.49
N GLN T 96 -32.65 32.16 21.30
CA GLN T 96 -32.07 32.41 19.99
C GLN T 96 -31.48 31.14 19.37
N ALA T 97 -30.81 30.34 20.20
CA ALA T 97 -30.25 29.05 19.77
C ALA T 97 -31.33 28.11 19.24
N VAL T 98 -32.47 28.07 19.94
CA VAL T 98 -33.58 27.19 19.59
C VAL T 98 -34.26 27.60 18.27
N THR T 99 -34.59 28.88 18.13
CA THR T 99 -35.30 29.38 16.94
C THR T 99 -34.42 29.26 15.69
N GLU T 100 -33.10 29.37 15.89
CA GLU T 100 -32.14 29.28 14.79
C GLU T 100 -31.80 27.84 14.38
N GLY T 101 -32.02 26.88 15.27
CA GLY T 101 -31.78 25.48 14.90
C GLY T 101 -31.72 24.39 15.97
N ALA T 102 -31.34 24.74 17.19
CA ALA T 102 -31.21 23.76 18.28
C ALA T 102 -32.51 22.99 18.52
N ASP T 103 -32.38 21.70 18.80
CA ASP T 103 -33.53 20.80 18.80
C ASP T 103 -34.09 20.57 20.20
N ASP T 104 -33.28 20.84 21.21
CA ASP T 104 -33.70 20.78 22.62
C ASP T 104 -32.64 21.48 23.47
N TYR T 105 -32.86 21.50 24.78
CA TYR T 105 -31.98 22.22 25.69
C TYR T 105 -31.89 21.56 27.05
N LEU T 106 -30.81 21.86 27.78
CA LEU T 106 -30.62 21.34 29.12
C LEU T 106 -30.08 22.45 30.02
N GLU T 107 -30.63 22.56 31.22
CA GLU T 107 -30.21 23.58 32.19
C GLU T 107 -29.15 23.09 33.15
N LYS T 108 -28.11 23.89 33.32
CA LYS T 108 -27.12 23.67 34.36
C LYS T 108 -27.61 24.22 35.71
N PRO T 109 -27.47 23.41 36.78
CA PRO T 109 -26.97 22.04 36.81
C PRO T 109 -28.05 21.00 36.56
N PHE T 110 -27.67 19.90 35.91
CA PHE T 110 -28.59 18.80 35.62
C PHE T 110 -28.05 17.46 36.10
N ASP T 111 -28.93 16.48 36.30
CA ASP T 111 -28.48 15.13 36.67
C ASP T 111 -28.42 14.19 35.46
N ASN T 112 -28.09 12.92 35.69
CA ASN T 112 -28.00 11.94 34.60
C ASN T 112 -29.35 11.66 33.93
N ASP T 113 -30.42 11.68 34.73
CA ASP T 113 -31.77 11.43 34.22
C ASP T 113 -32.25 12.56 33.30
N ALA T 114 -31.96 13.80 33.68
CA ALA T 114 -32.30 14.97 32.86
C ALA T 114 -31.61 14.92 31.49
N LEU T 115 -30.33 14.54 31.47
CA LEU T 115 -29.60 14.34 30.21
C LEU T 115 -30.18 13.21 29.36
N LEU T 116 -30.36 12.03 29.96
CA LEU T 116 -30.89 10.87 29.25
C LEU T 116 -32.30 11.12 28.69
N ASP T 117 -33.15 11.80 29.47
CA ASP T 117 -34.49 12.18 29.01
C ASP T 117 -34.45 13.01 27.74
N ARG T 118 -33.58 14.04 27.71
CA ARG T 118 -33.42 14.90 26.52
C ARG T 118 -32.87 14.12 25.33
N ILE T 119 -31.90 13.25 25.60
CA ILE T 119 -31.27 12.43 24.56
C ILE T 119 -32.26 11.49 23.89
N HIS T 120 -32.99 10.72 24.70
CA HIS T 120 -33.99 9.76 24.21
C HIS T 120 -35.13 10.45 23.46
N ASP T 121 -35.48 11.66 23.90
CA ASP T 121 -36.47 12.50 23.25
C ASP T 121 -36.05 12.87 21.81
N LEU T 122 -34.74 13.05 21.60
CA LEU T 122 -34.21 13.41 20.28
C LEU T 122 -34.26 12.27 19.25
N VAL T 123 -34.11 11.04 19.73
CA VAL T 123 -34.06 9.86 18.84
C VAL T 123 -35.38 9.10 18.72
N ASN T 124 -36.48 9.72 19.14
CA ASN T 124 -37.81 9.18 18.89
C ASN T 124 -38.21 9.33 17.44
N GLN U 5 -3.79 -18.41 6.61
CA GLN U 5 -2.87 -19.32 7.38
C GLN U 5 -3.69 -20.34 8.18
N SER U 6 -3.93 -21.50 7.58
CA SER U 6 -4.91 -22.45 8.08
C SER U 6 -4.61 -23.90 7.63
N LYS U 7 -5.26 -24.89 8.24
CA LYS U 7 -5.14 -26.29 7.80
C LYS U 7 -6.40 -26.77 7.08
N ARG U 8 -7.22 -25.86 6.60
CA ARG U 8 -8.45 -26.33 6.01
C ARG U 8 -8.36 -26.49 4.49
N ILE U 9 -8.92 -27.60 4.01
CA ILE U 9 -8.78 -28.03 2.62
C ILE U 9 -10.15 -28.35 2.01
N LEU U 10 -10.45 -27.73 0.88
CA LEU U 10 -11.65 -28.07 0.13
C LEU U 10 -11.33 -29.07 -0.97
N VAL U 11 -11.95 -30.25 -0.89
CA VAL U 11 -11.75 -31.31 -1.88
C VAL U 11 -12.91 -31.30 -2.90
N VAL U 12 -12.59 -31.00 -4.15
CA VAL U 12 -13.59 -30.92 -5.20
C VAL U 12 -13.49 -32.09 -6.17
N ASP U 13 -14.46 -33.00 -6.04
CA ASP U 13 -14.55 -34.20 -6.88
C ASP U 13 -16.01 -34.66 -6.89
N ASP U 14 -16.49 -35.07 -8.06
CA ASP U 14 -17.86 -35.60 -8.21
C ASP U 14 -17.95 -37.08 -7.84
N ASP U 15 -16.81 -37.78 -7.89
CA ASP U 15 -16.68 -39.17 -7.45
C ASP U 15 -16.70 -39.16 -5.92
N GLN U 16 -17.83 -39.55 -5.35
CA GLN U 16 -18.03 -39.52 -3.88
C GLN U 16 -17.11 -40.48 -3.14
N ALA U 17 -16.91 -41.68 -3.71
CA ALA U 17 -15.98 -42.67 -3.16
C ALA U 17 -14.54 -42.16 -3.08
N MET U 18 -14.07 -41.50 -4.14
CA MET U 18 -12.72 -40.96 -4.19
C MET U 18 -12.53 -39.76 -3.26
N ALA U 19 -13.54 -38.89 -3.21
CA ALA U 19 -13.50 -37.73 -2.32
C ALA U 19 -13.42 -38.13 -0.84
N ALA U 20 -14.17 -39.16 -0.47
CA ALA U 20 -14.18 -39.71 0.90
C ALA U 20 -12.83 -40.31 1.29
N ALA U 21 -12.22 -41.01 0.33
CA ALA U 21 -10.90 -41.62 0.51
C ALA U 21 -9.78 -40.59 0.70
N ILE U 22 -9.84 -39.50 -0.05
CA ILE U 22 -8.89 -38.39 0.07
C ILE U 22 -9.07 -37.74 1.44
N GLU U 23 -10.33 -37.52 1.81
CA GLU U 23 -10.72 -36.91 3.08
C GLU U 23 -10.14 -37.66 4.26
N ARG U 24 -10.26 -39.00 4.26
CA ARG U 24 -9.72 -39.84 5.34
C ARG U 24 -8.21 -39.68 5.49
N VAL U 25 -7.51 -39.64 4.37
CA VAL U 25 -6.04 -39.49 4.35
C VAL U 25 -5.65 -38.13 4.93
N LEU U 26 -6.36 -37.10 4.48
CA LEU U 26 -6.13 -35.73 4.94
C LEU U 26 -6.52 -35.56 6.40
N LYS U 27 -7.66 -36.15 6.80
CA LYS U 27 -8.09 -36.06 8.21
C LYS U 27 -7.08 -36.69 9.15
N ARG U 28 -6.55 -37.86 8.77
CA ARG U 28 -5.48 -38.56 9.52
C ARG U 28 -4.22 -37.70 9.67
N ASP U 29 -3.90 -36.92 8.63
CA ASP U 29 -2.76 -35.98 8.66
C ASP U 29 -3.11 -34.59 9.26
N HIS U 30 -4.18 -34.55 10.05
CA HIS U 30 -4.57 -33.37 10.86
C HIS U 30 -5.07 -32.13 10.07
N TRP U 31 -5.68 -32.36 8.90
CA TRP U 31 -6.32 -31.29 8.12
C TRP U 31 -7.82 -31.27 8.34
N GLN U 32 -8.40 -30.07 8.33
CA GLN U 32 -9.85 -29.89 8.33
C GLN U 32 -10.31 -29.94 6.88
N VAL U 33 -11.32 -30.77 6.60
CA VAL U 33 -11.72 -31.04 5.21
C VAL U 33 -13.22 -30.78 4.98
N GLU U 34 -13.56 -30.19 3.84
CA GLU U 34 -14.92 -30.24 3.31
C GLU U 34 -14.88 -30.74 1.86
N ILE U 35 -15.96 -31.40 1.45
CA ILE U 35 -16.04 -31.97 0.10
C ILE U 35 -17.13 -31.23 -0.64
N ALA U 36 -16.87 -30.96 -1.92
CA ALA U 36 -17.88 -30.44 -2.81
C ALA U 36 -17.93 -31.32 -4.09
N HIS U 37 -19.11 -31.82 -4.41
CA HIS U 37 -19.30 -32.70 -5.59
C HIS U 37 -19.58 -31.95 -6.90
N ASN U 38 -19.77 -30.63 -6.82
CA ASN U 38 -20.07 -29.83 -8.02
C ASN U 38 -19.52 -28.40 -7.97
N GLY U 39 -19.55 -27.75 -9.13
CA GLY U 39 -19.04 -26.39 -9.29
C GLY U 39 -19.62 -25.37 -8.33
N PHE U 40 -20.95 -25.36 -8.20
CA PHE U 40 -21.66 -24.41 -7.33
C PHE U 40 -21.28 -24.56 -5.87
N ASP U 41 -21.21 -25.81 -5.43
CA ASP U 41 -20.88 -26.13 -4.05
C ASP U 41 -19.45 -25.72 -3.73
N ALA U 42 -18.55 -25.90 -4.70
CA ALA U 42 -17.17 -25.47 -4.59
C ALA U 42 -17.07 -23.95 -4.46
N GLY U 43 -17.87 -23.24 -5.26
CA GLY U 43 -17.90 -21.78 -5.24
C GLY U 43 -18.37 -21.22 -3.91
N ILE U 44 -19.48 -21.78 -3.41
CA ILE U 44 -20.04 -21.36 -2.13
C ILE U 44 -19.05 -21.65 -1.00
N LYS U 45 -18.49 -22.85 -0.99
CA LYS U 45 -17.54 -23.27 0.04
C LYS U 45 -16.25 -22.42 0.14
N LEU U 46 -15.80 -21.88 -0.99
CA LEU U 46 -14.70 -20.89 -0.97
C LEU U 46 -14.94 -19.71 -0.04
N SER U 47 -16.18 -19.21 0.00
CA SER U 47 -16.52 -18.12 0.90
CA SER U 47 -16.53 -18.11 0.90
C SER U 47 -16.91 -18.61 2.30
N THR U 48 -17.65 -19.71 2.38
CA THR U 48 -18.14 -20.19 3.69
C THR U 48 -17.10 -20.96 4.52
N PHE U 49 -16.17 -21.62 3.84
CA PHE U 49 -15.19 -22.49 4.50
C PHE U 49 -13.80 -21.85 4.48
N GLU U 50 -13.55 -20.98 3.50
CA GLU U 50 -12.26 -20.28 3.31
C GLU U 50 -11.01 -21.17 3.42
N PRO U 51 -10.87 -22.16 2.49
CA PRO U 51 -9.78 -23.13 2.62
C PRO U 51 -8.41 -22.54 2.34
N ALA U 52 -7.35 -23.11 2.93
CA ALA U 52 -5.99 -22.73 2.54
C ALA U 52 -5.66 -23.34 1.19
N ILE U 53 -6.22 -24.52 0.92
CA ILE U 53 -5.96 -25.27 -0.32
C ILE U 53 -7.29 -25.79 -0.85
N MET U 54 -7.44 -25.81 -2.17
CA MET U 54 -8.55 -26.48 -2.84
C MET U 54 -7.95 -27.53 -3.79
N THR U 55 -8.45 -28.77 -3.72
CA THR U 55 -8.02 -29.78 -4.68
C THR U 55 -9.12 -29.92 -5.71
N LEU U 56 -8.73 -29.96 -6.96
CA LEU U 56 -9.70 -29.84 -8.01
C LEU U 56 -9.48 -30.95 -9.01
N ASP U 57 -10.49 -31.80 -9.17
CA ASP U 57 -10.37 -32.92 -10.06
C ASP U 57 -10.72 -32.47 -11.49
N LEU U 58 -9.91 -32.91 -12.45
CA LEU U 58 -10.04 -32.46 -13.83
C LEU U 58 -10.75 -33.45 -14.74
N SER U 59 -11.32 -34.51 -14.15
CA SER U 59 -12.06 -35.49 -14.92
C SER U 59 -13.50 -35.52 -14.43
N MET U 60 -13.95 -34.40 -13.87
CA MET U 60 -15.34 -34.20 -13.53
C MET U 60 -16.05 -33.88 -14.86
N PRO U 61 -17.05 -34.71 -15.24
CA PRO U 61 -17.67 -34.55 -16.56
C PRO U 61 -18.58 -33.32 -16.70
N LYS U 62 -19.05 -32.77 -15.59
CA LYS U 62 -19.91 -31.60 -15.62
C LYS U 62 -19.23 -30.33 -15.10
N LEU U 63 -17.92 -30.42 -14.85
CA LEU U 63 -17.14 -29.30 -14.37
C LEU U 63 -15.81 -29.12 -15.12
N ASP U 64 -15.63 -27.95 -15.71
CA ASP U 64 -14.41 -27.62 -16.45
C ASP U 64 -13.45 -26.91 -15.51
N GLY U 65 -12.34 -27.60 -15.20
CA GLY U 65 -11.30 -27.09 -14.29
C GLY U 65 -10.64 -25.80 -14.76
N LEU U 66 -10.52 -25.64 -16.07
CA LEU U 66 -10.00 -24.42 -16.72
C LEU U 66 -10.85 -23.19 -16.41
N ASP U 67 -12.17 -23.36 -16.44
CA ASP U 67 -13.12 -22.29 -16.17
C ASP U 67 -13.11 -21.90 -14.70
N VAL U 68 -12.93 -22.90 -13.84
CA VAL U 68 -12.85 -22.68 -12.39
C VAL U 68 -11.68 -21.78 -12.03
N ILE U 69 -10.50 -22.13 -12.53
CA ILE U 69 -9.27 -21.38 -12.24
C ILE U 69 -9.34 -19.96 -12.83
N ARG U 70 -9.87 -19.83 -14.05
CA ARG U 70 -10.06 -18.52 -14.70
C ARG U 70 -11.04 -17.61 -13.96
N SER U 71 -12.10 -18.19 -13.42
CA SER U 71 -13.09 -17.43 -12.65
C SER U 71 -12.52 -17.00 -11.31
N LEU U 72 -11.83 -17.92 -10.67
CA LEU U 72 -11.26 -17.71 -9.39
C LEU U 72 -10.16 -16.70 -9.41
N ARG U 73 -9.08 -17.04 -10.07
CA ARG U 73 -7.92 -16.21 -10.02
C ARG U 73 -8.25 -14.84 -10.50
N GLN U 74 -8.56 -14.74 -11.79
CA GLN U 74 -8.66 -13.46 -12.48
C GLN U 74 -10.02 -12.80 -12.37
N ASN U 75 -11.03 -13.42 -12.97
CA ASN U 75 -12.34 -12.76 -13.11
C ASN U 75 -12.97 -12.11 -11.86
N LYS U 76 -12.68 -12.64 -10.68
CA LYS U 76 -13.18 -12.02 -9.44
C LYS U 76 -12.10 -11.90 -8.36
N VAL U 77 -12.08 -10.74 -7.70
CA VAL U 77 -11.19 -10.53 -6.55
C VAL U 77 -11.78 -11.21 -5.30
N ALA U 78 -11.66 -12.53 -5.27
CA ALA U 78 -12.06 -13.34 -4.12
C ALA U 78 -10.81 -13.60 -3.28
N ASN U 79 -10.97 -14.38 -2.22
CA ASN U 79 -9.81 -14.87 -1.46
C ASN U 79 -9.17 -16.02 -2.26
N GLN U 80 -7.86 -16.18 -2.14
CA GLN U 80 -7.14 -17.09 -3.03
C GLN U 80 -6.44 -18.23 -2.30
N PRO U 81 -7.03 -19.43 -2.34
CA PRO U 81 -6.34 -20.59 -1.80
C PRO U 81 -5.28 -21.10 -2.79
N LYS U 82 -4.43 -22.00 -2.33
CA LYS U 82 -3.54 -22.72 -3.22
C LYS U 82 -4.40 -23.79 -3.91
N ILE U 83 -4.12 -24.07 -5.18
CA ILE U 83 -4.91 -25.02 -5.94
C ILE U 83 -4.05 -26.21 -6.34
N LEU U 84 -4.48 -27.39 -5.92
CA LEU U 84 -3.85 -28.63 -6.28
C LEU U 84 -4.77 -29.33 -7.27
N VAL U 85 -4.32 -29.44 -8.51
CA VAL U 85 -5.12 -30.03 -9.57
C VAL U 85 -4.87 -31.55 -9.67
N VAL U 86 -5.95 -32.34 -9.80
CA VAL U 86 -5.81 -33.78 -9.98
C VAL U 86 -5.90 -34.10 -11.46
N SER U 87 -4.77 -34.52 -12.03
CA SER U 87 -4.64 -34.74 -13.47
C SER U 87 -5.54 -35.85 -13.99
N GLY U 88 -6.00 -35.66 -15.22
CA GLY U 88 -6.72 -36.70 -15.94
C GLY U 88 -5.91 -37.16 -17.12
N LEU U 89 -6.61 -37.62 -18.16
CA LEU U 89 -5.98 -38.14 -19.38
C LEU U 89 -5.55 -37.03 -20.35
N ASP U 90 -6.21 -35.87 -20.26
CA ASP U 90 -5.87 -34.73 -21.10
C ASP U 90 -4.64 -33.98 -20.51
N LYS U 91 -3.47 -34.24 -21.09
CA LYS U 91 -2.22 -33.66 -20.60
C LYS U 91 -2.01 -32.22 -21.08
N ALA U 92 -2.57 -31.87 -22.25
CA ALA U 92 -2.53 -30.49 -22.75
C ALA U 92 -3.31 -29.57 -21.82
N LYS U 93 -4.51 -30.02 -21.45
CA LYS U 93 -5.31 -29.34 -20.45
C LYS U 93 -5.06 -29.89 -19.05
N LEU U 94 -3.77 -29.88 -18.68
CA LEU U 94 -3.29 -30.03 -17.31
C LEU U 94 -2.18 -29.01 -17.15
N GLN U 95 -1.35 -28.90 -18.19
CA GLN U 95 -0.31 -27.88 -18.28
C GLN U 95 -0.97 -26.53 -18.53
N GLN U 96 -2.15 -26.56 -19.14
CA GLN U 96 -3.03 -25.40 -19.25
C GLN U 96 -3.42 -24.90 -17.84
N ALA U 97 -3.86 -25.81 -16.99
CA ALA U 97 -4.27 -25.49 -15.62
C ALA U 97 -3.13 -24.90 -14.79
N VAL U 98 -1.92 -25.45 -14.97
CA VAL U 98 -0.71 -24.96 -14.29
C VAL U 98 -0.33 -23.51 -14.71
N THR U 99 -0.43 -23.23 -16.02
CA THR U 99 -0.19 -21.87 -16.56
C THR U 99 -1.30 -20.91 -16.09
N GLU U 100 -2.53 -21.41 -16.02
CA GLU U 100 -3.69 -20.62 -15.62
C GLU U 100 -3.74 -20.32 -14.12
N GLY U 101 -2.92 -21.01 -13.32
CA GLY U 101 -2.79 -20.65 -11.91
C GLY U 101 -2.86 -21.77 -10.89
N ALA U 102 -2.91 -23.02 -11.34
CA ALA U 102 -2.75 -24.17 -10.44
C ALA U 102 -1.33 -24.17 -9.89
N ASP U 103 -1.24 -24.31 -8.58
CA ASP U 103 0.04 -24.20 -7.86
C ASP U 103 0.89 -25.45 -7.91
N ASP U 104 0.22 -26.59 -8.08
CA ASP U 104 0.85 -27.89 -8.27
C ASP U 104 -0.19 -28.85 -8.79
N TYR U 105 0.25 -30.05 -9.12
CA TYR U 105 -0.65 -31.10 -9.62
C TYR U 105 -0.23 -32.51 -9.21
N LEU U 106 -1.21 -33.39 -9.12
CA LEU U 106 -0.99 -34.81 -8.87
C LEU U 106 -1.15 -35.57 -10.18
N GLU U 107 -0.23 -36.50 -10.44
CA GLU U 107 -0.27 -37.34 -11.64
CA GLU U 107 -0.31 -37.32 -11.66
C GLU U 107 -1.08 -38.61 -11.36
N LYS U 108 -1.58 -39.24 -12.43
CA LYS U 108 -2.41 -40.43 -12.35
C LYS U 108 -1.58 -41.71 -12.61
N PRO U 109 -1.58 -42.66 -11.64
CA PRO U 109 -2.09 -42.54 -10.26
C PRO U 109 -1.09 -41.89 -9.30
N PHE U 110 -1.57 -41.50 -8.13
CA PHE U 110 -0.72 -40.88 -7.12
C PHE U 110 -0.91 -41.60 -5.80
N ASP U 111 0.16 -41.81 -5.07
CA ASP U 111 0.01 -42.40 -3.75
C ASP U 111 -0.26 -41.37 -2.66
N ASN U 112 -0.44 -41.87 -1.44
CA ASN U 112 -0.83 -41.01 -0.34
C ASN U 112 0.30 -40.09 0.13
N ASP U 113 1.53 -40.61 0.11
CA ASP U 113 2.73 -39.80 0.38
C ASP U 113 2.85 -38.63 -0.60
N ALA U 114 2.67 -38.91 -1.89
CA ALA U 114 2.60 -37.87 -2.93
C ALA U 114 1.55 -36.80 -2.62
N LEU U 115 0.33 -37.25 -2.25
CA LEU U 115 -0.72 -36.33 -1.86
C LEU U 115 -0.28 -35.45 -0.70
N LEU U 116 0.23 -36.06 0.37
CA LEU U 116 0.57 -35.29 1.57
C LEU U 116 1.77 -34.37 1.36
N ASP U 117 2.77 -34.85 0.62
CA ASP U 117 3.95 -34.04 0.27
C ASP U 117 3.62 -32.79 -0.54
N ARG U 118 2.77 -32.95 -1.56
CA ARG U 118 2.36 -31.80 -2.35
C ARG U 118 1.48 -30.83 -1.55
N ILE U 119 0.65 -31.37 -0.66
CA ILE U 119 -0.18 -30.55 0.22
C ILE U 119 0.68 -29.73 1.20
N HIS U 120 1.70 -30.36 1.80
CA HIS U 120 2.57 -29.69 2.76
C HIS U 120 3.43 -28.61 2.10
N ASP U 121 3.95 -28.92 0.91
CA ASP U 121 4.79 -27.98 0.16
C ASP U 121 4.02 -26.74 -0.29
N LEU U 122 2.71 -26.89 -0.51
CA LEU U 122 1.82 -25.79 -0.88
C LEU U 122 1.73 -24.69 0.18
N VAL U 123 1.82 -25.07 1.46
CA VAL U 123 1.64 -24.12 2.57
C VAL U 123 2.84 -23.93 3.50
N SER V 6 -29.47 -4.20 -3.27
CA SER V 6 -30.82 -4.81 -3.48
C SER V 6 -31.32 -4.55 -4.90
N LYS V 7 -30.61 -3.69 -5.63
CA LYS V 7 -30.86 -3.53 -7.06
C LYS V 7 -29.97 -4.47 -7.89
N ARG V 8 -29.54 -5.57 -7.26
CA ARG V 8 -28.62 -6.53 -7.86
C ARG V 8 -29.30 -7.84 -8.22
N ILE V 9 -29.14 -8.28 -9.46
CA ILE V 9 -29.67 -9.58 -9.90
C ILE V 9 -28.55 -10.39 -10.59
N LEU V 10 -28.39 -11.64 -10.18
CA LEU V 10 -27.50 -12.59 -10.86
C LEU V 10 -28.32 -13.48 -11.80
N VAL V 11 -27.97 -13.49 -13.08
CA VAL V 11 -28.65 -14.34 -14.07
C VAL V 11 -27.80 -15.59 -14.32
N VAL V 12 -28.38 -16.77 -14.08
CA VAL V 12 -27.64 -18.03 -14.19
C VAL V 12 -28.30 -18.89 -15.26
N ASP V 13 -27.56 -19.07 -16.34
CA ASP V 13 -28.02 -19.76 -17.53
C ASP V 13 -26.79 -20.06 -18.39
N ASP V 14 -26.75 -21.27 -18.94
CA ASP V 14 -25.64 -21.71 -19.79
C ASP V 14 -25.73 -21.14 -21.21
N ASP V 15 -26.96 -20.92 -21.69
CA ASP V 15 -27.21 -20.26 -22.98
C ASP V 15 -26.87 -18.78 -22.86
N GLN V 16 -25.78 -18.39 -23.52
CA GLN V 16 -25.25 -17.04 -23.47
C GLN V 16 -26.20 -16.02 -24.07
N ALA V 17 -26.88 -16.40 -25.15
CA ALA V 17 -27.85 -15.53 -25.82
C ALA V 17 -29.10 -15.24 -24.99
N MET V 18 -29.63 -16.27 -24.34
CA MET V 18 -30.83 -16.12 -23.50
C MET V 18 -30.50 -15.32 -22.25
N ALA V 19 -29.32 -15.56 -21.68
CA ALA V 19 -28.84 -14.82 -20.51
C ALA V 19 -28.67 -13.34 -20.82
N ALA V 20 -28.12 -13.03 -22.00
CA ALA V 20 -27.97 -11.65 -22.45
C ALA V 20 -29.32 -10.99 -22.70
N ALA V 21 -30.26 -11.76 -23.25
CA ALA V 21 -31.64 -11.30 -23.49
C ALA V 21 -32.37 -10.97 -22.20
N ILE V 22 -32.21 -11.83 -21.20
CA ILE V 22 -32.72 -11.60 -19.84
C ILE V 22 -32.02 -10.36 -19.25
N GLU V 23 -30.70 -10.26 -19.46
CA GLU V 23 -29.91 -9.11 -19.00
C GLU V 23 -30.44 -7.79 -19.57
N ARG V 24 -30.72 -7.78 -20.88
CA ARG V 24 -31.27 -6.60 -21.55
C ARG V 24 -32.54 -6.08 -20.85
N VAL V 25 -33.47 -6.98 -20.59
CA VAL V 25 -34.76 -6.66 -19.97
C VAL V 25 -34.61 -6.11 -18.53
N LEU V 26 -33.69 -6.69 -17.77
CA LEU V 26 -33.48 -6.26 -16.37
C LEU V 26 -32.77 -4.91 -16.28
N LYS V 27 -31.80 -4.69 -17.17
CA LYS V 27 -31.10 -3.42 -17.27
C LYS V 27 -32.05 -2.28 -17.64
N ARG V 28 -32.98 -2.55 -18.56
CA ARG V 28 -34.06 -1.60 -18.89
C ARG V 28 -35.00 -1.33 -17.72
N ASP V 29 -35.09 -2.29 -16.79
CA ASP V 29 -35.87 -2.10 -15.56
C ASP V 29 -35.03 -1.54 -14.38
N HIS V 30 -33.82 -1.06 -14.70
CA HIS V 30 -32.91 -0.38 -13.75
C HIS V 30 -32.27 -1.30 -12.70
N TRP V 31 -31.98 -2.54 -13.09
CA TRP V 31 -31.24 -3.46 -12.23
C TRP V 31 -29.76 -3.53 -12.62
N GLN V 32 -28.89 -3.63 -11.62
CA GLN V 32 -27.49 -4.00 -11.82
C GLN V 32 -27.44 -5.51 -11.99
N VAL V 33 -26.88 -5.97 -13.12
CA VAL V 33 -26.93 -7.38 -13.52
C VAL V 33 -25.51 -8.00 -13.60
N GLU V 34 -25.38 -9.24 -13.17
CA GLU V 34 -24.21 -10.07 -13.45
C GLU V 34 -24.66 -11.41 -14.03
N ILE V 35 -23.87 -11.99 -14.93
CA ILE V 35 -24.23 -13.26 -15.59
C ILE V 35 -23.25 -14.40 -15.30
N ALA V 36 -23.77 -15.58 -14.99
CA ALA V 36 -22.94 -16.77 -14.80
C ALA V 36 -23.40 -17.91 -15.72
N HIS V 37 -22.47 -18.43 -16.52
CA HIS V 37 -22.77 -19.55 -17.43
C HIS V 37 -22.61 -20.93 -16.81
N ASN V 38 -22.01 -21.00 -15.62
CA ASN V 38 -21.79 -22.27 -14.95
C ASN V 38 -22.01 -22.19 -13.45
N GLY V 39 -22.01 -23.34 -12.80
CA GLY V 39 -22.23 -23.45 -11.37
C GLY V 39 -21.23 -22.72 -10.52
N PHE V 40 -19.94 -22.87 -10.84
CA PHE V 40 -18.86 -22.26 -10.06
C PHE V 40 -18.90 -20.73 -10.09
N ASP V 41 -19.07 -20.17 -11.29
CA ASP V 41 -19.28 -18.74 -11.50
C ASP V 41 -20.43 -18.23 -10.66
N ALA V 42 -21.56 -18.93 -10.73
CA ALA V 42 -22.76 -18.62 -9.94
C ALA V 42 -22.50 -18.63 -8.44
N GLY V 43 -21.68 -19.58 -7.99
CA GLY V 43 -21.35 -19.72 -6.57
C GLY V 43 -20.45 -18.63 -6.03
N ILE V 44 -19.40 -18.29 -6.78
CA ILE V 44 -18.47 -17.22 -6.40
C ILE V 44 -19.13 -15.84 -6.49
N LYS V 45 -19.85 -15.61 -7.59
CA LYS V 45 -20.54 -14.33 -7.81
C LYS V 45 -21.64 -14.09 -6.78
N LEU V 46 -22.32 -15.16 -6.35
CA LEU V 46 -23.29 -15.03 -5.28
C LEU V 46 -22.68 -14.43 -4.02
N SER V 47 -21.42 -14.78 -3.76
CA SER V 47 -20.68 -14.25 -2.62
CA SER V 47 -20.67 -14.26 -2.62
C SER V 47 -20.11 -12.86 -2.90
N THR V 48 -19.60 -12.67 -4.12
CA THR V 48 -18.98 -11.39 -4.50
C THR V 48 -20.03 -10.30 -4.79
N PHE V 49 -20.90 -10.56 -5.76
CA PHE V 49 -21.90 -9.61 -6.21
C PHE V 49 -23.01 -9.36 -5.17
N GLU V 50 -23.33 -10.41 -4.41
CA GLU V 50 -24.36 -10.40 -3.35
C GLU V 50 -25.75 -9.96 -3.86
N PRO V 51 -26.35 -10.76 -4.76
CA PRO V 51 -27.57 -10.26 -5.40
C PRO V 51 -28.81 -10.38 -4.51
N ALA V 52 -29.84 -9.62 -4.84
CA ALA V 52 -31.13 -9.75 -4.19
C ALA V 52 -31.93 -10.89 -4.82
N ILE V 53 -31.77 -11.08 -6.12
CA ILE V 53 -32.45 -12.15 -6.84
C ILE V 53 -31.43 -12.96 -7.65
N MET V 54 -31.62 -14.27 -7.70
CA MET V 54 -30.94 -15.11 -8.67
C MET V 54 -31.97 -15.76 -9.58
N THR V 55 -31.77 -15.66 -10.88
CA THR V 55 -32.59 -16.38 -11.84
C THR V 55 -31.81 -17.65 -12.21
N LEU V 56 -32.49 -18.78 -12.19
CA LEU V 56 -31.80 -20.06 -12.32
C LEU V 56 -32.53 -20.95 -13.30
N ASP V 57 -31.92 -21.12 -14.47
CA ASP V 57 -32.46 -22.01 -15.49
C ASP V 57 -32.32 -23.49 -15.10
N LEU V 58 -33.45 -24.20 -15.06
CA LEU V 58 -33.48 -25.59 -14.59
C LEU V 58 -33.12 -26.61 -15.65
N SER V 59 -32.87 -26.15 -16.86
CA SER V 59 -32.61 -27.05 -17.99
C SER V 59 -31.16 -27.01 -18.44
N MET V 60 -30.28 -26.59 -17.53
CA MET V 60 -28.85 -26.56 -17.78
C MET V 60 -28.32 -28.00 -17.70
N PRO V 61 -27.70 -28.50 -18.79
CA PRO V 61 -27.22 -29.89 -18.81
C PRO V 61 -26.06 -30.17 -17.84
N LYS V 62 -25.26 -29.15 -17.54
CA LYS V 62 -24.12 -29.32 -16.62
C LYS V 62 -24.39 -28.83 -15.18
N LEU V 63 -25.62 -28.39 -14.91
CA LEU V 63 -25.99 -27.93 -13.57
C LEU V 63 -27.38 -28.38 -13.12
N ASP V 64 -27.43 -29.13 -12.03
CA ASP V 64 -28.67 -29.53 -11.40
C ASP V 64 -29.12 -28.42 -10.44
N GLY V 65 -30.29 -27.85 -10.71
CA GLY V 65 -30.81 -26.72 -9.94
C GLY V 65 -31.26 -27.07 -8.54
N LEU V 66 -31.71 -28.31 -8.37
CA LEU V 66 -32.08 -28.85 -7.07
C LEU V 66 -30.87 -28.95 -6.15
N ASP V 67 -29.73 -29.31 -6.74
CA ASP V 67 -28.45 -29.31 -6.02
C ASP V 67 -28.04 -27.89 -5.65
N VAL V 68 -28.31 -26.93 -6.53
CA VAL V 68 -28.02 -25.52 -6.27
C VAL V 68 -28.78 -25.00 -5.04
N ILE V 69 -30.11 -25.22 -5.03
CA ILE V 69 -30.96 -24.83 -3.89
C ILE V 69 -30.51 -25.48 -2.58
N ARG V 70 -30.16 -26.77 -2.65
CA ARG V 70 -29.63 -27.51 -1.48
C ARG V 70 -28.38 -26.92 -0.88
N SER V 71 -27.47 -26.44 -1.73
CA SER V 71 -26.16 -25.94 -1.30
C SER V 71 -26.25 -24.68 -0.44
N LEU V 72 -27.31 -23.90 -0.65
CA LEU V 72 -27.54 -22.69 0.13
C LEU V 72 -28.00 -23.01 1.57
N ARG V 73 -28.88 -24.00 1.70
CA ARG V 73 -29.34 -24.48 3.01
C ARG V 73 -28.21 -25.20 3.74
N GLN V 74 -27.50 -26.06 3.01
CA GLN V 74 -26.38 -26.86 3.52
C GLN V 74 -25.28 -26.01 4.16
N ASN V 75 -24.97 -24.88 3.52
CA ASN V 75 -23.85 -24.04 3.91
C ASN V 75 -24.22 -22.85 4.79
N LYS V 76 -25.50 -22.46 4.75
CA LYS V 76 -26.05 -21.33 5.52
C LYS V 76 -25.33 -20.01 5.22
N VAL V 77 -25.42 -19.58 3.96
CA VAL V 77 -24.84 -18.32 3.50
C VAL V 77 -25.54 -17.14 4.18
N ALA V 78 -24.73 -16.25 4.77
CA ALA V 78 -25.17 -15.07 5.55
C ALA V 78 -26.41 -14.36 4.99
N ASN V 79 -26.36 -13.99 3.72
CA ASN V 79 -27.54 -13.53 2.98
C ASN V 79 -27.87 -14.49 1.86
N GLN V 80 -29.17 -14.72 1.66
CA GLN V 80 -29.64 -15.62 0.61
C GLN V 80 -30.61 -14.92 -0.33
N PRO V 81 -30.22 -14.77 -1.61
CA PRO V 81 -31.08 -14.16 -2.61
C PRO V 81 -32.34 -14.98 -2.88
N LYS V 82 -33.40 -14.31 -3.31
CA LYS V 82 -34.64 -14.96 -3.68
C LYS V 82 -34.41 -15.63 -5.03
N ILE V 83 -34.94 -16.83 -5.17
CA ILE V 83 -34.62 -17.61 -6.36
C ILE V 83 -35.81 -17.73 -7.29
N LEU V 84 -35.62 -17.20 -8.50
CA LEU V 84 -36.60 -17.35 -9.57
C LEU V 84 -36.16 -18.46 -10.51
N VAL V 85 -36.90 -19.56 -10.46
CA VAL V 85 -36.57 -20.73 -11.24
C VAL V 85 -37.09 -20.59 -12.68
N VAL V 86 -36.24 -20.88 -13.65
CA VAL V 86 -36.67 -20.87 -15.04
C VAL V 86 -36.87 -22.32 -15.50
N SER V 87 -38.13 -22.67 -15.68
CA SER V 87 -38.56 -24.04 -15.84
C SER V 87 -38.87 -24.38 -17.29
N GLY V 88 -38.48 -25.58 -17.69
CA GLY V 88 -38.79 -26.10 -19.01
C GLY V 88 -39.82 -27.22 -18.94
N LEU V 89 -39.46 -28.37 -19.48
CA LEU V 89 -40.35 -29.53 -19.62
C LEU V 89 -40.73 -30.21 -18.30
N ASP V 90 -39.74 -30.41 -17.43
CA ASP V 90 -39.86 -31.25 -16.26
C ASP V 90 -40.62 -30.56 -15.12
N LYS V 91 -41.92 -30.88 -15.02
CA LYS V 91 -42.78 -30.27 -14.02
C LYS V 91 -42.61 -30.85 -12.62
N ALA V 92 -42.12 -32.09 -12.55
CA ALA V 92 -41.81 -32.74 -11.27
C ALA V 92 -40.59 -32.09 -10.63
N LYS V 93 -39.61 -31.73 -11.47
CA LYS V 93 -38.44 -30.97 -11.06
C LYS V 93 -38.80 -29.54 -10.66
N LEU V 94 -39.82 -28.97 -11.31
CA LEU V 94 -40.35 -27.64 -10.97
C LEU V 94 -40.85 -27.63 -9.54
N GLN V 95 -41.76 -28.55 -9.22
CA GLN V 95 -42.37 -28.61 -7.89
C GLN V 95 -41.35 -28.89 -6.80
N GLN V 96 -40.43 -29.82 -7.05
CA GLN V 96 -39.39 -30.15 -6.09
C GLN V 96 -38.50 -28.94 -5.77
N ALA V 97 -38.18 -28.17 -6.80
CA ALA V 97 -37.44 -26.90 -6.65
C ALA V 97 -38.16 -25.90 -5.76
N VAL V 98 -39.47 -25.76 -5.94
CA VAL V 98 -40.30 -24.80 -5.20
C VAL V 98 -40.43 -25.17 -3.72
N THR V 99 -40.84 -26.41 -3.44
CA THR V 99 -41.04 -26.87 -2.06
C THR V 99 -39.74 -26.82 -1.25
N GLU V 100 -38.60 -27.07 -1.91
CA GLU V 100 -37.32 -27.09 -1.23
C GLU V 100 -36.72 -25.71 -0.96
N GLY V 101 -37.09 -24.70 -1.74
CA GLY V 101 -36.57 -23.36 -1.50
C GLY V 101 -36.90 -22.24 -2.46
N ALA V 102 -36.98 -22.55 -3.76
CA ALA V 102 -37.22 -21.54 -4.80
C ALA V 102 -38.49 -20.73 -4.54
N ASP V 103 -38.39 -19.42 -4.77
CA ASP V 103 -39.43 -18.48 -4.35
C ASP V 103 -40.53 -18.22 -5.39
N ASP V 104 -40.25 -18.50 -6.66
CA ASP V 104 -41.20 -18.37 -7.76
C ASP V 104 -40.63 -19.05 -9.01
N TYR V 105 -41.40 -19.07 -10.10
CA TYR V 105 -40.95 -19.70 -11.33
C TYR V 105 -41.37 -18.99 -12.61
N LEU V 106 -40.61 -19.23 -13.68
CA LEU V 106 -40.97 -18.82 -15.03
C LEU V 106 -40.95 -20.04 -15.92
N GLU V 107 -41.92 -20.13 -16.82
CA GLU V 107 -41.94 -21.23 -17.79
C GLU V 107 -41.50 -20.78 -19.18
N LYS V 108 -40.67 -21.63 -19.81
CA LYS V 108 -40.16 -21.35 -21.13
C LYS V 108 -41.16 -21.82 -22.21
N PRO V 109 -41.36 -20.99 -23.26
CA PRO V 109 -40.79 -19.65 -23.42
C PRO V 109 -41.65 -18.52 -22.81
N PHE V 110 -40.99 -17.44 -22.42
CA PHE V 110 -41.65 -16.29 -21.80
C PHE V 110 -41.30 -15.00 -22.53
N ASP V 111 -42.16 -13.99 -22.42
CA ASP V 111 -41.85 -12.65 -22.93
C ASP V 111 -41.25 -11.76 -21.83
N ASN V 112 -40.99 -10.50 -22.17
CA ASN V 112 -40.41 -9.52 -21.24
C ASN V 112 -41.31 -9.28 -20.04
N ASP V 113 -42.60 -9.11 -20.32
CA ASP V 113 -43.62 -8.85 -19.31
C ASP V 113 -43.73 -9.97 -18.29
N ALA V 114 -43.70 -11.21 -18.78
CA ALA V 114 -43.71 -12.41 -17.93
C ALA V 114 -42.50 -12.43 -16.99
N LEU V 115 -41.33 -12.11 -17.52
CA LEU V 115 -40.12 -11.96 -16.71
C LEU V 115 -40.28 -10.81 -15.70
N LEU V 116 -40.74 -9.66 -16.18
CA LEU V 116 -40.86 -8.47 -15.34
C LEU V 116 -41.86 -8.62 -14.20
N ASP V 117 -43.03 -9.23 -14.49
CA ASP V 117 -44.05 -9.52 -13.49
C ASP V 117 -43.50 -10.35 -12.33
N ARG V 118 -42.79 -11.43 -12.64
CA ARG V 118 -42.25 -12.33 -11.61
C ARG V 118 -41.21 -11.64 -10.74
N ILE V 119 -40.36 -10.85 -11.39
CA ILE V 119 -39.31 -10.08 -10.72
C ILE V 119 -39.89 -9.08 -9.72
N HIS V 120 -40.87 -8.28 -10.17
CA HIS V 120 -41.51 -7.27 -9.31
C HIS V 120 -42.23 -7.88 -8.11
N ASP V 121 -42.96 -8.98 -8.36
CA ASP V 121 -43.64 -9.73 -7.31
C ASP V 121 -42.68 -10.26 -6.25
N LEU V 122 -41.50 -10.65 -6.70
CA LEU V 122 -40.45 -11.15 -5.81
C LEU V 122 -39.88 -10.04 -4.91
N VAL V 123 -39.84 -8.80 -5.40
CA VAL V 123 -39.41 -7.66 -4.58
C VAL V 123 -40.55 -6.69 -4.26
N GLN W 5 -22.90 -45.09 -57.89
CA GLN W 5 -21.48 -45.40 -58.23
C GLN W 5 -20.91 -44.38 -59.21
N SER W 6 -19.99 -43.55 -58.70
CA SER W 6 -19.53 -42.36 -59.42
C SER W 6 -18.14 -41.90 -58.97
N LYS W 7 -17.67 -40.82 -59.58
CA LYS W 7 -16.39 -40.20 -59.22
C LYS W 7 -16.60 -38.90 -58.42
N ARG W 8 -17.77 -38.77 -57.80
CA ARG W 8 -18.14 -37.56 -57.09
C ARG W 8 -17.59 -37.64 -55.66
N ILE W 9 -16.79 -36.65 -55.30
CA ILE W 9 -16.22 -36.58 -53.95
C ILE W 9 -16.58 -35.24 -53.29
N LEU W 10 -17.15 -35.32 -52.09
CA LEU W 10 -17.44 -34.13 -51.29
C LEU W 10 -16.36 -33.95 -50.23
N VAL W 11 -15.67 -32.81 -50.27
CA VAL W 11 -14.57 -32.53 -49.34
C VAL W 11 -15.08 -31.58 -48.25
N VAL W 12 -15.07 -32.05 -47.00
CA VAL W 12 -15.59 -31.29 -45.88
C VAL W 12 -14.46 -30.84 -44.95
N ASP W 13 -14.15 -29.54 -45.01
CA ASP W 13 -13.05 -28.92 -44.26
C ASP W 13 -13.34 -27.42 -44.13
N ASP W 14 -13.16 -26.87 -42.93
CA ASP W 14 -13.29 -25.42 -42.71
C ASP W 14 -12.06 -24.63 -43.16
N ASP W 15 -10.92 -25.33 -43.26
CA ASP W 15 -9.68 -24.79 -43.81
C ASP W 15 -9.82 -24.75 -45.34
N GLN W 16 -10.03 -23.55 -45.87
CA GLN W 16 -10.33 -23.37 -47.30
C GLN W 16 -9.11 -23.60 -48.18
N ALA W 17 -7.94 -23.25 -47.65
CA ALA W 17 -6.67 -23.50 -48.32
C ALA W 17 -6.38 -24.99 -48.43
N MET W 18 -6.62 -25.73 -47.35
CA MET W 18 -6.42 -27.19 -47.40
C MET W 18 -7.41 -27.86 -48.34
N ALA W 19 -8.68 -27.44 -48.27
CA ALA W 19 -9.72 -28.00 -49.11
C ALA W 19 -9.45 -27.79 -50.59
N ALA W 20 -8.99 -26.59 -50.95
CA ALA W 20 -8.59 -26.29 -52.33
C ALA W 20 -7.40 -27.12 -52.81
N ALA W 21 -6.46 -27.40 -51.90
CA ALA W 21 -5.29 -28.24 -52.24
C ALA W 21 -5.64 -29.72 -52.38
N ILE W 22 -6.51 -30.23 -51.50
CA ILE W 22 -7.12 -31.55 -51.66
C ILE W 22 -7.86 -31.64 -53.01
N GLU W 23 -8.68 -30.63 -53.30
CA GLU W 23 -9.45 -30.57 -54.54
C GLU W 23 -8.58 -30.67 -55.80
N ARG W 24 -7.49 -29.91 -55.84
CA ARG W 24 -6.54 -29.93 -56.96
C ARG W 24 -5.92 -31.31 -57.19
N VAL W 25 -5.51 -31.98 -56.09
CA VAL W 25 -4.95 -33.33 -56.15
C VAL W 25 -5.99 -34.30 -56.71
N LEU W 26 -7.21 -34.21 -56.19
CA LEU W 26 -8.32 -35.06 -56.66
C LEU W 26 -8.77 -34.80 -58.09
N LYS W 27 -8.87 -33.54 -58.50
CA LYS W 27 -9.23 -33.20 -59.91
C LYS W 27 -8.20 -33.70 -60.91
N ARG W 28 -6.92 -33.58 -60.54
CA ARG W 28 -5.83 -34.12 -61.35
C ARG W 28 -5.96 -35.65 -61.50
N ASP W 29 -6.42 -36.32 -60.44
CA ASP W 29 -6.73 -37.75 -60.49
C ASP W 29 -8.14 -38.05 -61.06
N HIS W 30 -8.72 -37.10 -61.80
CA HIS W 30 -9.98 -37.24 -62.56
C HIS W 30 -11.26 -37.43 -61.72
N TRP W 31 -11.25 -36.96 -60.48
CA TRP W 31 -12.44 -36.99 -59.64
C TRP W 31 -13.23 -35.70 -59.83
N GLN W 32 -14.52 -35.74 -59.53
CA GLN W 32 -15.39 -34.58 -59.59
C GLN W 32 -15.63 -34.12 -58.16
N VAL W 33 -15.27 -32.87 -57.85
CA VAL W 33 -15.19 -32.43 -56.46
C VAL W 33 -16.10 -31.25 -56.12
N GLU W 34 -16.78 -31.34 -54.98
CA GLU W 34 -17.40 -30.18 -54.35
C GLU W 34 -16.85 -30.05 -52.93
N ILE W 35 -16.81 -28.82 -52.42
CA ILE W 35 -16.28 -28.53 -51.09
C ILE W 35 -17.39 -27.98 -50.19
N ALA W 36 -17.43 -28.44 -48.94
CA ALA W 36 -18.26 -27.84 -47.91
C ALA W 36 -17.39 -27.37 -46.75
N HIS W 37 -17.50 -26.09 -46.41
CA HIS W 37 -16.72 -25.51 -45.31
C HIS W 37 -17.37 -25.70 -43.95
N ASN W 38 -18.64 -26.09 -43.95
CA ASN W 38 -19.40 -26.28 -42.71
C ASN W 38 -20.38 -27.46 -42.81
N GLY W 39 -20.97 -27.83 -41.68
CA GLY W 39 -21.87 -28.97 -41.57
C GLY W 39 -23.16 -28.89 -42.37
N PHE W 40 -23.81 -27.72 -42.34
CA PHE W 40 -25.03 -27.49 -43.11
C PHE W 40 -24.83 -27.65 -44.59
N ASP W 41 -23.74 -27.09 -45.09
CA ASP W 41 -23.38 -27.19 -46.50
C ASP W 41 -23.11 -28.64 -46.92
N ALA W 42 -22.46 -29.39 -46.04
CA ALA W 42 -22.16 -30.80 -46.27
C ALA W 42 -23.43 -31.65 -46.33
N GLY W 43 -24.40 -31.33 -45.47
CA GLY W 43 -25.69 -32.01 -45.44
C GLY W 43 -26.51 -31.76 -46.70
N ILE W 44 -26.60 -30.49 -47.09
CA ILE W 44 -27.28 -30.12 -48.33
C ILE W 44 -26.65 -30.84 -49.51
N LYS W 45 -25.32 -30.72 -49.62
CA LYS W 45 -24.54 -31.37 -50.68
C LYS W 45 -24.62 -32.90 -50.73
N LEU W 46 -24.90 -33.55 -49.61
CA LEU W 46 -25.19 -34.98 -49.61
C LEU W 46 -26.29 -35.41 -50.58
N SER W 47 -27.39 -34.67 -50.62
CA SER W 47 -28.48 -34.98 -51.55
C SER W 47 -28.45 -34.13 -52.83
N THR W 48 -27.77 -32.99 -52.75
CA THR W 48 -27.59 -32.10 -53.89
C THR W 48 -26.58 -32.66 -54.88
N PHE W 49 -25.52 -33.27 -54.35
CA PHE W 49 -24.36 -33.66 -55.14
C PHE W 49 -24.21 -35.18 -55.18
N GLU W 50 -24.82 -35.87 -54.22
CA GLU W 50 -24.81 -37.35 -54.11
C GLU W 50 -23.42 -37.97 -54.35
N PRO W 51 -22.45 -37.68 -53.48
CA PRO W 51 -21.10 -38.16 -53.73
C PRO W 51 -20.94 -39.66 -53.46
N ALA W 52 -19.93 -40.26 -54.08
CA ALA W 52 -19.58 -41.64 -53.76
C ALA W 52 -18.75 -41.64 -52.50
N ILE W 53 -18.02 -40.55 -52.28
CA ILE W 53 -17.11 -40.40 -51.13
C ILE W 53 -17.27 -39.04 -50.46
N MET W 54 -17.32 -39.04 -49.13
CA MET W 54 -17.17 -37.80 -48.37
C MET W 54 -15.87 -37.87 -47.56
N THR W 55 -15.01 -36.87 -47.72
CA THR W 55 -13.89 -36.69 -46.80
C THR W 55 -14.32 -35.72 -45.72
N LEU W 56 -13.94 -35.99 -44.48
CA LEU W 56 -14.44 -35.22 -43.35
C LEU W 56 -13.30 -34.93 -42.40
N ASP W 57 -12.96 -33.65 -42.27
CA ASP W 57 -11.86 -33.28 -41.39
C ASP W 57 -12.30 -33.29 -39.94
N LEU W 58 -11.51 -33.97 -39.11
CA LEU W 58 -11.86 -34.12 -37.70
C LEU W 58 -11.37 -33.00 -36.78
N SER W 59 -10.76 -31.95 -37.35
CA SER W 59 -10.26 -30.82 -36.55
C SER W 59 -11.04 -29.54 -36.81
N MET W 60 -12.25 -29.68 -37.34
CA MET W 60 -13.14 -28.55 -37.58
C MET W 60 -13.72 -28.12 -36.24
N PRO W 61 -13.43 -26.87 -35.81
CA PRO W 61 -13.79 -26.41 -34.47
C PRO W 61 -15.30 -26.21 -34.23
N LYS W 62 -16.08 -26.16 -35.30
CA LYS W 62 -17.54 -26.03 -35.16
C LYS W 62 -18.29 -27.29 -35.64
N LEU W 63 -17.57 -28.26 -36.18
CA LEU W 63 -18.17 -29.53 -36.59
C LEU W 63 -17.65 -30.71 -35.79
N ASP W 64 -18.56 -31.41 -35.11
CA ASP W 64 -18.23 -32.64 -34.41
C ASP W 64 -18.41 -33.78 -35.41
N GLY W 65 -17.29 -34.34 -35.85
CA GLY W 65 -17.29 -35.41 -36.86
C GLY W 65 -18.03 -36.67 -36.42
N LEU W 66 -17.96 -36.96 -35.12
CA LEU W 66 -18.64 -38.12 -34.54
C LEU W 66 -20.15 -37.96 -34.62
N ASP W 67 -20.62 -36.73 -34.40
CA ASP W 67 -22.04 -36.39 -34.56
C ASP W 67 -22.51 -36.55 -36.01
N VAL W 68 -21.65 -36.14 -36.95
CA VAL W 68 -21.93 -36.20 -38.39
C VAL W 68 -22.15 -37.65 -38.86
N ILE W 69 -21.22 -38.52 -38.48
CA ILE W 69 -21.27 -39.95 -38.83
C ILE W 69 -22.50 -40.63 -38.18
N ARG W 70 -22.74 -40.31 -36.91
CA ARG W 70 -23.95 -40.75 -36.20
C ARG W 70 -25.23 -40.34 -36.91
N SER W 71 -25.30 -39.07 -37.32
CA SER W 71 -26.46 -38.54 -38.02
CA SER W 71 -26.46 -38.53 -38.03
C SER W 71 -26.66 -39.18 -39.40
N LEU W 72 -25.56 -39.38 -40.11
CA LEU W 72 -25.60 -39.93 -41.46
C LEU W 72 -26.02 -41.41 -41.48
N ARG W 73 -25.41 -42.21 -40.61
CA ARG W 73 -25.68 -43.65 -40.53
C ARG W 73 -27.06 -43.96 -39.91
N GLN W 74 -27.56 -43.05 -39.07
CA GLN W 74 -28.88 -43.19 -38.45
C GLN W 74 -30.01 -42.82 -39.44
N ASN W 75 -29.92 -41.63 -40.04
CA ASN W 75 -30.96 -41.16 -40.96
C ASN W 75 -31.01 -41.99 -42.23
N LYS W 76 -32.23 -42.38 -42.61
CA LYS W 76 -32.49 -43.30 -43.72
C LYS W 76 -32.22 -42.66 -45.09
N VAL W 77 -30.95 -42.30 -45.31
CA VAL W 77 -30.49 -41.69 -46.54
C VAL W 77 -30.16 -42.78 -47.55
N ALA W 78 -30.78 -42.69 -48.73
CA ALA W 78 -30.50 -43.62 -49.83
C ALA W 78 -29.11 -43.37 -50.40
N ASN W 79 -28.39 -44.47 -50.64
CA ASN W 79 -27.01 -44.45 -51.16
C ASN W 79 -26.05 -43.54 -50.39
N GLN W 80 -25.74 -43.95 -49.15
CA GLN W 80 -24.79 -43.23 -48.29
C GLN W 80 -23.36 -43.37 -48.80
N PRO W 81 -22.59 -42.27 -48.80
CA PRO W 81 -21.24 -42.30 -49.36
C PRO W 81 -20.26 -43.04 -48.45
N LYS W 82 -19.13 -43.45 -49.02
CA LYS W 82 -18.03 -43.96 -48.22
C LYS W 82 -17.43 -42.75 -47.52
N ILE W 83 -17.06 -42.90 -46.24
CA ILE W 83 -16.52 -41.78 -45.47
C ILE W 83 -15.05 -42.00 -45.19
N LEU W 84 -14.23 -41.04 -45.61
CA LEU W 84 -12.82 -41.00 -45.28
C LEU W 84 -12.55 -39.86 -44.30
N VAL W 85 -12.13 -40.23 -43.10
CA VAL W 85 -11.92 -39.30 -42.01
C VAL W 85 -10.45 -38.83 -42.06
N VAL W 86 -10.22 -37.54 -41.83
CA VAL W 86 -8.87 -36.98 -41.79
C VAL W 86 -8.61 -36.69 -40.32
N SER W 87 -7.65 -37.40 -39.73
CA SER W 87 -7.44 -37.38 -38.29
C SER W 87 -6.86 -36.08 -37.75
N GLY W 88 -7.23 -35.77 -36.51
CA GLY W 88 -6.66 -34.67 -35.79
C GLY W 88 -5.68 -35.22 -34.79
N LEU W 89 -5.41 -34.43 -33.76
CA LEU W 89 -4.48 -34.85 -32.72
C LEU W 89 -5.14 -35.84 -31.75
N ASP W 90 -6.47 -35.78 -31.65
CA ASP W 90 -7.21 -36.69 -30.80
C ASP W 90 -7.39 -38.05 -31.47
N LYS W 91 -6.61 -39.01 -31.01
CA LYS W 91 -6.61 -40.35 -31.60
C LYS W 91 -7.78 -41.21 -31.09
N ALA W 92 -8.25 -40.94 -29.88
CA ALA W 92 -9.40 -41.64 -29.30
C ALA W 92 -10.69 -41.37 -30.08
N LYS W 93 -10.88 -40.12 -30.50
CA LYS W 93 -12.04 -39.73 -31.28
C LYS W 93 -11.92 -40.17 -32.74
N LEU W 94 -10.69 -40.38 -33.20
CA LEU W 94 -10.43 -41.00 -34.50
C LEU W 94 -10.91 -42.45 -34.55
N GLN W 95 -10.53 -43.24 -33.55
CA GLN W 95 -10.92 -44.66 -33.47
C GLN W 95 -12.42 -44.79 -33.32
N GLN W 96 -13.02 -43.84 -32.60
CA GLN W 96 -14.46 -43.77 -32.41
C GLN W 96 -15.19 -43.54 -33.73
N ALA W 97 -14.62 -42.67 -34.57
CA ALA W 97 -15.19 -42.38 -35.88
C ALA W 97 -15.22 -43.64 -36.77
N VAL W 98 -14.16 -44.45 -36.69
CA VAL W 98 -14.08 -45.73 -37.40
C VAL W 98 -15.16 -46.72 -36.97
N THR W 99 -15.34 -46.89 -35.65
CA THR W 99 -16.38 -47.77 -35.10
C THR W 99 -17.78 -47.28 -35.47
N GLU W 100 -17.99 -45.96 -35.38
CA GLU W 100 -19.28 -45.34 -35.61
C GLU W 100 -19.72 -45.36 -37.08
N GLY W 101 -18.78 -45.60 -38.00
CA GLY W 101 -19.13 -45.79 -39.40
C GLY W 101 -18.16 -45.35 -40.47
N ALA W 102 -17.07 -44.66 -40.11
CA ALA W 102 -16.07 -44.23 -41.09
C ALA W 102 -15.38 -45.43 -41.73
N ASP W 103 -15.28 -45.38 -43.06
CA ASP W 103 -14.81 -46.50 -43.85
C ASP W 103 -13.29 -46.63 -43.92
N ASP W 104 -12.60 -45.50 -43.76
CA ASP W 104 -11.14 -45.48 -43.66
C ASP W 104 -10.74 -44.14 -43.06
N TYR W 105 -9.45 -43.97 -42.78
CA TYR W 105 -8.94 -42.70 -42.29
C TYR W 105 -7.54 -42.37 -42.76
N LEU W 106 -7.19 -41.09 -42.69
CA LEU W 106 -5.87 -40.61 -43.06
C LEU W 106 -5.11 -40.17 -41.81
N GLU W 107 -3.84 -40.56 -41.72
CA GLU W 107 -2.99 -40.13 -40.60
C GLU W 107 -2.37 -38.77 -40.93
N LYS W 108 -2.11 -37.95 -39.92
CA LYS W 108 -1.40 -36.68 -40.11
C LYS W 108 0.10 -36.82 -39.85
N PRO W 109 0.94 -36.40 -40.82
CA PRO W 109 0.55 -35.96 -42.16
C PRO W 109 0.40 -37.11 -43.14
N PHE W 110 -0.38 -36.89 -44.20
CA PHE W 110 -0.55 -37.88 -45.26
C PHE W 110 -0.07 -37.28 -46.58
N ASP W 111 0.55 -38.09 -47.43
CA ASP W 111 0.94 -37.58 -48.74
C ASP W 111 -0.14 -37.81 -49.78
N ASN W 112 0.05 -37.27 -50.98
CA ASN W 112 -0.92 -37.36 -52.05
C ASN W 112 -1.14 -38.77 -52.58
N ASP W 113 -0.12 -39.61 -52.46
CA ASP W 113 -0.24 -41.02 -52.81
C ASP W 113 -1.20 -41.74 -51.86
N ALA W 114 -1.01 -41.51 -50.55
CA ALA W 114 -1.89 -42.04 -49.51
C ALA W 114 -3.33 -41.56 -49.69
N LEU W 115 -3.50 -40.28 -50.02
CA LEU W 115 -4.82 -39.71 -50.29
C LEU W 115 -5.49 -40.50 -51.40
N LEU W 116 -4.81 -40.61 -52.54
CA LEU W 116 -5.38 -41.23 -53.74
C LEU W 116 -5.60 -42.73 -53.60
N ASP W 117 -4.65 -43.43 -52.97
CA ASP W 117 -4.77 -44.86 -52.73
C ASP W 117 -5.98 -45.20 -51.84
N ARG W 118 -6.17 -44.41 -50.79
CA ARG W 118 -7.29 -44.66 -49.87
C ARG W 118 -8.62 -44.31 -50.52
N ILE W 119 -8.62 -43.33 -51.41
CA ILE W 119 -9.81 -42.93 -52.16
C ILE W 119 -10.18 -44.02 -53.18
N HIS W 120 -9.18 -44.50 -53.92
CA HIS W 120 -9.38 -45.56 -54.91
C HIS W 120 -9.88 -46.85 -54.25
N ASP W 121 -9.31 -47.20 -53.11
CA ASP W 121 -9.68 -48.41 -52.35
C ASP W 121 -11.13 -48.43 -51.86
N LEU W 122 -11.66 -47.25 -51.53
CA LEU W 122 -13.03 -47.12 -51.03
C LEU W 122 -14.09 -47.47 -52.07
N VAL W 123 -13.80 -47.21 -53.34
CA VAL W 123 -14.79 -47.40 -54.40
C VAL W 123 -14.50 -48.51 -55.42
N ASN W 124 -13.30 -49.09 -55.38
CA ASN W 124 -13.01 -50.30 -56.14
C ASN W 124 -12.13 -51.28 -55.39
N SER X 6 -48.19 -29.01 -46.88
CA SER X 6 -47.48 -29.78 -45.82
C SER X 6 -47.57 -29.09 -44.47
N LYS X 7 -47.68 -29.89 -43.41
CA LYS X 7 -47.68 -29.37 -42.04
C LYS X 7 -46.42 -29.80 -41.26
N ARG X 8 -45.28 -29.76 -41.94
CA ARG X 8 -44.00 -30.16 -41.34
C ARG X 8 -43.15 -28.95 -40.97
N ILE X 9 -42.49 -29.00 -39.82
CA ILE X 9 -41.63 -27.89 -39.41
C ILE X 9 -40.35 -28.35 -38.72
N LEU X 10 -39.23 -27.80 -39.17
CA LEU X 10 -37.91 -28.14 -38.67
C LEU X 10 -37.44 -27.03 -37.75
N VAL X 11 -37.13 -27.40 -36.52
CA VAL X 11 -36.67 -26.45 -35.52
C VAL X 11 -35.15 -26.60 -35.36
N VAL X 12 -34.41 -25.54 -35.62
CA VAL X 12 -32.97 -25.59 -35.50
C VAL X 12 -32.51 -24.68 -34.38
N ASP X 13 -31.91 -25.30 -33.36
CA ASP X 13 -31.41 -24.60 -32.17
C ASP X 13 -30.50 -25.57 -31.40
N ASP X 14 -29.34 -25.08 -30.98
CA ASP X 14 -28.37 -25.89 -30.24
C ASP X 14 -28.81 -26.11 -28.78
N ASP X 15 -29.61 -25.18 -28.27
CA ASP X 15 -30.23 -25.26 -26.95
C ASP X 15 -31.40 -26.24 -27.03
N GLN X 16 -31.17 -27.45 -26.52
CA GLN X 16 -32.13 -28.56 -26.63
C GLN X 16 -33.42 -28.30 -25.87
N ALA X 17 -33.31 -27.63 -24.73
CA ALA X 17 -34.43 -27.29 -23.88
C ALA X 17 -35.39 -26.31 -24.56
N MET X 18 -34.83 -25.25 -25.13
CA MET X 18 -35.60 -24.24 -25.86
C MET X 18 -36.22 -24.79 -27.14
N ALA X 19 -35.48 -25.68 -27.83
CA ALA X 19 -35.96 -26.33 -29.05
C ALA X 19 -37.17 -27.22 -28.75
N ALA X 20 -37.11 -27.95 -27.63
CA ALA X 20 -38.19 -28.81 -27.17
C ALA X 20 -39.41 -27.98 -26.76
N ALA X 21 -39.16 -26.81 -26.16
CA ALA X 21 -40.20 -25.88 -25.74
C ALA X 21 -40.89 -25.22 -26.93
N ILE X 22 -40.13 -24.98 -28.00
CA ILE X 22 -40.70 -24.53 -29.27
C ILE X 22 -41.53 -25.65 -29.93
N GLU X 23 -40.98 -26.86 -29.95
CA GLU X 23 -41.66 -28.05 -30.49
C GLU X 23 -43.03 -28.29 -29.83
N ARG X 24 -43.08 -28.20 -28.51
CA ARG X 24 -44.30 -28.40 -27.72
C ARG X 24 -45.42 -27.43 -28.13
N VAL X 25 -45.04 -26.16 -28.33
CA VAL X 25 -45.96 -25.12 -28.81
C VAL X 25 -46.51 -25.45 -30.21
N LEU X 26 -45.65 -25.94 -31.09
CA LEU X 26 -46.05 -26.21 -32.48
C LEU X 26 -46.90 -27.47 -32.64
N LYS X 27 -46.62 -28.49 -31.83
CA LYS X 27 -47.43 -29.71 -31.81
C LYS X 27 -48.85 -29.44 -31.30
N ARG X 28 -48.95 -28.50 -30.34
CA ARG X 28 -50.24 -27.99 -29.84
CA ARG X 28 -50.27 -28.05 -29.86
C ARG X 28 -51.02 -27.31 -30.97
N ASP X 29 -50.28 -26.72 -31.91
CA ASP X 29 -50.87 -26.09 -33.09
C ASP X 29 -50.96 -27.07 -34.28
N HIS X 30 -50.87 -28.37 -33.98
CA HIS X 30 -51.05 -29.48 -34.95
C HIS X 30 -50.01 -29.56 -36.08
N TRP X 31 -48.78 -29.18 -35.78
CA TRP X 31 -47.63 -29.32 -36.68
C TRP X 31 -46.82 -30.59 -36.38
N GLN X 32 -46.42 -31.30 -37.43
CA GLN X 32 -45.42 -32.35 -37.32
C GLN X 32 -44.03 -31.68 -37.23
N VAL X 33 -43.26 -32.06 -36.22
CA VAL X 33 -42.02 -31.37 -35.90
C VAL X 33 -40.84 -32.33 -35.88
N GLU X 34 -39.71 -31.86 -36.41
CA GLU X 34 -38.41 -32.49 -36.20
C GLU X 34 -37.43 -31.41 -35.68
N ILE X 35 -36.47 -31.83 -34.87
CA ILE X 35 -35.51 -30.92 -34.24
C ILE X 35 -34.08 -31.19 -34.70
N ALA X 36 -33.32 -30.12 -34.93
CA ALA X 36 -31.90 -30.22 -35.28
C ALA X 36 -31.02 -29.30 -34.42
N HIS X 37 -30.00 -29.89 -33.80
CA HIS X 37 -29.17 -29.12 -32.87
C HIS X 37 -27.94 -28.53 -33.53
N ASN X 38 -27.61 -29.05 -34.71
CA ASN X 38 -26.40 -28.65 -35.42
C ASN X 38 -26.68 -28.47 -36.90
N GLY X 39 -25.76 -27.79 -37.59
CA GLY X 39 -25.88 -27.53 -39.01
C GLY X 39 -26.06 -28.76 -39.87
N PHE X 40 -25.29 -29.82 -39.58
CA PHE X 40 -25.40 -31.07 -40.34
C PHE X 40 -26.78 -31.74 -40.23
N ASP X 41 -27.28 -31.88 -39.01
CA ASP X 41 -28.64 -32.41 -38.80
C ASP X 41 -29.68 -31.56 -39.51
N ALA X 42 -29.51 -30.22 -39.46
CA ALA X 42 -30.37 -29.28 -40.17
C ALA X 42 -30.37 -29.50 -41.69
N GLY X 43 -29.19 -29.77 -42.25
CA GLY X 43 -29.05 -29.99 -43.69
C GLY X 43 -29.59 -31.32 -44.19
N ILE X 44 -29.32 -32.39 -43.45
CA ILE X 44 -29.84 -33.72 -43.77
C ILE X 44 -31.36 -33.82 -43.53
N LYS X 45 -31.84 -33.29 -42.40
CA LYS X 45 -33.28 -33.30 -42.10
C LYS X 45 -34.08 -32.45 -43.09
N LEU X 46 -33.46 -31.40 -43.63
CA LEU X 46 -34.11 -30.59 -44.65
C LEU X 46 -34.53 -31.39 -45.88
N SER X 47 -33.71 -32.37 -46.25
CA SER X 47 -33.95 -33.22 -47.42
C SER X 47 -34.83 -34.42 -47.10
N THR X 48 -34.60 -35.04 -45.94
CA THR X 48 -35.29 -36.28 -45.56
C THR X 48 -36.68 -36.06 -44.95
N PHE X 49 -36.94 -34.83 -44.51
CA PHE X 49 -38.21 -34.49 -43.85
C PHE X 49 -39.04 -33.51 -44.69
N GLU X 50 -38.35 -32.67 -45.47
CA GLU X 50 -38.95 -31.66 -46.36
C GLU X 50 -39.94 -30.71 -45.66
N PRO X 51 -39.46 -29.90 -44.69
CA PRO X 51 -40.37 -29.04 -43.95
C PRO X 51 -40.95 -27.91 -44.78
N ALA X 52 -42.07 -27.37 -44.31
CA ALA X 52 -42.68 -26.19 -44.91
C ALA X 52 -41.99 -24.95 -44.36
N ILE X 53 -41.60 -25.02 -43.09
CA ILE X 53 -40.90 -23.94 -42.39
C ILE X 53 -39.67 -24.49 -41.66
N MET X 54 -38.59 -23.72 -41.67
CA MET X 54 -37.44 -23.97 -40.84
C MET X 54 -37.32 -22.82 -39.85
N THR X 55 -37.31 -23.10 -38.56
CA THR X 55 -36.91 -22.06 -37.61
C THR X 55 -35.41 -22.15 -37.41
N LEU X 56 -34.75 -20.99 -37.35
CA LEU X 56 -33.28 -20.93 -37.26
C LEU X 56 -32.80 -19.91 -36.26
N ASP X 57 -32.22 -20.39 -35.17
CA ASP X 57 -31.64 -19.53 -34.15
C ASP X 57 -30.35 -18.90 -34.65
N LEU X 58 -30.28 -17.57 -34.57
CA LEU X 58 -29.13 -16.81 -35.04
C LEU X 58 -28.01 -16.69 -34.03
N SER X 59 -28.19 -17.29 -32.86
CA SER X 59 -27.18 -17.20 -31.81
C SER X 59 -26.60 -18.56 -31.44
N MET X 60 -26.62 -19.49 -32.38
CA MET X 60 -25.93 -20.76 -32.19
C MET X 60 -24.43 -20.52 -32.36
N PRO X 61 -23.64 -20.77 -31.30
CA PRO X 61 -22.18 -20.53 -31.34
C PRO X 61 -21.43 -21.30 -32.43
N LYS X 62 -21.95 -22.44 -32.85
CA LYS X 62 -21.31 -23.27 -33.88
C LYS X 62 -22.09 -23.34 -35.19
N LEU X 63 -22.94 -22.34 -35.44
CA LEU X 63 -23.67 -22.24 -36.70
C LEU X 63 -23.90 -20.79 -37.08
N ASP X 64 -23.34 -20.38 -38.21
CA ASP X 64 -23.57 -19.06 -38.76
C ASP X 64 -24.86 -19.11 -39.57
N GLY X 65 -25.86 -18.37 -39.11
CA GLY X 65 -27.19 -18.35 -39.75
C GLY X 65 -27.18 -17.82 -41.18
N LEU X 66 -26.27 -16.88 -41.44
CA LEU X 66 -26.10 -16.31 -42.78
C LEU X 66 -25.55 -17.33 -43.77
N ASP X 67 -24.67 -18.21 -43.28
CA ASP X 67 -24.10 -19.31 -44.07
C ASP X 67 -25.16 -20.30 -44.56
N VAL X 68 -26.17 -20.53 -43.71
CA VAL X 68 -27.30 -21.42 -44.00
C VAL X 68 -28.12 -20.95 -45.20
N ILE X 69 -28.58 -19.71 -45.15
CA ILE X 69 -29.45 -19.15 -46.21
C ILE X 69 -28.72 -19.06 -47.54
N ARG X 70 -27.43 -18.69 -47.48
CA ARG X 70 -26.58 -18.61 -48.68
C ARG X 70 -26.30 -19.97 -49.29
N SER X 71 -26.30 -21.02 -48.47
CA SER X 71 -26.09 -22.38 -48.97
C SER X 71 -27.30 -22.89 -49.75
N LEU X 72 -28.49 -22.44 -49.37
CA LEU X 72 -29.74 -22.79 -50.08
C LEU X 72 -29.79 -22.20 -51.49
N ARG X 73 -29.40 -20.93 -51.62
CA ARG X 73 -29.35 -20.26 -52.92
C ARG X 73 -28.27 -20.85 -53.82
N GLN X 74 -27.08 -21.06 -53.26
CA GLN X 74 -25.92 -21.59 -53.98
C GLN X 74 -26.16 -23.01 -54.51
N ASN X 75 -26.84 -23.80 -53.69
CA ASN X 75 -27.12 -25.19 -54.01
C ASN X 75 -28.47 -25.42 -54.68
N LYS X 76 -29.40 -24.49 -54.54
CA LYS X 76 -30.64 -24.59 -55.27
C LYS X 76 -31.25 -25.94 -55.09
N VAL X 77 -31.55 -26.26 -53.83
CA VAL X 77 -32.28 -27.45 -53.45
C VAL X 77 -33.63 -27.46 -54.10
N ALA X 78 -33.96 -28.58 -54.72
CA ALA X 78 -35.23 -28.75 -55.42
C ALA X 78 -36.40 -27.79 -55.06
N ASN X 79 -36.90 -27.85 -53.84
CA ASN X 79 -37.91 -26.92 -53.34
C ASN X 79 -37.49 -26.55 -51.92
N GLN X 80 -37.95 -25.43 -51.40
CA GLN X 80 -37.34 -24.87 -50.21
C GLN X 80 -38.29 -24.29 -49.19
N PRO X 81 -38.00 -24.55 -47.93
CA PRO X 81 -38.84 -24.09 -46.82
C PRO X 81 -38.76 -22.58 -46.58
N LYS X 82 -39.81 -22.04 -45.98
CA LYS X 82 -39.78 -20.67 -45.50
C LYS X 82 -38.90 -20.64 -44.26
N ILE X 83 -38.25 -19.50 -44.01
CA ILE X 83 -37.30 -19.43 -42.89
C ILE X 83 -37.73 -18.40 -41.85
N LEU X 84 -37.97 -18.87 -40.63
CA LEU X 84 -38.17 -17.97 -39.50
C LEU X 84 -36.89 -17.84 -38.68
N VAL X 85 -36.34 -16.64 -38.66
CA VAL X 85 -35.10 -16.37 -38.00
C VAL X 85 -35.36 -16.04 -36.52
N VAL X 86 -34.63 -16.66 -35.60
CA VAL X 86 -34.77 -16.36 -34.18
C VAL X 86 -33.58 -15.52 -33.74
N SER X 87 -33.84 -14.24 -33.47
CA SER X 87 -32.77 -13.24 -33.34
C SER X 87 -32.51 -12.82 -31.89
N GLY X 88 -31.28 -12.34 -31.65
CA GLY X 88 -30.87 -11.83 -30.35
C GLY X 88 -30.73 -10.32 -30.34
N LEU X 89 -29.59 -9.82 -29.86
CA LEU X 89 -29.35 -8.38 -29.80
C LEU X 89 -28.66 -7.80 -31.05
N ASP X 90 -28.08 -8.67 -31.87
CA ASP X 90 -27.36 -8.27 -33.08
C ASP X 90 -28.32 -7.94 -34.23
N LYS X 91 -28.69 -6.66 -34.34
CA LYS X 91 -29.69 -6.20 -35.31
C LYS X 91 -29.16 -6.18 -36.75
N ALA X 92 -27.85 -6.01 -36.91
CA ALA X 92 -27.21 -6.02 -38.23
C ALA X 92 -27.20 -7.43 -38.83
N LYS X 93 -27.00 -8.42 -37.95
CA LYS X 93 -27.10 -9.83 -38.30
C LYS X 93 -28.53 -10.20 -38.75
N LEU X 94 -29.53 -9.61 -38.07
CA LEU X 94 -30.96 -9.79 -38.37
C LEU X 94 -31.30 -9.29 -39.77
N GLN X 95 -30.95 -8.03 -40.06
CA GLN X 95 -31.29 -7.39 -41.33
C GLN X 95 -30.63 -8.09 -42.52
N GLN X 96 -29.36 -8.46 -42.34
CA GLN X 96 -28.61 -9.20 -43.36
C GLN X 96 -29.25 -10.55 -43.67
N ALA X 97 -29.67 -11.26 -42.63
CA ALA X 97 -30.44 -12.50 -42.78
C ALA X 97 -31.75 -12.30 -43.57
N VAL X 98 -32.52 -11.27 -43.23
CA VAL X 98 -33.78 -10.96 -43.92
C VAL X 98 -33.57 -10.65 -45.41
N THR X 99 -32.64 -9.75 -45.73
CA THR X 99 -32.36 -9.36 -47.12
C THR X 99 -31.79 -10.53 -47.93
N GLU X 100 -31.03 -11.40 -47.26
CA GLU X 100 -30.44 -12.59 -47.87
C GLU X 100 -31.48 -13.65 -48.28
N GLY X 101 -32.59 -13.74 -47.56
CA GLY X 101 -33.64 -14.67 -47.93
C GLY X 101 -34.49 -15.26 -46.81
N ALA X 102 -34.30 -14.78 -45.59
CA ALA X 102 -35.19 -15.13 -44.48
C ALA X 102 -36.54 -14.45 -44.69
N ASP X 103 -37.61 -15.07 -44.20
CA ASP X 103 -38.98 -14.61 -44.47
C ASP X 103 -39.60 -13.82 -43.31
N ASP X 104 -39.16 -14.10 -42.08
CA ASP X 104 -39.60 -13.37 -40.89
C ASP X 104 -38.61 -13.57 -39.75
N TYR X 105 -38.86 -12.87 -38.65
CA TYR X 105 -37.98 -12.93 -37.48
C TYR X 105 -38.76 -12.99 -36.15
N LEU X 106 -38.12 -13.56 -35.13
CA LEU X 106 -38.59 -13.51 -33.75
C LEU X 106 -37.50 -12.91 -32.89
N GLU X 107 -37.89 -12.22 -31.82
CA GLU X 107 -36.91 -11.58 -30.93
C GLU X 107 -36.94 -12.19 -29.53
N LYS X 108 -35.76 -12.58 -29.06
CA LYS X 108 -35.62 -13.17 -27.72
C LYS X 108 -35.69 -12.13 -26.61
N PRO X 109 -36.46 -12.41 -25.54
CA PRO X 109 -37.31 -13.59 -25.36
C PRO X 109 -38.74 -13.37 -25.89
N PHE X 110 -39.38 -14.46 -26.31
CA PHE X 110 -40.74 -14.42 -26.86
C PHE X 110 -41.64 -15.42 -26.14
N ASP X 111 -42.95 -15.16 -26.10
CA ASP X 111 -43.90 -16.12 -25.53
C ASP X 111 -44.47 -17.08 -26.61
N ASN X 112 -45.49 -17.84 -26.26
CA ASN X 112 -46.09 -18.83 -27.17
C ASN X 112 -46.79 -18.16 -28.33
N ASP X 113 -47.51 -17.08 -28.01
CA ASP X 113 -48.32 -16.34 -28.96
C ASP X 113 -47.51 -15.59 -30.02
N ALA X 114 -46.35 -15.06 -29.63
CA ALA X 114 -45.44 -14.40 -30.57
C ALA X 114 -44.94 -15.40 -31.62
N LEU X 115 -44.52 -16.59 -31.18
CA LEU X 115 -44.10 -17.66 -32.08
C LEU X 115 -45.23 -18.08 -33.02
N LEU X 116 -46.40 -18.33 -32.45
CA LEU X 116 -47.59 -18.77 -33.22
C LEU X 116 -48.06 -17.73 -34.24
N ASP X 117 -48.11 -16.46 -33.84
CA ASP X 117 -48.44 -15.37 -34.78
C ASP X 117 -47.47 -15.32 -35.97
N ARG X 118 -46.18 -15.52 -35.71
CA ARG X 118 -45.17 -15.57 -36.76
C ARG X 118 -45.39 -16.73 -37.73
N ILE X 119 -45.64 -17.92 -37.17
CA ILE X 119 -45.86 -19.13 -37.96
C ILE X 119 -47.14 -19.05 -38.83
N HIS X 120 -48.24 -18.60 -38.23
CA HIS X 120 -49.49 -18.41 -38.96
C HIS X 120 -49.34 -17.41 -40.13
N ASP X 121 -48.66 -16.29 -39.87
CA ASP X 121 -48.30 -15.31 -40.90
C ASP X 121 -47.48 -15.90 -42.06
N LEU X 122 -46.67 -16.90 -41.77
CA LEU X 122 -45.80 -17.54 -42.75
C LEU X 122 -46.56 -18.46 -43.71
N VAL X 123 -47.65 -19.06 -43.24
CA VAL X 123 -48.49 -19.93 -44.08
C VAL X 123 -49.96 -19.53 -44.06
#